data_7S7I
#
_entry.id   7S7I
#
_cell.length_a   92.778
_cell.length_b   170.432
_cell.length_c   148.894
_cell.angle_alpha   90.000
_cell.angle_beta   105.810
_cell.angle_gamma   90.000
#
_symmetry.space_group_name_H-M   'P 1 21 1'
#
loop_
_entity.id
_entity.type
_entity.pdbx_description
1 polymer 'MHC class I chain-related protein A'
2 polymer 'Fab heavy chain'
3 polymer 'Fab light chain'
4 non-polymer 2-acetamido-2-deoxy-beta-D-glucopyranose
5 non-polymer 1,2-ETHANEDIOL
6 water water
#
loop_
_entity_poly.entity_id
_entity_poly.type
_entity_poly.pdbx_seq_one_letter_code
_entity_poly.pdbx_strand_id
1 'polypeptide(L)'
;GSTVPPMVNVTRSEASEGNITVTCRASSFYPRNIILTWRQDGVSLSHDTQQWGDVLPDGNGTYQTWVATRICRGEEQRFT
CYMEHSGNHSTHPVPSGHHHHHH
;
A,B,C,D,E,F
2 'polypeptide(L)'
;EVQLVESGGGLVQPGGSLRLSCAASGFTFSTYSMNWVRQAPGKGLEWVSYISYRSRTIYYADSVKGRFTISRDNARNSLY
LQMNSLRDEDTAVYYCARWGYGSGGFDYWGQGTLVTVSSASTKGPSVFPLAPSSKSTSGGTAALGCLVKDYFPEPVTVSW
NSGALTSGVHTFPAVLQSSGLYSLSSVVTVPSSSLGTQTYICNVNHKPSNTKVDKRVEPKSCGGHHHHHH
;
H,I,J,U,W,Y
3 'polypeptide(L)'
;EIVLTQSPGTLSLSPGERATLSCRASQSVSSSYLAWYQQKPGQAPRLLIYGASSRATGIPDRFSGSGSGTDFTLTISRLE
PEDFAVYYCQQYGSSFTFGPGTKVDIKRTVAAPSVFIFPPSDEQLKSGTASVVCLLNNFYPREAKVQWKVDNALQSGNSQ
ESVTEQDSKDSTYSLSSTLTLSKADYEKHKVYACEVTHQGLSSPVTKSFNRGEC
;
L,M,N,V,X,Z
#
# COMPACT_ATOMS: atom_id res chain seq x y z
N THR A 3 -28.14 -37.92 14.20
CA THR A 3 -26.93 -37.39 13.61
C THR A 3 -26.61 -37.91 12.21
N VAL A 4 -26.37 -36.96 11.32
CA VAL A 4 -25.81 -37.21 9.99
C VAL A 4 -24.50 -36.42 9.96
N PRO A 5 -23.36 -37.04 9.63
CA PRO A 5 -22.10 -36.30 9.69
C PRO A 5 -22.01 -35.29 8.56
N PRO A 6 -21.53 -34.09 8.84
CA PRO A 6 -21.49 -33.07 7.80
C PRO A 6 -20.43 -33.37 6.76
N MET A 7 -20.75 -33.04 5.53
CA MET A 7 -19.78 -33.00 4.46
C MET A 7 -19.16 -31.60 4.44
N VAL A 8 -17.82 -31.54 4.43
CA VAL A 8 -17.07 -30.29 4.50
C VAL A 8 -16.34 -30.09 3.18
N ASN A 9 -16.48 -28.91 2.60
CA ASN A 9 -15.81 -28.52 1.36
C ASN A 9 -15.24 -27.11 1.56
N VAL A 10 -13.99 -26.92 1.18
CA VAL A 10 -13.29 -25.64 1.34
C VAL A 10 -12.95 -25.10 -0.04
N THR A 11 -13.34 -23.86 -0.31
CA THR A 11 -13.03 -23.25 -1.61
C THR A 11 -12.39 -21.88 -1.48
N ARG A 12 -11.69 -21.51 -2.55
CA ARG A 12 -11.02 -20.22 -2.70
C ARG A 12 -11.76 -19.40 -3.75
N SER A 13 -11.94 -18.10 -3.52
CA SER A 13 -12.62 -17.32 -4.54
C SER A 13 -12.35 -15.83 -4.35
N GLU A 14 -12.74 -15.05 -5.36
CA GLU A 14 -12.72 -13.59 -5.28
C GLU A 14 -11.33 -13.04 -5.05
N ALA A 15 -10.34 -13.63 -5.71
CA ALA A 15 -8.99 -13.12 -5.55
C ALA A 15 -8.95 -11.72 -6.14
N SER A 16 -8.35 -10.78 -5.40
CA SER A 16 -8.26 -9.38 -5.81
C SER A 16 -7.36 -8.66 -4.84
N GLU A 17 -6.48 -7.81 -5.36
CA GLU A 17 -5.67 -6.91 -4.53
C GLU A 17 -4.75 -7.68 -3.60
N GLY A 18 -4.21 -8.79 -4.08
CA GLY A 18 -3.37 -9.60 -3.24
C GLY A 18 -4.11 -10.47 -2.24
N ASN A 19 -5.44 -10.33 -2.15
CA ASN A 19 -6.26 -11.05 -1.18
C ASN A 19 -7.14 -12.11 -1.86
N ILE A 20 -7.67 -13.00 -1.03
CA ILE A 20 -8.52 -14.06 -1.52
C ILE A 20 -9.50 -14.42 -0.41
N THR A 21 -10.67 -14.92 -0.78
CA THR A 21 -11.67 -15.36 0.19
C THR A 21 -11.62 -16.88 0.27
N VAL A 22 -11.52 -17.43 1.46
CA VAL A 22 -11.64 -18.86 1.66
C VAL A 22 -12.98 -19.15 2.35
N THR A 23 -13.74 -20.08 1.79
CA THR A 23 -15.07 -20.41 2.30
C THR A 23 -15.12 -21.88 2.71
N CYS A 24 -15.69 -22.13 3.87
CA CYS A 24 -15.83 -23.46 4.41
C CYS A 24 -17.31 -23.78 4.48
N ARG A 25 -17.73 -24.82 3.77
CA ARG A 25 -19.14 -25.19 3.67
C ARG A 25 -19.38 -26.54 4.33
N ALA A 26 -20.30 -26.56 5.29
CA ALA A 26 -20.77 -27.78 5.94
C ALA A 26 -22.19 -28.05 5.44
N SER A 27 -22.42 -29.24 4.90
CA SER A 27 -23.72 -29.50 4.30
C SER A 27 -24.26 -30.86 4.72
N SER A 28 -25.61 -30.93 4.74
CA SER A 28 -26.37 -32.16 4.91
C SER A 28 -26.02 -32.85 6.24
N PHE A 29 -26.18 -32.10 7.32
CA PHE A 29 -25.90 -32.58 8.66
C PHE A 29 -27.14 -32.40 9.53
N TYR A 30 -27.16 -33.13 10.64
CA TYR A 30 -28.29 -33.09 11.56
C TYR A 30 -27.82 -33.53 12.94
N PRO A 31 -28.25 -32.86 14.02
CA PRO A 31 -29.19 -31.74 13.97
C PRO A 31 -28.52 -30.40 13.65
N ARG A 32 -29.25 -29.31 13.87
CA ARG A 32 -28.81 -28.01 13.40
C ARG A 32 -27.56 -27.51 14.12
N ASN A 33 -27.33 -27.95 15.37
CA ASN A 33 -26.26 -27.38 16.18
C ASN A 33 -24.89 -27.80 15.62
N ILE A 34 -24.05 -26.83 15.33
CA ILE A 34 -22.74 -27.06 14.73
C ILE A 34 -21.83 -25.90 15.09
N ILE A 35 -20.55 -26.23 15.26
CA ILE A 35 -19.48 -25.24 15.43
C ILE A 35 -18.65 -25.24 14.17
N LEU A 36 -18.49 -24.07 13.56
CA LEU A 36 -17.73 -23.91 12.33
C LEU A 36 -16.97 -22.61 12.46
N THR A 37 -15.64 -22.67 12.35
CA THR A 37 -14.85 -21.47 12.47
C THR A 37 -13.53 -21.65 11.73
N TRP A 38 -13.03 -20.56 11.19
CA TRP A 38 -11.69 -20.59 10.62
C TRP A 38 -10.68 -20.51 11.73
N ARG A 39 -9.58 -21.21 11.54
CA ARG A 39 -8.43 -21.17 12.43
C ARG A 39 -7.21 -20.68 11.65
N GLN A 40 -6.34 -19.95 12.35
CA GLN A 40 -5.13 -19.33 11.81
C GLN A 40 -3.98 -19.81 12.69
N ASP A 41 -3.05 -20.58 12.12
CA ASP A 41 -2.05 -21.30 12.91
C ASP A 41 -2.73 -22.14 14.00
N GLY A 42 -3.92 -22.67 13.72
CA GLY A 42 -4.60 -23.44 14.74
C GLY A 42 -5.37 -22.65 15.78
N VAL A 43 -5.37 -21.31 15.73
CA VAL A 43 -6.09 -20.48 16.69
C VAL A 43 -7.33 -19.90 16.03
N SER A 44 -8.50 -20.17 16.61
CA SER A 44 -9.77 -19.73 16.05
C SER A 44 -9.83 -18.22 15.86
N LEU A 45 -10.34 -17.82 14.70
CA LEU A 45 -10.58 -16.41 14.46
C LEU A 45 -11.77 -15.94 15.29
N SER A 46 -11.80 -14.65 15.57
CA SER A 46 -12.93 -14.05 16.28
C SER A 46 -14.14 -13.93 15.36
N HIS A 47 -15.25 -13.46 15.93
CA HIS A 47 -16.48 -13.33 15.15
C HIS A 47 -16.36 -12.23 14.11
N ASP A 48 -15.70 -11.11 14.43
CA ASP A 48 -15.66 -9.94 13.57
C ASP A 48 -14.81 -10.11 12.32
N THR A 49 -13.95 -11.11 12.25
CA THR A 49 -13.09 -11.27 11.08
C THR A 49 -13.64 -12.28 10.10
N GLN A 50 -14.81 -12.84 10.38
CA GLN A 50 -15.40 -13.87 9.55
C GLN A 50 -16.82 -13.48 9.14
N GLN A 51 -17.26 -14.02 8.03
CA GLN A 51 -18.61 -13.87 7.54
C GLN A 51 -19.33 -15.21 7.72
N TRP A 52 -20.57 -15.13 8.18
CA TRP A 52 -21.30 -16.31 8.63
C TRP A 52 -22.57 -16.51 7.82
N GLY A 53 -22.74 -17.72 7.29
CA GLY A 53 -24.01 -18.10 6.69
C GLY A 53 -24.95 -18.67 7.75
N ASP A 54 -26.24 -18.55 7.50
CA ASP A 54 -27.23 -19.10 8.43
C ASP A 54 -27.24 -20.62 8.37
N VAL A 55 -27.66 -21.24 9.46
CA VAL A 55 -27.91 -22.68 9.46
C VAL A 55 -29.32 -22.89 8.91
N LEU A 56 -29.41 -23.36 7.66
CA LEU A 56 -30.63 -23.48 6.89
C LEU A 56 -30.92 -24.92 6.50
N PRO A 57 -32.21 -25.28 6.40
CA PRO A 57 -32.60 -26.63 5.98
C PRO A 57 -32.28 -26.91 4.52
N ASP A 58 -31.91 -28.15 4.23
CA ASP A 58 -31.60 -28.57 2.86
C ASP A 58 -32.84 -28.59 1.99
N GLY A 59 -33.93 -29.16 2.50
CA GLY A 59 -35.00 -29.73 1.71
C GLY A 59 -34.91 -31.24 1.61
N ASN A 60 -33.83 -31.84 2.12
CA ASN A 60 -33.68 -33.28 2.21
C ASN A 60 -33.75 -33.76 3.66
N GLY A 61 -34.20 -32.93 4.59
CA GLY A 61 -34.24 -33.28 5.98
C GLY A 61 -32.97 -33.02 6.78
N THR A 62 -31.96 -32.37 6.20
CA THR A 62 -30.73 -32.03 6.92
C THR A 62 -30.47 -30.52 6.80
N TYR A 63 -29.31 -30.09 7.28
CA TYR A 63 -28.99 -28.67 7.32
C TYR A 63 -27.68 -28.38 6.59
N GLN A 64 -27.45 -27.09 6.34
CA GLN A 64 -26.20 -26.64 5.75
C GLN A 64 -25.92 -25.23 6.23
N THR A 65 -24.62 -24.88 6.24
CA THR A 65 -24.13 -23.55 6.60
C THR A 65 -22.74 -23.34 5.99
N TRP A 66 -22.18 -22.17 6.23
CA TRP A 66 -20.85 -21.83 5.71
C TRP A 66 -20.26 -20.72 6.55
N VAL A 67 -18.93 -20.63 6.51
CA VAL A 67 -18.23 -19.51 7.11
C VAL A 67 -17.07 -19.14 6.20
N ALA A 68 -16.82 -17.84 6.04
CA ALA A 68 -15.83 -17.34 5.11
C ALA A 68 -14.96 -16.28 5.80
N THR A 69 -13.77 -16.06 5.25
CA THR A 69 -12.90 -15.04 5.80
C THR A 69 -11.93 -14.61 4.71
N ARG A 70 -11.41 -13.39 4.83
CA ARG A 70 -10.57 -12.82 3.78
C ARG A 70 -9.12 -12.83 4.24
N ILE A 71 -8.26 -13.45 3.44
CA ILE A 71 -6.87 -13.65 3.81
C ILE A 71 -5.99 -13.15 2.67
N CYS A 72 -4.71 -13.01 2.99
CA CYS A 72 -3.69 -12.59 2.03
C CYS A 72 -3.30 -13.80 1.17
N ARG A 73 -3.31 -13.63 -0.14
CA ARG A 73 -2.96 -14.75 -0.99
C ARG A 73 -1.51 -15.14 -0.75
N GLY A 74 -1.29 -16.43 -0.50
CA GLY A 74 0.02 -16.93 -0.10
C GLY A 74 0.04 -17.54 1.28
N GLU A 75 -0.88 -17.12 2.15
CA GLU A 75 -0.88 -17.63 3.51
C GLU A 75 -1.96 -18.67 3.73
N GLU A 76 -2.54 -19.19 2.65
CA GLU A 76 -3.58 -20.22 2.73
C GLU A 76 -3.20 -21.36 3.66
N GLN A 77 -1.95 -21.82 3.61
CA GLN A 77 -1.56 -22.97 4.44
C GLN A 77 -1.74 -22.71 5.94
N ARG A 78 -1.77 -21.45 6.35
CA ARG A 78 -1.95 -21.12 7.76
C ARG A 78 -3.41 -21.15 8.20
N PHE A 79 -4.33 -21.29 7.28
CA PHE A 79 -5.76 -21.17 7.59
C PHE A 79 -6.41 -22.51 7.38
N THR A 80 -7.18 -22.97 8.38
CA THR A 80 -7.87 -24.24 8.32
C THR A 80 -9.30 -24.04 8.83
N CYS A 81 -10.23 -24.84 8.31
CA CYS A 81 -11.63 -24.81 8.74
C CYS A 81 -11.87 -25.86 9.81
N TYR A 82 -12.41 -25.42 10.93
CA TYR A 82 -12.62 -26.29 12.09
C TYR A 82 -14.10 -26.54 12.32
N MET A 83 -14.43 -27.78 12.61
CA MET A 83 -15.82 -28.18 12.74
C MET A 83 -16.03 -29.09 13.94
N GLU A 84 -17.04 -28.78 14.77
CA GLU A 84 -17.52 -29.66 15.82
C GLU A 84 -19.00 -29.91 15.61
N HIS A 85 -19.40 -31.19 15.53
CA HIS A 85 -20.80 -31.58 15.36
C HIS A 85 -21.08 -32.87 16.15
N SER A 86 -21.96 -32.75 17.13
CA SER A 86 -22.40 -33.82 18.04
C SER A 86 -21.24 -34.73 18.45
N GLY A 87 -20.25 -34.10 19.09
CA GLY A 87 -19.16 -34.77 19.73
C GLY A 87 -17.95 -35.03 18.87
N ASN A 88 -18.11 -35.12 17.55
CA ASN A 88 -17.00 -35.32 16.63
C ASN A 88 -16.47 -33.97 16.17
N HIS A 89 -15.19 -33.93 15.81
CA HIS A 89 -14.55 -32.70 15.34
C HIS A 89 -13.71 -33.02 14.12
N SER A 90 -13.45 -32.01 13.30
CA SER A 90 -12.55 -32.24 12.19
C SER A 90 -11.94 -30.91 11.78
N THR A 91 -10.83 -31.00 11.06
CA THR A 91 -10.09 -29.84 10.56
C THR A 91 -9.82 -30.12 9.09
N HIS A 92 -10.04 -29.10 8.25
CA HIS A 92 -9.81 -29.26 6.82
C HIS A 92 -8.94 -28.12 6.32
N PRO A 93 -7.97 -28.41 5.47
CA PRO A 93 -7.08 -27.36 4.94
C PRO A 93 -7.71 -26.64 3.77
N VAL A 94 -7.09 -25.54 3.39
CA VAL A 94 -7.44 -24.86 2.14
C VAL A 94 -6.80 -25.63 0.98
N PRO A 95 -7.57 -26.04 -0.02
CA PRO A 95 -7.02 -26.89 -1.07
C PRO A 95 -5.93 -26.16 -1.85
N SER A 96 -4.88 -26.89 -2.20
CA SER A 96 -3.75 -26.37 -2.98
C SER A 96 -3.46 -27.25 -4.21
N GLU B 1 19.31 -16.58 15.42
CA GLU B 1 18.66 -17.25 16.53
C GLU B 1 17.47 -16.43 17.05
N VAL B 2 16.34 -17.09 17.33
CA VAL B 2 15.17 -16.38 17.86
C VAL B 2 15.44 -15.96 19.30
N GLN B 3 15.21 -14.68 19.57
CA GLN B 3 15.37 -14.09 20.90
C GLN B 3 14.18 -13.19 21.20
N LEU B 4 13.66 -13.26 22.42
CA LEU B 4 12.62 -12.36 22.88
C LEU B 4 13.06 -11.83 24.23
N VAL B 5 13.07 -10.51 24.45
CA VAL B 5 13.58 -9.96 25.69
C VAL B 5 12.53 -9.03 26.29
N GLU B 6 11.96 -9.43 27.42
CA GLU B 6 10.98 -8.68 28.18
C GLU B 6 11.66 -7.63 29.03
N SER B 7 10.91 -6.59 29.39
CA SER B 7 11.36 -5.58 30.33
C SER B 7 10.14 -4.82 30.82
N GLY B 8 10.30 -4.13 31.95
CA GLY B 8 9.31 -3.19 32.44
C GLY B 8 8.60 -3.60 33.72
N GLY B 9 8.88 -4.80 34.26
CA GLY B 9 8.26 -5.15 35.53
C GLY B 9 8.89 -4.43 36.70
N GLY B 10 8.26 -4.61 37.85
CA GLY B 10 8.68 -3.90 39.05
C GLY B 10 7.55 -3.93 40.05
N LEU B 11 7.71 -3.12 41.10
CA LEU B 11 6.75 -2.98 42.20
C LEU B 11 5.72 -1.92 41.84
N VAL B 12 4.43 -2.23 42.04
CA VAL B 12 3.36 -1.31 41.70
C VAL B 12 2.30 -1.39 42.78
N GLN B 13 1.62 -0.25 42.98
CA GLN B 13 0.53 -0.19 43.96
C GLN B 13 -0.72 -0.89 43.45
N PRO B 14 -1.49 -1.52 44.34
CA PRO B 14 -2.80 -2.03 43.93
C PRO B 14 -3.61 -0.90 43.32
N GLY B 15 -4.37 -1.22 42.28
CA GLY B 15 -5.08 -0.21 41.54
C GLY B 15 -4.20 0.57 40.59
N GLY B 16 -2.89 0.38 40.66
CA GLY B 16 -1.98 1.05 39.77
C GLY B 16 -1.92 0.38 38.41
N SER B 17 -1.01 0.89 37.60
CA SER B 17 -0.86 0.48 36.23
C SER B 17 0.63 0.37 35.91
N LEU B 18 0.94 -0.44 34.90
CA LEU B 18 2.32 -0.75 34.54
C LEU B 18 2.33 -1.26 33.10
N ARG B 19 3.38 -0.92 32.35
CA ARG B 19 3.51 -1.29 30.93
C ARG B 19 4.71 -2.21 30.72
N LEU B 20 4.43 -3.44 30.25
CA LEU B 20 5.46 -4.42 29.90
C LEU B 20 5.79 -4.37 28.41
N SER B 21 7.05 -4.61 28.07
CA SER B 21 7.41 -4.67 26.67
C SER B 21 8.27 -5.91 26.38
N CYS B 22 8.27 -6.30 25.12
CA CYS B 22 9.03 -7.46 24.70
C CYS B 22 9.68 -7.13 23.37
N ALA B 23 11.01 -7.22 23.32
CA ALA B 23 11.78 -6.89 22.12
C ALA B 23 12.16 -8.19 21.41
N ALA B 24 11.79 -8.32 20.14
CA ALA B 24 12.07 -9.54 19.38
C ALA B 24 13.23 -9.36 18.40
N SER B 25 13.92 -10.45 18.12
CA SER B 25 14.94 -10.42 17.07
C SER B 25 15.15 -11.83 16.52
N GLY B 26 15.79 -11.89 15.35
CA GLY B 26 16.16 -13.13 14.70
C GLY B 26 15.11 -13.71 13.78
N PHE B 27 14.03 -12.98 13.50
CA PHE B 27 12.99 -13.51 12.65
C PHE B 27 12.14 -12.34 12.18
N THR B 28 11.33 -12.58 11.14
CA THR B 28 10.41 -11.55 10.71
C THR B 28 9.26 -11.49 11.70
N PHE B 29 9.30 -10.48 12.57
CA PHE B 29 8.33 -10.34 13.65
C PHE B 29 6.91 -10.18 13.12
N SER B 30 6.73 -9.41 12.05
CA SER B 30 5.37 -9.11 11.56
C SER B 30 4.69 -10.33 10.96
N THR B 31 5.35 -11.48 10.99
CA THR B 31 4.76 -12.65 10.40
C THR B 31 4.32 -13.68 11.44
N TYR B 32 4.51 -13.40 12.74
CA TYR B 32 4.17 -14.31 13.81
C TYR B 32 3.21 -13.67 14.81
N SER B 33 2.20 -14.45 15.20
CA SER B 33 1.40 -14.12 16.36
C SER B 33 2.22 -14.27 17.67
N MET B 34 1.79 -13.55 18.71
CA MET B 34 2.55 -13.31 19.95
C MET B 34 1.62 -13.45 21.15
N ASN B 35 2.20 -13.75 22.32
CA ASN B 35 1.37 -14.01 23.50
C ASN B 35 2.07 -13.48 24.73
N TRP B 36 1.28 -13.26 25.79
CA TRP B 36 1.79 -13.11 27.14
C TRP B 36 1.29 -14.29 27.99
N VAL B 37 2.21 -14.89 28.75
CA VAL B 37 1.96 -15.98 29.68
C VAL B 37 2.61 -15.59 31.00
N ARG B 38 1.93 -15.86 32.11
CA ARG B 38 2.46 -15.46 33.40
C ARG B 38 2.53 -16.65 34.35
N GLN B 39 3.35 -16.50 35.38
CA GLN B 39 3.57 -17.56 36.37
C GLN B 39 3.67 -16.88 37.73
N ALA B 40 2.63 -17.02 38.54
CA ALA B 40 2.67 -16.51 39.90
C ALA B 40 3.73 -17.26 40.71
N PRO B 41 4.30 -16.63 41.75
CA PRO B 41 5.40 -17.29 42.50
C PRO B 41 5.10 -18.68 43.04
N GLY B 42 5.88 -19.69 42.62
CA GLY B 42 5.72 -21.08 43.07
C GLY B 42 4.49 -21.76 42.53
N LYS B 43 3.84 -21.13 41.55
CA LYS B 43 2.49 -21.43 40.96
C LYS B 43 2.66 -21.97 39.53
N GLY B 44 1.55 -22.35 38.89
CA GLY B 44 1.63 -22.86 37.54
C GLY B 44 1.63 -21.78 36.45
N LEU B 45 1.63 -22.21 35.18
CA LEU B 45 1.62 -21.29 34.06
C LEU B 45 0.18 -20.90 33.76
N GLU B 46 -0.04 -19.63 33.42
CA GLU B 46 -1.37 -19.15 33.08
C GLU B 46 -1.27 -18.27 31.84
N TRP B 47 -1.93 -18.69 30.76
CA TRP B 47 -1.93 -17.88 29.56
C TRP B 47 -2.72 -16.58 29.82
N VAL B 48 -2.20 -15.46 29.29
CA VAL B 48 -2.74 -14.13 29.61
C VAL B 48 -3.44 -13.50 28.42
N SER B 49 -2.74 -13.40 27.27
CA SER B 49 -3.29 -12.66 26.14
C SER B 49 -2.61 -13.08 24.84
N TYR B 50 -3.34 -12.95 23.72
CA TYR B 50 -2.89 -13.33 22.39
C TYR B 50 -3.17 -12.21 21.40
N ILE B 51 -2.24 -11.96 20.48
CA ILE B 51 -2.47 -11.00 19.40
C ILE B 51 -1.89 -11.56 18.10
N SER B 52 -2.68 -11.55 17.03
CA SER B 52 -2.24 -12.09 15.75
C SER B 52 -1.26 -11.15 15.03
N TYR B 53 -0.59 -11.65 13.98
CA TYR B 53 0.52 -10.86 13.44
C TYR B 53 0.06 -9.55 12.80
N ARG B 54 -1.21 -9.41 12.42
CA ARG B 54 -1.72 -8.12 11.96
C ARG B 54 -2.72 -7.49 12.93
N SER B 55 -2.73 -7.94 14.19
CA SER B 55 -3.54 -7.35 15.26
C SER B 55 -5.04 -7.51 15.02
N ARG B 56 -5.42 -8.37 14.08
CA ARG B 56 -6.84 -8.55 13.77
C ARG B 56 -7.56 -9.43 14.79
N THR B 57 -6.87 -10.42 15.37
CA THR B 57 -7.49 -11.32 16.34
C THR B 57 -6.76 -11.13 17.66
N ILE B 58 -7.51 -10.80 18.71
CA ILE B 58 -6.98 -10.51 20.03
C ILE B 58 -7.87 -11.23 21.06
N TYR B 59 -7.23 -11.88 22.03
CA TYR B 59 -7.93 -12.58 23.10
C TYR B 59 -7.26 -12.27 24.42
N TYR B 60 -8.04 -12.33 25.49
CA TYR B 60 -7.58 -12.15 26.86
C TYR B 60 -8.18 -13.24 27.74
N ALA B 61 -7.41 -13.68 28.74
CA ALA B 61 -7.98 -14.55 29.75
C ALA B 61 -9.06 -13.78 30.51
N ASP B 62 -10.08 -14.50 30.97
CA ASP B 62 -11.17 -13.82 31.69
C ASP B 62 -10.65 -13.05 32.91
N SER B 63 -9.59 -13.54 33.56
CA SER B 63 -9.08 -12.88 34.77
C SER B 63 -8.44 -11.53 34.50
N VAL B 64 -8.18 -11.16 33.24
CA VAL B 64 -7.58 -9.87 32.94
C VAL B 64 -8.43 -9.04 31.98
N LYS B 65 -9.46 -9.60 31.37
CA LYS B 65 -10.25 -8.86 30.41
C LYS B 65 -10.81 -7.58 31.05
N GLY B 66 -10.73 -6.46 30.32
CA GLY B 66 -11.13 -5.17 30.85
C GLY B 66 -10.02 -4.41 31.54
N ARG B 67 -8.96 -5.09 32.00
CA ARG B 67 -7.88 -4.44 32.72
C ARG B 67 -6.56 -4.41 31.97
N PHE B 68 -6.29 -5.39 31.12
CA PHE B 68 -5.04 -5.48 30.37
C PHE B 68 -5.31 -5.22 28.90
N THR B 69 -4.35 -4.62 28.20
CA THR B 69 -4.45 -4.41 26.77
C THR B 69 -3.16 -4.89 26.12
N ILE B 70 -3.26 -5.78 25.13
CA ILE B 70 -2.09 -6.25 24.40
C ILE B 70 -1.98 -5.44 23.12
N SER B 71 -0.76 -5.16 22.69
CA SER B 71 -0.59 -4.50 21.39
C SER B 71 0.82 -4.77 20.89
N ARG B 72 1.06 -4.43 19.63
CA ARG B 72 2.36 -4.66 19.03
C ARG B 72 2.64 -3.53 18.04
N ASP B 73 3.94 -3.28 17.79
CA ASP B 73 4.47 -2.36 16.79
C ASP B 73 5.42 -3.16 15.91
N ASN B 74 4.95 -3.60 14.75
CA ASN B 74 5.77 -4.50 13.95
C ASN B 74 7.05 -3.82 13.45
N ALA B 75 6.98 -2.52 13.20
CA ALA B 75 8.12 -1.75 12.72
C ALA B 75 9.19 -1.63 13.79
N ARG B 76 8.86 -1.91 15.05
CA ARG B 76 9.87 -1.85 16.09
C ARG B 76 10.09 -3.22 16.73
N ASN B 77 9.64 -4.29 16.08
CA ASN B 77 9.88 -5.63 16.58
C ASN B 77 9.48 -5.73 18.05
N SER B 78 8.36 -5.12 18.40
CA SER B 78 8.00 -4.94 19.80
C SER B 78 6.61 -5.47 20.13
N LEU B 79 6.47 -6.14 21.28
CA LEU B 79 5.18 -6.53 21.85
C LEU B 79 4.95 -5.81 23.18
N TYR B 80 3.70 -5.37 23.44
CA TYR B 80 3.38 -4.65 24.68
C TYR B 80 2.21 -5.29 25.40
N LEU B 81 2.23 -5.11 26.72
CA LEU B 81 1.12 -5.43 27.61
C LEU B 81 0.93 -4.24 28.54
N GLN B 82 -0.19 -3.54 28.40
CA GLN B 82 -0.57 -2.46 29.30
C GLN B 82 -1.46 -3.04 30.40
N MET B 83 -1.05 -2.85 31.64
CA MET B 83 -1.71 -3.46 32.79
C MET B 83 -2.32 -2.33 33.62
N ASN B 84 -3.64 -2.35 33.81
CA ASN B 84 -4.33 -1.34 34.60
C ASN B 84 -5.11 -2.00 35.74
N SER B 85 -5.42 -1.20 36.77
CA SER B 85 -6.20 -1.67 37.91
C SER B 85 -5.63 -2.96 38.49
N LEU B 86 -4.31 -2.95 38.70
CA LEU B 86 -3.60 -4.15 39.10
C LEU B 86 -4.06 -4.65 40.46
N ARG B 87 -4.09 -5.97 40.61
CA ARG B 87 -4.44 -6.62 41.87
C ARG B 87 -3.28 -7.49 42.34
N ASP B 88 -3.38 -7.92 43.59
CA ASP B 88 -2.37 -8.77 44.20
C ASP B 88 -2.21 -10.09 43.43
N GLU B 89 -3.32 -10.68 43.01
CA GLU B 89 -3.27 -11.89 42.21
C GLU B 89 -2.64 -11.71 40.83
N ASP B 90 -2.25 -10.47 40.46
CA ASP B 90 -1.55 -10.24 39.21
C ASP B 90 -0.04 -10.37 39.38
N THR B 91 0.43 -10.50 40.61
CA THR B 91 1.86 -10.69 40.87
C THR B 91 2.35 -11.98 40.22
N ALA B 92 3.35 -11.87 39.35
CA ALA B 92 3.85 -13.01 38.62
C ALA B 92 5.06 -12.59 37.81
N VAL B 93 5.78 -13.60 37.32
CA VAL B 93 6.69 -13.42 36.19
C VAL B 93 5.85 -13.47 34.92
N TYR B 94 6.02 -12.46 34.07
CA TYR B 94 5.29 -12.34 32.82
C TYR B 94 6.24 -12.70 31.68
N TYR B 95 5.87 -13.72 30.91
CA TYR B 95 6.65 -14.18 29.78
C TYR B 95 6.03 -13.72 28.48
N CYS B 96 6.89 -13.25 27.61
CA CYS B 96 6.63 -13.07 26.20
C CYS B 96 6.80 -14.42 25.48
N ALA B 97 5.86 -14.81 24.60
CA ALA B 97 5.95 -16.10 23.90
C ALA B 97 5.46 -16.03 22.47
N ARG B 98 6.26 -16.52 21.53
CA ARG B 98 5.90 -16.53 20.11
C ARG B 98 5.01 -17.72 19.78
N TRP B 99 4.08 -17.50 18.84
CA TRP B 99 3.16 -18.55 18.41
C TRP B 99 3.67 -19.19 17.13
N GLY B 100 3.72 -20.52 17.11
CA GLY B 100 4.32 -21.22 15.99
C GLY B 100 3.51 -21.16 14.70
N TYR B 101 4.24 -20.98 13.59
CA TYR B 101 3.69 -20.99 12.25
C TYR B 101 2.98 -22.31 11.93
N GLY B 102 1.77 -22.23 11.36
CA GLY B 102 1.02 -23.38 10.93
C GLY B 102 0.46 -24.25 12.05
N SER B 103 1.34 -24.87 12.82
CA SER B 103 0.97 -25.85 13.84
C SER B 103 0.92 -25.30 15.26
N GLY B 104 1.20 -24.02 15.48
CA GLY B 104 0.92 -23.44 16.79
C GLY B 104 1.93 -23.82 17.87
N GLY B 105 1.51 -23.62 19.11
CA GLY B 105 2.36 -23.81 20.26
C GLY B 105 3.13 -22.54 20.58
N PHE B 106 3.47 -22.38 21.85
CA PHE B 106 4.35 -21.28 22.27
C PHE B 106 5.76 -21.76 21.96
N ASP B 107 6.26 -21.50 20.75
CA ASP B 107 7.49 -22.20 20.35
C ASP B 107 8.77 -21.49 20.78
N TYR B 108 8.72 -20.22 21.19
CA TYR B 108 9.85 -19.52 21.83
C TYR B 108 9.32 -18.60 22.91
N TRP B 109 10.10 -18.50 24.00
CA TRP B 109 9.75 -17.76 25.19
C TRP B 109 10.83 -16.74 25.52
N GLY B 110 10.41 -15.60 26.08
CA GLY B 110 11.36 -14.69 26.67
C GLY B 110 11.84 -15.17 28.04
N GLN B 111 12.69 -14.36 28.68
CA GLN B 111 13.47 -14.75 29.83
C GLN B 111 12.60 -14.52 31.06
N GLY B 112 11.55 -13.71 30.89
CA GLY B 112 10.54 -13.29 31.87
C GLY B 112 10.91 -11.97 32.53
N THR B 113 9.88 -11.24 32.97
CA THR B 113 10.02 -10.04 33.81
C THR B 113 9.04 -10.09 34.98
N LEU B 114 9.51 -9.73 36.18
CA LEU B 114 8.73 -9.87 37.41
C LEU B 114 7.89 -8.62 37.75
N VAL B 115 6.59 -8.80 37.97
CA VAL B 115 5.68 -7.72 38.35
C VAL B 115 5.17 -8.03 39.77
N THR B 116 5.36 -7.09 40.69
CA THR B 116 4.94 -7.27 42.08
C THR B 116 3.91 -6.20 42.42
N VAL B 117 2.72 -6.62 42.83
CA VAL B 117 1.62 -5.70 43.16
C VAL B 117 1.41 -5.71 44.67
N SER B 118 1.76 -4.61 45.33
CA SER B 118 1.64 -4.52 46.77
C SER B 118 1.72 -3.06 47.19
N SER B 119 1.13 -2.76 48.34
CA SER B 119 1.24 -1.42 48.92
C SER B 119 2.25 -1.38 50.04
N ALA B 120 3.30 -2.19 49.94
CA ALA B 120 4.36 -2.20 50.93
C ALA B 120 5.54 -1.50 50.30
N SER B 121 6.36 -0.87 51.12
CA SER B 121 7.43 -0.04 50.58
C SER B 121 8.69 -0.87 50.34
N THR B 122 9.51 -0.34 49.44
CA THR B 122 10.83 -0.87 49.14
C THR B 122 11.77 -0.74 50.33
N LYS B 123 12.49 -1.82 50.65
CA LYS B 123 13.51 -1.76 51.70
C LYS B 123 14.73 -2.55 51.25
N GLY B 124 15.90 -1.94 51.34
CA GLY B 124 17.13 -2.62 51.01
C GLY B 124 17.59 -3.50 52.16
N PRO B 125 18.35 -4.53 51.85
CA PRO B 125 18.74 -5.50 52.87
C PRO B 125 20.00 -5.09 53.62
N SER B 126 20.21 -5.74 54.76
CA SER B 126 21.51 -5.73 55.42
C SER B 126 22.21 -7.04 55.07
N VAL B 127 23.52 -6.97 54.85
CA VAL B 127 24.31 -8.11 54.40
C VAL B 127 25.35 -8.41 55.48
N PHE B 128 25.20 -9.58 56.15
CA PHE B 128 26.08 -10.01 57.22
C PHE B 128 26.91 -11.23 56.81
N PRO B 129 28.17 -11.33 57.24
CA PRO B 129 28.99 -12.48 56.85
C PRO B 129 28.64 -13.71 57.68
N LEU B 130 28.66 -14.87 57.03
CA LEU B 130 28.62 -16.17 57.69
C LEU B 130 30.06 -16.66 57.66
N ALA B 131 30.73 -16.55 58.77
CA ALA B 131 32.18 -16.71 58.87
C ALA B 131 32.57 -18.18 59.03
N PRO B 132 33.51 -18.67 58.21
CA PRO B 132 34.12 -19.98 58.46
C PRO B 132 34.65 -20.10 59.89
N SER B 133 34.29 -21.19 60.56
CA SER B 133 34.75 -21.42 61.92
C SER B 133 36.14 -22.10 61.87
N SER B 134 36.56 -22.75 62.96
CA SER B 134 37.81 -23.52 62.97
C SER B 134 37.84 -24.57 64.08
N THR B 141 37.68 -29.30 53.93
CA THR B 141 36.77 -28.36 53.28
C THR B 141 36.02 -27.48 54.30
N ALA B 142 35.86 -26.19 53.95
CA ALA B 142 35.22 -25.19 54.80
C ALA B 142 34.00 -24.59 54.10
N ALA B 143 33.08 -24.03 54.89
CA ALA B 143 31.90 -23.37 54.36
C ALA B 143 31.83 -21.94 54.88
N LEU B 144 31.49 -21.01 54.00
CA LEU B 144 31.33 -19.63 54.40
C LEU B 144 30.21 -19.03 53.57
N GLY B 145 29.71 -17.87 54.01
CA GLY B 145 28.61 -17.28 53.27
C GLY B 145 28.21 -15.90 53.72
N CYS B 146 27.02 -15.51 53.26
CA CYS B 146 26.47 -14.19 53.49
C CYS B 146 24.99 -14.28 53.83
N LEU B 147 24.56 -13.54 54.84
CA LEU B 147 23.16 -13.45 55.25
C LEU B 147 22.59 -12.15 54.68
N VAL B 148 21.66 -12.26 53.75
CA VAL B 148 21.01 -11.12 53.10
C VAL B 148 19.65 -10.94 53.76
N LYS B 149 19.54 -10.03 54.73
CA LYS B 149 18.39 -10.00 55.61
C LYS B 149 17.53 -8.75 55.43
N ASP B 150 16.20 -8.93 55.55
CA ASP B 150 15.22 -7.86 55.70
C ASP B 150 15.14 -6.95 54.46
N TYR B 151 14.64 -7.48 53.34
CA TYR B 151 14.42 -6.69 52.14
C TYR B 151 13.02 -6.94 51.61
N PHE B 152 12.61 -6.05 50.69
CA PHE B 152 11.33 -6.09 49.98
C PHE B 152 11.41 -5.16 48.78
N PRO B 153 10.88 -5.55 47.61
CA PRO B 153 10.32 -6.86 47.33
C PRO B 153 11.42 -7.77 46.80
N GLU B 154 11.06 -8.97 46.38
CA GLU B 154 11.96 -9.79 45.60
C GLU B 154 12.23 -9.09 44.27
N PRO B 155 13.38 -9.36 43.62
CA PRO B 155 14.41 -10.32 44.00
C PRO B 155 15.73 -9.71 44.43
N VAL B 156 16.56 -10.58 44.98
CA VAL B 156 17.95 -10.30 45.28
C VAL B 156 18.79 -11.26 44.44
N THR B 157 19.95 -10.79 43.98
CA THR B 157 20.91 -11.65 43.30
C THR B 157 22.21 -11.64 44.09
N VAL B 158 22.88 -12.79 44.13
CA VAL B 158 24.16 -12.93 44.81
C VAL B 158 25.13 -13.61 43.87
N SER B 159 26.33 -13.06 43.76
CA SER B 159 27.45 -13.72 43.10
C SER B 159 28.63 -13.71 44.05
N TRP B 160 29.71 -14.39 43.66
CA TRP B 160 30.92 -14.44 44.47
C TRP B 160 32.12 -14.09 43.61
N ASN B 161 32.99 -13.23 44.14
CA ASN B 161 34.17 -12.74 43.41
C ASN B 161 33.79 -12.25 42.01
N SER B 162 32.72 -11.46 41.97
CA SER B 162 32.22 -10.87 40.74
C SER B 162 31.89 -11.92 39.69
N GLY B 163 31.55 -13.13 40.13
CA GLY B 163 31.21 -14.23 39.24
C GLY B 163 32.34 -15.23 38.99
N ALA B 164 33.55 -14.93 39.44
CA ALA B 164 34.71 -15.79 39.22
C ALA B 164 34.70 -17.04 40.09
N LEU B 165 33.83 -17.12 41.08
CA LEU B 165 33.71 -18.27 41.97
C LEU B 165 32.30 -18.82 41.77
N THR B 166 32.19 -19.98 41.13
CA THR B 166 30.90 -20.56 40.75
C THR B 166 30.65 -21.97 41.26
N SER B 167 31.69 -22.80 41.43
CA SER B 167 31.52 -24.18 41.85
C SER B 167 31.27 -24.29 43.35
N GLY B 168 30.23 -25.05 43.72
CA GLY B 168 29.94 -25.24 45.13
C GLY B 168 29.09 -24.17 45.79
N VAL B 169 28.46 -23.30 45.01
CA VAL B 169 27.68 -22.19 45.54
C VAL B 169 26.23 -22.61 45.67
N HIS B 170 25.63 -22.35 46.83
CA HIS B 170 24.20 -22.52 47.03
C HIS B 170 23.62 -21.19 47.50
N THR B 171 22.66 -20.66 46.72
CA THR B 171 21.90 -19.46 47.07
C THR B 171 20.48 -19.90 47.35
N PHE B 172 20.09 -19.82 48.57
CA PHE B 172 18.83 -20.43 48.94
C PHE B 172 17.65 -19.56 48.49
N PRO B 173 16.51 -20.18 48.22
CA PRO B 173 15.30 -19.37 47.93
C PRO B 173 14.97 -18.49 49.12
N ALA B 174 14.51 -17.28 48.83
CA ALA B 174 14.17 -16.35 49.90
C ALA B 174 13.01 -16.90 50.72
N VAL B 175 13.02 -16.58 52.01
CA VAL B 175 11.99 -16.94 52.96
C VAL B 175 11.32 -15.65 53.44
N LEU B 176 10.01 -15.71 53.65
CA LEU B 176 9.23 -14.56 54.10
C LEU B 176 9.12 -14.56 55.62
N GLN B 177 9.58 -13.48 56.26
CA GLN B 177 9.56 -13.42 57.71
C GLN B 177 8.20 -12.92 58.20
N SER B 178 7.93 -13.15 59.49
CA SER B 178 6.69 -12.68 60.10
C SER B 178 6.53 -11.18 59.92
N SER B 179 7.65 -10.46 59.77
CA SER B 179 7.65 -9.02 59.55
C SER B 179 7.17 -8.61 58.16
N GLY B 180 7.02 -9.57 57.25
CA GLY B 180 6.71 -9.24 55.88
C GLY B 180 7.90 -8.92 55.02
N LEU B 181 9.11 -8.96 55.56
CA LEU B 181 10.33 -8.73 54.80
C LEU B 181 10.94 -10.06 54.40
N TYR B 182 11.70 -10.06 53.30
CA TYR B 182 12.32 -11.27 52.80
C TYR B 182 13.71 -11.45 53.37
N SER B 183 14.14 -12.70 53.44
CA SER B 183 15.48 -13.00 53.91
C SER B 183 16.03 -14.19 53.14
N LEU B 184 17.35 -14.21 53.02
CA LEU B 184 18.03 -15.15 52.14
C LEU B 184 19.47 -15.27 52.61
N SER B 185 20.02 -16.49 52.48
CA SER B 185 21.43 -16.69 52.74
C SER B 185 22.03 -17.36 51.52
N SER B 186 23.31 -17.11 51.31
CA SER B 186 24.07 -17.71 50.21
C SER B 186 25.36 -18.28 50.77
N VAL B 187 25.63 -19.55 50.49
CA VAL B 187 26.79 -20.24 51.06
C VAL B 187 27.63 -20.86 49.96
N VAL B 188 28.91 -21.09 50.27
CA VAL B 188 29.84 -21.71 49.34
C VAL B 188 30.85 -22.51 50.14
N THR B 189 31.22 -23.68 49.60
CA THR B 189 32.26 -24.55 50.16
C THR B 189 33.56 -24.45 49.38
N VAL B 190 34.68 -24.40 50.09
CA VAL B 190 36.00 -24.16 49.52
C VAL B 190 37.03 -24.97 50.29
N PRO B 191 38.18 -25.26 49.68
CA PRO B 191 39.23 -25.97 50.43
C PRO B 191 39.75 -25.13 51.58
N SER B 192 39.91 -25.77 52.75
CA SER B 192 40.41 -25.06 53.91
C SER B 192 41.81 -24.51 53.67
N SER B 193 42.52 -25.04 52.67
CA SER B 193 43.81 -24.49 52.27
C SER B 193 43.67 -23.09 51.67
N SER B 194 42.55 -22.82 50.98
CA SER B 194 42.38 -21.53 50.32
C SER B 194 42.19 -20.39 51.30
N LEU B 195 41.86 -20.70 52.56
CA LEU B 195 41.48 -19.66 53.51
C LEU B 195 42.59 -18.65 53.75
N GLY B 196 43.85 -19.08 53.66
CA GLY B 196 44.95 -18.15 53.91
C GLY B 196 45.33 -17.32 52.71
N THR B 197 45.11 -17.84 51.51
CA THR B 197 45.56 -17.16 50.30
C THR B 197 44.46 -16.45 49.53
N GLN B 198 43.24 -16.98 49.55
CA GLN B 198 42.18 -16.52 48.67
C GLN B 198 41.25 -15.52 49.34
N THR B 199 40.79 -14.56 48.54
CA THR B 199 39.81 -13.55 48.95
C THR B 199 38.42 -13.98 48.50
N TYR B 200 37.46 -13.92 49.41
CA TYR B 200 36.07 -14.26 49.13
C TYR B 200 35.19 -13.04 49.37
N ILE B 201 34.53 -12.57 48.32
CA ILE B 201 33.63 -11.43 48.39
C ILE B 201 32.28 -11.86 47.84
N CYS B 202 31.21 -11.63 48.60
CA CYS B 202 29.87 -11.87 48.08
C CYS B 202 29.26 -10.55 47.61
N ASN B 203 28.70 -10.56 46.41
CA ASN B 203 28.14 -9.38 45.78
C ASN B 203 26.63 -9.51 45.80
N VAL B 204 25.98 -8.66 46.60
CA VAL B 204 24.54 -8.67 46.77
C VAL B 204 23.96 -7.47 46.03
N ASN B 205 22.94 -7.69 45.21
CA ASN B 205 22.29 -6.63 44.46
C ASN B 205 20.79 -6.73 44.64
N HIS B 206 20.20 -5.65 45.15
CA HIS B 206 18.75 -5.52 45.30
C HIS B 206 18.36 -4.30 44.47
N LYS B 207 18.15 -4.54 43.17
CA LYS B 207 17.78 -3.48 42.24
C LYS B 207 16.61 -2.64 42.72
N PRO B 208 15.50 -3.20 43.22
CA PRO B 208 14.36 -2.34 43.58
C PRO B 208 14.69 -1.24 44.55
N SER B 209 15.72 -1.39 45.38
CA SER B 209 16.08 -0.39 46.38
C SER B 209 17.44 0.26 46.11
N ASN B 210 18.07 -0.03 44.97
CA ASN B 210 19.36 0.55 44.58
C ASN B 210 20.45 0.29 45.64
N THR B 211 20.52 -0.96 46.07
CA THR B 211 21.57 -1.45 46.98
C THR B 211 22.46 -2.48 46.31
N LYS B 212 23.72 -2.10 46.11
CA LYS B 212 24.80 -3.00 45.77
C LYS B 212 25.73 -3.03 46.96
N VAL B 213 26.03 -4.23 47.46
CA VAL B 213 26.96 -4.41 48.57
C VAL B 213 27.91 -5.54 48.22
N ASP B 214 29.20 -5.31 48.46
CA ASP B 214 30.22 -6.35 48.36
C ASP B 214 30.73 -6.60 49.76
N LYS B 215 30.56 -7.81 50.25
CA LYS B 215 31.00 -8.16 51.60
C LYS B 215 32.07 -9.21 51.47
N ARG B 216 33.25 -8.90 51.98
CA ARG B 216 34.31 -9.88 52.06
C ARG B 216 34.06 -10.72 53.30
N VAL B 217 34.24 -12.03 53.16
CA VAL B 217 34.02 -12.97 54.25
C VAL B 217 35.35 -13.60 54.61
N GLU B 218 35.76 -13.43 55.86
CA GLU B 218 37.01 -13.98 56.37
C GLU B 218 36.78 -14.46 57.79
N PRO B 219 37.63 -15.37 58.30
CA PRO B 219 37.48 -16.04 59.60
C PRO B 219 37.21 -15.17 60.83
N GLU C 1 -15.32 -23.66 29.36
CA GLU C 1 -13.88 -23.77 29.57
C GLU C 1 -13.46 -25.23 29.52
N ILE C 2 -12.30 -25.50 28.92
CA ILE C 2 -11.68 -26.82 28.98
C ILE C 2 -10.61 -26.77 30.06
N VAL C 3 -10.69 -27.70 31.00
CA VAL C 3 -9.76 -27.79 32.11
C VAL C 3 -8.89 -29.02 31.89
N LEU C 4 -7.60 -28.87 32.07
CA LEU C 4 -6.64 -29.94 31.94
C LEU C 4 -6.18 -30.34 33.33
N THR C 5 -6.22 -31.64 33.62
CA THR C 5 -5.61 -32.17 34.82
C THR C 5 -4.45 -33.08 34.43
N GLN C 6 -3.48 -33.22 35.35
CA GLN C 6 -2.27 -34.01 35.11
C GLN C 6 -2.02 -34.97 36.26
N SER C 7 -1.63 -36.19 35.93
CA SER C 7 -1.22 -37.17 36.93
C SER C 7 0.04 -37.86 36.43
N PRO C 8 0.95 -38.27 37.33
CA PRO C 8 0.86 -38.06 38.78
C PRO C 8 1.28 -36.63 39.12
N GLY C 9 1.08 -36.20 40.36
CA GLY C 9 1.52 -34.86 40.74
C GLY C 9 3.03 -34.75 40.79
N THR C 10 3.69 -35.77 41.29
CA THR C 10 5.14 -35.81 41.36
C THR C 10 5.58 -37.20 40.93
N LEU C 11 6.77 -37.30 40.36
CA LEU C 11 7.27 -38.54 39.81
C LEU C 11 8.75 -38.59 40.13
N SER C 12 9.14 -39.58 40.92
CA SER C 12 10.51 -39.76 41.37
C SER C 12 11.06 -41.02 40.73
N LEU C 13 12.12 -40.87 39.92
CA LEU C 13 12.63 -41.96 39.11
C LEU C 13 14.13 -41.85 39.00
N SER C 14 14.79 -43.00 38.84
CA SER C 14 16.23 -43.06 38.70
C SER C 14 16.62 -42.83 37.24
N PRO C 15 17.85 -42.37 36.98
CA PRO C 15 18.29 -42.20 35.60
C PRO C 15 18.23 -43.49 34.80
N GLY C 16 17.89 -43.37 33.52
CA GLY C 16 17.78 -44.49 32.63
C GLY C 16 16.42 -45.14 32.59
N GLU C 17 15.54 -44.80 33.53
CA GLU C 17 14.19 -45.33 33.54
C GLU C 17 13.28 -44.52 32.64
N ARG C 18 12.04 -45.00 32.50
CA ARG C 18 11.05 -44.42 31.62
C ARG C 18 9.99 -43.70 32.45
N ALA C 19 9.76 -42.42 32.15
CA ALA C 19 8.76 -41.62 32.83
C ALA C 19 7.50 -41.56 31.99
N THR C 20 6.34 -41.81 32.62
CA THR C 20 5.04 -41.77 31.92
C THR C 20 4.13 -40.74 32.58
N LEU C 21 3.85 -39.67 31.84
CA LEU C 21 3.09 -38.53 32.34
C LEU C 21 1.73 -38.49 31.64
N SER C 22 0.68 -38.26 32.42
CA SER C 22 -0.69 -38.29 31.90
C SER C 22 -1.29 -36.89 31.93
N CYS C 23 -2.11 -36.61 30.93
CA CYS C 23 -2.85 -35.36 30.82
C CYS C 23 -4.30 -35.68 30.45
N ARG C 24 -5.25 -35.07 31.15
CA ARG C 24 -6.67 -35.30 30.90
C ARG C 24 -7.38 -33.97 30.69
N ALA C 25 -8.22 -33.92 29.64
CA ALA C 25 -8.99 -32.74 29.27
C ALA C 25 -10.45 -32.93 29.68
N SER C 26 -11.05 -31.88 30.19
CA SER C 26 -12.45 -31.93 30.63
C SER C 26 -13.40 -32.14 29.47
N GLN C 27 -12.97 -31.88 28.24
CA GLN C 27 -13.74 -32.21 27.05
C GLN C 27 -12.76 -32.53 25.94
N SER C 28 -13.30 -33.05 24.85
CA SER C 28 -12.49 -33.51 23.73
C SER C 28 -11.64 -32.37 23.18
N VAL C 29 -10.34 -32.62 23.02
CA VAL C 29 -9.43 -31.71 22.35
C VAL C 29 -8.81 -32.47 21.18
N SER C 30 -8.94 -31.91 20.00
CA SER C 30 -8.28 -32.51 18.84
C SER C 30 -6.76 -32.56 19.04
N SER C 31 -6.16 -33.63 18.49
CA SER C 31 -4.75 -33.91 18.71
C SER C 31 -3.85 -32.78 18.23
N SER C 32 -4.27 -32.06 17.18
CA SER C 32 -3.48 -30.96 16.66
C SER C 32 -3.29 -29.83 17.67
N TYR C 33 -4.16 -29.73 18.69
CA TYR C 33 -4.16 -28.58 19.58
C TYR C 33 -3.72 -28.96 20.99
N LEU C 34 -2.89 -29.98 21.12
CA LEU C 34 -2.37 -30.35 22.44
C LEU C 34 -0.85 -30.27 22.40
N ALA C 35 -0.26 -29.56 23.36
CA ALA C 35 1.18 -29.39 23.39
C ALA C 35 1.72 -29.68 24.79
N TRP C 36 3.03 -29.93 24.86
CA TRP C 36 3.70 -30.23 26.12
C TRP C 36 4.88 -29.30 26.29
N TYR C 37 5.13 -28.87 27.53
CA TYR C 37 6.22 -27.94 27.84
C TYR C 37 7.04 -28.49 29.00
N GLN C 38 8.33 -28.18 28.97
CA GLN C 38 9.29 -28.50 30.03
C GLN C 38 9.77 -27.19 30.64
N GLN C 39 9.80 -27.09 31.97
CA GLN C 39 10.32 -25.90 32.63
C GLN C 39 11.27 -26.35 33.74
N LYS C 40 12.55 -26.06 33.55
CA LYS C 40 13.55 -26.31 34.57
C LYS C 40 13.59 -25.15 35.56
N PRO C 41 14.06 -25.40 36.81
CA PRO C 41 13.78 -24.47 37.92
C PRO C 41 13.89 -22.98 37.63
N GLY C 42 15.06 -22.48 37.25
CA GLY C 42 15.17 -21.05 37.12
C GLY C 42 14.89 -20.49 35.74
N GLN C 43 14.19 -21.24 34.88
CA GLN C 43 14.15 -20.94 33.47
C GLN C 43 12.72 -20.70 32.99
N ALA C 44 12.64 -20.27 31.76
CA ALA C 44 11.37 -20.17 31.05
C ALA C 44 11.00 -21.54 30.50
N PRO C 45 9.71 -21.83 30.36
CA PRO C 45 9.31 -23.08 29.70
C PRO C 45 9.88 -23.14 28.29
N ARG C 46 10.00 -24.36 27.78
CA ARG C 46 10.29 -24.55 26.37
C ARG C 46 9.34 -25.58 25.81
N LEU C 47 8.99 -25.39 24.54
CA LEU C 47 8.10 -26.30 23.84
C LEU C 47 8.79 -27.63 23.62
N LEU C 48 8.12 -28.72 24.01
CA LEU C 48 8.60 -30.09 23.82
C LEU C 48 7.92 -30.78 22.66
N ILE C 49 6.59 -30.86 22.74
CA ILE C 49 5.74 -31.59 21.81
C ILE C 49 4.63 -30.65 21.38
N TYR C 50 4.33 -30.62 20.09
CA TYR C 50 3.14 -29.96 19.57
C TYR C 50 2.32 -30.96 18.75
N GLY C 51 1.06 -30.60 18.52
CA GLY C 51 0.16 -31.52 17.84
C GLY C 51 0.13 -32.91 18.45
N ALA C 52 0.26 -32.99 19.79
CA ALA C 52 0.18 -34.22 20.59
C ALA C 52 1.35 -35.17 20.42
N SER C 53 1.96 -35.24 19.23
CA SER C 53 2.98 -36.25 19.02
C SER C 53 4.22 -35.79 18.30
N SER C 54 4.28 -34.54 17.83
CA SER C 54 5.41 -34.03 17.07
C SER C 54 6.43 -33.38 18.00
N ARG C 55 7.70 -33.73 17.84
CA ARG C 55 8.76 -33.13 18.62
C ARG C 55 9.12 -31.76 18.07
N ALA C 56 9.30 -30.79 18.96
CA ALA C 56 9.68 -29.45 18.51
C ALA C 56 11.19 -29.44 18.20
N THR C 57 11.64 -28.32 17.61
CA THR C 57 13.01 -28.22 17.13
C THR C 57 14.00 -28.49 18.26
N GLY C 58 14.95 -29.39 18.01
CA GLY C 58 16.00 -29.68 18.96
C GLY C 58 15.62 -30.56 20.13
N ILE C 59 14.46 -31.19 20.09
CA ILE C 59 13.99 -32.05 21.18
C ILE C 59 14.45 -33.48 20.87
N PRO C 60 15.19 -34.12 21.76
CA PRO C 60 15.70 -35.47 21.47
C PRO C 60 14.57 -36.50 21.33
N ASP C 61 14.94 -37.67 20.83
CA ASP C 61 13.94 -38.67 20.48
C ASP C 61 13.40 -39.39 21.70
N ARG C 62 14.07 -39.31 22.84
CA ARG C 62 13.59 -39.98 24.05
C ARG C 62 12.34 -39.34 24.62
N PHE C 63 11.98 -38.13 24.14
CA PHE C 63 10.70 -37.50 24.45
C PHE C 63 9.69 -37.90 23.39
N SER C 64 8.53 -38.39 23.81
CA SER C 64 7.49 -38.82 22.89
C SER C 64 6.12 -38.47 23.44
N GLY C 65 5.18 -38.22 22.54
CA GLY C 65 3.84 -37.88 22.93
C GLY C 65 2.82 -38.65 22.14
N SER C 66 1.69 -38.89 22.77
CA SER C 66 0.60 -39.55 22.06
C SER C 66 -0.70 -39.16 22.75
N GLY C 67 -1.80 -39.63 22.16
CA GLY C 67 -3.13 -39.46 22.71
C GLY C 67 -4.04 -38.69 21.79
N SER C 68 -5.32 -38.73 22.14
CA SER C 68 -6.39 -38.13 21.38
C SER C 68 -7.63 -38.08 22.27
N GLY C 69 -8.55 -37.21 21.92
CA GLY C 69 -9.80 -37.11 22.64
C GLY C 69 -9.62 -36.37 23.95
N THR C 70 -9.65 -37.11 25.06
CA THR C 70 -9.49 -36.49 26.36
C THR C 70 -8.27 -36.99 27.12
N ASP C 71 -7.48 -37.90 26.57
CA ASP C 71 -6.38 -38.51 27.31
C ASP C 71 -5.10 -38.43 26.50
N PHE C 72 -4.08 -37.82 27.07
CA PHE C 72 -2.79 -37.65 26.41
C PHE C 72 -1.69 -38.10 27.35
N THR C 73 -0.56 -38.47 26.73
CA THR C 73 0.56 -39.10 27.42
C THR C 73 1.87 -38.48 26.92
N LEU C 74 2.76 -38.13 27.84
CA LEU C 74 4.13 -37.78 27.51
C LEU C 74 5.06 -38.86 28.07
N THR C 75 5.95 -39.38 27.23
CA THR C 75 6.89 -40.40 27.67
C THR C 75 8.31 -39.88 27.55
N ILE C 76 9.06 -39.94 28.66
CA ILE C 76 10.49 -39.64 28.69
C ILE C 76 11.19 -40.95 28.97
N SER C 77 11.67 -41.60 27.91
CA SER C 77 12.49 -42.78 28.13
C SER C 77 13.96 -42.40 28.39
N ARG C 78 14.61 -43.25 29.19
CA ARG C 78 15.98 -43.15 29.68
C ARG C 78 16.21 -41.82 30.41
N LEU C 79 15.55 -41.63 31.51
CA LEU C 79 15.71 -40.37 32.20
C LEU C 79 17.19 -40.02 32.49
N GLU C 80 17.47 -38.73 32.43
CA GLU C 80 18.75 -38.13 32.79
C GLU C 80 18.56 -37.21 33.99
N PRO C 81 19.64 -36.89 34.71
CA PRO C 81 19.48 -36.04 35.91
C PRO C 81 18.98 -34.63 35.58
N GLU C 82 19.40 -34.10 34.44
CA GLU C 82 18.98 -32.79 33.94
C GLU C 82 17.53 -32.73 33.49
N ASP C 83 16.85 -33.88 33.41
CA ASP C 83 15.44 -33.90 33.05
C ASP C 83 14.55 -33.52 34.20
N PHE C 84 15.14 -33.27 35.37
CA PHE C 84 14.43 -32.72 36.49
C PHE C 84 13.79 -31.40 36.06
N ALA C 85 12.45 -31.36 36.10
CA ALA C 85 11.70 -30.21 35.62
C ALA C 85 10.24 -30.46 35.97
N VAL C 86 9.44 -29.44 35.74
CA VAL C 86 7.99 -29.55 35.76
C VAL C 86 7.54 -29.65 34.32
N TYR C 87 6.58 -30.53 34.05
CA TYR C 87 6.08 -30.74 32.70
C TYR C 87 4.62 -30.34 32.66
N TYR C 88 4.28 -29.46 31.73
CA TYR C 88 2.92 -28.95 31.59
C TYR C 88 2.36 -29.38 30.26
N CYS C 89 1.12 -29.86 30.25
CA CYS C 89 0.40 -29.95 29.00
C CYS C 89 -0.44 -28.68 28.79
N GLN C 90 -0.88 -28.48 27.56
CA GLN C 90 -1.53 -27.23 27.19
C GLN C 90 -2.42 -27.49 25.99
N GLN C 91 -3.63 -26.91 25.99
CA GLN C 91 -4.52 -27.09 24.87
C GLN C 91 -4.92 -25.73 24.30
N TYR C 92 -5.23 -25.72 23.02
CA TYR C 92 -5.88 -24.57 22.43
C TYR C 92 -6.98 -25.04 21.51
N GLY C 93 -7.66 -26.14 21.90
CA GLY C 93 -8.94 -26.41 21.29
C GLY C 93 -9.91 -25.28 21.51
N SER C 94 -9.88 -24.68 22.71
CA SER C 94 -10.75 -23.57 23.07
C SER C 94 -10.01 -22.69 24.07
N SER C 95 -9.75 -21.44 23.69
CA SER C 95 -8.88 -20.56 24.47
C SER C 95 -7.52 -21.25 24.59
N PHE C 96 -6.71 -20.87 25.58
CA PHE C 96 -5.44 -21.51 25.86
C PHE C 96 -5.39 -21.81 27.35
N THR C 97 -5.25 -23.08 27.74
CA THR C 97 -5.10 -23.41 29.17
C THR C 97 -3.98 -24.42 29.37
N PHE C 98 -3.40 -24.39 30.56
CA PHE C 98 -2.35 -25.32 30.92
C PHE C 98 -2.87 -26.28 31.98
N GLY C 99 -2.32 -27.49 31.98
CA GLY C 99 -2.49 -28.36 33.12
C GLY C 99 -1.67 -27.79 34.26
N PRO C 100 -1.85 -28.35 35.47
CA PRO C 100 -1.10 -27.88 36.63
C PRO C 100 0.34 -28.35 36.67
N GLY C 101 0.72 -29.29 35.82
CA GLY C 101 2.13 -29.65 35.82
C GLY C 101 2.41 -30.89 36.64
N THR C 102 3.43 -31.63 36.23
CA THR C 102 3.93 -32.79 36.95
C THR C 102 5.42 -32.54 37.19
N LYS C 103 5.85 -32.61 38.45
CA LYS C 103 7.26 -32.49 38.80
C LYS C 103 7.89 -33.84 38.66
N VAL C 104 9.03 -33.90 37.99
CA VAL C 104 9.76 -35.14 37.85
C VAL C 104 11.11 -35.00 38.57
N ASP C 105 11.28 -35.76 39.67
CA ASP C 105 12.50 -35.74 40.47
C ASP C 105 13.39 -36.93 40.12
N ILE C 106 14.69 -36.76 40.30
CA ILE C 106 15.65 -37.83 40.04
C ILE C 106 15.98 -38.53 41.36
N LYS C 107 15.85 -39.85 41.38
CA LYS C 107 16.28 -40.67 42.52
C LYS C 107 17.78 -40.93 42.47
N ARG C 108 18.39 -41.02 43.65
CA ARG C 108 19.83 -41.27 43.74
C ARG C 108 20.14 -41.96 45.05
N THR C 109 21.39 -42.40 45.18
CA THR C 109 21.87 -43.04 46.40
C THR C 109 21.80 -42.08 47.58
N VAL C 110 21.59 -42.66 48.77
CA VAL C 110 21.58 -41.87 49.99
C VAL C 110 22.92 -41.18 50.15
N ALA C 111 22.87 -39.88 50.49
CA ALA C 111 24.07 -39.10 50.74
C ALA C 111 23.82 -38.26 51.99
N ALA C 112 24.73 -38.35 52.94
CA ALA C 112 24.57 -37.66 54.20
C ALA C 112 24.91 -36.17 54.05
N PRO C 113 24.25 -35.31 54.82
CA PRO C 113 24.56 -33.88 54.74
C PRO C 113 25.83 -33.56 55.52
N SER C 114 26.62 -32.65 54.97
CA SER C 114 27.68 -32.01 55.74
C SER C 114 27.08 -30.81 56.46
N VAL C 115 27.26 -30.77 57.77
CA VAL C 115 26.57 -29.82 58.63
C VAL C 115 27.56 -28.77 59.10
N PHE C 116 27.15 -27.49 59.01
CA PHE C 116 27.93 -26.36 59.50
C PHE C 116 27.03 -25.42 60.29
N ILE C 117 27.59 -24.78 61.30
CA ILE C 117 26.87 -23.80 62.11
C ILE C 117 27.65 -22.49 62.00
N PHE C 118 26.92 -21.37 61.96
CA PHE C 118 27.49 -20.04 61.81
C PHE C 118 26.96 -19.14 62.93
N PRO C 119 27.83 -18.50 63.70
CA PRO C 119 27.34 -17.58 64.74
C PRO C 119 26.88 -16.27 64.12
N PRO C 120 26.09 -15.48 64.85
CA PRO C 120 25.75 -14.14 64.37
C PRO C 120 27.01 -13.29 64.28
N SER C 121 27.07 -12.45 63.25
CA SER C 121 28.18 -11.53 63.10
C SER C 121 28.12 -10.42 64.15
N ASP C 122 29.27 -9.80 64.41
CA ASP C 122 29.29 -8.68 65.35
C ASP C 122 28.53 -7.48 64.77
N GLU C 123 28.57 -7.32 63.46
CA GLU C 123 27.79 -6.27 62.80
C GLU C 123 26.30 -6.44 63.02
N GLN C 124 25.76 -7.65 62.84
CA GLN C 124 24.32 -7.80 63.02
C GLN C 124 23.96 -7.55 64.46
N LEU C 125 24.83 -7.98 65.35
CA LEU C 125 24.61 -7.75 66.76
C LEU C 125 24.58 -6.25 67.09
N LYS C 126 25.10 -5.31 66.25
CA LYS C 126 24.99 -3.89 66.68
C LYS C 126 23.54 -3.68 66.95
N SER C 127 22.76 -4.22 65.99
CA SER C 127 21.42 -3.88 65.55
C SER C 127 20.34 -4.52 66.37
N GLY C 128 20.69 -5.31 67.37
CA GLY C 128 19.69 -5.79 68.30
C GLY C 128 18.99 -7.08 67.95
N THR C 129 19.32 -7.71 66.83
CA THR C 129 18.80 -9.02 66.48
C THR C 129 19.96 -9.95 66.17
N ALA C 130 19.78 -11.24 66.43
CA ALA C 130 20.80 -12.25 66.22
C ALA C 130 20.26 -13.40 65.39
N SER C 131 20.96 -13.75 64.32
CA SER C 131 20.58 -14.83 63.44
C SER C 131 21.67 -15.90 63.49
N VAL C 132 21.27 -17.12 63.84
CA VAL C 132 22.15 -18.27 63.84
C VAL C 132 21.74 -19.16 62.68
N VAL C 133 22.70 -19.53 61.84
CA VAL C 133 22.43 -20.27 60.63
C VAL C 133 23.07 -21.65 60.75
N CYS C 134 22.31 -22.67 60.35
CA CYS C 134 22.77 -24.05 60.27
C CYS C 134 22.66 -24.49 58.81
N LEU C 135 23.75 -25.03 58.28
CA LEU C 135 23.80 -25.42 56.87
C LEU C 135 23.88 -26.93 56.77
N LEU C 136 23.00 -27.51 55.94
CA LEU C 136 23.00 -28.92 55.55
C LEU C 136 23.32 -28.96 54.07
N ASN C 137 24.53 -29.39 53.72
CA ASN C 137 25.03 -29.26 52.35
C ASN C 137 25.04 -30.61 51.64
N ASN C 138 24.46 -30.64 50.45
CA ASN C 138 24.56 -31.76 49.51
C ASN C 138 24.11 -33.10 50.11
N PHE C 139 22.80 -33.30 50.25
CA PHE C 139 22.29 -34.52 50.85
C PHE C 139 21.13 -35.08 50.02
N TYR C 140 20.80 -36.36 50.29
CA TYR C 140 19.68 -37.03 49.65
C TYR C 140 19.29 -38.22 50.51
N PRO C 141 17.99 -38.50 50.72
CA PRO C 141 16.81 -37.83 50.17
C PRO C 141 16.55 -36.54 50.92
N ARG C 142 15.50 -35.83 50.54
CA ARG C 142 15.31 -34.50 51.08
C ARG C 142 14.83 -34.48 52.53
N GLU C 143 14.23 -35.58 53.01
CA GLU C 143 13.72 -35.61 54.38
C GLU C 143 14.87 -35.39 55.35
N ALA C 144 14.70 -34.39 56.20
CA ALA C 144 15.70 -34.08 57.21
C ALA C 144 15.02 -33.30 58.34
N LYS C 145 15.49 -33.57 59.55
CA LYS C 145 15.14 -32.87 60.78
C LYS C 145 16.29 -32.08 61.34
N VAL C 146 16.02 -30.81 61.54
CA VAL C 146 16.96 -29.88 62.14
C VAL C 146 16.33 -29.33 63.41
N GLN C 147 17.08 -29.37 64.50
CA GLN C 147 16.59 -28.94 65.80
C GLN C 147 17.58 -27.97 66.41
N TRP C 148 17.06 -26.90 67.01
CA TRP C 148 17.89 -25.92 67.68
C TRP C 148 17.81 -26.14 69.18
N LYS C 149 18.97 -26.14 69.83
CA LYS C 149 19.07 -26.17 71.28
C LYS C 149 20.01 -25.06 71.71
N VAL C 150 19.56 -24.22 72.65
CA VAL C 150 20.40 -23.21 73.29
C VAL C 150 20.49 -23.53 74.76
N ASP C 151 21.71 -23.72 75.27
CA ASP C 151 21.93 -24.24 76.62
C ASP C 151 21.21 -25.57 76.79
N ASN C 152 21.16 -26.34 75.70
CA ASN C 152 20.50 -27.65 75.66
C ASN C 152 18.99 -27.53 75.88
N ALA C 153 18.40 -26.40 75.51
CA ALA C 153 16.95 -26.18 75.55
C ALA C 153 16.42 -26.18 74.13
N LEU C 154 15.58 -27.18 73.81
CA LEU C 154 15.04 -27.29 72.45
C LEU C 154 14.20 -26.06 72.12
N GLN C 155 14.38 -25.54 70.90
CA GLN C 155 13.71 -24.32 70.48
C GLN C 155 12.57 -24.67 69.54
N SER C 156 11.55 -23.80 69.53
CA SER C 156 10.37 -24.03 68.71
C SER C 156 9.79 -22.70 68.24
N GLY C 157 9.39 -22.67 66.97
CA GLY C 157 8.71 -21.52 66.42
C GLY C 157 9.56 -20.32 66.09
N ASN C 158 10.89 -20.40 66.25
CA ASN C 158 11.74 -19.24 66.03
C ASN C 158 12.84 -19.51 65.01
N SER C 159 12.65 -20.51 64.15
CA SER C 159 13.58 -20.79 63.07
C SER C 159 12.80 -20.94 61.76
N GLN C 160 13.49 -20.73 60.64
CA GLN C 160 12.88 -20.87 59.33
C GLN C 160 13.81 -21.67 58.43
N GLU C 161 13.24 -22.54 57.60
CA GLU C 161 14.02 -23.40 56.72
C GLU C 161 13.84 -22.98 55.27
N SER C 162 14.88 -23.23 54.48
CA SER C 162 14.89 -22.97 53.06
C SER C 162 15.70 -24.08 52.40
N VAL C 163 15.21 -24.59 51.27
CA VAL C 163 15.79 -25.76 50.63
C VAL C 163 16.06 -25.45 49.17
N THR C 164 17.24 -25.82 48.69
CA THR C 164 17.52 -25.63 47.29
C THR C 164 16.65 -26.58 46.46
N GLU C 165 16.47 -26.23 45.20
CA GLU C 165 15.88 -27.19 44.29
C GLU C 165 16.90 -28.30 44.07
N GLN C 166 16.40 -29.48 43.76
CA GLN C 166 17.28 -30.61 43.51
C GLN C 166 18.33 -30.24 42.48
N ASP C 167 19.60 -30.49 42.81
CA ASP C 167 20.66 -30.10 41.89
C ASP C 167 20.52 -30.88 40.60
N SER C 168 20.70 -30.17 39.47
CA SER C 168 20.58 -30.82 38.17
C SER C 168 21.71 -31.81 37.91
N LYS C 169 22.90 -31.56 38.46
CA LYS C 169 24.06 -32.40 38.20
C LYS C 169 24.04 -33.66 39.08
N ASP C 170 24.02 -33.51 40.41
CA ASP C 170 24.16 -34.64 41.33
C ASP C 170 22.88 -34.95 42.10
N SER C 171 21.78 -34.32 41.75
CA SER C 171 20.48 -34.65 42.32
C SER C 171 20.44 -34.53 43.84
N THR C 172 21.35 -33.77 44.44
CA THR C 172 21.34 -33.58 45.90
C THR C 172 20.60 -32.29 46.26
N TYR C 173 20.22 -32.23 47.53
CA TYR C 173 19.61 -31.04 48.10
C TYR C 173 20.57 -30.36 49.07
N SER C 174 20.28 -29.09 49.34
CA SER C 174 20.91 -28.36 50.45
C SER C 174 19.82 -27.56 51.15
N LEU C 175 19.99 -27.40 52.44
CA LEU C 175 18.98 -26.80 53.29
C LEU C 175 19.66 -25.87 54.27
N SER C 176 18.94 -24.80 54.63
CA SER C 176 19.39 -23.88 55.65
C SER C 176 18.28 -23.76 56.68
N SER C 177 18.68 -23.74 57.96
CA SER C 177 17.79 -23.41 59.06
C SER C 177 18.37 -22.17 59.73
N THR C 178 17.51 -21.16 59.95
CA THR C 178 17.92 -19.87 60.51
C THR C 178 17.16 -19.64 61.80
N LEU C 179 17.89 -19.60 62.90
CA LEU C 179 17.35 -19.33 64.22
C LEU C 179 17.46 -17.83 64.50
N THR C 180 16.35 -17.22 64.92
CA THR C 180 16.32 -15.78 65.18
C THR C 180 16.06 -15.51 66.65
N LEU C 181 16.96 -14.73 67.26
CA LEU C 181 16.78 -14.34 68.65
C LEU C 181 17.11 -12.86 68.76
N SER C 182 16.59 -12.23 69.81
CA SER C 182 16.97 -10.87 70.13
C SER C 182 18.39 -10.86 70.72
N LYS C 183 19.06 -9.72 70.54
CA LYS C 183 20.39 -9.56 71.14
C LYS C 183 20.32 -9.83 72.63
N ALA C 184 19.24 -9.39 73.27
CA ALA C 184 19.02 -9.67 74.68
C ALA C 184 19.06 -11.17 74.96
N ASP C 185 18.16 -11.93 74.33
CA ASP C 185 18.10 -13.37 74.57
C ASP C 185 19.38 -14.07 74.16
N TYR C 186 20.06 -13.59 73.13
CA TYR C 186 21.29 -14.24 72.68
C TYR C 186 22.41 -14.15 73.73
N GLU C 187 22.57 -13.00 74.36
CA GLU C 187 23.70 -12.84 75.28
C GLU C 187 23.40 -13.39 76.67
N LYS C 188 22.24 -14.00 76.89
CA LYS C 188 21.95 -14.62 78.18
C LYS C 188 22.19 -16.12 78.16
N HIS C 189 22.61 -16.69 77.02
CA HIS C 189 22.92 -18.11 76.95
C HIS C 189 24.30 -18.36 76.35
N LYS C 190 24.82 -19.58 76.44
CA LYS C 190 26.21 -19.78 76.02
C LYS C 190 26.35 -20.79 74.89
N VAL C 191 25.70 -21.95 74.94
CA VAL C 191 25.93 -22.98 73.92
C VAL C 191 24.82 -22.94 72.89
N TYR C 192 25.17 -22.88 71.61
CA TYR C 192 24.19 -22.81 70.54
C TYR C 192 24.41 -24.02 69.66
N ALA C 193 23.40 -24.90 69.58
CA ALA C 193 23.56 -26.22 68.99
C ALA C 193 22.58 -26.44 67.85
N CYS C 194 23.09 -27.01 66.77
CA CYS C 194 22.28 -27.46 65.64
C CYS C 194 22.38 -28.97 65.57
N GLU C 195 21.24 -29.66 65.63
CA GLU C 195 21.23 -31.12 65.62
C GLU C 195 20.36 -31.62 64.48
N VAL C 196 20.96 -32.44 63.61
CA VAL C 196 20.34 -32.90 62.39
C VAL C 196 20.29 -34.42 62.40
N THR C 197 19.13 -34.96 61.99
CA THR C 197 18.93 -36.38 61.77
C THR C 197 18.63 -36.62 60.29
N HIS C 198 19.36 -37.57 59.70
CA HIS C 198 19.20 -37.88 58.28
C HIS C 198 19.43 -39.37 58.07
N GLN C 199 18.89 -39.88 56.96
CA GLN C 199 19.03 -41.31 56.65
C GLN C 199 20.47 -41.71 56.42
N GLY C 200 21.30 -40.81 55.92
CA GLY C 200 22.69 -41.13 55.69
C GLY C 200 23.59 -41.10 56.90
N LEU C 201 23.07 -40.73 58.06
CA LEU C 201 23.83 -40.69 59.32
C LEU C 201 23.40 -41.82 60.24
N SER C 202 24.35 -42.63 60.67
CA SER C 202 24.05 -43.71 61.62
C SER C 202 23.50 -43.16 62.93
N SER C 203 23.83 -41.92 63.27
CA SER C 203 23.40 -41.30 64.51
C SER C 203 23.35 -39.80 64.28
N PRO C 204 22.52 -39.07 65.03
CA PRO C 204 22.33 -37.64 64.75
C PRO C 204 23.64 -36.86 64.88
N VAL C 205 23.79 -35.84 64.05
CA VAL C 205 24.98 -35.00 64.02
C VAL C 205 24.64 -33.64 64.62
N THR C 206 25.46 -33.22 65.58
CA THR C 206 25.29 -31.95 66.28
C THR C 206 26.49 -31.06 66.00
N LYS C 207 26.22 -29.85 65.50
CA LYS C 207 27.22 -28.80 65.46
C LYS C 207 26.83 -27.71 66.44
N SER C 208 27.81 -27.12 67.10
CA SER C 208 27.53 -26.16 68.15
C SER C 208 28.69 -25.18 68.27
N PHE C 209 28.42 -24.08 68.97
CA PHE C 209 29.46 -23.12 69.29
C PHE C 209 29.13 -22.48 70.62
N ASN C 210 30.13 -21.83 71.21
CA ASN C 210 29.95 -21.02 72.42
C ASN C 210 29.99 -19.55 72.05
N ARG C 211 29.10 -18.75 72.64
CA ARG C 211 29.06 -17.32 72.37
C ARG C 211 30.40 -16.63 72.72
N GLY C 212 31.21 -16.35 71.70
CA GLY C 212 32.53 -15.79 71.92
C GLY C 212 33.57 -16.84 71.58
N GLU C 213 34.40 -16.59 70.57
CA GLU C 213 35.39 -17.57 70.07
C GLU C 213 36.45 -16.92 69.17
N SER D 2 52.04 3.18 4.08
CA SER D 2 51.32 2.50 5.15
C SER D 2 49.80 2.53 4.94
N THR D 3 49.09 2.21 6.01
CA THR D 3 47.64 2.03 6.01
C THR D 3 47.07 2.66 7.28
N VAL D 4 46.01 3.45 7.14
CA VAL D 4 45.28 3.98 8.29
C VAL D 4 43.89 3.38 8.25
N PRO D 5 43.44 2.71 9.33
CA PRO D 5 42.12 2.03 9.32
C PRO D 5 40.98 3.00 9.49
N PRO D 6 39.87 2.78 8.78
CA PRO D 6 38.72 3.69 8.88
C PRO D 6 37.94 3.56 10.18
N MET D 7 37.34 4.69 10.57
CA MET D 7 36.27 4.72 11.57
C MET D 7 34.99 4.41 10.79
N VAL D 8 34.17 3.47 11.27
CA VAL D 8 32.92 3.12 10.57
C VAL D 8 31.78 3.53 11.47
N ASN D 9 30.83 4.30 10.93
CA ASN D 9 29.67 4.74 11.69
C ASN D 9 28.39 4.50 10.89
N VAL D 10 27.39 3.90 11.51
CA VAL D 10 26.11 3.63 10.86
C VAL D 10 25.02 4.42 11.57
N THR D 11 24.25 5.19 10.80
CA THR D 11 23.14 5.96 11.35
C THR D 11 21.86 5.64 10.59
N ARG D 12 20.72 5.83 11.26
CA ARG D 12 19.38 5.70 10.69
C ARG D 12 18.80 7.10 10.55
N SER D 13 18.13 7.37 9.43
CA SER D 13 17.55 8.69 9.27
C SER D 13 16.38 8.60 8.28
N GLU D 14 15.61 9.70 8.23
CA GLU D 14 14.58 9.91 7.21
C GLU D 14 13.47 8.86 7.29
N ALA D 15 13.08 8.49 8.50
CA ALA D 15 12.03 7.50 8.64
C ALA D 15 10.76 8.08 8.06
N SER D 16 10.08 7.31 7.24
CA SER D 16 8.90 7.81 6.55
C SER D 16 8.14 6.69 5.87
N GLU D 17 6.84 6.61 6.08
CA GLU D 17 6.01 5.65 5.35
C GLU D 17 6.44 4.20 5.59
N GLY D 18 6.77 3.86 6.83
CA GLY D 18 7.22 2.52 7.13
C GLY D 18 8.67 2.24 6.80
N ASN D 19 9.37 3.18 6.15
CA ASN D 19 10.73 2.99 5.66
C ASN D 19 11.74 3.86 6.41
N ILE D 20 13.02 3.54 6.24
CA ILE D 20 14.09 4.30 6.89
C ILE D 20 15.35 4.18 6.05
N THR D 21 16.23 5.20 6.15
CA THR D 21 17.50 5.23 5.42
C THR D 21 18.62 4.85 6.39
N VAL D 22 19.43 3.87 6.01
CA VAL D 22 20.60 3.49 6.78
C VAL D 22 21.83 3.95 5.99
N THR D 23 22.71 4.66 6.67
CA THR D 23 23.90 5.24 6.06
C THR D 23 25.11 4.70 6.80
N CYS D 24 26.12 4.30 6.05
CA CYS D 24 27.35 3.79 6.60
C CYS D 24 28.47 4.73 6.19
N ARG D 25 29.16 5.30 7.17
CA ARG D 25 30.23 6.27 6.94
C ARG D 25 31.57 5.66 7.32
N ALA D 26 32.49 5.66 6.38
CA ALA D 26 33.89 5.29 6.63
C ALA D 26 34.70 6.57 6.55
N SER D 27 35.42 6.90 7.62
CA SER D 27 36.13 8.17 7.65
C SER D 27 37.57 8.01 8.14
N SER D 28 38.43 8.91 7.63
CA SER D 28 39.81 9.04 8.06
C SER D 28 40.60 7.74 7.85
N PHE D 29 40.61 7.29 6.60
CA PHE D 29 41.32 6.07 6.23
C PHE D 29 42.32 6.37 5.12
N TYR D 30 43.31 5.48 4.97
CA TYR D 30 44.33 5.68 3.96
C TYR D 30 44.93 4.32 3.63
N PRO D 31 45.15 4.01 2.35
CA PRO D 31 44.94 4.82 1.13
C PRO D 31 43.49 4.93 0.62
N ARG D 32 43.39 5.38 -0.64
CA ARG D 32 42.12 5.75 -1.26
C ARG D 32 41.19 4.57 -1.45
N ASN D 33 41.75 3.39 -1.72
CA ASN D 33 40.98 2.23 -2.13
C ASN D 33 40.17 1.67 -0.98
N ILE D 34 38.87 1.48 -1.21
CA ILE D 34 37.99 0.93 -0.20
C ILE D 34 36.80 0.26 -0.86
N ILE D 35 36.33 -0.81 -0.23
CA ILE D 35 35.07 -1.43 -0.58
C ILE D 35 34.12 -1.11 0.54
N LEU D 36 32.95 -0.55 0.21
CA LEU D 36 31.95 -0.22 1.21
C LEU D 36 30.61 -0.57 0.60
N THR D 37 29.85 -1.46 1.24
CA THR D 37 28.57 -1.88 0.65
C THR D 37 27.65 -2.39 1.74
N TRP D 38 26.36 -2.20 1.51
CA TRP D 38 25.35 -2.80 2.37
C TRP D 38 25.18 -4.27 1.99
N ARG D 39 24.97 -5.10 2.99
CA ARG D 39 24.64 -6.50 2.77
C ARG D 39 23.26 -6.80 3.37
N GLN D 40 22.55 -7.73 2.75
CA GLN D 40 21.20 -8.11 3.18
C GLN D 40 21.23 -9.61 3.42
N ASP D 41 21.03 -10.05 4.68
CA ASP D 41 21.30 -11.45 5.07
C ASP D 41 22.71 -11.89 4.65
N GLY D 42 23.67 -10.97 4.68
CA GLY D 42 25.02 -11.31 4.31
C GLY D 42 25.34 -11.27 2.83
N VAL D 43 24.37 -10.95 1.97
CA VAL D 43 24.55 -10.84 0.52
C VAL D 43 24.53 -9.38 0.13
N SER D 44 25.59 -8.94 -0.55
CA SER D 44 25.77 -7.55 -0.98
C SER D 44 24.63 -7.07 -1.87
N LEU D 45 24.18 -5.86 -1.61
CA LEU D 45 23.21 -5.25 -2.50
C LEU D 45 23.85 -4.89 -3.84
N SER D 46 23.02 -4.77 -4.87
CA SER D 46 23.54 -4.32 -6.15
C SER D 46 23.87 -2.83 -6.07
N HIS D 47 24.38 -2.30 -7.18
CA HIS D 47 24.65 -0.87 -7.25
C HIS D 47 23.36 -0.05 -7.30
N ASP D 48 22.30 -0.56 -7.92
CA ASP D 48 21.07 0.20 -8.16
C ASP D 48 20.25 0.48 -6.91
N THR D 49 20.45 -0.26 -5.82
CA THR D 49 19.63 -0.10 -4.63
C THR D 49 20.33 0.68 -3.56
N GLN D 50 21.52 1.21 -3.84
CA GLN D 50 22.31 1.93 -2.88
C GLN D 50 22.70 3.29 -3.43
N GLN D 51 22.95 4.23 -2.52
CA GLN D 51 23.44 5.57 -2.84
C GLN D 51 24.88 5.66 -2.36
N TRP D 52 25.72 6.24 -3.21
CA TRP D 52 27.16 6.19 -3.07
C TRP D 52 27.74 7.60 -2.94
N GLY D 53 28.51 7.82 -1.92
CA GLY D 53 29.28 9.04 -1.80
C GLY D 53 30.64 8.93 -2.47
N ASP D 54 31.21 10.06 -2.85
CA ASP D 54 32.57 10.03 -3.38
C ASP D 54 33.56 9.73 -2.27
N VAL D 55 34.70 9.16 -2.66
CA VAL D 55 35.83 9.01 -1.74
C VAL D 55 36.59 10.33 -1.74
N LEU D 56 36.47 11.10 -0.65
CA LEU D 56 36.97 12.48 -0.62
C LEU D 56 38.09 12.66 0.38
N PRO D 57 39.06 13.52 0.07
CA PRO D 57 40.17 13.74 1.01
C PRO D 57 39.73 14.46 2.28
N ASP D 58 40.35 14.06 3.38
CA ASP D 58 40.06 14.59 4.72
C ASP D 58 40.53 16.03 4.88
N GLY D 59 41.75 16.30 4.45
CA GLY D 59 42.46 17.49 4.87
C GLY D 59 43.43 17.23 6.00
N ASN D 60 43.41 16.04 6.59
CA ASN D 60 44.40 15.56 7.53
C ASN D 60 45.21 14.40 6.95
N GLY D 61 45.23 14.26 5.63
CA GLY D 61 45.94 13.18 4.98
C GLY D 61 45.15 11.89 4.82
N THR D 62 43.86 11.88 5.13
CA THR D 62 43.07 10.67 5.05
C THR D 62 41.85 10.88 4.13
N TYR D 63 40.98 9.88 4.06
CA TYR D 63 39.83 9.94 3.17
C TYR D 63 38.57 9.61 3.93
N GLN D 64 37.44 9.89 3.30
CA GLN D 64 36.17 9.52 3.87
C GLN D 64 35.20 9.28 2.73
N THR D 65 34.22 8.42 3.00
CA THR D 65 33.16 8.12 2.03
C THR D 65 31.93 7.55 2.77
N TRP D 66 30.89 7.23 2.01
CA TRP D 66 29.67 6.68 2.62
C TRP D 66 28.87 5.92 1.59
N VAL D 67 28.01 5.03 2.08
CA VAL D 67 27.02 4.35 1.25
C VAL D 67 25.72 4.22 2.04
N ALA D 68 24.60 4.42 1.37
CA ALA D 68 23.32 4.43 2.03
C ALA D 68 22.33 3.58 1.25
N THR D 69 21.29 3.10 1.93
CA THR D 69 20.25 2.33 1.29
C THR D 69 18.97 2.51 2.09
N ARG D 70 17.84 2.28 1.42
CA ARG D 70 16.53 2.49 2.01
C ARG D 70 15.86 1.15 2.27
N ILE D 71 15.51 0.89 3.52
CA ILE D 71 15.01 -0.41 3.92
C ILE D 71 13.68 -0.23 4.64
N CYS D 72 13.01 -1.37 4.86
CA CYS D 72 11.74 -1.40 5.57
C CYS D 72 12.03 -1.30 7.06
N ARG D 73 11.38 -0.36 7.72
CA ARG D 73 11.63 -0.20 9.14
C ARG D 73 11.10 -1.44 9.82
N GLY D 74 11.96 -2.06 10.65
CA GLY D 74 11.67 -3.35 11.24
C GLY D 74 12.59 -4.46 10.81
N GLU D 75 13.20 -4.34 9.63
CA GLU D 75 14.11 -5.35 9.11
C GLU D 75 15.59 -4.95 9.24
N GLU D 76 15.91 -3.96 10.08
CA GLU D 76 17.27 -3.48 10.23
C GLU D 76 18.29 -4.58 10.53
N GLN D 77 17.93 -5.53 11.38
CA GLN D 77 18.94 -6.52 11.74
C GLN D 77 19.40 -7.37 10.55
N ARG D 78 18.62 -7.42 9.47
CA ARG D 78 19.04 -8.16 8.28
C ARG D 78 20.05 -7.40 7.44
N PHE D 79 20.35 -6.15 7.77
CA PHE D 79 21.18 -5.30 6.93
C PHE D 79 22.45 -4.96 7.68
N THR D 80 23.59 -5.14 7.02
CA THR D 80 24.88 -4.84 7.62
C THR D 80 25.72 -4.09 6.61
N CYS D 81 26.64 -3.28 7.14
CA CYS D 81 27.58 -2.52 6.34
C CYS D 81 28.90 -3.28 6.28
N TYR D 82 29.36 -3.57 5.07
CA TYR D 82 30.55 -4.37 4.90
C TYR D 82 31.67 -3.53 4.31
N MET D 83 32.87 -3.67 4.85
CA MET D 83 33.98 -2.89 4.31
C MET D 83 35.27 -3.70 4.23
N GLU D 84 35.99 -3.52 3.12
CA GLU D 84 37.33 -4.06 2.90
C GLU D 84 38.29 -2.91 2.66
N HIS D 85 39.38 -2.86 3.43
CA HIS D 85 40.39 -1.81 3.31
C HIS D 85 41.78 -2.38 3.57
N SER D 86 42.65 -2.32 2.57
CA SER D 86 44.03 -2.81 2.65
C SER D 86 44.10 -4.16 3.35
N GLY D 87 43.38 -5.13 2.80
CA GLY D 87 43.46 -6.48 3.28
C GLY D 87 42.53 -6.82 4.43
N ASN D 88 42.08 -5.81 5.18
CA ASN D 88 41.22 -6.01 6.34
C ASN D 88 39.74 -5.94 5.98
N HIS D 89 38.91 -6.60 6.79
CA HIS D 89 37.47 -6.66 6.56
C HIS D 89 36.74 -6.32 7.85
N SER D 90 35.53 -5.77 7.72
CA SER D 90 34.68 -5.66 8.89
C SER D 90 33.23 -5.53 8.46
N THR D 91 32.36 -5.84 9.41
CA THR D 91 30.93 -5.78 9.19
C THR D 91 30.34 -5.05 10.39
N HIS D 92 29.44 -4.11 10.13
CA HIS D 92 28.83 -3.35 11.21
C HIS D 92 27.31 -3.43 11.15
N PRO D 93 26.65 -3.60 12.29
CA PRO D 93 25.18 -3.68 12.29
C PRO D 93 24.57 -2.28 12.22
N VAL D 94 23.26 -2.25 11.99
CA VAL D 94 22.49 -1.03 12.20
C VAL D 94 22.16 -0.91 13.68
N PRO D 95 22.47 0.21 14.32
CA PRO D 95 22.26 0.32 15.77
C PRO D 95 20.77 0.23 16.11
N SER D 96 20.45 -0.68 17.04
CA SER D 96 19.08 -0.90 17.46
C SER D 96 18.57 0.22 18.37
N GLU E 1 9.51 -29.63 7.78
CA GLU E 1 8.23 -28.95 7.59
C GLU E 1 8.34 -27.54 6.93
N VAL E 2 9.55 -26.98 6.80
CA VAL E 2 9.91 -26.26 5.56
C VAL E 2 10.06 -27.26 4.42
N GLN E 3 9.42 -26.98 3.29
CA GLN E 3 9.45 -27.85 2.13
C GLN E 3 9.62 -27.06 0.84
N LEU E 4 10.48 -27.56 -0.04
CA LEU E 4 10.66 -27.01 -1.39
C LEU E 4 10.57 -28.14 -2.40
N VAL E 5 9.72 -27.99 -3.42
CA VAL E 5 9.45 -29.03 -4.42
C VAL E 5 9.61 -28.43 -5.83
N GLU E 6 10.65 -28.86 -6.55
CA GLU E 6 10.95 -28.43 -7.92
C GLU E 6 10.18 -29.24 -8.97
N SER E 7 10.02 -28.63 -10.15
CA SER E 7 9.51 -29.22 -11.40
C SER E 7 9.76 -28.18 -12.49
N GLY E 8 9.68 -28.55 -13.77
CA GLY E 8 9.73 -29.87 -14.33
C GLY E 8 10.82 -29.76 -15.41
N GLY E 9 11.96 -30.34 -15.09
CA GLY E 9 12.98 -30.53 -16.08
C GLY E 9 12.57 -31.67 -17.00
N GLY E 10 13.44 -31.92 -17.98
CA GLY E 10 13.18 -32.89 -19.02
C GLY E 10 14.22 -32.70 -20.11
N LEU E 11 13.95 -33.31 -21.24
CA LEU E 11 14.83 -33.23 -22.39
C LEU E 11 14.46 -32.00 -23.20
N VAL E 12 15.45 -31.19 -23.57
CA VAL E 12 15.23 -29.96 -24.35
C VAL E 12 16.31 -29.90 -25.41
N GLN E 13 15.96 -29.38 -26.58
CA GLN E 13 16.99 -29.31 -27.61
C GLN E 13 17.95 -28.15 -27.35
N PRO E 14 19.21 -28.28 -27.76
CA PRO E 14 20.14 -27.15 -27.63
C PRO E 14 19.58 -25.90 -28.30
N GLY E 15 19.81 -24.75 -27.68
CA GLY E 15 19.18 -23.53 -28.14
C GLY E 15 17.74 -23.36 -27.73
N GLY E 16 17.13 -24.37 -27.13
CA GLY E 16 15.75 -24.31 -26.70
C GLY E 16 15.55 -23.60 -25.37
N SER E 17 14.33 -23.70 -24.88
CA SER E 17 13.91 -23.02 -23.68
C SER E 17 13.18 -23.99 -22.78
N LEU E 18 13.23 -23.71 -21.50
CA LEU E 18 12.58 -24.57 -20.51
C LEU E 18 12.37 -23.72 -19.26
N ARG E 19 11.23 -23.93 -18.57
CA ARG E 19 10.86 -23.18 -17.38
C ARG E 19 10.80 -24.14 -16.19
N LEU E 20 11.65 -23.88 -15.19
CA LEU E 20 11.62 -24.60 -13.92
C LEU E 20 10.80 -23.85 -12.90
N SER E 21 10.13 -24.59 -12.02
CA SER E 21 9.38 -23.96 -10.96
C SER E 21 9.66 -24.68 -9.65
N CYS E 22 9.40 -23.96 -8.56
CA CYS E 22 9.65 -24.49 -7.23
C CYS E 22 8.52 -24.04 -6.33
N ALA E 23 7.81 -25.00 -5.73
CA ALA E 23 6.71 -24.68 -4.82
C ALA E 23 7.21 -24.77 -3.38
N ALA E 24 7.01 -23.70 -2.61
CA ALA E 24 7.44 -23.60 -1.23
C ALA E 24 6.27 -23.75 -0.25
N SER E 25 6.56 -24.29 0.94
CA SER E 25 5.54 -24.37 1.98
C SER E 25 6.20 -24.41 3.36
N GLY E 26 5.39 -24.12 4.38
CA GLY E 26 5.85 -24.21 5.76
C GLY E 26 6.52 -22.97 6.32
N PHE E 27 6.50 -21.86 5.58
CA PHE E 27 7.09 -20.61 6.03
C PHE E 27 6.53 -19.49 5.18
N THR E 28 6.70 -18.25 5.66
CA THR E 28 6.29 -17.06 4.90
C THR E 28 7.32 -16.84 3.79
N PHE E 29 6.95 -17.27 2.58
CA PHE E 29 7.85 -17.24 1.43
C PHE E 29 8.31 -15.82 1.11
N SER E 30 7.44 -14.84 1.27
CA SER E 30 7.78 -13.47 0.90
C SER E 30 8.84 -12.84 1.81
N THR E 31 9.30 -13.49 2.84
CA THR E 31 10.31 -12.91 3.70
C THR E 31 11.68 -13.57 3.49
N TYR E 32 11.85 -14.47 2.53
CA TYR E 32 13.13 -15.17 2.32
C TYR E 32 13.64 -14.99 0.89
N SER E 33 14.93 -14.66 0.78
CA SER E 33 15.60 -14.72 -0.50
C SER E 33 15.78 -16.19 -0.90
N MET E 34 15.87 -16.42 -2.22
CA MET E 34 15.77 -17.75 -2.79
C MET E 34 16.87 -17.90 -3.85
N ASN E 35 17.26 -19.14 -4.14
CA ASN E 35 18.34 -19.42 -5.09
C ASN E 35 18.05 -20.67 -5.92
N TRP E 36 18.71 -20.75 -7.08
CA TRP E 36 18.86 -21.98 -7.84
C TRP E 36 20.32 -22.44 -7.80
N VAL E 37 20.53 -23.74 -7.55
CA VAL E 37 21.84 -24.37 -7.54
C VAL E 37 21.74 -25.63 -8.40
N ARG E 38 22.78 -25.91 -9.19
CA ARG E 38 22.73 -27.06 -10.08
C ARG E 38 23.95 -27.95 -9.86
N GLN E 39 23.81 -29.21 -10.29
CA GLN E 39 24.85 -30.23 -10.16
C GLN E 39 24.80 -31.09 -11.42
N ALA E 40 25.78 -30.95 -12.30
CA ALA E 40 25.81 -31.78 -13.48
C ALA E 40 26.11 -33.23 -13.07
N PRO E 41 25.67 -34.21 -13.86
CA PRO E 41 25.84 -35.62 -13.45
C PRO E 41 27.29 -35.91 -13.08
N GLY E 42 27.49 -36.31 -11.83
CA GLY E 42 28.83 -36.65 -11.37
C GLY E 42 29.76 -35.51 -11.01
N LYS E 43 29.26 -34.27 -10.93
CA LYS E 43 30.13 -33.14 -10.63
C LYS E 43 29.81 -32.60 -9.24
N GLY E 44 30.39 -31.45 -8.94
CA GLY E 44 30.09 -30.72 -7.74
C GLY E 44 28.90 -29.77 -7.91
N LEU E 45 28.69 -28.95 -6.90
CA LEU E 45 27.60 -27.99 -6.89
C LEU E 45 28.01 -26.67 -7.56
N GLU E 46 27.08 -26.09 -8.32
CA GLU E 46 27.31 -24.81 -8.97
C GLU E 46 26.15 -23.87 -8.70
N TRP E 47 26.41 -22.78 -7.99
CA TRP E 47 25.36 -21.79 -7.77
C TRP E 47 24.98 -21.13 -9.11
N VAL E 48 23.68 -20.95 -9.35
CA VAL E 48 23.16 -20.49 -10.63
C VAL E 48 22.61 -19.05 -10.55
N SER E 49 21.70 -18.81 -9.61
CA SER E 49 21.02 -17.52 -9.59
C SER E 49 20.44 -17.25 -8.22
N TYR E 50 20.32 -15.95 -7.88
CA TYR E 50 19.83 -15.47 -6.59
C TYR E 50 18.79 -14.37 -6.81
N ILE E 51 17.71 -14.38 -6.01
CA ILE E 51 16.69 -13.32 -6.01
C ILE E 51 16.26 -12.97 -4.58
N SER E 52 16.28 -11.66 -4.25
CA SER E 52 15.92 -11.22 -2.89
C SER E 52 14.41 -11.33 -2.69
N TYR E 53 13.96 -11.27 -1.42
CA TYR E 53 12.55 -11.56 -1.16
C TYR E 53 11.60 -10.52 -1.76
N ARG E 54 12.07 -9.32 -2.13
CA ARG E 54 11.24 -8.37 -2.85
C ARG E 54 11.72 -8.15 -4.29
N SER E 55 12.59 -9.05 -4.77
CA SER E 55 13.08 -9.07 -6.16
C SER E 55 13.93 -7.84 -6.47
N ARG E 56 14.39 -7.13 -5.46
CA ARG E 56 15.17 -5.92 -5.69
C ARG E 56 16.62 -6.24 -6.05
N THR E 57 17.18 -7.32 -5.54
CA THR E 57 18.54 -7.73 -5.82
C THR E 57 18.54 -9.10 -6.47
N ILE E 58 19.17 -9.21 -7.65
CA ILE E 58 19.18 -10.41 -8.47
C ILE E 58 20.59 -10.63 -8.99
N TYR E 59 21.08 -11.88 -8.92
CA TYR E 59 22.42 -12.23 -9.38
C TYR E 59 22.36 -13.51 -10.19
N TYR E 60 23.28 -13.62 -11.17
CA TYR E 60 23.47 -14.80 -12.01
C TYR E 60 24.96 -15.11 -12.09
N ALA E 61 25.27 -16.41 -12.13
CA ALA E 61 26.64 -16.80 -12.47
C ALA E 61 26.94 -16.39 -13.91
N ASP E 62 28.20 -16.05 -14.16
CA ASP E 62 28.60 -15.62 -15.50
C ASP E 62 28.21 -16.64 -16.56
N SER E 63 28.26 -17.93 -16.24
CA SER E 63 27.96 -18.92 -17.27
C SER E 63 26.50 -18.94 -17.69
N VAL E 64 25.60 -18.24 -17.01
CA VAL E 64 24.18 -18.21 -17.41
C VAL E 64 23.65 -16.80 -17.63
N LYS E 65 24.41 -15.77 -17.27
CA LYS E 65 24.00 -14.40 -17.45
C LYS E 65 23.62 -14.16 -18.90
N GLY E 66 22.52 -13.47 -19.14
CA GLY E 66 22.03 -13.25 -20.48
C GLY E 66 21.11 -14.34 -21.00
N ARG E 67 21.16 -15.54 -20.43
CA ARG E 67 20.34 -16.64 -20.91
C ARG E 67 19.28 -17.09 -19.92
N PHE E 68 19.52 -16.95 -18.61
CA PHE E 68 18.54 -17.38 -17.60
C PHE E 68 17.93 -16.16 -16.92
N THR E 69 16.66 -16.29 -16.53
CA THR E 69 15.94 -15.25 -15.81
C THR E 69 15.30 -15.90 -14.59
N ILE E 70 15.62 -15.39 -13.40
CA ILE E 70 15.03 -15.85 -12.16
C ILE E 70 13.90 -14.88 -11.82
N SER E 71 12.81 -15.39 -11.27
CA SER E 71 11.71 -14.54 -10.82
C SER E 71 10.96 -15.32 -9.77
N ARG E 72 10.07 -14.64 -9.05
CA ARG E 72 9.31 -15.27 -7.98
C ARG E 72 7.92 -14.66 -7.97
N ASP E 73 6.95 -15.42 -7.46
CA ASP E 73 5.59 -14.90 -7.25
C ASP E 73 5.24 -15.17 -5.78
N ASN E 74 5.39 -14.15 -4.95
CA ASN E 74 5.22 -14.35 -3.51
C ASN E 74 3.80 -14.76 -3.17
N ALA E 75 2.81 -14.31 -3.95
CA ALA E 75 1.44 -14.70 -3.70
C ALA E 75 1.17 -16.19 -4.00
N ARG E 76 2.04 -16.86 -4.75
CA ARG E 76 1.83 -18.27 -5.04
C ARG E 76 2.94 -19.15 -4.51
N ASN E 77 3.73 -18.65 -3.57
CA ASN E 77 4.74 -19.47 -2.92
C ASN E 77 5.64 -20.18 -3.93
N SER E 78 6.02 -19.46 -5.00
CA SER E 78 6.71 -20.06 -6.14
C SER E 78 7.96 -19.30 -6.58
N LEU E 79 8.99 -20.07 -6.93
CA LEU E 79 10.21 -19.58 -7.54
C LEU E 79 10.33 -20.14 -8.96
N TYR E 80 10.83 -19.32 -9.91
CA TYR E 80 10.95 -19.75 -11.29
C TYR E 80 12.37 -19.57 -11.81
N LEU E 81 12.76 -20.41 -12.78
CA LEU E 81 13.97 -20.19 -13.54
C LEU E 81 13.59 -20.40 -15.00
N GLN E 82 13.61 -19.31 -15.77
CA GLN E 82 13.39 -19.39 -17.20
C GLN E 82 14.73 -19.58 -17.88
N MET E 83 14.86 -20.66 -18.63
CA MET E 83 16.10 -21.08 -19.26
C MET E 83 15.94 -20.91 -20.77
N ASN E 84 16.77 -20.09 -21.40
CA ASN E 84 16.78 -19.91 -22.84
C ASN E 84 18.19 -20.19 -23.36
N SER E 85 18.29 -20.39 -24.67
CA SER E 85 19.59 -20.67 -25.30
C SER E 85 20.32 -21.81 -24.60
N LEU E 86 19.57 -22.87 -24.28
CA LEU E 86 20.14 -23.94 -23.49
C LEU E 86 21.32 -24.59 -24.22
N ARG E 87 22.36 -24.92 -23.47
CA ARG E 87 23.57 -25.56 -23.97
C ARG E 87 23.73 -26.91 -23.31
N ASP E 88 24.61 -27.73 -23.90
CA ASP E 88 24.83 -29.07 -23.38
C ASP E 88 25.35 -29.03 -21.94
N GLU E 89 26.28 -28.12 -21.65
CA GLU E 89 26.75 -28.00 -20.27
C GLU E 89 25.68 -27.49 -19.29
N ASP E 90 24.44 -27.21 -19.73
CA ASP E 90 23.41 -26.89 -18.77
C ASP E 90 22.72 -28.13 -18.22
N THR E 91 23.06 -29.31 -18.75
CA THR E 91 22.48 -30.57 -18.27
C THR E 91 22.86 -30.77 -16.81
N ALA E 92 21.85 -30.93 -15.95
CA ALA E 92 22.13 -31.01 -14.51
C ALA E 92 20.84 -31.28 -13.75
N VAL E 93 20.98 -31.64 -12.48
CA VAL E 93 19.88 -31.49 -11.53
C VAL E 93 19.84 -30.06 -11.03
N TYR E 94 18.67 -29.43 -11.05
CA TYR E 94 18.49 -28.04 -10.61
C TYR E 94 17.80 -28.05 -9.26
N TYR E 95 18.47 -27.45 -8.27
CA TYR E 95 17.99 -27.37 -6.90
C TYR E 95 17.48 -25.98 -6.60
N CYS E 96 16.32 -25.94 -5.96
CA CYS E 96 15.75 -24.79 -5.30
C CYS E 96 16.36 -24.70 -3.89
N ALA E 97 16.83 -23.53 -3.49
CA ALA E 97 17.45 -23.43 -2.17
C ALA E 97 17.09 -22.11 -1.52
N ARG E 98 16.63 -22.16 -0.27
CA ARG E 98 16.28 -20.97 0.49
C ARG E 98 17.53 -20.36 1.13
N TRP E 99 17.55 -19.03 1.23
CA TRP E 99 18.66 -18.30 1.87
C TRP E 99 18.30 -17.98 3.32
N GLY E 100 19.21 -18.32 4.23
CA GLY E 100 18.91 -18.19 5.64
C GLY E 100 18.78 -16.74 6.09
N TYR E 101 17.82 -16.49 6.97
CA TYR E 101 17.59 -15.18 7.54
C TYR E 101 18.80 -14.71 8.32
N GLY E 102 19.20 -13.45 8.10
CA GLY E 102 20.28 -12.84 8.86
C GLY E 102 21.67 -13.38 8.57
N SER E 103 21.92 -14.66 8.87
CA SER E 103 23.27 -15.24 8.69
C SER E 103 23.46 -16.03 7.38
N GLY E 104 22.47 -16.11 6.53
CA GLY E 104 22.75 -16.63 5.18
C GLY E 104 22.92 -18.14 5.12
N GLY E 105 23.50 -18.57 4.01
CA GLY E 105 23.62 -20.00 3.74
C GLY E 105 22.39 -20.56 3.07
N PHE E 106 22.58 -21.61 2.28
CA PHE E 106 21.45 -22.33 1.68
C PHE E 106 20.89 -23.27 2.75
N ASP E 107 19.87 -22.82 3.49
CA ASP E 107 19.47 -23.54 4.71
C ASP E 107 18.39 -24.59 4.48
N TYR E 108 17.66 -24.53 3.36
CA TYR E 108 16.80 -25.64 2.98
C TYR E 108 16.89 -25.84 1.47
N TRP E 109 16.82 -27.11 1.05
CA TRP E 109 16.96 -27.50 -0.34
C TRP E 109 15.77 -28.33 -0.79
N GLY E 110 15.43 -28.20 -2.07
CA GLY E 110 14.50 -29.12 -2.69
C GLY E 110 15.25 -30.37 -3.15
N GLN E 111 14.52 -31.25 -3.77
CA GLN E 111 15.15 -32.41 -4.37
C GLN E 111 15.48 -32.39 -5.81
N GLY E 112 15.22 -31.35 -6.48
CA GLY E 112 15.87 -31.31 -7.80
C GLY E 112 14.99 -31.88 -8.88
N THR E 113 15.12 -31.28 -10.05
CA THR E 113 14.62 -31.78 -11.31
C THR E 113 15.75 -31.83 -12.29
N LEU E 114 15.78 -32.90 -13.09
CA LEU E 114 16.83 -33.13 -14.05
C LEU E 114 16.47 -32.45 -15.36
N VAL E 115 17.40 -31.63 -15.86
CA VAL E 115 17.28 -30.99 -17.16
C VAL E 115 18.37 -31.59 -18.05
N THR E 116 17.96 -32.13 -19.20
CA THR E 116 18.88 -32.75 -20.15
C THR E 116 18.83 -31.95 -21.42
N VAL E 117 19.97 -31.44 -21.86
CA VAL E 117 20.04 -30.65 -23.08
C VAL E 117 20.76 -31.48 -24.13
N SER E 118 20.03 -31.88 -25.17
CA SER E 118 20.55 -32.76 -26.21
C SER E 118 19.65 -32.72 -27.44
N SER E 119 20.24 -33.06 -28.59
CA SER E 119 19.52 -33.25 -29.85
C SER E 119 19.22 -34.71 -30.14
N ALA E 120 19.42 -35.59 -29.17
CA ALA E 120 19.20 -37.01 -29.37
C ALA E 120 17.76 -37.33 -28.98
N SER E 121 17.24 -38.39 -29.55
CA SER E 121 15.83 -38.67 -29.39
C SER E 121 15.52 -39.46 -28.14
N THR E 122 14.32 -39.27 -27.64
CA THR E 122 13.79 -40.09 -26.58
C THR E 122 13.63 -41.51 -27.10
N LYS E 123 14.17 -42.48 -26.36
CA LYS E 123 14.08 -43.89 -26.72
C LYS E 123 13.89 -44.72 -25.46
N GLY E 124 12.91 -45.62 -25.46
CA GLY E 124 12.67 -46.53 -24.36
C GLY E 124 13.54 -47.78 -24.43
N PRO E 125 13.77 -48.41 -23.28
CA PRO E 125 14.70 -49.54 -23.23
C PRO E 125 14.07 -50.89 -23.50
N SER E 126 14.93 -51.86 -23.78
CA SER E 126 14.64 -53.30 -23.74
C SER E 126 15.11 -53.83 -22.39
N VAL E 127 14.43 -54.85 -21.85
CA VAL E 127 14.57 -55.13 -20.42
C VAL E 127 15.32 -56.45 -20.09
N PHE E 128 15.35 -57.44 -20.97
CA PHE E 128 16.09 -58.72 -20.81
C PHE E 128 16.39 -59.28 -19.42
N PRO E 129 16.08 -60.57 -19.20
CA PRO E 129 16.33 -61.19 -17.89
C PRO E 129 17.79 -61.55 -17.67
N LEU E 130 18.20 -61.51 -16.41
CA LEU E 130 19.48 -62.02 -15.93
C LEU E 130 19.27 -63.35 -15.20
N ALA E 131 19.62 -64.46 -15.90
CA ALA E 131 19.57 -65.92 -15.78
C ALA E 131 19.00 -66.69 -14.58
N PRO E 132 19.59 -66.61 -13.37
CA PRO E 132 20.07 -67.67 -12.47
C PRO E 132 20.37 -68.98 -13.18
N THR E 141 22.66 -69.51 -1.75
CA THR E 141 22.07 -68.25 -2.20
C THR E 141 22.30 -67.99 -3.69
N ALA E 142 21.28 -67.44 -4.36
CA ALA E 142 21.30 -67.21 -5.80
C ALA E 142 21.11 -65.72 -6.10
N ALA E 143 21.57 -65.32 -7.29
CA ALA E 143 21.46 -63.93 -7.72
C ALA E 143 20.74 -63.87 -9.07
N LEU E 144 19.82 -62.93 -9.21
CA LEU E 144 19.13 -62.71 -10.47
C LEU E 144 18.90 -61.22 -10.65
N GLY E 145 18.55 -60.84 -11.87
CA GLY E 145 18.30 -59.43 -12.13
C GLY E 145 17.72 -59.14 -13.49
N CYS E 146 17.82 -57.86 -13.87
CA CYS E 146 17.26 -57.34 -15.11
C CYS E 146 18.27 -56.42 -15.77
N LEU E 147 18.46 -56.55 -17.08
CA LEU E 147 19.34 -55.66 -17.84
C LEU E 147 18.48 -54.65 -18.62
N VAL E 148 18.54 -53.39 -18.23
CA VAL E 148 17.74 -52.34 -18.85
C VAL E 148 18.63 -51.62 -19.85
N LYS E 149 18.45 -51.93 -21.13
CA LYS E 149 19.43 -51.58 -22.16
C LYS E 149 18.90 -50.56 -23.17
N ASP E 150 19.79 -49.65 -23.60
CA ASP E 150 19.67 -48.78 -24.77
C ASP E 150 18.51 -47.79 -24.65
N TYR E 151 18.62 -46.86 -23.69
CA TYR E 151 17.61 -45.82 -23.54
C TYR E 151 18.26 -44.44 -23.46
N PHE E 152 17.41 -43.43 -23.61
CA PHE E 152 17.75 -42.02 -23.52
C PHE E 152 16.45 -41.25 -23.35
N PRO E 153 16.40 -40.23 -22.49
CA PRO E 153 17.46 -39.80 -21.58
C PRO E 153 17.36 -40.53 -20.24
N GLU E 154 18.21 -40.19 -19.25
CA GLU E 154 17.98 -40.62 -17.87
C GLU E 154 16.68 -40.01 -17.36
N PRO E 155 16.04 -40.60 -16.32
CA PRO E 155 16.41 -41.78 -15.54
C PRO E 155 15.46 -42.95 -15.73
N VAL E 156 15.90 -44.11 -15.24
CA VAL E 156 15.08 -45.32 -15.16
C VAL E 156 14.95 -45.69 -13.68
N THR E 157 13.79 -46.20 -13.29
CA THR E 157 13.60 -46.72 -11.95
C THR E 157 13.29 -48.20 -12.05
N VAL E 158 13.81 -48.98 -11.11
CA VAL E 158 13.56 -50.41 -11.07
C VAL E 158 13.13 -50.76 -9.66
N SER E 159 12.07 -51.56 -9.55
CA SER E 159 11.66 -52.18 -8.31
C SER E 159 11.52 -53.68 -8.54
N TRP E 160 11.26 -54.42 -7.47
CA TRP E 160 11.12 -55.87 -7.56
C TRP E 160 9.85 -56.32 -6.87
N ASN E 161 9.09 -57.18 -7.54
CA ASN E 161 7.81 -57.69 -7.03
C ASN E 161 6.91 -56.57 -6.52
N SER E 162 6.75 -55.54 -7.37
CA SER E 162 5.93 -54.35 -7.09
C SER E 162 6.37 -53.65 -5.80
N GLY E 163 7.64 -53.79 -5.45
CA GLY E 163 8.17 -53.14 -4.28
C GLY E 163 8.21 -54.00 -3.04
N ALA E 164 7.58 -55.18 -3.08
CA ALA E 164 7.53 -56.06 -1.93
C ALA E 164 8.87 -56.75 -1.65
N LEU E 165 9.82 -56.69 -2.59
CA LEU E 165 11.13 -57.31 -2.45
C LEU E 165 12.12 -56.16 -2.40
N THR E 166 12.72 -55.94 -1.24
CA THR E 166 13.59 -54.79 -1.11
C THR E 166 14.97 -55.15 -0.59
N SER E 167 15.05 -56.16 0.26
CA SER E 167 16.33 -56.52 0.88
C SER E 167 17.20 -57.31 -0.09
N GLY E 168 18.45 -56.90 -0.23
CA GLY E 168 19.38 -57.56 -1.13
C GLY E 168 19.34 -57.07 -2.55
N VAL E 169 18.66 -55.96 -2.83
CA VAL E 169 18.51 -55.43 -4.18
C VAL E 169 19.63 -54.42 -4.43
N HIS E 170 20.33 -54.57 -5.56
CA HIS E 170 21.32 -53.60 -6.01
C HIS E 170 20.96 -53.15 -7.41
N THR E 171 20.68 -51.85 -7.56
CA THR E 171 20.39 -51.22 -8.84
C THR E 171 21.57 -50.33 -9.21
N PHE E 172 22.28 -50.70 -10.26
CA PHE E 172 23.53 -50.04 -10.57
C PHE E 172 23.30 -48.71 -11.26
N PRO E 173 24.21 -47.76 -11.08
CA PRO E 173 24.10 -46.51 -11.83
C PRO E 173 24.26 -46.80 -13.32
N ALA E 174 23.48 -46.09 -14.12
CA ALA E 174 23.51 -46.27 -15.57
C ALA E 174 24.84 -45.82 -16.16
N VAL E 175 25.26 -46.50 -17.21
CA VAL E 175 26.46 -46.16 -17.96
C VAL E 175 26.04 -45.69 -19.35
N LEU E 176 26.83 -44.76 -19.87
CA LEU E 176 26.63 -44.21 -21.21
C LEU E 176 27.48 -45.01 -22.19
N GLN E 177 26.84 -45.60 -23.20
CA GLN E 177 27.54 -46.39 -24.21
C GLN E 177 28.08 -45.49 -25.31
N SER E 178 28.99 -46.05 -26.11
CA SER E 178 29.57 -45.29 -27.23
C SER E 178 28.50 -44.74 -28.16
N SER E 179 27.36 -45.42 -28.23
CA SER E 179 26.23 -45.00 -29.06
C SER E 179 25.53 -43.77 -28.52
N GLY E 180 25.82 -43.33 -27.30
CA GLY E 180 25.07 -42.28 -26.68
C GLY E 180 23.83 -42.75 -25.94
N LEU E 181 23.58 -44.04 -25.90
CA LEU E 181 22.44 -44.61 -25.20
C LEU E 181 22.86 -45.11 -23.83
N TYR E 182 21.93 -45.09 -22.89
CA TYR E 182 22.21 -45.53 -21.54
C TYR E 182 21.85 -47.00 -21.39
N SER E 183 22.49 -47.62 -20.41
CA SER E 183 22.23 -49.00 -20.05
C SER E 183 22.44 -49.16 -18.56
N LEU E 184 21.77 -50.16 -17.99
CA LEU E 184 21.69 -50.30 -16.55
C LEU E 184 21.27 -51.73 -16.23
N SER E 185 21.73 -52.23 -15.09
CA SER E 185 21.32 -53.52 -14.55
C SER E 185 20.80 -53.36 -13.13
N SER E 186 19.87 -54.24 -12.75
CA SER E 186 19.36 -54.34 -11.39
C SER E 186 19.43 -55.80 -10.98
N VAL E 187 20.02 -56.09 -9.82
CA VAL E 187 20.16 -57.47 -9.38
C VAL E 187 19.63 -57.60 -7.95
N VAL E 188 19.33 -58.84 -7.57
CA VAL E 188 18.86 -59.14 -6.21
C VAL E 188 19.36 -60.51 -5.81
N THR E 189 19.75 -60.66 -4.53
CA THR E 189 20.15 -61.96 -3.99
C THR E 189 19.06 -62.52 -3.10
N VAL E 190 18.82 -63.83 -3.26
CA VAL E 190 17.70 -64.51 -2.62
C VAL E 190 18.12 -65.94 -2.26
N PRO E 191 17.48 -66.59 -1.28
CA PRO E 191 17.78 -68.01 -1.03
C PRO E 191 17.51 -68.89 -2.25
N SER E 192 18.44 -69.81 -2.51
CA SER E 192 18.35 -70.70 -3.66
C SER E 192 17.15 -71.65 -3.57
N SER E 193 16.61 -71.88 -2.38
CA SER E 193 15.37 -72.67 -2.26
C SER E 193 14.18 -71.93 -2.85
N SER E 194 14.19 -70.61 -2.80
CA SER E 194 13.04 -69.83 -3.24
C SER E 194 12.83 -69.91 -4.75
N LEU E 195 13.83 -70.35 -5.50
CA LEU E 195 13.76 -70.27 -6.97
C LEU E 195 12.57 -71.04 -7.51
N GLY E 196 12.20 -72.14 -6.84
CA GLY E 196 11.07 -72.97 -7.23
C GLY E 196 9.74 -72.51 -6.66
N THR E 197 9.78 -71.82 -5.52
CA THR E 197 8.58 -71.43 -4.79
C THR E 197 8.18 -69.96 -5.00
N GLN E 198 9.13 -69.04 -5.15
CA GLN E 198 8.84 -67.62 -5.31
C GLN E 198 9.05 -67.18 -6.75
N THR E 199 8.15 -66.32 -7.25
CA THR E 199 8.31 -65.71 -8.57
C THR E 199 8.91 -64.33 -8.40
N TYR E 200 9.88 -64.01 -9.26
CA TYR E 200 10.59 -62.74 -9.20
C TYR E 200 10.30 -61.95 -10.47
N ILE E 201 9.71 -60.76 -10.30
CA ILE E 201 9.38 -59.85 -11.39
C ILE E 201 10.03 -58.51 -11.11
N CYS E 202 10.75 -57.97 -12.10
CA CYS E 202 11.28 -56.62 -11.99
C CYS E 202 10.36 -55.65 -12.73
N ASN E 203 10.06 -54.54 -12.08
CA ASN E 203 9.15 -53.52 -12.57
C ASN E 203 10.01 -52.36 -13.02
N VAL E 204 10.04 -52.12 -14.32
CA VAL E 204 10.85 -51.07 -14.92
C VAL E 204 9.95 -49.95 -15.40
N ASN E 205 10.33 -48.72 -15.06
CA ASN E 205 9.62 -47.53 -15.52
C ASN E 205 10.67 -46.57 -16.06
N HIS E 206 10.52 -46.17 -17.32
CA HIS E 206 11.34 -45.15 -17.95
C HIS E 206 10.36 -44.03 -18.34
N LYS E 207 10.05 -43.17 -17.38
CA LYS E 207 9.10 -42.08 -17.61
C LYS E 207 9.39 -41.23 -18.84
N PRO E 208 10.63 -40.82 -19.15
CA PRO E 208 10.81 -39.91 -20.30
C PRO E 208 10.25 -40.43 -21.61
N SER E 209 10.11 -41.75 -21.77
CA SER E 209 9.57 -42.36 -22.97
C SER E 209 8.23 -43.04 -22.71
N ASN E 210 7.67 -42.88 -21.52
CA ASN E 210 6.40 -43.50 -21.16
C ASN E 210 6.44 -45.03 -21.32
N THR E 211 7.50 -45.65 -20.78
CA THR E 211 7.69 -47.10 -20.86
C THR E 211 7.70 -47.72 -19.47
N LYS E 212 6.68 -48.52 -19.19
CA LYS E 212 6.64 -49.40 -18.03
C LYS E 212 6.68 -50.82 -18.56
N VAL E 213 7.56 -51.63 -18.00
CA VAL E 213 7.72 -53.04 -18.35
C VAL E 213 7.80 -53.85 -17.07
N ASP E 214 7.08 -54.97 -17.03
CA ASP E 214 7.20 -55.95 -15.95
C ASP E 214 7.79 -57.22 -16.52
N LYS E 215 8.94 -57.63 -15.99
CA LYS E 215 9.65 -58.80 -16.50
C LYS E 215 9.74 -59.88 -15.43
N ARG E 216 9.20 -61.05 -15.74
CA ARG E 216 9.36 -62.19 -14.87
C ARG E 216 10.71 -62.85 -15.19
N VAL E 217 11.47 -63.14 -14.15
CA VAL E 217 12.78 -63.75 -14.28
C VAL E 217 12.71 -65.13 -13.63
N GLU E 218 12.93 -66.18 -14.42
CA GLU E 218 12.99 -67.51 -13.85
C GLU E 218 13.98 -68.34 -14.65
N PRO E 219 14.58 -69.40 -14.04
CA PRO E 219 15.64 -70.25 -14.64
C PRO E 219 15.34 -70.95 -15.96
N GLU F 1 37.41 -13.14 -9.56
CA GLU F 1 36.60 -13.90 -8.61
C GLU F 1 37.31 -14.78 -7.57
N ILE F 2 36.56 -15.25 -6.58
CA ILE F 2 37.08 -16.11 -5.51
C ILE F 2 36.85 -17.56 -5.87
N VAL F 3 37.93 -18.34 -5.81
CA VAL F 3 37.92 -19.76 -6.13
C VAL F 3 38.22 -20.53 -4.84
N LEU F 4 37.44 -21.56 -4.57
CA LEU F 4 37.64 -22.40 -3.40
C LEU F 4 38.21 -23.73 -3.86
N THR F 5 39.31 -24.16 -3.22
CA THR F 5 39.87 -25.49 -3.40
C THR F 5 39.72 -26.26 -2.09
N GLN F 6 39.66 -27.58 -2.19
CA GLN F 6 39.46 -28.46 -1.05
C GLN F 6 40.46 -29.59 -1.05
N SER F 7 40.99 -29.89 0.13
CA SER F 7 41.94 -30.96 0.36
C SER F 7 41.53 -31.75 1.60
N PRO F 8 41.71 -33.08 1.59
CA PRO F 8 42.15 -33.81 0.40
C PRO F 8 40.99 -34.06 -0.55
N GLY F 9 41.27 -34.48 -1.77
CA GLY F 9 40.20 -34.76 -2.71
C GLY F 9 39.36 -35.96 -2.29
N THR F 10 40.01 -37.01 -1.78
CA THR F 10 39.30 -38.19 -1.29
C THR F 10 39.95 -38.61 0.01
N LEU F 11 39.12 -39.10 0.94
CA LEU F 11 39.59 -39.39 2.28
C LEU F 11 38.83 -40.59 2.83
N SER F 12 39.58 -41.64 3.16
CA SER F 12 39.05 -42.88 3.71
C SER F 12 39.52 -43.03 5.15
N LEU F 13 38.58 -43.16 6.07
CA LEU F 13 38.89 -43.20 7.48
C LEU F 13 37.95 -44.19 8.14
N SER F 14 38.42 -44.79 9.22
CA SER F 14 37.57 -45.73 9.94
C SER F 14 36.72 -44.97 10.94
N PRO F 15 35.59 -45.54 11.36
CA PRO F 15 34.78 -44.89 12.40
C PRO F 15 35.61 -44.59 13.63
N GLY F 16 35.31 -43.47 14.28
CA GLY F 16 35.96 -43.09 15.50
C GLY F 16 37.23 -42.26 15.35
N GLU F 17 37.75 -42.12 14.12
CA GLU F 17 38.91 -41.26 13.92
C GLU F 17 38.48 -39.82 13.62
N ARG F 18 39.48 -38.95 13.53
CA ARG F 18 39.29 -37.51 13.41
C ARG F 18 39.51 -37.11 11.96
N ALA F 19 38.51 -36.48 11.37
CA ALA F 19 38.58 -36.01 9.99
C ALA F 19 38.84 -34.51 9.98
N THR F 20 39.85 -34.09 9.24
CA THR F 20 40.12 -32.67 9.06
C THR F 20 40.10 -32.34 7.57
N LEU F 21 39.10 -31.56 7.17
CA LEU F 21 38.91 -31.22 5.77
C LEU F 21 39.29 -29.75 5.59
N SER F 22 40.07 -29.46 4.57
CA SER F 22 40.55 -28.11 4.37
C SER F 22 39.82 -27.50 3.18
N CYS F 23 39.62 -26.18 3.28
CA CYS F 23 39.03 -25.33 2.25
C CYS F 23 39.97 -24.15 2.09
N ARG F 24 40.32 -23.81 0.85
CA ARG F 24 41.26 -22.72 0.63
C ARG F 24 40.66 -21.74 -0.35
N ALA F 25 40.73 -20.45 -0.03
CA ALA F 25 40.13 -19.40 -0.84
C ALA F 25 41.24 -18.67 -1.60
N SER F 26 40.99 -18.38 -2.89
CA SER F 26 42.02 -17.70 -3.67
C SER F 26 42.25 -16.28 -3.17
N GLN F 27 41.32 -15.72 -2.41
CA GLN F 27 41.57 -14.47 -1.69
C GLN F 27 40.76 -14.48 -0.40
N SER F 28 41.04 -13.52 0.46
CA SER F 28 40.52 -13.53 1.81
C SER F 28 39.00 -13.48 1.85
N VAL F 29 38.41 -14.37 2.64
CA VAL F 29 36.97 -14.43 2.85
C VAL F 29 36.68 -14.23 4.33
N SER F 30 35.86 -13.23 4.66
CA SER F 30 35.46 -13.05 6.05
C SER F 30 34.72 -14.28 6.58
N SER F 31 34.88 -14.56 7.88
CA SER F 31 34.34 -15.78 8.48
C SER F 31 32.82 -15.84 8.39
N SER F 32 32.14 -14.69 8.39
CA SER F 32 30.68 -14.71 8.31
C SER F 32 30.17 -15.32 7.02
N TYR F 33 30.96 -15.32 5.95
CA TYR F 33 30.46 -15.70 4.63
C TYR F 33 31.02 -17.04 4.15
N LEU F 34 31.27 -17.98 5.08
CA LEU F 34 31.82 -19.29 4.77
C LEU F 34 30.90 -20.35 5.37
N ALA F 35 30.41 -21.27 4.55
CA ALA F 35 29.53 -22.33 4.99
C ALA F 35 30.05 -23.67 4.46
N TRP F 36 29.55 -24.75 5.07
CA TRP F 36 29.90 -26.12 4.71
C TRP F 36 28.63 -26.92 4.47
N TYR F 37 28.67 -27.82 3.47
CA TYR F 37 27.49 -28.61 3.13
C TYR F 37 27.90 -30.08 3.07
N GLN F 38 26.94 -30.93 3.43
CA GLN F 38 27.10 -32.37 3.35
C GLN F 38 26.11 -32.91 2.35
N GLN F 39 26.56 -33.75 1.43
CA GLN F 39 25.66 -34.36 0.46
C GLN F 39 25.91 -35.86 0.47
N LYS F 40 24.93 -36.60 0.93
CA LYS F 40 24.93 -38.03 0.93
C LYS F 40 24.43 -38.54 -0.43
N PRO F 41 24.80 -39.78 -0.80
CA PRO F 41 24.66 -40.24 -2.20
C PRO F 41 23.37 -39.86 -2.93
N GLY F 42 22.21 -40.30 -2.47
CA GLY F 42 21.02 -40.04 -3.26
C GLY F 42 20.22 -38.79 -2.90
N GLN F 43 20.83 -37.86 -2.17
CA GLN F 43 20.06 -36.81 -1.54
C GLN F 43 20.54 -35.41 -1.94
N ALA F 44 19.73 -34.45 -1.61
CA ALA F 44 20.11 -33.08 -1.84
C ALA F 44 21.09 -32.64 -0.75
N PRO F 45 21.96 -31.67 -1.02
CA PRO F 45 22.84 -31.16 0.04
C PRO F 45 22.04 -30.66 1.23
N ARG F 46 22.71 -30.62 2.40
CA ARG F 46 22.12 -29.91 3.52
C ARG F 46 23.19 -29.06 4.22
N LEU F 47 22.77 -27.90 4.73
CA LEU F 47 23.69 -26.99 5.40
C LEU F 47 24.19 -27.62 6.69
N LEU F 48 25.51 -27.63 6.88
CA LEU F 48 26.16 -28.17 8.08
C LEU F 48 26.61 -27.06 9.01
N ILE F 49 27.41 -26.15 8.46
CA ILE F 49 28.04 -25.07 9.18
C ILE F 49 27.76 -23.80 8.41
N TYR F 50 27.40 -22.73 9.12
CA TYR F 50 27.35 -21.39 8.56
C TYR F 50 28.24 -20.46 9.38
N GLY F 51 28.59 -19.32 8.80
CA GLY F 51 29.51 -18.42 9.48
C GLY F 51 30.81 -19.06 9.96
N ALA F 52 31.30 -20.06 9.20
CA ALA F 52 32.58 -20.73 9.46
C ALA F 52 32.57 -21.61 10.69
N SER F 53 31.81 -21.25 11.73
CA SER F 53 31.92 -22.02 12.97
C SER F 53 30.60 -22.31 13.67
N SER F 54 29.47 -21.88 13.14
CA SER F 54 28.16 -22.15 13.75
C SER F 54 27.51 -23.38 13.12
N ARG F 55 27.03 -24.29 13.95
CA ARG F 55 26.33 -25.47 13.48
C ARG F 55 24.90 -25.10 13.10
N ALA F 56 24.44 -25.64 11.98
CA ALA F 56 23.08 -25.36 11.56
C ALA F 56 22.11 -26.21 12.36
N THR F 57 20.81 -25.99 12.11
CA THR F 57 19.74 -26.64 12.84
C THR F 57 19.81 -28.16 12.69
N GLY F 58 19.82 -28.85 13.83
CA GLY F 58 19.82 -30.30 13.83
C GLY F 58 21.14 -30.95 13.51
N ILE F 59 22.25 -30.21 13.51
CA ILE F 59 23.56 -30.76 13.17
C ILE F 59 24.26 -31.19 14.46
N PRO F 60 24.64 -32.46 14.60
CA PRO F 60 25.26 -32.94 15.84
C PRO F 60 26.57 -32.24 16.16
N ASP F 61 27.05 -32.47 17.38
CA ASP F 61 28.17 -31.73 17.93
C ASP F 61 29.52 -32.19 17.40
N ARG F 62 29.62 -33.38 16.81
CA ARG F 62 30.91 -33.84 16.30
C ARG F 62 31.39 -33.02 15.10
N PHE F 63 30.49 -32.26 14.47
CA PHE F 63 30.83 -31.34 13.41
C PHE F 63 31.15 -29.98 14.00
N SER F 64 32.31 -29.44 13.63
CA SER F 64 32.70 -28.12 14.07
C SER F 64 33.49 -27.48 12.94
N GLY F 65 33.51 -26.15 12.91
CA GLY F 65 34.23 -25.44 11.88
C GLY F 65 35.11 -24.35 12.44
N SER F 66 36.16 -24.03 11.69
CA SER F 66 37.05 -22.96 12.12
C SER F 66 37.72 -22.36 10.90
N GLY F 67 38.50 -21.31 11.14
CA GLY F 67 39.33 -20.72 10.11
C GLY F 67 38.97 -19.28 9.85
N SER F 68 39.83 -18.64 9.07
CA SER F 68 39.61 -17.25 8.71
C SER F 68 40.53 -16.91 7.55
N GLY F 69 40.17 -15.87 6.82
CA GLY F 69 41.01 -15.38 5.74
C GLY F 69 40.97 -16.24 4.51
N THR F 70 42.00 -17.06 4.32
CA THR F 70 42.10 -17.91 3.15
C THR F 70 42.06 -19.39 3.45
N ASP F 71 41.98 -19.79 4.73
CA ASP F 71 42.06 -21.20 5.11
C ASP F 71 40.97 -21.52 6.10
N PHE F 72 40.14 -22.52 5.78
CA PHE F 72 39.07 -22.96 6.67
C PHE F 72 39.11 -24.45 6.85
N THR F 73 38.54 -24.90 7.96
CA THR F 73 38.63 -26.30 8.36
C THR F 73 37.28 -26.78 8.82
N LEU F 74 36.89 -27.96 8.35
CA LEU F 74 35.77 -28.71 8.88
C LEU F 74 36.31 -29.91 9.63
N THR F 75 35.90 -30.08 10.88
CA THR F 75 36.37 -31.18 11.70
C THR F 75 35.21 -32.07 12.08
N ILE F 76 35.33 -33.35 11.77
CA ILE F 76 34.38 -34.36 12.23
C ILE F 76 35.14 -35.20 13.23
N SER F 77 34.98 -34.92 14.53
CA SER F 77 35.58 -35.75 15.57
C SER F 77 34.73 -37.00 15.79
N ARG F 78 35.41 -38.13 16.04
CA ARG F 78 34.78 -39.46 16.19
C ARG F 78 33.74 -39.71 15.10
N LEU F 79 34.27 -39.88 13.90
CA LEU F 79 33.49 -40.12 12.70
C LEU F 79 32.58 -41.33 12.91
N GLU F 80 31.42 -41.30 12.26
CA GLU F 80 30.46 -42.40 12.32
C GLU F 80 30.23 -42.99 10.93
N PRO F 81 29.68 -44.22 10.83
CA PRO F 81 29.55 -44.83 9.49
C PRO F 81 28.62 -44.10 8.55
N GLU F 82 27.51 -43.56 9.05
CA GLU F 82 26.54 -42.83 8.26
C GLU F 82 27.07 -41.50 7.73
N ASP F 83 28.26 -41.09 8.16
CA ASP F 83 28.87 -39.82 7.76
C ASP F 83 29.57 -39.85 6.41
N PHE F 84 29.67 -41.01 5.75
CA PHE F 84 30.17 -41.01 4.38
C PHE F 84 29.27 -40.15 3.50
N ALA F 85 29.88 -39.19 2.83
CA ALA F 85 29.21 -38.21 2.00
C ALA F 85 30.28 -37.37 1.32
N VAL F 86 29.85 -36.47 0.46
CA VAL F 86 30.73 -35.44 -0.09
C VAL F 86 30.49 -34.16 0.70
N TYR F 87 31.56 -33.46 1.04
CA TYR F 87 31.49 -32.25 1.84
C TYR F 87 32.02 -31.07 1.04
N TYR F 88 31.21 -30.03 0.93
CA TYR F 88 31.55 -28.86 0.14
C TYR F 88 31.70 -27.65 1.05
N CYS F 89 32.75 -26.86 0.82
CA CYS F 89 32.74 -25.53 1.39
C CYS F 89 32.16 -24.55 0.36
N GLN F 90 31.74 -23.38 0.85
CA GLN F 90 31.01 -22.42 0.01
C GLN F 90 31.31 -21.04 0.57
N GLN F 91 31.51 -20.06 -0.29
CA GLN F 91 31.76 -18.70 0.17
C GLN F 91 30.75 -17.75 -0.45
N TYR F 92 30.41 -16.69 0.29
CA TYR F 92 29.67 -15.58 -0.31
C TYR F 92 30.26 -14.27 0.15
N GLY F 93 31.58 -14.23 0.34
CA GLY F 93 32.24 -12.93 0.44
C GLY F 93 32.02 -12.11 -0.82
N SER F 94 32.08 -12.78 -1.98
CA SER F 94 31.91 -12.16 -3.29
C SER F 94 31.26 -13.16 -4.26
N SER F 95 30.08 -12.84 -4.77
CA SER F 95 29.30 -13.81 -5.54
C SER F 95 29.01 -15.03 -4.67
N PHE F 96 28.69 -16.19 -5.28
CA PHE F 96 28.48 -17.43 -4.54
C PHE F 96 29.28 -18.51 -5.23
N THR F 97 30.24 -19.12 -4.53
CA THR F 97 30.95 -20.24 -5.12
C THR F 97 31.12 -21.38 -4.13
N PHE F 98 31.26 -22.58 -4.67
CA PHE F 98 31.50 -23.82 -3.93
C PHE F 98 32.92 -24.30 -4.20
N GLY F 99 33.50 -25.00 -3.22
CA GLY F 99 34.69 -25.79 -3.47
C GLY F 99 34.28 -27.03 -4.25
N PRO F 100 35.25 -27.79 -4.75
CA PRO F 100 34.93 -28.99 -5.53
C PRO F 100 34.46 -30.17 -4.70
N GLY F 101 34.60 -30.14 -3.39
CA GLY F 101 34.11 -31.24 -2.58
C GLY F 101 35.22 -32.20 -2.17
N THR F 102 35.03 -32.83 -1.00
CA THR F 102 35.87 -33.90 -0.46
C THR F 102 34.95 -35.07 -0.21
N LYS F 103 35.23 -36.24 -0.81
CA LYS F 103 34.39 -37.41 -0.54
C LYS F 103 35.01 -38.21 0.58
N VAL F 104 34.19 -38.58 1.54
CA VAL F 104 34.63 -39.24 2.75
C VAL F 104 34.07 -40.66 2.74
N ASP F 105 34.97 -41.65 2.66
CA ASP F 105 34.59 -43.05 2.60
C ASP F 105 34.82 -43.65 3.99
N ILE F 106 33.98 -44.61 4.35
CA ILE F 106 34.03 -45.27 5.64
C ILE F 106 34.76 -46.60 5.52
N LYS F 107 35.77 -46.80 6.38
CA LYS F 107 36.46 -48.07 6.44
C LYS F 107 35.64 -49.07 7.24
N ARG F 108 35.75 -50.34 6.85
CA ARG F 108 34.99 -51.44 7.41
C ARG F 108 35.85 -52.69 7.29
N THR F 109 35.45 -53.77 7.96
CA THR F 109 36.23 -55.00 7.84
C THR F 109 36.25 -55.45 6.38
N VAL F 110 37.41 -55.94 5.95
CA VAL F 110 37.51 -56.42 4.57
C VAL F 110 36.49 -57.53 4.36
N ALA F 111 35.79 -57.47 3.23
CA ALA F 111 34.76 -58.43 2.89
C ALA F 111 34.96 -58.91 1.45
N ALA F 112 34.94 -60.21 1.26
CA ALA F 112 35.22 -60.81 -0.03
C ALA F 112 33.97 -60.75 -0.92
N PRO F 113 34.15 -60.62 -2.24
CA PRO F 113 32.99 -60.56 -3.14
C PRO F 113 32.44 -61.94 -3.45
N SER F 114 31.11 -62.00 -3.55
CA SER F 114 30.43 -63.13 -4.16
C SER F 114 30.27 -62.85 -5.65
N VAL F 115 30.72 -63.78 -6.49
CA VAL F 115 30.81 -63.56 -7.93
C VAL F 115 29.76 -64.40 -8.65
N PHE F 116 29.06 -63.78 -9.60
CA PHE F 116 28.07 -64.44 -10.44
C PHE F 116 28.28 -64.05 -11.90
N ILE F 117 27.94 -64.98 -12.79
CA ILE F 117 28.02 -64.76 -14.24
C ILE F 117 26.62 -64.97 -14.82
N PHE F 118 26.26 -64.13 -15.80
CA PHE F 118 24.94 -64.20 -16.43
C PHE F 118 25.08 -64.27 -17.94
N PRO F 119 24.53 -65.29 -18.60
CA PRO F 119 24.61 -65.38 -20.06
C PRO F 119 23.65 -64.43 -20.74
N PRO F 120 23.83 -64.18 -22.05
CA PRO F 120 22.83 -63.40 -22.79
C PRO F 120 21.49 -64.12 -22.78
N SER F 121 20.42 -63.33 -22.68
CA SER F 121 19.04 -63.78 -22.70
C SER F 121 18.62 -64.22 -24.10
N ASP F 122 17.47 -64.90 -24.17
CA ASP F 122 16.96 -65.29 -25.47
C ASP F 122 16.24 -64.17 -26.27
N GLU F 123 15.58 -63.10 -25.71
CA GLU F 123 15.47 -61.97 -26.67
C GLU F 123 16.79 -61.45 -27.15
N GLN F 124 17.71 -61.17 -26.25
CA GLN F 124 18.68 -60.18 -26.66
C GLN F 124 19.46 -60.69 -27.86
N LEU F 125 19.65 -62.02 -27.93
CA LEU F 125 20.32 -62.62 -29.07
C LEU F 125 19.53 -62.38 -30.36
N LYS F 126 18.19 -62.34 -30.29
CA LYS F 126 17.40 -62.09 -31.49
C LYS F 126 17.62 -60.69 -32.04
N SER F 127 18.04 -59.74 -31.21
CA SER F 127 18.27 -58.38 -31.65
C SER F 127 19.66 -58.14 -32.23
N GLY F 128 20.52 -59.15 -32.29
CA GLY F 128 21.80 -59.02 -32.95
C GLY F 128 22.97 -58.55 -32.12
N THR F 129 22.76 -58.27 -30.83
CA THR F 129 23.85 -58.00 -29.90
C THR F 129 23.68 -58.92 -28.70
N ALA F 130 24.78 -59.21 -28.02
CA ALA F 130 24.74 -60.09 -26.86
C ALA F 130 25.41 -59.39 -25.68
N SER F 131 24.74 -59.39 -24.54
CA SER F 131 25.28 -58.80 -23.32
C SER F 131 25.49 -59.92 -22.33
N VAL F 132 26.73 -60.10 -21.90
CA VAL F 132 27.06 -61.03 -20.82
C VAL F 132 27.55 -60.17 -19.66
N VAL F 133 26.96 -60.37 -18.49
CA VAL F 133 27.22 -59.50 -17.34
C VAL F 133 27.81 -60.31 -16.20
N CYS F 134 28.78 -59.71 -15.52
CA CYS F 134 29.44 -60.29 -14.36
C CYS F 134 29.16 -59.43 -13.14
N LEU F 135 28.70 -60.06 -12.06
CA LEU F 135 28.32 -59.36 -10.83
C LEU F 135 29.27 -59.70 -9.68
N LEU F 136 29.78 -58.66 -9.00
CA LEU F 136 30.59 -58.77 -7.79
C LEU F 136 29.81 -58.17 -6.65
N ASN F 137 29.28 -59.00 -5.76
CA ASN F 137 28.30 -58.55 -4.78
C ASN F 137 28.89 -58.40 -3.39
N ASN F 138 28.69 -57.22 -2.80
CA ASN F 138 28.96 -56.96 -1.38
C ASN F 138 30.38 -57.26 -0.97
N PHE F 139 31.30 -56.37 -1.32
CA PHE F 139 32.72 -56.51 -1.02
C PHE F 139 33.27 -55.18 -0.52
N TYR F 140 34.46 -55.25 0.10
CA TYR F 140 35.21 -54.11 0.60
C TYR F 140 36.66 -54.59 0.60
N PRO F 141 37.61 -53.73 0.22
CA PRO F 141 37.46 -52.35 -0.24
C PRO F 141 37.07 -52.25 -1.72
N ARG F 142 36.94 -51.03 -2.22
CA ARG F 142 36.43 -50.79 -3.58
C ARG F 142 37.36 -51.30 -4.65
N GLU F 143 38.65 -51.42 -4.36
CA GLU F 143 39.62 -51.86 -5.35
C GLU F 143 39.23 -53.24 -5.86
N ALA F 144 39.08 -53.36 -7.17
CA ALA F 144 38.70 -54.61 -7.78
C ALA F 144 39.16 -54.63 -9.23
N LYS F 145 39.55 -55.80 -9.71
CA LYS F 145 39.93 -56.01 -11.10
C LYS F 145 38.99 -57.03 -11.72
N VAL F 146 38.42 -56.70 -12.88
CA VAL F 146 37.52 -57.61 -13.59
C VAL F 146 38.14 -57.94 -14.95
N GLN F 147 38.16 -59.23 -15.28
CA GLN F 147 38.89 -59.76 -16.44
C GLN F 147 37.94 -60.59 -17.29
N TRP F 148 37.79 -60.25 -18.57
CA TRP F 148 36.96 -61.03 -19.46
C TRP F 148 37.84 -61.88 -20.38
N LYS F 149 37.50 -63.16 -20.50
CA LYS F 149 38.14 -64.09 -21.41
C LYS F 149 37.08 -64.83 -22.20
N VAL F 150 37.20 -64.83 -23.53
CA VAL F 150 36.34 -65.66 -24.37
C VAL F 150 37.24 -66.66 -25.07
N ASP F 151 36.98 -67.95 -24.84
CA ASP F 151 37.88 -69.02 -25.29
C ASP F 151 39.29 -68.78 -24.77
N ASN F 152 39.37 -68.21 -23.57
CA ASN F 152 40.63 -67.85 -22.92
C ASN F 152 41.40 -66.80 -23.75
N ALA F 153 40.68 -66.02 -24.56
CA ALA F 153 41.21 -64.92 -25.38
C ALA F 153 40.83 -63.61 -24.72
N LEU F 154 41.84 -62.79 -24.36
CA LEU F 154 41.56 -61.75 -23.38
C LEU F 154 41.49 -60.37 -23.94
N GLN F 155 40.45 -59.70 -23.50
CA GLN F 155 39.91 -58.58 -24.21
C GLN F 155 39.92 -57.25 -23.47
N SER F 156 39.84 -56.18 -24.28
CA SER F 156 39.79 -54.79 -23.86
C SER F 156 38.94 -53.99 -24.84
N GLY F 157 38.26 -52.99 -24.32
CA GLY F 157 37.49 -52.08 -25.14
C GLY F 157 36.10 -52.55 -25.48
N ASN F 158 35.65 -53.66 -24.89
CA ASN F 158 34.33 -54.21 -25.17
C ASN F 158 33.56 -54.47 -23.88
N SER F 159 34.03 -53.91 -22.77
CA SER F 159 33.38 -54.06 -21.49
C SER F 159 33.17 -52.69 -20.85
N GLN F 160 32.16 -52.60 -19.99
CA GLN F 160 31.86 -51.37 -19.28
C GLN F 160 31.53 -51.74 -17.84
N GLU F 161 32.01 -50.95 -16.89
CA GLU F 161 31.81 -51.25 -15.48
C GLU F 161 30.93 -50.21 -14.80
N SER F 162 30.20 -50.67 -13.79
CA SER F 162 29.35 -49.80 -12.98
C SER F 162 29.41 -50.29 -11.55
N VAL F 163 29.56 -49.37 -10.61
CA VAL F 163 29.78 -49.70 -9.22
C VAL F 163 28.83 -48.88 -8.35
N THR F 164 28.19 -49.53 -7.39
CA THR F 164 27.30 -48.83 -6.47
C THR F 164 28.09 -47.96 -5.51
N GLU F 165 27.37 -47.04 -4.89
CA GLU F 165 27.89 -46.26 -3.79
C GLU F 165 28.07 -47.14 -2.56
N GLN F 166 28.95 -46.69 -1.66
CA GLN F 166 29.16 -47.37 -0.40
C GLN F 166 27.81 -47.61 0.24
N ASP F 167 27.57 -48.84 0.61
CA ASP F 167 26.27 -49.23 1.14
C ASP F 167 25.88 -48.57 2.45
N SER F 168 24.59 -48.24 2.58
CA SER F 168 24.05 -47.78 3.87
C SER F 168 23.91 -48.94 4.87
N LYS F 169 23.64 -50.17 4.40
CA LYS F 169 23.43 -51.38 5.21
C LYS F 169 24.69 -51.59 6.04
N ASP F 170 25.67 -52.20 5.34
CA ASP F 170 26.93 -52.74 5.87
C ASP F 170 28.18 -52.08 5.27
N SER F 171 28.05 -50.92 4.62
CA SER F 171 29.19 -50.15 4.10
C SER F 171 29.99 -50.86 3.01
N THR F 172 29.36 -51.79 2.28
CA THR F 172 30.01 -52.52 1.20
C THR F 172 29.75 -51.89 -0.18
N TYR F 173 30.50 -52.36 -1.17
CA TYR F 173 30.26 -52.03 -2.56
C TYR F 173 29.72 -53.24 -3.31
N SER F 174 29.10 -52.98 -4.46
CA SER F 174 28.77 -54.00 -5.45
C SER F 174 29.07 -53.43 -6.82
N LEU F 175 29.43 -54.32 -7.75
CA LEU F 175 29.90 -53.95 -9.08
C LEU F 175 29.34 -54.91 -10.12
N SER F 176 29.16 -54.40 -11.34
CA SER F 176 28.78 -55.22 -12.48
C SER F 176 29.74 -54.91 -13.62
N SER F 177 30.10 -55.93 -14.37
CA SER F 177 30.85 -55.74 -15.62
C SER F 177 30.00 -56.28 -16.75
N THR F 178 29.84 -55.47 -17.79
CA THR F 178 29.00 -55.84 -18.91
C THR F 178 29.90 -55.94 -20.12
N LEU F 179 30.05 -57.14 -20.63
CA LEU F 179 30.77 -57.39 -21.86
C LEU F 179 29.74 -57.39 -22.97
N THR F 180 29.92 -56.54 -23.98
CA THR F 180 28.95 -56.44 -25.05
C THR F 180 29.61 -56.96 -26.31
N LEU F 181 28.95 -57.92 -26.96
CA LEU F 181 29.48 -58.72 -28.05
C LEU F 181 28.46 -58.68 -29.17
N SER F 182 28.92 -58.83 -30.41
CA SER F 182 27.94 -58.98 -31.48
C SER F 182 27.37 -60.38 -31.44
N LYS F 183 26.13 -60.52 -31.93
CA LYS F 183 25.53 -61.85 -32.02
C LYS F 183 26.42 -62.79 -32.83
N ALA F 184 27.03 -62.27 -33.88
CA ALA F 184 27.98 -63.05 -34.67
C ALA F 184 29.15 -63.55 -33.81
N ASP F 185 29.94 -62.62 -33.26
CA ASP F 185 31.14 -63.00 -32.53
C ASP F 185 30.81 -63.82 -31.28
N TYR F 186 29.66 -63.55 -30.67
CA TYR F 186 29.24 -64.41 -29.56
C TYR F 186 29.01 -65.83 -30.10
N GLU F 187 28.51 -65.94 -31.32
CA GLU F 187 28.07 -67.22 -31.89
C GLU F 187 29.11 -68.05 -32.67
N LYS F 188 30.42 -67.70 -32.81
CA LYS F 188 31.42 -68.78 -32.92
C LYS F 188 32.30 -68.92 -31.69
N HIS F 189 31.88 -68.53 -30.52
CA HIS F 189 32.77 -68.88 -29.43
C HIS F 189 31.99 -69.70 -28.42
N LYS F 190 32.72 -70.31 -27.50
CA LYS F 190 32.03 -71.33 -26.74
C LYS F 190 32.12 -71.14 -25.22
N VAL F 191 33.30 -70.89 -24.67
CA VAL F 191 33.48 -70.72 -23.22
C VAL F 191 33.63 -69.23 -22.90
N TYR F 192 32.89 -68.74 -21.92
CA TYR F 192 32.92 -67.33 -21.50
C TYR F 192 33.30 -67.24 -20.04
N ALA F 193 34.39 -66.56 -19.74
CA ALA F 193 34.90 -66.50 -18.38
C ALA F 193 35.01 -65.05 -17.96
N CYS F 194 34.50 -64.77 -16.77
CA CYS F 194 34.68 -63.50 -16.07
C CYS F 194 35.40 -63.85 -14.79
N GLU F 195 36.51 -63.18 -14.52
CA GLU F 195 37.11 -63.54 -13.25
C GLU F 195 37.82 -62.34 -12.62
N VAL F 196 37.71 -62.27 -11.29
CA VAL F 196 38.04 -61.09 -10.51
C VAL F 196 39.16 -61.41 -9.53
N THR F 197 40.09 -60.47 -9.37
CA THR F 197 41.06 -60.55 -8.30
C THR F 197 40.70 -59.43 -7.34
N HIS F 198 40.54 -59.78 -6.09
CA HIS F 198 40.18 -58.82 -5.08
C HIS F 198 41.09 -59.07 -3.89
N GLN F 199 41.33 -57.99 -3.15
CA GLN F 199 42.29 -58.02 -2.07
C GLN F 199 41.85 -58.98 -0.97
N GLY F 200 40.54 -59.18 -0.81
CA GLY F 200 39.92 -60.08 0.13
C GLY F 200 39.85 -61.53 -0.31
N LEU F 201 40.32 -61.82 -1.51
CA LEU F 201 40.39 -63.17 -2.08
C LEU F 201 41.86 -63.55 -2.03
N SER F 202 42.15 -64.71 -1.41
CA SER F 202 43.53 -65.15 -1.31
C SER F 202 44.15 -65.18 -2.70
N SER F 203 43.32 -65.30 -3.76
CA SER F 203 43.68 -65.30 -5.17
C SER F 203 42.65 -66.07 -6.00
N PRO F 204 42.61 -65.86 -7.33
CA PRO F 204 41.35 -65.53 -8.04
C PRO F 204 40.20 -66.57 -8.15
N VAL F 205 38.95 -66.02 -8.15
CA VAL F 205 37.70 -66.79 -8.27
C VAL F 205 37.06 -66.57 -9.64
N THR F 206 36.76 -67.67 -10.34
CA THR F 206 36.13 -67.66 -11.67
C THR F 206 34.79 -68.39 -11.68
N LYS F 207 33.76 -67.68 -12.12
CA LYS F 207 32.55 -68.21 -12.72
C LYS F 207 32.56 -68.03 -14.23
N SER F 208 32.09 -69.07 -14.91
CA SER F 208 32.16 -69.16 -16.35
C SER F 208 31.00 -70.02 -16.77
N PHE F 209 30.69 -69.98 -18.07
CA PHE F 209 29.67 -70.86 -18.60
C PHE F 209 30.02 -71.20 -20.03
N ASN F 210 29.42 -72.28 -20.52
CA ASN F 210 29.48 -72.64 -21.93
C ASN F 210 28.11 -72.35 -22.50
N ARG F 211 28.07 -71.74 -23.68
CA ARG F 211 26.77 -71.39 -24.24
C ARG F 211 25.91 -72.62 -24.50
N GLY F 212 24.90 -72.82 -23.66
CA GLY F 212 24.03 -73.98 -23.71
C GLY F 212 24.17 -74.91 -22.52
N GLU F 213 23.06 -75.11 -21.80
CA GLU F 213 23.05 -75.94 -20.60
C GLU F 213 21.94 -76.98 -20.67
N THR G 3 -53.57 -23.53 -15.40
CA THR G 3 -52.28 -22.86 -15.30
C THR G 3 -52.49 -21.35 -15.32
N VAL G 4 -51.89 -20.64 -14.36
CA VAL G 4 -51.85 -19.19 -14.35
C VAL G 4 -50.38 -18.80 -14.39
N PRO G 5 -49.97 -17.90 -15.28
CA PRO G 5 -48.54 -17.56 -15.40
C PRO G 5 -48.07 -16.74 -14.22
N PRO G 6 -46.84 -16.97 -13.78
CA PRO G 6 -46.36 -16.25 -12.59
C PRO G 6 -46.13 -14.78 -12.84
N MET G 7 -46.32 -14.02 -11.76
CA MET G 7 -45.92 -12.65 -11.64
C MET G 7 -44.46 -12.61 -11.19
N VAL G 8 -43.57 -11.96 -11.96
CA VAL G 8 -42.13 -11.94 -11.67
C VAL G 8 -41.72 -10.49 -11.41
N ASN G 9 -41.06 -10.26 -10.29
CA ASN G 9 -40.62 -8.93 -9.90
C ASN G 9 -39.19 -9.02 -9.38
N VAL G 10 -38.34 -8.08 -9.79
CA VAL G 10 -36.96 -8.08 -9.36
C VAL G 10 -36.72 -6.84 -8.51
N THR G 11 -36.18 -7.06 -7.32
CA THR G 11 -35.90 -5.99 -6.38
C THR G 11 -34.42 -6.00 -6.05
N ARG G 12 -33.84 -4.82 -5.89
CA ARG G 12 -32.46 -4.66 -5.48
C ARG G 12 -32.42 -4.09 -4.08
N SER G 13 -31.52 -4.61 -3.25
CA SER G 13 -31.35 -4.10 -1.91
C SER G 13 -30.45 -2.86 -1.92
N GLU G 14 -30.36 -2.21 -0.77
CA GLU G 14 -29.42 -1.11 -0.62
C GLU G 14 -27.97 -1.57 -0.68
N ALA G 15 -27.15 -0.72 -1.29
CA ALA G 15 -25.74 -0.96 -1.44
C ALA G 15 -25.03 -0.90 -0.08
N SER G 16 -23.92 -1.61 -0.04
CA SER G 16 -23.04 -1.73 1.11
C SER G 16 -21.86 -2.32 0.39
N GLU G 17 -20.63 -2.05 0.82
CA GLU G 17 -19.67 -3.12 0.64
C GLU G 17 -19.16 -3.09 -0.81
N GLY G 18 -19.72 -2.14 -1.59
CA GLY G 18 -19.68 -2.13 -3.04
C GLY G 18 -20.67 -3.07 -3.69
N ASN G 19 -21.38 -3.87 -2.90
CA ASN G 19 -22.25 -4.95 -3.35
C ASN G 19 -23.72 -4.63 -3.09
N ILE G 20 -24.61 -5.39 -3.74
CA ILE G 20 -26.05 -5.23 -3.57
C ILE G 20 -26.69 -6.61 -3.65
N THR G 21 -27.83 -6.76 -3.02
CA THR G 21 -28.57 -8.02 -3.09
C THR G 21 -29.70 -7.85 -4.09
N VAL G 22 -29.78 -8.74 -5.08
CA VAL G 22 -30.86 -8.75 -6.06
C VAL G 22 -31.74 -9.96 -5.78
N THR G 23 -33.04 -9.73 -5.63
CA THR G 23 -33.99 -10.77 -5.28
C THR G 23 -35.00 -10.88 -6.39
N CYS G 24 -35.29 -12.11 -6.78
CA CYS G 24 -36.24 -12.40 -7.84
C CYS G 24 -37.44 -13.12 -7.24
N ARG G 25 -38.63 -12.53 -7.39
CA ARG G 25 -39.85 -13.04 -6.77
C ARG G 25 -40.79 -13.55 -7.86
N ALA G 26 -41.20 -14.82 -7.73
CA ALA G 26 -42.26 -15.42 -8.55
C ALA G 26 -43.45 -15.71 -7.64
N SER G 27 -44.59 -15.14 -7.98
CA SER G 27 -45.76 -15.22 -7.12
C SER G 27 -47.02 -15.54 -7.90
N SER G 28 -47.95 -16.19 -7.21
CA SER G 28 -49.33 -16.41 -7.67
C SER G 28 -49.35 -17.21 -8.98
N PHE G 29 -48.71 -18.38 -8.94
CA PHE G 29 -48.61 -19.25 -10.09
C PHE G 29 -49.12 -20.64 -9.73
N TYR G 30 -49.45 -21.41 -10.77
CA TYR G 30 -49.98 -22.75 -10.53
C TYR G 30 -49.71 -23.62 -11.74
N PRO G 31 -49.30 -24.89 -11.56
CA PRO G 31 -49.12 -25.62 -10.28
C PRO G 31 -47.82 -25.31 -9.52
N ARG G 32 -47.50 -26.10 -8.48
CA ARG G 32 -46.31 -25.89 -7.64
C ARG G 32 -44.96 -26.03 -8.38
N ASN G 33 -44.85 -26.82 -9.44
CA ASN G 33 -43.50 -27.00 -10.01
C ASN G 33 -43.06 -25.77 -10.80
N ILE G 34 -41.86 -25.25 -10.49
CA ILE G 34 -41.29 -24.07 -11.15
C ILE G 34 -39.75 -24.12 -11.06
N ILE G 35 -39.09 -23.55 -12.08
CA ILE G 35 -37.64 -23.31 -12.08
C ILE G 35 -37.39 -21.81 -12.01
N LEU G 36 -36.59 -21.39 -11.03
CA LEU G 36 -36.30 -19.97 -10.84
C LEU G 36 -34.83 -19.85 -10.45
N THR G 37 -34.05 -19.09 -11.20
CA THR G 37 -32.62 -19.01 -10.91
C THR G 37 -32.05 -17.73 -11.51
N TRP G 38 -31.00 -17.23 -10.87
CA TRP G 38 -30.22 -16.13 -11.42
C TRP G 38 -29.25 -16.68 -12.47
N ARG G 39 -29.03 -15.90 -13.53
CA ARG G 39 -28.04 -16.24 -14.54
C ARG G 39 -27.01 -15.13 -14.64
N GLN G 40 -25.78 -15.51 -14.97
CA GLN G 40 -24.65 -14.59 -15.04
C GLN G 40 -24.05 -14.71 -16.43
N ASP G 41 -24.19 -13.64 -17.24
CA ASP G 41 -23.90 -13.76 -18.67
C ASP G 41 -24.67 -14.92 -19.29
N GLY G 42 -25.88 -15.19 -18.78
CA GLY G 42 -26.68 -16.29 -19.29
C GLY G 42 -26.38 -17.67 -18.75
N VAL G 43 -25.40 -17.83 -17.85
CA VAL G 43 -25.07 -19.13 -17.25
C VAL G 43 -25.64 -19.20 -15.85
N SER G 44 -26.39 -20.27 -15.54
CA SER G 44 -27.04 -20.37 -14.25
C SER G 44 -26.05 -20.33 -13.10
N LEU G 45 -26.33 -19.51 -12.10
CA LEU G 45 -25.49 -19.54 -10.92
C LEU G 45 -25.71 -20.87 -10.20
N SER G 46 -24.68 -21.30 -9.46
CA SER G 46 -24.77 -22.56 -8.72
C SER G 46 -25.68 -22.39 -7.50
N HIS G 47 -25.83 -23.50 -6.79
CA HIS G 47 -26.62 -23.47 -5.57
C HIS G 47 -25.91 -22.68 -4.48
N ASP G 48 -24.57 -22.75 -4.42
CA ASP G 48 -23.82 -22.18 -3.31
C ASP G 48 -23.82 -20.66 -3.30
N THR G 49 -24.13 -20.01 -4.41
CA THR G 49 -24.10 -18.56 -4.48
C THR G 49 -25.47 -17.93 -4.42
N GLN G 50 -26.52 -18.71 -4.22
CA GLN G 50 -27.87 -18.18 -4.22
C GLN G 50 -28.60 -18.52 -2.94
N GLN G 51 -29.57 -17.69 -2.58
CA GLN G 51 -30.42 -17.88 -1.43
C GLN G 51 -31.81 -18.24 -1.95
N TRP G 52 -32.38 -19.32 -1.42
CA TRP G 52 -33.57 -19.95 -1.99
C TRP G 52 -34.71 -19.98 -0.97
N GLY G 53 -35.85 -19.43 -1.36
CA GLY G 53 -37.06 -19.62 -0.59
C GLY G 53 -37.78 -20.87 -1.03
N ASP G 54 -38.55 -21.46 -0.13
CA ASP G 54 -39.36 -22.62 -0.50
C ASP G 54 -40.52 -22.17 -1.38
N VAL G 55 -41.01 -23.08 -2.20
CA VAL G 55 -42.23 -22.83 -2.95
C VAL G 55 -43.37 -23.08 -1.98
N LEU G 56 -43.99 -22.01 -1.50
CA LEU G 56 -44.95 -22.04 -0.41
C LEU G 56 -46.31 -21.55 -0.88
N PRO G 57 -47.39 -22.02 -0.25
CA PRO G 57 -48.72 -21.66 -0.71
C PRO G 57 -49.01 -20.16 -0.57
N ASP G 58 -49.78 -19.66 -1.54
CA ASP G 58 -50.14 -18.25 -1.59
C ASP G 58 -51.08 -17.87 -0.45
N GLY G 59 -52.08 -18.71 -0.19
CA GLY G 59 -53.27 -18.34 0.54
C GLY G 59 -54.43 -17.99 -0.36
N ASN G 60 -54.19 -17.85 -1.67
CA ASN G 60 -55.21 -17.68 -2.68
C ASN G 60 -55.30 -18.89 -3.61
N GLY G 61 -54.76 -20.03 -3.20
CA GLY G 61 -54.76 -21.22 -4.01
C GLY G 61 -53.64 -21.36 -5.00
N THR G 62 -52.65 -20.46 -4.96
CA THR G 62 -51.49 -20.43 -5.86
C THR G 62 -50.22 -20.54 -5.00
N TYR G 63 -49.07 -20.36 -5.65
CA TYR G 63 -47.80 -20.54 -4.97
C TYR G 63 -46.92 -19.32 -5.16
N GLN G 64 -45.84 -19.26 -4.37
CA GLN G 64 -44.87 -18.19 -4.47
C GLN G 64 -43.51 -18.69 -4.02
N THR G 65 -42.46 -18.09 -4.58
CA THR G 65 -41.10 -18.39 -4.16
C THR G 65 -40.21 -17.22 -4.57
N TRP G 66 -38.92 -17.32 -4.24
CA TRP G 66 -37.97 -16.27 -4.54
C TRP G 66 -36.57 -16.87 -4.54
N VAL G 67 -35.66 -16.20 -5.24
CA VAL G 67 -34.24 -16.55 -5.21
C VAL G 67 -33.42 -15.24 -5.18
N ALA G 68 -32.35 -15.21 -4.39
CA ALA G 68 -31.54 -14.00 -4.19
C ALA G 68 -30.05 -14.30 -4.32
N THR G 69 -29.27 -13.25 -4.63
CA THR G 69 -27.82 -13.41 -4.76
C THR G 69 -27.09 -12.08 -4.57
N ARG G 70 -25.82 -12.14 -4.13
CA ARG G 70 -24.94 -10.98 -4.09
C ARG G 70 -24.22 -10.73 -5.39
N ILE G 71 -24.33 -9.48 -5.87
CA ILE G 71 -23.53 -8.99 -6.99
C ILE G 71 -22.92 -7.65 -6.62
N CYS G 72 -21.92 -7.29 -7.41
CA CYS G 72 -21.20 -6.02 -7.27
C CYS G 72 -21.94 -4.91 -7.98
N ARG G 73 -22.04 -3.76 -7.32
CA ARG G 73 -22.68 -2.62 -7.95
C ARG G 73 -21.88 -2.23 -9.19
N GLY G 74 -22.57 -2.11 -10.32
CA GLY G 74 -21.93 -1.84 -11.60
C GLY G 74 -22.02 -2.97 -12.61
N GLU G 75 -22.18 -4.21 -12.16
CA GLU G 75 -22.28 -5.37 -13.04
C GLU G 75 -23.70 -5.89 -13.13
N GLU G 76 -24.70 -5.10 -12.68
CA GLU G 76 -26.11 -5.50 -12.75
C GLU G 76 -26.46 -6.04 -14.13
N GLN G 77 -25.87 -5.42 -15.16
CA GLN G 77 -26.14 -5.71 -16.55
C GLN G 77 -25.92 -7.17 -16.92
N ARG G 78 -24.99 -7.84 -16.24
CA ARG G 78 -24.64 -9.24 -16.50
C ARG G 78 -25.57 -10.24 -15.81
N PHE G 79 -26.47 -9.77 -14.96
CA PHE G 79 -27.28 -10.68 -14.16
C PHE G 79 -28.74 -10.60 -14.59
N THR G 80 -29.35 -11.75 -14.85
CA THR G 80 -30.76 -11.81 -15.22
C THR G 80 -31.41 -12.94 -14.44
N CYS G 81 -32.70 -12.78 -14.17
CA CYS G 81 -33.46 -13.79 -13.48
C CYS G 81 -34.24 -14.61 -14.50
N TYR G 82 -34.08 -15.92 -14.43
CA TYR G 82 -34.65 -16.85 -15.38
C TYR G 82 -35.77 -17.63 -14.71
N MET G 83 -36.88 -17.80 -15.43
CA MET G 83 -38.08 -18.46 -14.90
C MET G 83 -38.60 -19.44 -15.96
N GLU G 84 -38.85 -20.67 -15.52
CA GLU G 84 -39.51 -21.69 -16.35
C GLU G 84 -40.74 -22.19 -15.62
N HIS G 85 -41.91 -22.11 -16.27
CA HIS G 85 -43.15 -22.59 -15.67
C HIS G 85 -44.04 -23.18 -16.75
N SER G 86 -44.30 -24.47 -16.65
CA SER G 86 -45.14 -25.24 -17.57
C SER G 86 -44.96 -24.81 -19.03
N GLY G 87 -43.71 -24.96 -19.51
CA GLY G 87 -43.43 -24.78 -20.91
C GLY G 87 -43.09 -23.38 -21.36
N ASN G 88 -43.49 -22.36 -20.60
CA ASN G 88 -43.16 -20.99 -20.93
C ASN G 88 -41.97 -20.53 -20.09
N HIS G 89 -41.22 -19.55 -20.64
CA HIS G 89 -40.01 -19.06 -19.97
C HIS G 89 -39.89 -17.55 -20.08
N SER G 90 -39.14 -16.97 -19.15
CA SER G 90 -38.89 -15.53 -19.20
C SER G 90 -37.60 -15.18 -18.50
N THR G 91 -37.12 -13.97 -18.81
CA THR G 91 -35.93 -13.39 -18.24
C THR G 91 -36.22 -11.96 -17.83
N HIS G 92 -35.77 -11.57 -16.64
CA HIS G 92 -35.96 -10.19 -16.18
C HIS G 92 -34.64 -9.60 -15.75
N PRO G 93 -34.38 -8.35 -16.10
CA PRO G 93 -33.13 -7.68 -15.73
C PRO G 93 -33.18 -7.11 -14.32
N VAL G 94 -32.01 -6.69 -13.84
CA VAL G 94 -31.95 -5.89 -12.60
C VAL G 94 -32.32 -4.45 -12.94
N PRO G 95 -33.32 -3.85 -12.25
CA PRO G 95 -33.78 -2.49 -12.58
C PRO G 95 -32.73 -1.41 -12.35
N GLU H 1 -6.60 -6.96 -29.73
CA GLU H 1 -6.35 -8.28 -30.27
C GLU H 1 -6.28 -9.45 -29.26
N VAL H 2 -7.43 -10.08 -29.02
CA VAL H 2 -7.63 -11.16 -28.06
C VAL H 2 -6.89 -12.44 -28.44
N GLN H 3 -6.14 -12.99 -27.48
CA GLN H 3 -5.38 -14.22 -27.70
C GLN H 3 -5.53 -15.17 -26.53
N LEU H 4 -5.67 -16.46 -26.84
CA LEU H 4 -5.64 -17.52 -25.84
C LEU H 4 -4.62 -18.55 -26.30
N VAL H 5 -3.70 -18.94 -25.41
CA VAL H 5 -2.60 -19.84 -25.77
C VAL H 5 -2.50 -20.96 -24.72
N GLU H 6 -2.87 -22.18 -25.10
CA GLU H 6 -2.81 -23.36 -24.26
C GLU H 6 -1.42 -23.96 -24.28
N SER H 7 -1.10 -24.68 -23.21
CA SER H 7 0.14 -25.45 -23.11
C SER H 7 -0.05 -26.50 -22.03
N GLY H 8 0.80 -27.53 -22.13
CA GLY H 8 0.93 -28.57 -21.13
C GLY H 8 0.53 -29.97 -21.58
N GLY H 9 0.02 -30.14 -22.79
CA GLY H 9 -0.34 -31.48 -23.19
C GLY H 9 0.88 -32.33 -23.49
N GLY H 10 0.62 -33.60 -23.72
CA GLY H 10 1.66 -34.57 -23.97
C GLY H 10 1.12 -35.97 -23.72
N LEU H 11 2.04 -36.93 -23.74
CA LEU H 11 1.73 -38.33 -23.50
C LEU H 11 1.78 -38.64 -22.00
N VAL H 12 0.74 -39.32 -21.48
CA VAL H 12 0.65 -39.71 -20.07
C VAL H 12 0.12 -41.13 -19.95
N GLN H 13 0.54 -41.82 -18.89
CA GLN H 13 0.08 -43.17 -18.64
C GLN H 13 -1.38 -43.15 -18.18
N PRO H 14 -2.15 -44.19 -18.50
CA PRO H 14 -3.51 -44.28 -17.93
C PRO H 14 -3.39 -44.27 -16.41
N GLY H 15 -4.31 -43.56 -15.75
CA GLY H 15 -4.23 -43.30 -14.34
C GLY H 15 -3.29 -42.17 -13.95
N GLY H 16 -2.52 -41.62 -14.89
CA GLY H 16 -1.62 -40.53 -14.58
C GLY H 16 -2.33 -39.18 -14.45
N SER H 17 -1.49 -38.14 -14.35
CA SER H 17 -1.95 -36.79 -14.07
C SER H 17 -1.25 -35.81 -15.00
N LEU H 18 -1.92 -34.70 -15.27
CA LEU H 18 -1.36 -33.69 -16.17
C LEU H 18 -2.08 -32.37 -15.93
N ARG H 19 -1.34 -31.27 -16.02
CA ARG H 19 -1.85 -29.94 -15.77
C ARG H 19 -1.79 -29.15 -17.07
N LEU H 20 -2.94 -28.70 -17.57
CA LEU H 20 -2.98 -27.78 -18.70
C LEU H 20 -3.05 -26.34 -18.22
N SER H 21 -2.41 -25.45 -18.98
CA SER H 21 -2.42 -24.02 -18.73
C SER H 21 -2.89 -23.28 -19.98
N CYS H 22 -3.44 -22.09 -19.77
CA CYS H 22 -3.90 -21.27 -20.87
C CYS H 22 -3.54 -19.83 -20.53
N ALA H 23 -2.75 -19.20 -21.38
CA ALA H 23 -2.28 -17.84 -21.17
C ALA H 23 -3.14 -16.89 -22.00
N ALA H 24 -3.75 -15.92 -21.36
CA ALA H 24 -4.63 -14.97 -22.04
C ALA H 24 -3.93 -13.64 -22.22
N SER H 25 -4.24 -12.96 -23.32
CA SER H 25 -3.74 -11.61 -23.46
C SER H 25 -4.69 -10.82 -24.36
N GLY H 26 -4.59 -9.50 -24.27
CA GLY H 26 -5.41 -8.64 -25.10
C GLY H 26 -6.77 -8.24 -24.55
N PHE H 27 -7.07 -8.52 -23.29
CA PHE H 27 -8.35 -8.12 -22.70
C PHE H 27 -8.19 -8.22 -21.18
N THR H 28 -9.14 -7.65 -20.43
CA THR H 28 -9.08 -7.78 -18.97
C THR H 28 -9.58 -9.17 -18.58
N PHE H 29 -8.63 -10.09 -18.30
CA PHE H 29 -8.94 -11.49 -18.01
C PHE H 29 -9.84 -11.61 -16.79
N SER H 30 -9.59 -10.81 -15.74
CA SER H 30 -10.40 -10.99 -14.54
C SER H 30 -11.87 -10.62 -14.73
N THR H 31 -12.24 -10.22 -15.92
CA THR H 31 -13.58 -9.75 -16.24
C THR H 31 -14.41 -10.78 -16.99
N TYR H 32 -13.82 -11.91 -17.37
CA TYR H 32 -14.50 -12.88 -18.22
C TYR H 32 -14.49 -14.26 -17.58
N SER H 33 -15.63 -14.91 -17.61
CA SER H 33 -15.67 -16.33 -17.31
C SER H 33 -14.99 -17.12 -18.44
N MET H 34 -14.52 -18.33 -18.10
CA MET H 34 -13.62 -19.13 -18.93
C MET H 34 -14.03 -20.61 -18.94
N ASN H 35 -13.60 -21.31 -19.98
CA ASN H 35 -13.99 -22.71 -20.16
C ASN H 35 -12.85 -23.54 -20.74
N TRP H 36 -12.95 -24.83 -20.51
CA TRP H 36 -12.24 -25.82 -21.28
C TRP H 36 -13.24 -26.64 -22.07
N VAL H 37 -12.96 -26.84 -23.36
CA VAL H 37 -13.72 -27.65 -24.28
C VAL H 37 -12.76 -28.61 -24.99
N ARG H 38 -13.15 -29.87 -25.14
CA ARG H 38 -12.23 -30.85 -25.73
C ARG H 38 -12.83 -31.57 -26.93
N GLN H 39 -11.93 -32.11 -27.75
CA GLN H 39 -12.30 -32.77 -28.99
C GLN H 39 -11.41 -34.01 -29.19
N ALA H 40 -12.01 -35.19 -29.03
CA ALA H 40 -11.28 -36.42 -29.25
C ALA H 40 -10.90 -36.54 -30.72
N PRO H 41 -9.80 -37.25 -31.04
CA PRO H 41 -9.38 -37.36 -32.45
C PRO H 41 -10.52 -37.83 -33.35
N GLY H 42 -10.86 -37.00 -34.32
CA GLY H 42 -11.90 -37.30 -35.28
C GLY H 42 -13.34 -37.22 -34.80
N LYS H 43 -13.59 -36.75 -33.58
CA LYS H 43 -14.94 -36.73 -33.03
C LYS H 43 -15.40 -35.28 -32.94
N GLY H 44 -16.52 -35.06 -32.26
CA GLY H 44 -17.08 -33.73 -32.09
C GLY H 44 -16.53 -32.97 -30.87
N LEU H 45 -17.17 -31.82 -30.60
CA LEU H 45 -16.83 -30.97 -29.47
C LEU H 45 -17.55 -31.43 -28.20
N GLU H 46 -16.84 -31.41 -27.08
CA GLU H 46 -17.41 -31.75 -25.77
C GLU H 46 -16.96 -30.72 -24.74
N TRP H 47 -17.91 -30.02 -24.14
CA TRP H 47 -17.59 -29.07 -23.09
C TRP H 47 -17.17 -29.79 -21.82
N VAL H 48 -16.15 -29.27 -21.15
CA VAL H 48 -15.52 -29.95 -20.02
C VAL H 48 -15.76 -29.21 -18.71
N SER H 49 -15.47 -27.92 -18.69
CA SER H 49 -15.50 -27.20 -17.42
C SER H 49 -15.63 -25.71 -17.66
N TYR H 50 -16.22 -25.04 -16.67
CA TYR H 50 -16.52 -23.63 -16.68
C TYR H 50 -16.08 -23.05 -15.35
N ILE H 51 -15.51 -21.84 -15.37
CA ILE H 51 -15.21 -21.11 -14.14
C ILE H 51 -15.54 -19.63 -14.35
N SER H 52 -16.36 -19.07 -13.45
CA SER H 52 -16.73 -17.65 -13.56
C SER H 52 -15.55 -16.75 -13.18
N TYR H 53 -15.68 -15.46 -13.47
CA TYR H 53 -14.53 -14.56 -13.39
C TYR H 53 -14.04 -14.33 -11.95
N ARG H 54 -14.85 -14.53 -10.93
CA ARG H 54 -14.35 -14.46 -9.55
C ARG H 54 -14.31 -15.83 -8.90
N SER H 55 -14.40 -16.88 -9.72
CA SER H 55 -14.25 -18.27 -9.26
C SER H 55 -15.39 -18.70 -8.33
N ARG H 56 -16.50 -17.94 -8.32
CA ARG H 56 -17.62 -18.28 -7.45
C ARG H 56 -18.48 -19.42 -8.02
N THR H 57 -18.62 -19.52 -9.34
CA THR H 57 -19.40 -20.57 -9.97
C THR H 57 -18.50 -21.43 -10.84
N ILE H 58 -18.51 -22.75 -10.58
CA ILE H 58 -17.64 -23.72 -11.25
C ILE H 58 -18.46 -24.94 -11.62
N TYR H 59 -18.31 -25.43 -12.86
CA TYR H 59 -19.05 -26.59 -13.36
C TYR H 59 -18.11 -27.56 -14.07
N TYR H 60 -18.46 -28.84 -13.99
CA TYR H 60 -17.73 -29.90 -14.69
C TYR H 60 -18.71 -30.79 -15.45
N ALA H 61 -18.30 -31.25 -16.62
CA ALA H 61 -19.09 -32.28 -17.26
C ALA H 61 -19.05 -33.54 -16.40
N ASP H 62 -20.16 -34.29 -16.44
CA ASP H 62 -20.27 -35.51 -15.63
C ASP H 62 -19.11 -36.46 -15.86
N SER H 63 -18.62 -36.54 -17.10
CA SER H 63 -17.54 -37.47 -17.41
C SER H 63 -16.21 -37.11 -16.75
N VAL H 64 -16.06 -35.91 -16.19
CA VAL H 64 -14.77 -35.55 -15.58
C VAL H 64 -14.92 -35.15 -14.13
N LYS H 65 -16.14 -35.02 -13.64
CA LYS H 65 -16.36 -34.64 -12.25
C LYS H 65 -15.64 -35.62 -11.35
N GLY H 66 -14.96 -35.09 -10.34
CA GLY H 66 -14.16 -35.89 -9.44
C GLY H 66 -12.74 -36.10 -9.89
N ARG H 67 -12.46 -35.98 -11.18
CA ARG H 67 -11.11 -36.22 -11.69
C ARG H 67 -10.40 -34.96 -12.15
N PHE H 68 -11.12 -33.96 -12.64
CA PHE H 68 -10.54 -32.73 -13.15
C PHE H 68 -10.86 -31.57 -12.21
N THR H 69 -9.92 -30.62 -12.11
CA THR H 69 -10.12 -29.40 -11.33
C THR H 69 -9.77 -28.16 -12.17
N ILE H 70 -10.72 -27.24 -12.30
CA ILE H 70 -10.47 -25.96 -12.98
C ILE H 70 -10.13 -24.89 -11.95
N SER H 71 -9.21 -23.99 -12.33
CA SER H 71 -8.85 -22.87 -11.48
C SER H 71 -8.27 -21.81 -12.40
N ARG H 72 -8.13 -20.59 -11.85
CA ARG H 72 -7.61 -19.46 -12.61
C ARG H 72 -6.81 -18.54 -11.69
N ASP H 73 -5.84 -17.82 -12.28
CA ASP H 73 -5.06 -16.82 -11.54
C ASP H 73 -5.24 -15.50 -12.27
N ASN H 74 -6.14 -14.68 -11.77
CA ASN H 74 -6.47 -13.45 -12.50
C ASN H 74 -5.28 -12.52 -12.61
N ALA H 75 -4.44 -12.48 -11.59
CA ALA H 75 -3.27 -11.60 -11.60
C ALA H 75 -2.21 -12.06 -12.60
N ARG H 76 -2.28 -13.31 -13.07
CA ARG H 76 -1.32 -13.80 -14.06
C ARG H 76 -1.98 -14.14 -15.38
N ASN H 77 -3.21 -13.70 -15.62
CA ASN H 77 -3.90 -13.94 -16.88
C ASN H 77 -3.86 -15.41 -17.29
N SER H 78 -4.08 -16.30 -16.33
CA SER H 78 -3.90 -17.73 -16.56
C SER H 78 -5.12 -18.54 -16.11
N LEU H 79 -5.47 -19.52 -16.95
CA LEU H 79 -6.46 -20.54 -16.67
C LEU H 79 -5.78 -21.90 -16.57
N TYR H 80 -6.23 -22.76 -15.65
CA TYR H 80 -5.63 -24.08 -15.47
C TYR H 80 -6.68 -25.19 -15.53
N LEU H 81 -6.23 -26.38 -15.94
CA LEU H 81 -7.00 -27.63 -15.78
C LEU H 81 -6.09 -28.70 -15.18
N GLN H 82 -6.40 -29.12 -13.95
CA GLN H 82 -5.69 -30.23 -13.31
C GLN H 82 -6.43 -31.53 -13.60
N MET H 83 -5.75 -32.47 -14.25
CA MET H 83 -6.38 -33.70 -14.75
C MET H 83 -5.77 -34.87 -13.99
N ASN H 84 -6.60 -35.61 -13.24
CA ASN H 84 -6.14 -36.78 -12.50
C ASN H 84 -6.90 -38.02 -12.96
N SER H 85 -6.31 -39.19 -12.66
CA SER H 85 -6.93 -40.48 -12.99
C SER H 85 -7.34 -40.55 -14.45
N LEU H 86 -6.41 -40.18 -15.32
CA LEU H 86 -6.68 -40.09 -16.74
C LEU H 86 -7.00 -41.46 -17.33
N ARG H 87 -7.93 -41.47 -18.27
CA ARG H 87 -8.35 -42.63 -19.03
C ARG H 87 -8.08 -42.39 -20.50
N ASP H 88 -8.16 -43.47 -21.29
CA ASP H 88 -7.93 -43.36 -22.72
C ASP H 88 -8.94 -42.42 -23.38
N GLU H 89 -10.20 -42.49 -22.97
CA GLU H 89 -11.22 -41.61 -23.53
C GLU H 89 -10.99 -40.12 -23.19
N ASP H 90 -9.97 -39.80 -22.41
CA ASP H 90 -9.60 -38.41 -22.17
C ASP H 90 -8.66 -37.89 -23.24
N THR H 91 -8.23 -38.76 -24.16
CA THR H 91 -7.39 -38.33 -25.26
C THR H 91 -8.15 -37.36 -26.15
N ALA H 92 -7.62 -36.15 -26.29
CA ALA H 92 -8.33 -35.12 -27.05
C ALA H 92 -7.41 -33.94 -27.24
N VAL H 93 -7.76 -33.09 -28.19
CA VAL H 93 -7.23 -31.73 -28.18
C VAL H 93 -8.04 -30.92 -27.20
N TYR H 94 -7.37 -30.18 -26.31
CA TYR H 94 -8.05 -29.40 -25.30
C TYR H 94 -7.97 -27.91 -25.67
N TYR H 95 -9.13 -27.27 -25.80
CA TYR H 95 -9.25 -25.86 -26.15
C TYR H 95 -9.61 -25.06 -24.92
N CYS H 96 -8.91 -23.94 -24.79
CA CYS H 96 -9.25 -22.85 -23.88
C CYS H 96 -10.29 -21.95 -24.57
N ALA H 97 -11.40 -21.59 -23.90
CA ALA H 97 -12.41 -20.74 -24.56
C ALA H 97 -13.02 -19.69 -23.62
N ARG H 98 -13.06 -18.45 -24.07
CA ARG H 98 -13.64 -17.35 -23.28
C ARG H 98 -15.16 -17.34 -23.42
N TRP H 99 -15.85 -16.98 -22.35
CA TRP H 99 -17.31 -16.86 -22.35
C TRP H 99 -17.69 -15.39 -22.57
N GLY H 100 -18.59 -15.15 -23.51
CA GLY H 100 -18.88 -13.78 -23.90
C GLY H 100 -19.65 -13.00 -22.83
N TYR H 101 -19.30 -11.73 -22.69
CA TYR H 101 -19.99 -10.83 -21.75
C TYR H 101 -21.49 -10.72 -22.06
N GLY H 102 -22.31 -10.89 -21.02
CA GLY H 102 -23.74 -10.65 -21.15
C GLY H 102 -24.49 -11.68 -21.97
N SER H 103 -24.15 -11.75 -23.26
CA SER H 103 -24.89 -12.58 -24.20
C SER H 103 -24.29 -13.98 -24.40
N GLY H 104 -23.18 -14.33 -23.73
CA GLY H 104 -22.72 -15.71 -23.73
C GLY H 104 -22.01 -16.18 -25.00
N GLY H 105 -21.89 -17.49 -25.10
CA GLY H 105 -21.17 -18.10 -26.23
C GLY H 105 -19.68 -18.23 -25.98
N PHE H 106 -19.08 -19.24 -26.62
CA PHE H 106 -17.63 -19.38 -26.54
C PHE H 106 -17.07 -18.45 -27.60
N ASP H 107 -16.77 -17.19 -27.21
CA ASP H 107 -16.54 -16.19 -28.25
C ASP H 107 -15.08 -16.06 -28.71
N TYR H 108 -14.08 -16.55 -27.95
CA TYR H 108 -12.71 -16.67 -28.44
C TYR H 108 -12.14 -18.00 -27.98
N TRP H 109 -11.35 -18.63 -28.85
CA TRP H 109 -10.81 -19.97 -28.63
C TRP H 109 -9.31 -19.93 -28.79
N GLY H 110 -8.61 -20.78 -28.02
CA GLY H 110 -7.21 -21.01 -28.28
C GLY H 110 -7.01 -21.97 -29.45
N GLN H 111 -5.75 -22.22 -29.74
CA GLN H 111 -5.40 -23.15 -30.80
C GLN H 111 -5.44 -24.58 -30.32
N GLY H 112 -5.50 -24.80 -29.01
CA GLY H 112 -5.63 -26.15 -28.49
C GLY H 112 -4.28 -26.77 -28.17
N THR H 113 -4.31 -27.71 -27.23
CA THR H 113 -3.17 -28.56 -26.92
C THR H 113 -3.60 -30.02 -26.82
N LEU H 114 -2.78 -30.92 -27.41
CA LEU H 114 -3.11 -32.34 -27.53
C LEU H 114 -2.67 -33.10 -26.27
N VAL H 115 -3.60 -33.85 -25.68
CA VAL H 115 -3.36 -34.70 -24.51
C VAL H 115 -3.58 -36.15 -24.93
N THR H 116 -2.56 -37.00 -24.75
CA THR H 116 -2.67 -38.41 -25.17
C THR H 116 -2.52 -39.34 -23.98
N VAL H 117 -3.54 -40.18 -23.74
CA VAL H 117 -3.54 -41.12 -22.63
C VAL H 117 -3.37 -42.53 -23.21
N SER H 118 -2.21 -43.13 -22.97
CA SER H 118 -1.90 -44.44 -23.50
C SER H 118 -0.71 -44.98 -22.74
N SER H 119 -0.57 -46.31 -22.73
CA SER H 119 0.58 -46.94 -22.12
C SER H 119 1.63 -47.33 -23.17
N ALA H 120 1.65 -46.66 -24.31
CA ALA H 120 2.57 -46.97 -25.38
C ALA H 120 3.73 -45.99 -25.32
N SER H 121 4.87 -46.43 -25.81
CA SER H 121 6.09 -45.67 -25.62
C SER H 121 6.27 -44.58 -26.68
N THR H 122 6.96 -43.53 -26.30
CA THR H 122 7.37 -42.51 -27.24
C THR H 122 8.44 -43.07 -28.17
N LYS H 123 8.23 -42.92 -29.47
CA LYS H 123 9.23 -43.34 -30.45
C LYS H 123 9.30 -42.33 -31.59
N GLY H 124 10.53 -41.93 -31.95
CA GLY H 124 10.74 -41.03 -33.07
C GLY H 124 10.71 -41.76 -34.41
N PRO H 125 10.38 -41.04 -35.49
CA PRO H 125 10.17 -41.70 -36.77
C PRO H 125 11.45 -41.83 -37.58
N SER H 126 11.41 -42.76 -38.54
CA SER H 126 12.43 -42.82 -39.58
C SER H 126 11.86 -42.15 -40.84
N VAL H 127 12.71 -41.43 -41.56
CA VAL H 127 12.28 -40.60 -42.67
C VAL H 127 12.97 -41.12 -43.93
N PHE H 128 12.16 -41.68 -44.87
CA PHE H 128 12.68 -42.22 -46.11
C PHE H 128 12.18 -41.42 -47.29
N PRO H 129 13.00 -41.22 -48.32
CA PRO H 129 12.56 -40.44 -49.47
C PRO H 129 11.63 -41.25 -50.36
N LEU H 130 10.65 -40.54 -50.94
CA LEU H 130 9.86 -41.08 -52.04
C LEU H 130 10.39 -40.39 -53.30
N ALA H 131 11.29 -41.06 -54.01
CA ALA H 131 12.11 -40.53 -55.08
C ALA H 131 11.37 -40.60 -56.42
N PRO H 132 11.29 -39.49 -57.17
CA PRO H 132 10.71 -39.54 -58.52
C PRO H 132 11.43 -40.50 -59.46
N SER H 133 10.76 -40.79 -60.58
CA SER H 133 11.37 -41.39 -61.76
C SER H 133 10.86 -40.66 -63.01
N SER H 134 10.82 -41.35 -64.15
CA SER H 134 10.01 -40.88 -65.29
C SER H 134 9.71 -41.99 -66.30
N GLY H 140 6.13 -33.28 -68.54
CA GLY H 140 5.00 -32.98 -67.68
C GLY H 140 5.40 -32.49 -66.30
N THR H 141 4.74 -33.02 -65.27
CA THR H 141 5.09 -32.73 -63.89
C THR H 141 5.31 -34.05 -63.15
N ALA H 142 6.23 -34.02 -62.18
CA ALA H 142 6.63 -35.20 -61.44
C ALA H 142 6.24 -35.06 -59.97
N ALA H 143 6.19 -36.21 -59.29
CA ALA H 143 5.81 -36.24 -57.88
C ALA H 143 6.94 -36.85 -57.06
N LEU H 144 7.18 -36.25 -55.89
CA LEU H 144 8.18 -36.73 -54.93
C LEU H 144 7.63 -36.54 -53.52
N GLY H 145 8.27 -37.18 -52.54
CA GLY H 145 7.79 -37.02 -51.20
C GLY H 145 8.69 -37.67 -50.15
N CYS H 146 8.12 -37.79 -48.95
CA CYS H 146 8.78 -38.29 -47.76
C CYS H 146 7.86 -39.23 -47.01
N LEU H 147 8.38 -40.38 -46.61
CA LEU H 147 7.64 -41.34 -45.80
C LEU H 147 8.13 -41.25 -44.36
N VAL H 148 7.25 -40.80 -43.46
CA VAL H 148 7.57 -40.64 -42.05
C VAL H 148 6.97 -41.84 -41.34
N LYS H 149 7.80 -42.81 -40.98
CA LYS H 149 7.32 -44.11 -40.54
C LYS H 149 7.69 -44.39 -39.08
N ASP H 150 6.74 -45.01 -38.37
CA ASP H 150 6.91 -45.65 -37.05
C ASP H 150 7.22 -44.67 -35.94
N TYR H 151 6.27 -43.81 -35.59
CA TYR H 151 6.41 -42.90 -34.47
C TYR H 151 5.19 -42.99 -33.56
N PHE H 152 5.33 -42.45 -32.36
CA PHE H 152 4.26 -42.38 -31.37
C PHE H 152 4.70 -41.38 -30.30
N PRO H 153 3.82 -40.51 -29.79
CA PRO H 153 2.44 -40.29 -30.20
C PRO H 153 2.34 -39.29 -31.33
N GLU H 154 1.12 -38.91 -31.70
CA GLU H 154 0.95 -37.74 -32.53
C GLU H 154 1.39 -36.50 -31.77
N PRO H 155 1.79 -35.42 -32.48
CA PRO H 155 1.79 -35.25 -33.93
C PRO H 155 3.20 -35.14 -34.52
N VAL H 156 3.30 -35.19 -35.84
CA VAL H 156 4.49 -34.88 -36.60
C VAL H 156 4.17 -33.71 -37.53
N THR H 157 5.15 -32.84 -37.80
CA THR H 157 4.98 -31.77 -38.79
C THR H 157 5.97 -31.94 -39.92
N VAL H 158 5.53 -31.58 -41.13
CA VAL H 158 6.34 -31.64 -42.35
C VAL H 158 6.20 -30.32 -43.09
N SER H 159 7.33 -29.77 -43.51
CA SER H 159 7.37 -28.66 -44.45
C SER H 159 8.33 -29.05 -45.57
N TRP H 160 8.41 -28.22 -46.60
CA TRP H 160 9.28 -28.49 -47.73
C TRP H 160 10.16 -27.27 -48.00
N ASN H 161 11.45 -27.50 -48.19
CA ASN H 161 12.42 -26.43 -48.40
C ASN H 161 12.24 -25.32 -47.37
N SER H 162 12.13 -25.73 -46.11
CA SER H 162 12.03 -24.82 -44.96
C SER H 162 10.88 -23.83 -45.08
N GLY H 163 9.81 -24.20 -45.78
CA GLY H 163 8.67 -23.32 -45.97
C GLY H 163 8.63 -22.61 -47.31
N ALA H 164 9.71 -22.66 -48.07
CA ALA H 164 9.74 -22.02 -49.37
C ALA H 164 8.93 -22.78 -50.40
N LEU H 165 8.58 -24.03 -50.11
CA LEU H 165 7.78 -24.87 -51.00
C LEU H 165 6.50 -25.23 -50.26
N THR H 166 5.38 -24.67 -50.70
CA THR H 166 4.07 -24.92 -50.10
C THR H 166 3.05 -25.33 -51.16
N SER H 167 3.21 -24.82 -52.38
CA SER H 167 2.25 -25.08 -53.44
C SER H 167 2.40 -26.49 -53.99
N GLY H 168 1.30 -27.21 -54.06
CA GLY H 168 1.32 -28.58 -54.54
C GLY H 168 1.67 -29.59 -53.48
N VAL H 169 1.67 -29.18 -52.22
CA VAL H 169 2.07 -30.04 -51.10
C VAL H 169 0.84 -30.71 -50.53
N HIS H 170 0.91 -32.02 -50.35
CA HIS H 170 -0.12 -32.77 -49.65
C HIS H 170 0.53 -33.53 -48.51
N THR H 171 0.13 -33.22 -47.29
CA THR H 171 0.60 -33.94 -46.11
C THR H 171 -0.60 -34.73 -45.59
N PHE H 172 -0.52 -36.05 -45.66
CA PHE H 172 -1.65 -36.91 -45.39
C PHE H 172 -1.87 -37.07 -43.89
N PRO H 173 -3.10 -37.26 -43.46
CA PRO H 173 -3.35 -37.61 -42.06
C PRO H 173 -2.67 -38.92 -41.71
N ALA H 174 -2.14 -39.00 -40.50
CA ALA H 174 -1.46 -40.22 -40.06
C ALA H 174 -2.45 -41.36 -39.93
N VAL H 175 -1.98 -42.58 -40.24
CA VAL H 175 -2.76 -43.80 -40.05
C VAL H 175 -2.06 -44.64 -38.99
N LEU H 176 -2.84 -45.33 -38.18
CA LEU H 176 -2.27 -46.16 -37.13
C LEU H 176 -2.01 -47.53 -37.72
N GLN H 177 -0.76 -47.98 -37.64
CA GLN H 177 -0.42 -49.28 -38.20
C GLN H 177 -0.75 -50.39 -37.21
N SER H 178 -0.76 -51.61 -37.74
CA SER H 178 -1.04 -52.80 -36.93
C SER H 178 -0.10 -52.89 -35.73
N SER H 179 1.13 -52.36 -35.84
CA SER H 179 2.09 -52.33 -34.73
C SER H 179 1.75 -51.34 -33.61
N GLY H 180 0.73 -50.50 -33.78
CA GLY H 180 0.45 -49.48 -32.81
C GLY H 180 1.22 -48.20 -33.00
N LEU H 181 2.08 -48.14 -34.00
CA LEU H 181 2.85 -46.94 -34.33
C LEU H 181 2.20 -46.21 -35.51
N TYR H 182 2.42 -44.91 -35.57
CA TYR H 182 1.83 -44.12 -36.63
C TYR H 182 2.77 -44.03 -37.82
N SER H 183 2.18 -43.79 -38.97
CA SER H 183 2.92 -43.59 -40.19
C SER H 183 2.17 -42.57 -41.04
N LEU H 184 2.93 -41.89 -41.88
CA LEU H 184 2.44 -40.74 -42.62
C LEU H 184 3.36 -40.52 -43.80
N SER H 185 2.78 -40.03 -44.89
CA SER H 185 3.53 -39.62 -46.07
C SER H 185 3.17 -38.17 -46.38
N SER H 186 4.14 -37.45 -46.94
CA SER H 186 3.96 -36.09 -47.42
C SER H 186 4.54 -36.02 -48.81
N VAL H 187 3.74 -35.51 -49.77
CA VAL H 187 4.12 -35.51 -51.18
C VAL H 187 3.96 -34.10 -51.74
N VAL H 188 4.67 -33.85 -52.84
CA VAL H 188 4.56 -32.58 -53.54
C VAL H 188 4.78 -32.83 -55.02
N THR H 189 4.03 -32.11 -55.86
CA THR H 189 4.19 -32.15 -57.30
C THR H 189 4.92 -30.92 -57.80
N VAL H 190 5.83 -31.14 -58.74
CA VAL H 190 6.70 -30.08 -59.26
C VAL H 190 6.86 -30.31 -60.76
N PRO H 191 7.23 -29.27 -61.50
CA PRO H 191 7.54 -29.48 -62.92
C PRO H 191 8.70 -30.46 -63.06
N SER H 192 8.52 -31.46 -63.93
CA SER H 192 9.54 -32.49 -64.09
C SER H 192 10.84 -31.98 -64.69
N SER H 193 10.81 -30.83 -65.38
CA SER H 193 12.04 -30.21 -65.86
C SER H 193 12.93 -29.76 -64.71
N SER H 194 12.31 -29.38 -63.60
CA SER H 194 12.99 -28.82 -62.44
C SER H 194 13.86 -29.81 -61.70
N LEU H 195 13.73 -31.11 -61.99
CA LEU H 195 14.38 -32.12 -61.15
C LEU H 195 15.89 -31.94 -61.09
N GLY H 196 16.51 -31.41 -62.15
CA GLY H 196 17.95 -31.28 -62.14
C GLY H 196 18.49 -30.05 -61.44
N THR H 197 17.70 -28.98 -61.38
CA THR H 197 18.17 -27.69 -60.86
C THR H 197 17.72 -27.40 -59.44
N GLN H 198 16.52 -27.82 -59.07
CA GLN H 198 15.95 -27.47 -57.79
C GLN H 198 16.25 -28.55 -56.76
N THR H 199 16.54 -28.12 -55.53
CA THR H 199 16.79 -29.00 -54.41
C THR H 199 15.52 -29.15 -53.61
N TYR H 200 15.12 -30.39 -53.31
CA TYR H 200 13.91 -30.66 -52.55
C TYR H 200 14.26 -31.35 -51.24
N ILE H 201 13.97 -30.67 -50.12
CA ILE H 201 14.22 -31.16 -48.77
C ILE H 201 12.92 -31.11 -47.98
N CYS H 202 12.55 -32.22 -47.36
CA CYS H 202 11.42 -32.22 -46.44
C CYS H 202 11.93 -32.15 -45.01
N ASN H 203 11.30 -31.29 -44.21
CA ASN H 203 11.69 -31.02 -42.83
C ASN H 203 10.67 -31.65 -41.91
N VAL H 204 11.09 -32.69 -41.19
CA VAL H 204 10.22 -33.44 -40.30
C VAL H 204 10.55 -33.06 -38.87
N ASN H 205 9.52 -32.80 -38.07
CA ASN H 205 9.68 -32.48 -36.66
C ASN H 205 8.74 -33.38 -35.87
N HIS H 206 9.28 -34.16 -34.95
CA HIS H 206 8.46 -34.93 -34.03
C HIS H 206 8.82 -34.47 -32.62
N LYS H 207 8.22 -33.35 -32.21
CA LYS H 207 8.48 -32.80 -30.89
C LYS H 207 8.31 -33.81 -29.76
N PRO H 208 7.28 -34.67 -29.74
CA PRO H 208 7.10 -35.58 -28.59
C PRO H 208 8.30 -36.44 -28.31
N SER H 209 9.15 -36.73 -29.31
CA SER H 209 10.32 -37.57 -29.14
C SER H 209 11.63 -36.83 -29.35
N ASN H 210 11.61 -35.49 -29.50
CA ASN H 210 12.82 -34.70 -29.74
C ASN H 210 13.57 -35.22 -30.96
N THR H 211 12.82 -35.49 -32.05
CA THR H 211 13.39 -35.94 -33.32
C THR H 211 13.09 -34.90 -34.40
N LYS H 212 14.14 -34.25 -34.91
CA LYS H 212 14.08 -33.37 -36.07
C LYS H 212 14.96 -33.97 -37.17
N VAL H 213 14.40 -34.11 -38.37
CA VAL H 213 15.13 -34.66 -39.51
C VAL H 213 14.86 -33.82 -40.75
N ASP H 214 15.91 -33.51 -41.51
CA ASP H 214 15.83 -32.88 -42.82
C ASP H 214 16.24 -33.92 -43.86
N LYS H 215 15.35 -34.23 -44.81
CA LYS H 215 15.62 -35.29 -45.77
C LYS H 215 15.67 -34.75 -47.19
N ARG H 216 16.80 -34.95 -47.84
CA ARG H 216 16.94 -34.61 -49.25
C ARG H 216 16.38 -35.73 -50.11
N VAL H 217 15.55 -35.36 -51.07
CA VAL H 217 14.89 -36.30 -51.97
C VAL H 217 15.47 -36.07 -53.35
N GLU H 218 16.01 -37.12 -53.94
CA GLU H 218 16.69 -37.01 -55.23
C GLU H 218 16.27 -38.16 -56.13
N PRO H 219 16.36 -37.96 -57.46
CA PRO H 219 15.97 -38.90 -58.53
C PRO H 219 16.59 -40.30 -58.44
N GLU I 1 -30.75 -33.71 -18.49
CA GLU I 1 -29.88 -33.43 -19.63
C GLU I 1 -30.66 -32.93 -20.84
N ILE I 2 -30.14 -31.90 -21.50
CA ILE I 2 -30.68 -31.46 -22.79
C ILE I 2 -29.77 -32.00 -23.88
N VAL I 3 -30.35 -32.69 -24.85
CA VAL I 3 -29.59 -33.29 -25.95
C VAL I 3 -29.94 -32.59 -27.24
N LEU I 4 -28.91 -32.27 -28.02
CA LEU I 4 -29.04 -31.65 -29.33
C LEU I 4 -28.71 -32.68 -30.39
N THR I 5 -29.57 -32.83 -31.38
CA THR I 5 -29.24 -33.61 -32.55
C THR I 5 -29.19 -32.66 -33.75
N GLN I 6 -28.41 -33.02 -34.75
CA GLN I 6 -28.19 -32.18 -35.91
C GLN I 6 -28.48 -32.98 -37.15
N SER I 7 -29.14 -32.35 -38.09
CA SER I 7 -29.56 -32.99 -39.28
C SER I 7 -29.44 -32.05 -40.45
N PRO I 8 -28.99 -32.53 -41.61
CA PRO I 8 -28.49 -33.86 -41.98
C PRO I 8 -27.04 -34.06 -41.46
N GLY I 9 -26.53 -35.29 -41.54
CA GLY I 9 -25.15 -35.52 -41.12
C GLY I 9 -24.13 -34.87 -42.04
N THR I 10 -24.34 -34.93 -43.34
CA THR I 10 -23.44 -34.34 -44.32
C THR I 10 -24.26 -33.64 -45.39
N LEU I 11 -23.66 -32.64 -46.03
CA LEU I 11 -24.34 -31.78 -46.99
C LEU I 11 -23.36 -31.41 -48.09
N SER I 12 -23.65 -31.82 -49.31
CA SER I 12 -22.81 -31.57 -50.47
C SER I 12 -23.56 -30.63 -51.40
N LEU I 13 -22.96 -29.47 -51.66
CA LEU I 13 -23.61 -28.43 -52.43
C LEU I 13 -22.53 -27.71 -53.24
N SER I 14 -22.94 -27.17 -54.39
CA SER I 14 -22.03 -26.43 -55.26
C SER I 14 -21.93 -25.03 -54.70
N PRO I 15 -20.86 -24.29 -55.02
CA PRO I 15 -20.80 -22.90 -54.58
C PRO I 15 -22.02 -22.15 -55.11
N GLY I 16 -22.49 -21.18 -54.33
CA GLY I 16 -23.62 -20.35 -54.71
C GLY I 16 -24.97 -20.87 -54.27
N GLU I 17 -25.06 -22.10 -53.78
CA GLU I 17 -26.33 -22.63 -53.31
C GLU I 17 -26.56 -22.28 -51.84
N ARG I 18 -27.75 -22.67 -51.32
CA ARG I 18 -28.20 -22.35 -49.98
C ARG I 18 -28.12 -23.60 -49.12
N ALA I 19 -27.40 -23.51 -48.00
CA ALA I 19 -27.28 -24.61 -47.05
C ALA I 19 -28.24 -24.39 -45.89
N THR I 20 -29.06 -25.39 -45.58
CA THR I 20 -30.01 -25.27 -44.47
C THR I 20 -29.70 -26.37 -43.46
N LEU I 21 -29.18 -25.96 -42.29
CA LEU I 21 -28.73 -26.88 -41.25
C LEU I 21 -29.69 -26.83 -40.07
N SER I 22 -30.09 -28.00 -39.59
CA SER I 22 -31.08 -28.13 -38.54
C SER I 22 -30.48 -28.62 -37.24
N CYS I 23 -31.04 -28.09 -36.16
CA CYS I 23 -30.70 -28.45 -34.79
C CYS I 23 -32.01 -28.62 -34.03
N ARG I 24 -32.10 -29.71 -33.30
CA ARG I 24 -33.24 -30.14 -32.52
C ARG I 24 -32.78 -30.34 -31.08
N ALA I 25 -33.52 -29.81 -30.11
CA ALA I 25 -33.21 -29.95 -28.69
C ALA I 25 -34.17 -30.95 -28.06
N SER I 26 -33.68 -31.75 -27.12
CA SER I 26 -34.55 -32.75 -26.48
C SER I 26 -35.67 -32.11 -25.65
N GLN I 27 -35.53 -30.85 -25.28
CA GLN I 27 -36.61 -30.09 -24.65
C GLN I 27 -36.43 -28.63 -25.00
N SER I 28 -37.42 -27.82 -24.63
CA SER I 28 -37.42 -26.42 -25.04
C SER I 28 -36.17 -25.73 -24.50
N VAL I 29 -35.51 -24.99 -25.38
CA VAL I 29 -34.36 -24.20 -25.02
C VAL I 29 -34.64 -22.76 -25.40
N SER I 30 -34.50 -21.85 -24.42
CA SER I 30 -34.72 -20.45 -24.70
C SER I 30 -33.75 -20.00 -25.79
N SER I 31 -34.23 -19.09 -26.64
CA SER I 31 -33.46 -18.65 -27.79
C SER I 31 -32.17 -17.96 -27.39
N SER I 32 -32.13 -17.34 -26.21
CA SER I 32 -30.94 -16.66 -25.76
C SER I 32 -29.74 -17.59 -25.58
N TYR I 33 -29.99 -18.88 -25.34
CA TYR I 33 -28.96 -19.84 -24.96
C TYR I 33 -28.70 -20.88 -26.05
N LEU I 34 -28.85 -20.49 -27.32
CA LEU I 34 -28.58 -21.35 -28.46
C LEU I 34 -27.60 -20.61 -29.37
N ALA I 35 -26.46 -21.24 -29.67
CA ALA I 35 -25.41 -20.65 -30.49
C ALA I 35 -24.92 -21.65 -31.54
N TRP I 36 -24.22 -21.14 -32.57
CA TRP I 36 -23.69 -21.99 -33.65
C TRP I 36 -22.20 -21.71 -33.85
N TYR I 37 -21.43 -22.79 -34.12
CA TYR I 37 -19.99 -22.68 -34.29
C TYR I 37 -19.59 -23.32 -35.60
N GLN I 38 -18.54 -22.75 -36.20
CA GLN I 38 -17.93 -23.27 -37.42
C GLN I 38 -16.51 -23.73 -37.12
N GLN I 39 -16.15 -24.92 -37.60
CA GLN I 39 -14.79 -25.44 -37.45
C GLN I 39 -14.30 -25.99 -38.78
N LYS I 40 -13.32 -25.31 -39.36
CA LYS I 40 -12.58 -25.76 -40.54
C LYS I 40 -11.48 -26.73 -40.10
N PRO I 41 -10.97 -27.58 -41.03
CA PRO I 41 -10.19 -28.77 -40.64
C PRO I 41 -9.13 -28.61 -39.55
N GLY I 42 -8.08 -27.83 -39.79
CA GLY I 42 -7.03 -27.82 -38.78
C GLY I 42 -7.14 -26.74 -37.73
N GLN I 43 -8.35 -26.21 -37.51
CA GLN I 43 -8.47 -24.98 -36.74
C GLN I 43 -9.40 -25.15 -35.56
N ALA I 44 -9.35 -24.21 -34.68
CA ALA I 44 -10.28 -24.21 -33.58
C ALA I 44 -11.64 -23.71 -34.05
N PRO I 45 -12.72 -24.13 -33.41
CA PRO I 45 -14.03 -23.57 -33.72
C PRO I 45 -14.05 -22.06 -33.55
N ARG I 46 -15.01 -21.40 -34.23
CA ARG I 46 -15.28 -19.99 -33.99
C ARG I 46 -16.79 -19.76 -33.87
N LEU I 47 -17.14 -18.82 -33.01
CA LEU I 47 -18.55 -18.49 -32.82
C LEU I 47 -19.10 -17.88 -34.11
N LEU I 48 -20.24 -18.40 -34.55
CA LEU I 48 -20.93 -17.89 -35.72
C LEU I 48 -22.12 -17.02 -35.34
N ILE I 49 -23.00 -17.58 -34.52
CA ILE I 49 -24.28 -17.03 -34.11
C ILE I 49 -24.39 -17.22 -32.61
N TYR I 50 -24.85 -16.19 -31.91
CA TYR I 50 -25.28 -16.33 -30.54
C TYR I 50 -26.72 -15.85 -30.43
N GLY I 51 -27.37 -16.22 -29.33
CA GLY I 51 -28.77 -15.89 -29.16
C GLY I 51 -29.63 -16.32 -30.31
N ALA I 52 -29.30 -17.47 -30.92
CA ALA I 52 -30.09 -18.09 -32.01
C ALA I 52 -30.07 -17.30 -33.33
N SER I 53 -29.96 -15.95 -33.28
CA SER I 53 -30.06 -15.18 -34.53
C SER I 53 -29.07 -14.02 -34.64
N SER I 54 -28.24 -13.75 -33.65
CA SER I 54 -27.29 -12.63 -33.74
C SER I 54 -25.96 -13.12 -34.26
N ARG I 55 -25.40 -12.40 -35.23
CA ARG I 55 -24.11 -12.74 -35.80
C ARG I 55 -22.97 -12.30 -34.90
N ALA I 56 -21.99 -13.18 -34.72
CA ALA I 56 -20.85 -12.77 -33.91
C ALA I 56 -19.95 -11.85 -34.72
N THR I 57 -18.96 -11.30 -34.04
CA THR I 57 -18.08 -10.30 -34.65
C THR I 57 -17.33 -10.85 -35.85
N GLY I 58 -17.36 -10.10 -36.95
CA GLY I 58 -16.67 -10.46 -38.16
C GLY I 58 -17.33 -11.53 -39.00
N ILE I 59 -18.56 -11.94 -38.69
CA ILE I 59 -19.23 -13.00 -39.43
C ILE I 59 -20.02 -12.35 -40.56
N PRO I 60 -19.78 -12.72 -41.81
CA PRO I 60 -20.48 -12.09 -42.94
C PRO I 60 -21.99 -12.32 -42.91
N ASP I 61 -22.70 -11.61 -43.79
CA ASP I 61 -24.16 -11.55 -43.74
C ASP I 61 -24.81 -12.80 -44.31
N ARG I 62 -24.08 -13.61 -45.06
CA ARG I 62 -24.62 -14.84 -45.62
C ARG I 62 -24.88 -15.92 -44.58
N PHE I 63 -24.35 -15.77 -43.36
CA PHE I 63 -24.68 -16.67 -42.26
C PHE I 63 -25.88 -16.13 -41.50
N SER I 64 -26.87 -16.98 -41.26
CA SER I 64 -28.04 -16.53 -40.52
C SER I 64 -28.60 -17.67 -39.68
N GLY I 65 -29.21 -17.31 -38.55
CA GLY I 65 -29.79 -18.28 -37.65
C GLY I 65 -31.19 -17.88 -37.27
N SER I 66 -32.00 -18.88 -36.97
CA SER I 66 -33.40 -18.68 -36.59
C SER I 66 -33.85 -19.89 -35.79
N GLY I 67 -35.09 -19.86 -35.33
CA GLY I 67 -35.68 -20.99 -34.64
C GLY I 67 -36.11 -20.64 -33.23
N SER I 68 -36.80 -21.60 -32.61
CA SER I 68 -37.24 -21.43 -31.23
C SER I 68 -37.66 -22.78 -30.66
N GLY I 69 -37.71 -22.85 -29.32
CA GLY I 69 -38.23 -24.03 -28.67
C GLY I 69 -37.26 -25.18 -28.75
N THR I 70 -37.54 -26.10 -29.66
CA THR I 70 -36.69 -27.26 -29.86
C THR I 70 -36.10 -27.33 -31.27
N ASP I 71 -36.40 -26.39 -32.15
CA ASP I 71 -35.95 -26.47 -33.54
C ASP I 71 -35.27 -25.17 -33.92
N PHE I 72 -34.02 -25.28 -34.35
CA PHE I 72 -33.22 -24.13 -34.72
C PHE I 72 -32.60 -24.43 -36.07
N THR I 73 -32.26 -23.36 -36.78
CA THR I 73 -31.79 -23.49 -38.16
C THR I 73 -30.65 -22.51 -38.39
N LEU I 74 -29.58 -22.99 -39.02
CA LEU I 74 -28.54 -22.12 -39.55
C LEU I 74 -28.65 -22.18 -41.07
N THR I 75 -28.71 -21.02 -41.70
CA THR I 75 -28.79 -20.92 -43.15
C THR I 75 -27.56 -20.20 -43.68
N ILE I 76 -26.87 -20.84 -44.64
CA ILE I 76 -25.74 -20.22 -45.34
C ILE I 76 -26.18 -19.97 -46.77
N SER I 77 -26.52 -18.72 -47.08
CA SER I 77 -26.83 -18.33 -48.44
C SER I 77 -25.56 -18.10 -49.24
N ARG I 78 -25.62 -18.39 -50.55
CA ARG I 78 -24.49 -18.20 -51.45
C ARG I 78 -23.23 -18.89 -50.91
N LEU I 79 -23.34 -20.22 -50.83
CA LEU I 79 -22.29 -21.06 -50.28
C LEU I 79 -20.98 -20.87 -51.04
N GLU I 80 -19.87 -20.99 -50.33
CA GLU I 80 -18.55 -20.86 -50.90
C GLU I 80 -17.73 -22.14 -50.70
N PRO I 81 -16.65 -22.32 -51.45
CA PRO I 81 -15.80 -23.51 -51.23
C PRO I 81 -15.12 -23.48 -49.86
N GLU I 82 -14.67 -22.30 -49.41
CA GLU I 82 -14.04 -22.16 -48.11
C GLU I 82 -15.00 -22.38 -46.94
N ASP I 83 -16.30 -22.50 -47.22
CA ASP I 83 -17.28 -22.82 -46.21
C ASP I 83 -17.34 -24.30 -45.91
N PHE I 84 -16.56 -25.11 -46.62
CA PHE I 84 -16.44 -26.49 -46.21
C PHE I 84 -15.94 -26.49 -44.77
N ALA I 85 -16.73 -27.09 -43.88
CA ALA I 85 -16.43 -27.07 -42.46
C ALA I 85 -17.48 -27.91 -41.76
N VAL I 86 -17.27 -28.15 -40.49
CA VAL I 86 -18.31 -28.72 -39.64
C VAL I 86 -18.97 -27.58 -38.86
N TYR I 87 -20.29 -27.66 -38.71
CA TYR I 87 -21.07 -26.66 -38.02
C TYR I 87 -21.74 -27.31 -36.83
N TYR I 88 -21.54 -26.75 -35.64
CA TYR I 88 -22.07 -27.30 -34.41
C TYR I 88 -23.08 -26.34 -33.82
N CYS I 89 -24.21 -26.88 -33.38
CA CYS I 89 -25.03 -26.06 -32.51
C CYS I 89 -24.70 -26.37 -31.05
N GLN I 90 -25.07 -25.43 -30.19
CA GLN I 90 -24.65 -25.49 -28.80
C GLN I 90 -25.73 -24.81 -27.99
N GLN I 91 -26.05 -25.40 -26.85
CA GLN I 91 -27.05 -24.84 -25.97
C GLN I 91 -26.45 -24.63 -24.58
N TYR I 92 -26.93 -23.62 -23.87
CA TYR I 92 -26.59 -23.53 -22.45
C TYR I 92 -27.82 -23.13 -21.64
N GLY I 93 -29.01 -23.61 -22.06
CA GLY I 93 -30.14 -23.60 -21.18
C GLY I 93 -29.92 -24.45 -19.95
N SER I 94 -29.27 -25.61 -20.11
CA SER I 94 -28.99 -26.49 -19.00
C SER I 94 -27.64 -27.14 -19.23
N SER I 95 -26.66 -26.84 -18.37
CA SER I 95 -25.27 -27.23 -18.57
C SER I 95 -24.82 -26.61 -19.90
N PHE I 96 -23.76 -27.17 -20.51
CA PHE I 96 -23.32 -26.74 -21.82
C PHE I 96 -23.17 -28.00 -22.67
N THR I 97 -23.94 -28.09 -23.76
CA THR I 97 -23.79 -29.23 -24.67
C THR I 97 -23.79 -28.75 -26.11
N PHE I 98 -23.15 -29.56 -26.96
CA PHE I 98 -23.05 -29.35 -28.39
C PHE I 98 -23.86 -30.39 -29.14
N GLY I 99 -24.31 -30.02 -30.33
CA GLY I 99 -24.75 -31.02 -31.26
C GLY I 99 -23.55 -31.77 -31.84
N PRO I 100 -23.82 -32.86 -32.55
CA PRO I 100 -22.72 -33.66 -33.13
C PRO I 100 -22.10 -33.03 -34.36
N GLY I 101 -22.71 -32.00 -34.93
CA GLY I 101 -22.10 -31.35 -36.06
C GLY I 101 -22.69 -31.83 -37.38
N THR I 102 -22.70 -30.92 -38.36
CA THR I 102 -23.10 -31.21 -39.73
C THR I 102 -21.94 -30.78 -40.61
N LYS I 103 -21.43 -31.70 -41.42
CA LYS I 103 -20.33 -31.34 -42.31
C LYS I 103 -20.87 -30.89 -43.65
N VAL I 104 -20.34 -29.79 -44.16
CA VAL I 104 -20.78 -29.23 -45.42
C VAL I 104 -19.64 -29.35 -46.42
N ASP I 105 -19.84 -30.20 -47.44
CA ASP I 105 -18.85 -30.49 -48.47
C ASP I 105 -19.19 -29.67 -49.71
N ILE I 106 -18.16 -29.33 -50.47
CA ILE I 106 -18.33 -28.55 -51.70
C ILE I 106 -18.31 -29.49 -52.92
N LYS I 107 -19.34 -29.37 -53.78
CA LYS I 107 -19.42 -30.11 -55.03
C LYS I 107 -18.62 -29.44 -56.15
N ARG I 108 -18.07 -30.27 -57.03
CA ARG I 108 -17.29 -29.79 -58.16
C ARG I 108 -17.40 -30.81 -59.29
N THR I 109 -16.96 -30.40 -60.48
CA THR I 109 -16.94 -31.29 -61.63
C THR I 109 -15.99 -32.46 -61.44
N VAL I 110 -16.32 -33.58 -62.08
CA VAL I 110 -15.49 -34.78 -61.99
C VAL I 110 -14.06 -34.45 -62.43
N ALA I 111 -13.08 -34.93 -61.65
CA ALA I 111 -11.67 -34.73 -61.96
C ALA I 111 -10.93 -36.04 -61.77
N ALA I 112 -10.14 -36.43 -62.79
CA ALA I 112 -9.42 -37.70 -62.73
C ALA I 112 -8.17 -37.58 -61.86
N PRO I 113 -7.77 -38.65 -61.19
CA PRO I 113 -6.53 -38.62 -60.41
C PRO I 113 -5.31 -38.83 -61.31
N SER I 114 -4.23 -38.12 -60.97
CA SER I 114 -2.90 -38.45 -61.48
C SER I 114 -2.29 -39.47 -60.53
N VAL I 115 -1.81 -40.58 -61.08
CA VAL I 115 -1.34 -41.71 -60.30
C VAL I 115 0.17 -41.80 -60.43
N PHE I 116 0.85 -41.97 -59.30
CA PHE I 116 2.28 -42.18 -59.24
C PHE I 116 2.57 -43.34 -58.29
N ILE I 117 3.63 -44.07 -58.58
CA ILE I 117 4.06 -45.18 -57.74
C ILE I 117 5.49 -44.92 -57.29
N PHE I 118 5.80 -45.31 -56.04
CA PHE I 118 7.11 -45.10 -55.45
C PHE I 118 7.63 -46.41 -54.89
N PRO I 119 8.80 -46.88 -55.31
CA PRO I 119 9.37 -48.11 -54.72
C PRO I 119 9.96 -47.80 -53.37
N PRO I 120 10.17 -48.82 -52.52
CA PRO I 120 10.81 -48.58 -51.23
C PRO I 120 12.21 -48.03 -51.40
N SER I 121 12.62 -47.17 -50.48
CA SER I 121 13.95 -46.61 -50.50
C SER I 121 14.99 -47.69 -50.20
N ASP I 122 16.22 -47.41 -50.63
CA ASP I 122 17.32 -48.32 -50.28
C ASP I 122 17.62 -48.24 -48.78
N GLU I 123 17.40 -47.06 -48.17
CA GLU I 123 17.56 -46.87 -46.73
C GLU I 123 16.66 -47.80 -45.93
N GLN I 124 15.37 -47.83 -46.28
CA GLN I 124 14.40 -48.60 -45.50
C GLN I 124 14.65 -50.09 -45.63
N LEU I 125 15.16 -50.51 -46.79
CA LEU I 125 15.44 -51.93 -47.02
C LEU I 125 16.48 -52.46 -46.03
N LYS I 126 17.40 -51.61 -45.58
CA LYS I 126 18.41 -52.04 -44.61
C LYS I 126 17.78 -52.43 -43.28
N SER I 127 16.59 -51.90 -42.98
CA SER I 127 15.86 -52.17 -41.75
C SER I 127 14.95 -53.40 -41.83
N GLY I 128 14.91 -54.12 -42.95
CA GLY I 128 14.17 -55.37 -42.99
C GLY I 128 12.70 -55.29 -43.36
N THR I 129 12.13 -54.09 -43.56
CA THR I 129 10.77 -53.97 -44.11
C THR I 129 10.75 -53.01 -45.30
N ALA I 130 9.76 -53.22 -46.16
CA ALA I 130 9.63 -52.49 -47.42
C ALA I 130 8.25 -51.86 -47.54
N SER I 131 8.21 -50.57 -47.88
CA SER I 131 6.96 -49.83 -48.06
C SER I 131 6.86 -49.38 -49.50
N VAL I 132 5.76 -49.77 -50.16
CA VAL I 132 5.47 -49.31 -51.52
C VAL I 132 4.28 -48.37 -51.44
N VAL I 133 4.42 -47.18 -52.00
CA VAL I 133 3.41 -46.13 -51.84
C VAL I 133 2.85 -45.75 -53.20
N CYS I 134 1.52 -45.63 -53.27
CA CYS I 134 0.80 -45.19 -54.47
C CYS I 134 0.02 -43.92 -54.17
N LEU I 135 0.20 -42.90 -55.00
CA LEU I 135 -0.41 -41.59 -54.81
C LEU I 135 -1.45 -41.30 -55.89
N LEU I 136 -2.63 -40.86 -55.46
CA LEU I 136 -3.71 -40.37 -56.34
C LEU I 136 -3.89 -38.89 -56.02
N ASN I 137 -3.52 -38.02 -56.94
CA ASN I 137 -3.42 -36.59 -56.67
C ASN I 137 -4.58 -35.80 -57.28
N ASN I 138 -5.28 -35.01 -56.45
CA ASN I 138 -6.25 -34.02 -56.90
C ASN I 138 -7.39 -34.62 -57.74
N PHE I 139 -8.35 -35.28 -57.10
CA PHE I 139 -9.43 -35.93 -57.83
C PHE I 139 -10.76 -35.64 -57.16
N TYR I 140 -11.85 -35.88 -57.91
CA TYR I 140 -13.20 -35.71 -57.40
C TYR I 140 -14.15 -36.58 -58.20
N PRO I 141 -15.08 -37.31 -57.57
CA PRO I 141 -15.32 -37.41 -56.14
C PRO I 141 -14.27 -38.36 -55.55
N ARG I 142 -14.40 -38.56 -54.27
CA ARG I 142 -13.45 -39.16 -53.34
C ARG I 142 -13.64 -40.67 -53.24
N GLU I 143 -14.74 -41.19 -53.75
CA GLU I 143 -14.84 -42.62 -54.01
C GLU I 143 -13.74 -42.98 -55.01
N ALA I 144 -12.86 -43.88 -54.60
CA ALA I 144 -11.76 -44.30 -55.45
C ALA I 144 -11.36 -45.66 -54.94
N LYS I 145 -11.01 -46.55 -55.85
CA LYS I 145 -10.62 -47.88 -55.45
C LYS I 145 -9.22 -48.20 -55.97
N VAL I 146 -8.34 -48.62 -55.07
CA VAL I 146 -6.95 -48.91 -55.37
C VAL I 146 -6.67 -50.37 -55.08
N GLN I 147 -5.99 -51.04 -56.00
CA GLN I 147 -5.69 -52.45 -55.88
C GLN I 147 -4.20 -52.67 -56.14
N TRP I 148 -3.58 -53.51 -55.32
CA TRP I 148 -2.17 -53.83 -55.44
C TRP I 148 -1.98 -55.18 -56.11
N LYS I 149 -1.05 -55.23 -57.06
CA LYS I 149 -0.60 -56.49 -57.64
C LYS I 149 0.92 -56.52 -57.60
N VAL I 150 1.47 -57.62 -57.11
CA VAL I 150 2.89 -57.88 -57.20
C VAL I 150 3.08 -59.15 -58.03
N ASP I 151 3.83 -59.04 -59.13
CA ASP I 151 3.89 -60.11 -60.12
C ASP I 151 2.48 -60.47 -60.60
N ASN I 152 1.61 -59.46 -60.64
CA ASN I 152 0.20 -59.56 -61.04
C ASN I 152 -0.64 -60.46 -60.12
N ALA I 153 -0.25 -60.54 -58.86
CA ALA I 153 -1.03 -61.25 -57.85
C ALA I 153 -1.71 -60.21 -56.97
N LEU I 154 -3.05 -60.19 -57.01
CA LEU I 154 -3.81 -59.22 -56.24
C LEU I 154 -3.59 -59.42 -54.75
N GLN I 155 -3.42 -58.31 -54.02
CA GLN I 155 -3.07 -58.34 -52.62
C GLN I 155 -4.26 -58.01 -51.75
N SER I 156 -4.24 -58.52 -50.52
CA SER I 156 -5.34 -58.27 -49.61
C SER I 156 -4.80 -58.25 -48.20
N GLY I 157 -5.28 -57.29 -47.39
CA GLY I 157 -4.97 -57.17 -45.98
C GLY I 157 -3.64 -56.55 -45.62
N ASN I 158 -2.85 -56.06 -46.59
CA ASN I 158 -1.52 -55.55 -46.28
C ASN I 158 -1.28 -54.13 -46.80
N SER I 159 -2.34 -53.36 -47.03
CA SER I 159 -2.22 -51.99 -47.49
C SER I 159 -3.08 -51.08 -46.62
N GLN I 160 -2.70 -49.81 -46.55
CA GLN I 160 -3.42 -48.82 -45.75
C GLN I 160 -3.63 -47.55 -46.56
N GLU I 161 -4.80 -46.95 -46.40
CA GLU I 161 -5.16 -45.78 -47.17
C GLU I 161 -5.25 -44.56 -46.26
N SER I 162 -5.00 -43.40 -46.84
CA SER I 162 -5.13 -42.11 -46.18
C SER I 162 -5.58 -41.09 -47.22
N VAL I 163 -6.51 -40.21 -46.85
CA VAL I 163 -7.07 -39.25 -47.80
C VAL I 163 -7.03 -37.86 -47.18
N THR I 164 -6.61 -36.87 -47.97
CA THR I 164 -6.59 -35.49 -47.50
C THR I 164 -8.00 -34.96 -47.32
N GLU I 165 -8.10 -33.88 -46.55
CA GLU I 165 -9.36 -33.17 -46.51
C GLU I 165 -9.63 -32.50 -47.84
N GLN I 166 -10.92 -32.32 -48.15
CA GLN I 166 -11.28 -31.64 -49.37
C GLN I 166 -10.59 -30.29 -49.44
N ASP I 167 -9.86 -30.07 -50.53
CA ASP I 167 -9.03 -28.88 -50.64
C ASP I 167 -9.90 -27.62 -50.64
N SER I 168 -9.44 -26.60 -49.92
CA SER I 168 -10.19 -25.35 -49.83
C SER I 168 -10.21 -24.60 -51.16
N LYS I 169 -9.17 -24.74 -52.00
CA LYS I 169 -9.12 -24.01 -53.27
C LYS I 169 -9.93 -24.69 -54.38
N ASP I 170 -9.57 -25.93 -54.75
CA ASP I 170 -10.19 -26.55 -55.92
C ASP I 170 -11.10 -27.71 -55.55
N SER I 171 -11.36 -27.91 -54.26
CA SER I 171 -12.30 -28.89 -53.74
C SER I 171 -11.97 -30.32 -54.13
N THR I 172 -10.71 -30.61 -54.48
CA THR I 172 -10.34 -31.98 -54.81
C THR I 172 -9.78 -32.70 -53.58
N TYR I 173 -9.73 -34.03 -53.69
CA TYR I 173 -9.10 -34.88 -52.70
C TYR I 173 -7.81 -35.43 -53.26
N SER I 174 -6.98 -35.94 -52.36
CA SER I 174 -5.78 -36.70 -52.70
C SER I 174 -5.72 -37.90 -51.77
N LEU I 175 -5.14 -39.00 -52.28
CA LEU I 175 -5.12 -40.25 -51.55
C LEU I 175 -3.77 -40.95 -51.71
N SER I 176 -3.41 -41.70 -50.67
CA SER I 176 -2.26 -42.58 -50.68
C SER I 176 -2.68 -43.97 -50.21
N SER I 177 -2.15 -44.99 -50.88
CA SER I 177 -2.24 -46.37 -50.43
C SER I 177 -0.82 -46.85 -50.21
N THR I 178 -0.55 -47.48 -49.07
CA THR I 178 0.78 -47.96 -48.72
C THR I 178 0.78 -49.47 -48.54
N LEU I 179 1.52 -50.17 -49.39
CA LEU I 179 1.71 -51.62 -49.28
C LEU I 179 2.99 -51.89 -48.49
N THR I 180 2.89 -52.69 -47.43
CA THR I 180 4.05 -53.02 -46.61
C THR I 180 4.34 -54.51 -46.69
N LEU I 181 5.57 -54.85 -47.02
CA LEU I 181 6.05 -56.22 -47.08
C LEU I 181 7.38 -56.27 -46.35
N SER I 182 7.78 -57.49 -45.97
CA SER I 182 9.11 -57.66 -45.43
C SER I 182 10.11 -57.57 -46.57
N LYS I 183 11.34 -57.18 -46.24
CA LYS I 183 12.38 -57.15 -47.28
C LYS I 183 12.45 -58.49 -47.98
N ALA I 184 12.27 -59.58 -47.22
CA ALA I 184 12.26 -60.93 -47.76
C ALA I 184 11.21 -61.09 -48.87
N ASP I 185 9.93 -60.89 -48.53
CA ASP I 185 8.86 -61.07 -49.51
C ASP I 185 8.99 -60.10 -50.67
N TYR I 186 9.51 -58.90 -50.41
CA TYR I 186 9.71 -57.90 -51.45
C TYR I 186 10.77 -58.36 -52.45
N GLU I 187 11.84 -58.99 -51.97
CA GLU I 187 12.97 -59.31 -52.83
C GLU I 187 12.81 -60.62 -53.61
N LYS I 188 11.68 -61.32 -53.45
CA LYS I 188 11.40 -62.51 -54.23
C LYS I 188 10.39 -62.26 -55.34
N HIS I 189 9.92 -61.04 -55.52
CA HIS I 189 9.03 -60.71 -56.61
C HIS I 189 9.60 -59.54 -57.41
N LYS I 190 9.00 -59.28 -58.58
CA LYS I 190 9.64 -58.37 -59.52
C LYS I 190 8.76 -57.19 -59.92
N VAL I 191 7.50 -57.43 -60.32
CA VAL I 191 6.64 -56.37 -60.81
C VAL I 191 5.71 -55.91 -59.70
N TYR I 192 5.66 -54.60 -59.46
CA TYR I 192 4.82 -54.01 -58.43
C TYR I 192 3.91 -52.99 -59.10
N ALA I 193 2.59 -53.23 -59.02
CA ALA I 193 1.61 -52.49 -59.79
C ALA I 193 0.50 -51.94 -58.90
N CYS I 194 0.11 -50.70 -59.23
CA CYS I 194 -0.99 -49.98 -58.61
C CYS I 194 -2.11 -49.78 -59.63
N GLU I 195 -3.30 -50.27 -59.29
CA GLU I 195 -4.52 -50.37 -60.12
C GLU I 195 -5.53 -49.39 -59.54
N VAL I 196 -5.89 -48.35 -60.33
CA VAL I 196 -6.79 -47.27 -59.86
C VAL I 196 -7.96 -47.19 -60.83
N THR I 197 -9.17 -47.29 -60.28
CA THR I 197 -10.40 -47.08 -61.03
C THR I 197 -11.14 -45.92 -60.39
N HIS I 198 -11.56 -44.94 -61.21
CA HIS I 198 -12.20 -43.74 -60.69
C HIS I 198 -13.28 -43.23 -61.64
N GLN I 199 -14.21 -42.52 -61.08
CA GLN I 199 -15.34 -41.99 -61.82
C GLN I 199 -14.89 -41.29 -63.06
N GLY I 200 -13.80 -40.54 -62.99
CA GLY I 200 -13.13 -39.79 -64.00
C GLY I 200 -12.18 -40.48 -64.97
N LEU I 201 -11.89 -41.76 -64.79
CA LEU I 201 -10.99 -42.52 -65.66
C LEU I 201 -11.83 -43.42 -66.55
N SER I 202 -11.62 -43.29 -67.86
CA SER I 202 -12.37 -44.10 -68.82
C SER I 202 -12.14 -45.60 -68.59
N SER I 203 -10.97 -45.96 -68.12
CA SER I 203 -10.59 -47.35 -67.87
C SER I 203 -9.52 -47.35 -66.79
N PRO I 204 -9.35 -48.46 -66.09
CA PRO I 204 -8.43 -48.43 -64.94
C PRO I 204 -7.02 -48.03 -65.39
N VAL I 205 -6.35 -47.28 -64.52
CA VAL I 205 -4.99 -46.81 -64.77
C VAL I 205 -4.06 -47.60 -63.86
N THR I 206 -3.03 -48.19 -64.45
CA THR I 206 -2.02 -48.96 -63.73
C THR I 206 -0.69 -48.25 -63.87
N LYS I 207 -0.07 -47.94 -62.73
CA LYS I 207 1.32 -47.54 -62.69
C LYS I 207 2.13 -48.65 -62.03
N SER I 208 3.33 -48.89 -62.52
CA SER I 208 4.09 -50.04 -62.05
C SER I 208 5.59 -49.81 -62.18
N PHE I 209 6.36 -50.66 -61.52
CA PHE I 209 7.80 -50.67 -61.66
C PHE I 209 8.30 -52.10 -61.49
N ASN I 210 9.52 -52.35 -61.94
CA ASN I 210 10.19 -53.62 -61.72
C ASN I 210 11.26 -53.44 -60.66
N ARG I 211 11.32 -54.38 -59.71
CA ARG I 211 12.26 -54.27 -58.61
C ARG I 211 13.69 -54.25 -59.15
N GLY I 212 14.24 -53.05 -59.31
CA GLY I 212 15.53 -52.84 -59.94
C GLY I 212 15.34 -52.21 -61.31
N GLU I 213 15.85 -51.00 -61.52
CA GLU I 213 15.63 -50.30 -62.79
C GLU I 213 16.95 -49.92 -63.45
N THR J 3 40.08 44.23 4.12
CA THR J 3 38.67 43.80 4.05
C THR J 3 37.80 44.48 3.03
N VAL J 4 37.18 43.66 2.19
CA VAL J 4 36.10 44.01 1.27
C VAL J 4 34.96 43.04 1.58
N PRO J 5 33.71 43.50 1.74
CA PRO J 5 32.63 42.56 2.10
C PRO J 5 32.21 41.72 0.90
N PRO J 6 31.88 40.46 1.11
CA PRO J 6 31.48 39.60 -0.01
C PRO J 6 30.07 39.93 -0.47
N MET J 7 29.84 39.73 -1.76
CA MET J 7 28.48 39.71 -2.25
C MET J 7 27.98 38.28 -2.15
N VAL J 8 26.81 38.08 -1.56
CA VAL J 8 26.28 36.75 -1.32
C VAL J 8 25.07 36.57 -2.23
N ASN J 9 25.02 35.46 -2.92
CA ASN J 9 23.98 35.02 -3.88
C ASN J 9 23.45 33.62 -3.65
N VAL J 10 22.13 33.48 -3.63
CA VAL J 10 21.49 32.20 -3.38
C VAL J 10 20.67 31.82 -4.61
N THR J 11 20.92 30.64 -5.15
CA THR J 11 20.14 30.11 -6.27
C THR J 11 19.73 28.67 -5.97
N ARG J 12 18.59 28.27 -6.51
CA ARG J 12 18.14 26.88 -6.38
C ARG J 12 18.13 26.17 -7.72
N SER J 13 18.55 24.90 -7.70
CA SER J 13 18.44 24.07 -8.89
C SER J 13 16.99 23.63 -9.05
N GLU J 14 16.70 23.02 -10.20
CA GLU J 14 15.40 22.40 -10.34
C GLU J 14 15.39 21.02 -9.67
N ALA J 15 14.19 20.46 -9.61
CA ALA J 15 13.82 19.26 -8.87
C ALA J 15 14.50 17.98 -9.38
N SER J 16 14.69 17.05 -8.44
CA SER J 16 14.59 15.63 -8.74
C SER J 16 13.65 15.03 -7.71
N GLU J 17 12.50 14.53 -8.16
CA GLU J 17 11.69 13.69 -7.29
C GLU J 17 11.30 14.41 -5.99
N GLY J 18 10.95 15.69 -6.11
CA GLY J 18 10.58 16.49 -4.96
C GLY J 18 11.71 17.13 -4.17
N ASN J 19 12.97 16.87 -4.51
CA ASN J 19 14.08 17.47 -3.78
C ASN J 19 14.74 18.51 -4.69
N ILE J 20 15.49 19.45 -4.09
CA ILE J 20 16.15 20.52 -4.83
C ILE J 20 17.45 20.88 -4.11
N THR J 21 18.41 21.40 -4.88
CA THR J 21 19.68 21.89 -4.32
C THR J 21 19.63 23.40 -4.24
N VAL J 22 19.97 23.92 -3.08
CA VAL J 22 20.14 25.36 -2.89
C VAL J 22 21.63 25.61 -2.69
N THR J 23 22.18 26.55 -3.47
CA THR J 23 23.62 26.84 -3.47
C THR J 23 23.86 28.28 -3.06
N CYS J 24 24.84 28.48 -2.20
CA CYS J 24 25.20 29.78 -1.67
C CYS J 24 26.64 30.15 -2.05
N ARG J 25 26.79 31.30 -2.73
CA ARG J 25 28.04 31.78 -3.26
C ARG J 25 28.44 32.97 -2.39
N ALA J 26 29.64 32.97 -1.84
CA ALA J 26 30.20 34.23 -1.34
C ALA J 26 31.37 34.58 -2.28
N SER J 27 31.32 35.76 -2.90
CA SER J 27 32.33 36.09 -3.90
C SER J 27 32.94 37.47 -3.68
N SER J 28 34.19 37.61 -4.11
CA SER J 28 34.96 38.87 -4.12
C SER J 28 35.16 39.42 -2.70
N PHE J 29 35.78 38.60 -1.85
CA PHE J 29 36.06 38.97 -0.47
C PHE J 29 37.54 38.79 -0.13
N TYR J 30 37.98 39.44 0.96
CA TYR J 30 39.37 39.39 1.41
C TYR J 30 39.42 39.67 2.91
N PRO J 31 40.22 38.91 3.70
CA PRO J 31 41.14 37.80 3.40
C PRO J 31 40.46 36.44 3.19
N ARG J 32 41.27 35.37 3.28
CA ARG J 32 40.80 34.04 2.93
C ARG J 32 39.78 33.50 3.91
N ASN J 33 39.92 33.84 5.19
CA ASN J 33 39.13 33.18 6.22
C ASN J 33 37.68 33.63 6.16
N ILE J 34 36.78 32.64 6.05
CA ILE J 34 35.36 32.91 5.96
C ILE J 34 34.63 31.68 6.50
N ILE J 35 33.50 31.92 7.14
CA ILE J 35 32.56 30.88 7.54
C ILE J 35 31.32 31.02 6.68
N LEU J 36 30.93 29.92 6.04
CA LEU J 36 29.77 29.89 5.16
C LEU J 36 29.09 28.55 5.40
N THR J 37 27.82 28.57 5.79
CA THR J 37 27.12 27.34 6.10
C THR J 37 25.62 27.53 5.93
N TRP J 38 24.94 26.43 5.63
CA TRP J 38 23.49 26.40 5.65
C TRP J 38 22.98 26.21 7.07
N ARG J 39 21.87 26.87 7.36
CA ARG J 39 21.18 26.75 8.65
C ARG J 39 19.77 26.22 8.40
N GLN J 40 19.26 25.47 9.36
CA GLN J 40 17.93 24.86 9.27
C GLN J 40 17.15 25.29 10.50
N ASP J 41 16.11 26.10 10.31
CA ASP J 41 15.46 26.78 11.43
C ASP J 41 16.49 27.55 12.24
N GLY J 42 17.52 28.07 11.57
CA GLY J 42 18.57 28.79 12.28
C GLY J 42 19.65 27.94 12.90
N VAL J 43 19.58 26.61 12.76
CA VAL J 43 20.59 25.71 13.33
C VAL J 43 21.52 25.27 12.20
N SER J 44 22.83 25.48 12.40
CA SER J 44 23.80 25.14 11.37
C SER J 44 23.70 23.66 11.03
N LEU J 45 23.65 23.37 9.74
CA LEU J 45 23.68 21.97 9.31
C LEU J 45 25.04 21.37 9.60
N SER J 46 25.03 20.04 9.73
CA SER J 46 26.25 19.31 9.96
C SER J 46 27.12 19.36 8.70
N HIS J 47 28.32 18.81 8.81
CA HIS J 47 29.18 18.79 7.63
C HIS J 47 28.71 17.77 6.62
N ASP J 48 28.18 16.63 7.07
CA ASP J 48 27.87 15.56 6.15
C ASP J 48 26.66 15.85 5.27
N THR J 49 25.84 16.84 5.63
CA THR J 49 24.63 17.10 4.90
C THR J 49 24.81 18.20 3.86
N GLN J 50 26.03 18.72 3.71
CA GLN J 50 26.31 19.82 2.81
C GLN J 50 27.46 19.47 1.89
N GLN J 51 27.47 20.15 0.74
CA GLN J 51 28.52 20.05 -0.25
C GLN J 51 29.31 21.37 -0.28
N TRP J 52 30.63 21.28 -0.25
CA TRP J 52 31.48 22.44 -0.01
C TRP J 52 32.37 22.72 -1.22
N GLY J 53 32.34 23.94 -1.71
CA GLY J 53 33.29 24.35 -2.72
C GLY J 53 34.55 24.89 -2.10
N ASP J 54 35.67 24.76 -2.82
CA ASP J 54 36.93 25.32 -2.34
C ASP J 54 36.94 26.83 -2.51
N VAL J 55 37.69 27.50 -1.63
CA VAL J 55 37.92 28.93 -1.71
C VAL J 55 39.08 29.22 -2.66
N LEU J 56 38.77 29.80 -3.82
CA LEU J 56 39.74 29.97 -4.88
C LEU J 56 39.99 31.45 -5.17
N PRO J 57 41.20 31.80 -5.65
CA PRO J 57 41.50 33.21 -5.89
C PRO J 57 40.68 33.78 -7.03
N ASP J 58 40.41 35.07 -6.89
CA ASP J 58 39.62 35.86 -7.81
C ASP J 58 40.36 36.09 -9.11
N GLY J 59 41.62 36.51 -9.01
CA GLY J 59 42.34 37.17 -10.05
C GLY J 59 42.30 38.68 -9.92
N ASN J 60 41.45 39.19 -9.03
CA ASN J 60 41.32 40.60 -8.70
C ASN J 60 41.82 40.92 -7.28
N GLY J 61 42.56 40.00 -6.67
CA GLY J 61 43.08 40.15 -5.33
C GLY J 61 42.16 39.70 -4.22
N THR J 62 40.99 39.15 -4.53
CA THR J 62 40.01 38.70 -3.55
C THR J 62 39.67 37.22 -3.81
N TYR J 63 38.68 36.67 -3.11
CA TYR J 63 38.35 35.25 -3.20
C TYR J 63 36.85 35.02 -3.41
N GLN J 64 36.48 33.75 -3.68
CA GLN J 64 35.10 33.30 -3.78
C GLN J 64 34.99 31.85 -3.32
N THR J 65 33.82 31.49 -2.80
CA THR J 65 33.57 30.12 -2.36
C THR J 65 32.06 29.84 -2.39
N TRP J 66 31.69 28.60 -2.10
CA TRP J 66 30.28 28.24 -2.11
C TRP J 66 30.05 26.99 -1.27
N VAL J 67 28.81 26.86 -0.80
CA VAL J 67 28.34 25.67 -0.09
C VAL J 67 26.93 25.36 -0.57
N ALA J 68 26.62 24.08 -0.66
CA ALA J 68 25.34 23.62 -1.18
C ALA J 68 24.74 22.58 -0.26
N THR J 69 23.42 22.45 -0.33
CA THR J 69 22.72 21.44 0.46
C THR J 69 21.44 21.06 -0.27
N ARG J 70 20.96 19.86 0.02
CA ARG J 70 19.75 19.34 -0.62
C ARG J 70 18.58 19.24 0.34
N ILE J 71 17.48 19.88 -0.03
CA ILE J 71 16.30 19.99 0.81
C ILE J 71 15.08 19.57 -0.01
N CYS J 72 13.98 19.33 0.70
CA CYS J 72 12.71 18.96 0.09
C CYS J 72 11.97 20.20 -0.41
N ARG J 73 11.45 20.10 -1.63
CA ARG J 73 10.73 21.22 -2.22
C ARG J 73 9.51 21.52 -1.38
N GLY J 74 9.35 22.78 -1.01
CA GLY J 74 8.31 23.20 -0.10
C GLY J 74 8.80 23.70 1.23
N GLU J 75 9.98 23.28 1.68
CA GLU J 75 10.54 23.68 2.96
C GLU J 75 11.65 24.73 2.79
N GLU J 76 11.71 25.40 1.63
CA GLU J 76 12.72 26.42 1.38
C GLU J 76 12.79 27.45 2.50
N GLN J 77 11.65 27.89 3.02
CA GLN J 77 11.68 28.96 4.02
C GLN J 77 12.50 28.58 5.25
N ARG J 78 12.66 27.29 5.53
CA ARG J 78 13.40 26.90 6.72
C ARG J 78 14.91 26.93 6.54
N PHE J 79 15.41 27.12 5.33
CA PHE J 79 16.85 27.06 5.09
C PHE J 79 17.38 28.43 4.73
N THR J 80 18.47 28.83 5.40
CA THR J 80 19.13 30.08 5.14
C THR J 80 20.63 29.84 5.10
N CYS J 81 21.32 30.69 4.33
CA CYS J 81 22.76 30.65 4.19
C CYS J 81 23.40 31.70 5.08
N TYR J 82 24.34 31.27 5.90
CA TYR J 82 24.97 32.07 6.94
C TYR J 82 26.41 32.37 6.56
N MET J 83 26.86 33.59 6.83
CA MET J 83 28.19 34.02 6.45
C MET J 83 28.82 34.81 7.60
N GLU J 84 30.05 34.44 7.99
CA GLU J 84 30.88 35.21 8.93
C GLU J 84 32.20 35.51 8.26
N HIS J 85 32.56 36.80 8.19
CA HIS J 85 33.81 37.20 7.56
C HIS J 85 34.40 38.38 8.31
N SER J 86 35.54 38.16 8.97
CA SER J 86 36.27 39.16 9.76
C SER J 86 35.33 40.09 10.54
N GLY J 87 34.54 39.48 11.43
CA GLY J 87 33.70 40.19 12.36
C GLY J 87 32.29 40.50 11.90
N ASN J 88 32.04 40.60 10.60
CA ASN J 88 30.69 40.84 10.11
C ASN J 88 30.00 39.54 9.70
N HIS J 89 28.68 39.51 9.81
CA HIS J 89 27.92 38.32 9.47
C HIS J 89 26.67 38.71 8.70
N SER J 90 26.12 37.75 7.96
CA SER J 90 24.88 37.95 7.21
C SER J 90 24.19 36.61 6.98
N THR J 91 22.91 36.70 6.64
CA THR J 91 22.08 35.55 6.35
C THR J 91 21.28 35.85 5.11
N HIS J 92 21.18 34.89 4.20
CA HIS J 92 20.39 35.10 3.01
C HIS J 92 19.40 33.96 2.81
N PRO J 93 18.16 34.29 2.42
CA PRO J 93 17.15 33.25 2.24
C PRO J 93 17.27 32.57 0.89
N VAL J 94 16.54 31.47 0.76
CA VAL J 94 16.33 30.86 -0.55
C VAL J 94 15.23 31.64 -1.26
N PRO J 95 15.48 32.16 -2.47
CA PRO J 95 14.48 33.00 -3.16
C PRO J 95 13.21 32.25 -3.56
N GLU K 1 -3.68 21.73 22.22
CA GLU K 1 -2.48 22.55 22.36
C GLU K 1 -1.23 21.66 22.44
N VAL K 2 -0.07 22.29 22.17
CA VAL K 2 1.20 21.56 22.21
C VAL K 2 1.47 21.07 23.61
N GLN K 3 1.79 19.77 23.71
CA GLN K 3 2.08 19.09 24.95
C GLN K 3 3.30 18.20 24.79
N LEU K 4 4.21 18.22 25.76
CA LEU K 4 5.35 17.32 25.82
C LEU K 4 5.40 16.70 27.21
N VAL K 5 5.47 15.37 27.30
CA VAL K 5 5.44 14.68 28.59
C VAL K 5 6.63 13.71 28.65
N GLU K 6 7.57 14.00 29.54
CA GLU K 6 8.74 13.15 29.77
C GLU K 6 8.45 12.03 30.77
N SER K 7 9.23 10.96 30.64
CA SER K 7 9.41 9.83 31.55
C SER K 7 10.66 9.13 31.04
N GLY K 8 11.27 8.25 31.84
CA GLY K 8 11.01 7.89 33.19
C GLY K 8 12.39 7.97 33.87
N GLY K 9 12.64 9.12 34.49
CA GLY K 9 13.81 9.23 35.32
C GLY K 9 13.55 8.50 36.63
N GLY K 10 14.57 8.51 37.45
CA GLY K 10 14.54 7.78 38.71
C GLY K 10 15.96 7.62 39.22
N LEU K 11 16.11 6.75 40.21
CA LEU K 11 17.39 6.53 40.86
C LEU K 11 18.20 5.53 40.06
N VAL K 12 19.47 5.87 39.80
CA VAL K 12 20.40 5.05 39.03
C VAL K 12 21.76 5.05 39.69
N GLN K 13 22.44 3.91 39.60
CA GLN K 13 23.77 3.76 40.15
C GLN K 13 24.80 4.49 39.29
N PRO K 14 25.88 4.99 39.89
CA PRO K 14 26.97 5.51 39.06
C PRO K 14 27.44 4.43 38.10
N GLY K 15 27.76 4.82 36.88
CA GLY K 15 28.07 3.90 35.80
C GLY K 15 26.88 3.24 35.15
N GLY K 16 25.68 3.43 35.69
CA GLY K 16 24.49 2.81 35.14
C GLY K 16 23.96 3.48 33.87
N SER K 17 22.79 2.99 33.47
CA SER K 17 22.15 3.31 32.21
C SER K 17 20.69 3.62 32.47
N LEU K 18 20.13 4.48 31.64
CA LEU K 18 18.74 4.90 31.81
C LEU K 18 18.28 5.50 30.48
N ARG K 19 17.03 5.22 30.12
CA ARG K 19 16.42 5.68 28.88
C ARG K 19 15.26 6.61 29.22
N LEU K 20 15.34 7.85 28.77
CA LEU K 20 14.25 8.81 28.93
C LEU K 20 13.39 8.85 27.67
N SER K 21 12.09 9.08 27.85
CA SER K 21 11.20 9.24 26.72
C SER K 21 10.38 10.52 26.86
N CYS K 22 9.91 10.99 25.72
CA CYS K 22 9.10 12.20 25.66
C CYS K 22 7.97 11.95 24.68
N ALA K 23 6.74 12.07 25.15
CA ALA K 23 5.55 11.88 24.34
C ALA K 23 5.05 13.25 23.89
N ALA K 24 4.90 13.42 22.58
CA ALA K 24 4.45 14.68 22.01
C ALA K 24 3.00 14.54 21.59
N SER K 25 2.24 15.64 21.70
CA SER K 25 0.90 15.65 21.16
C SER K 25 0.49 17.09 20.85
N GLY K 26 -0.55 17.22 20.01
CA GLY K 26 -1.06 18.55 19.68
C GLY K 26 -0.35 19.22 18.52
N PHE K 27 0.50 18.52 17.79
CA PHE K 27 1.19 19.09 16.65
C PHE K 27 1.75 17.96 15.80
N THR K 28 2.16 18.28 14.58
CA THR K 28 2.82 17.29 13.76
C THR K 28 4.26 17.17 14.23
N PHE K 29 4.53 16.13 15.03
CA PHE K 29 5.84 15.92 15.63
C PHE K 29 6.94 15.77 14.58
N SER K 30 6.66 15.07 13.47
CA SER K 30 7.67 14.81 12.43
C SER K 30 8.11 16.08 11.68
N THR K 31 7.57 17.23 12.06
CA THR K 31 7.83 18.48 11.41
C THR K 31 8.75 19.37 12.24
N TYR K 32 9.10 18.94 13.45
CA TYR K 32 9.89 19.76 14.36
C TYR K 32 11.14 19.05 14.84
N SER K 33 12.26 19.78 14.84
CA SER K 33 13.44 19.35 15.57
C SER K 33 13.18 19.45 17.07
N MET K 34 13.93 18.65 17.83
CA MET K 34 13.67 18.41 19.24
C MET K 34 14.99 18.43 20.00
N ASN K 35 14.89 18.68 21.30
CA ASN K 35 16.07 18.83 22.13
C ASN K 35 15.80 18.23 23.50
N TRP K 36 16.90 17.91 24.18
CA TRP K 36 16.89 17.68 25.62
C TRP K 36 17.70 18.78 26.29
N VAL K 37 17.16 19.33 27.38
CA VAL K 37 17.81 20.36 28.19
C VAL K 37 17.71 19.93 29.64
N ARG K 38 18.77 20.10 30.40
CA ARG K 38 18.72 19.65 31.78
C ARG K 38 19.10 20.79 32.71
N GLN K 39 18.72 20.62 33.97
CA GLN K 39 18.96 21.61 35.01
C GLN K 39 19.31 20.84 36.28
N ALA K 40 20.58 20.89 36.69
CA ALA K 40 20.95 20.23 37.94
C ALA K 40 20.24 20.94 39.09
N PRO K 41 19.96 20.26 40.19
CA PRO K 41 19.21 20.89 41.28
C PRO K 41 19.80 22.23 41.73
N GLY K 42 19.01 23.29 41.64
CA GLY K 42 19.43 24.62 42.05
C GLY K 42 20.40 25.31 41.12
N LYS K 43 20.65 24.77 39.93
CA LYS K 43 21.61 25.37 39.03
C LYS K 43 20.86 25.90 37.80
N GLY K 44 21.60 26.33 36.79
CA GLY K 44 21.03 26.87 35.57
C GLY K 44 20.69 25.79 34.55
N LEU K 45 20.31 26.25 33.37
CA LEU K 45 19.94 25.38 32.25
C LEU K 45 21.20 25.01 31.49
N GLU K 46 21.23 23.77 31.00
CA GLU K 46 22.32 23.28 30.16
C GLU K 46 21.75 22.50 28.97
N TRP K 47 22.01 22.96 27.75
CA TRP K 47 21.55 22.19 26.61
C TRP K 47 22.35 20.87 26.48
N VAL K 48 21.64 19.79 26.14
CA VAL K 48 22.20 18.44 26.14
C VAL K 48 22.34 17.90 24.71
N SER K 49 21.26 17.93 23.92
CA SER K 49 21.24 17.26 22.63
C SER K 49 20.15 17.82 21.71
N TYR K 50 20.40 17.73 20.40
CA TYR K 50 19.51 18.22 19.35
C TYR K 50 19.34 17.13 18.28
N ILE K 51 18.13 16.98 17.74
CA ILE K 51 17.88 16.08 16.62
C ILE K 51 16.92 16.77 15.65
N SER K 52 17.30 16.85 14.38
CA SER K 52 16.46 17.49 13.39
C SER K 52 15.24 16.59 13.09
N TYR K 53 14.24 17.14 12.38
CA TYR K 53 12.97 16.42 12.27
C TYR K 53 13.09 15.15 11.41
N ARG K 54 14.10 15.04 10.55
CA ARG K 54 14.33 13.80 9.82
C ARG K 54 15.58 13.09 10.30
N SER K 55 16.12 13.49 11.45
CA SER K 55 17.27 12.84 12.07
C SER K 55 18.56 13.03 11.29
N ARG K 56 18.63 13.96 10.33
CA ARG K 56 19.86 14.11 9.55
C ARG K 56 20.94 14.89 10.30
N THR K 57 20.53 15.82 11.16
CA THR K 57 21.45 16.63 11.93
C THR K 57 21.23 16.34 13.40
N ILE K 58 22.30 15.95 14.08
CA ILE K 58 22.28 15.56 15.48
C ILE K 58 23.47 16.22 16.16
N TYR K 59 23.26 16.79 17.35
CA TYR K 59 24.35 17.41 18.09
C TYR K 59 24.27 17.04 19.56
N TYR K 60 25.44 16.99 20.20
CA TYR K 60 25.54 16.74 21.63
C TYR K 60 26.50 17.74 22.26
N ALA K 61 26.20 18.11 23.52
CA ALA K 61 27.16 18.83 24.33
C ALA K 61 28.36 17.95 24.68
N ASP K 62 29.52 18.59 24.80
CA ASP K 62 30.78 17.89 25.06
C ASP K 62 30.69 17.05 26.33
N SER K 63 29.97 17.51 27.35
CA SER K 63 29.90 16.79 28.62
C SER K 63 29.15 15.45 28.52
N VAL K 64 28.43 15.20 27.44
CA VAL K 64 27.68 13.96 27.31
C VAL K 64 28.05 13.20 26.07
N LYS K 65 28.85 13.79 25.18
CA LYS K 65 29.22 13.12 23.94
C LYS K 65 29.87 11.78 24.24
N GLY K 66 29.45 10.77 23.48
CA GLY K 66 29.96 9.44 23.68
C GLY K 66 29.18 8.62 24.68
N ARG K 67 28.47 9.25 25.61
CA ARG K 67 27.72 8.54 26.64
C ARG K 67 26.21 8.57 26.43
N PHE K 68 25.70 9.60 25.74
CA PHE K 68 24.28 9.78 25.45
C PHE K 68 24.03 9.60 23.96
N THR K 69 22.87 9.06 23.65
CA THR K 69 22.40 8.96 22.28
C THR K 69 20.97 9.47 22.24
N ILE K 70 20.70 10.37 21.33
CA ILE K 70 19.36 10.86 21.08
C ILE K 70 18.78 10.17 19.86
N SER K 71 17.47 9.94 19.88
CA SER K 71 16.77 9.38 18.74
C SER K 71 15.29 9.73 18.85
N ARG K 72 14.55 9.47 17.77
CA ARG K 72 13.14 9.80 17.75
C ARG K 72 12.40 8.78 16.90
N ASP K 73 11.11 8.58 17.20
CA ASP K 73 10.24 7.72 16.40
C ASP K 73 9.06 8.59 15.98
N ASN K 74 9.13 9.13 14.76
CA ASN K 74 8.13 10.07 14.29
C ASN K 74 6.74 9.44 14.23
N ALA K 75 6.67 8.14 13.90
CA ALA K 75 5.36 7.47 13.89
C ALA K 75 4.78 7.26 15.28
N ARG K 76 5.54 7.43 16.36
CA ARG K 76 4.97 7.29 17.69
C ARG K 76 5.05 8.57 18.50
N ASN K 77 5.27 9.72 17.87
CA ASN K 77 5.27 11.01 18.56
C ASN K 77 6.20 10.98 19.76
N SER K 78 7.38 10.36 19.57
CA SER K 78 8.28 10.08 20.69
C SER K 78 9.71 10.52 20.43
N LEU K 79 10.30 11.11 21.47
CA LEU K 79 11.70 11.45 21.52
C LEU K 79 12.38 10.65 22.63
N TYR K 80 13.61 10.18 22.37
CA TYR K 80 14.30 9.35 23.35
C TYR K 80 15.67 9.93 23.69
N LEU K 81 16.12 9.68 24.91
CA LEU K 81 17.50 9.93 25.34
C LEU K 81 18.02 8.67 26.02
N GLN K 82 18.99 8.01 25.39
CA GLN K 82 19.66 6.86 26.01
C GLN K 82 20.91 7.36 26.73
N MET K 83 20.97 7.16 28.03
CA MET K 83 22.05 7.69 28.85
C MET K 83 22.87 6.52 29.38
N ASN K 84 24.16 6.49 29.04
CA ASN K 84 25.07 5.44 29.49
C ASN K 84 26.20 6.07 30.31
N SER K 85 26.88 5.23 31.10
CA SER K 85 28.06 5.65 31.88
C SER K 85 27.75 6.86 32.73
N LEU K 86 26.64 6.80 33.43
CA LEU K 86 26.14 7.96 34.14
C LEU K 86 27.07 8.37 35.28
N ARG K 87 27.22 9.68 35.47
CA ARG K 87 28.01 10.28 36.55
C ARG K 87 27.09 11.07 37.48
N ASP K 88 27.63 11.43 38.63
CA ASP K 88 26.84 12.22 39.57
C ASP K 88 26.47 13.59 38.98
N GLU K 89 27.38 14.21 38.22
CA GLU K 89 27.07 15.47 37.57
C GLU K 89 25.98 15.36 36.50
N ASP K 90 25.48 14.17 36.20
CA ASP K 90 24.35 14.00 35.29
C ASP K 90 23.01 14.13 36.00
N THR K 91 23.03 14.21 37.32
CA THR K 91 21.82 14.38 38.09
C THR K 91 21.13 15.69 37.74
N ALA K 92 19.88 15.60 37.30
CA ALA K 92 19.18 16.79 36.85
C ALA K 92 17.73 16.46 36.55
N VAL K 93 16.93 17.51 36.45
CA VAL K 93 15.65 17.41 35.76
C VAL K 93 15.94 17.53 34.29
N TYR K 94 15.43 16.59 33.50
CA TYR K 94 15.66 16.52 32.07
C TYR K 94 14.40 16.98 31.36
N TYR K 95 14.54 18.05 30.56
CA TYR K 95 13.42 18.64 29.85
C TYR K 95 13.47 18.26 28.38
N CYS K 96 12.32 17.85 27.88
CA CYS K 96 12.02 17.72 26.47
C CYS K 96 11.71 19.13 25.94
N ALA K 97 12.31 19.53 24.81
CA ALA K 97 12.07 20.86 24.27
C ALA K 97 12.01 20.86 22.76
N ARG K 98 10.95 21.46 22.21
CA ARG K 98 10.75 21.63 20.78
C ARG K 98 11.51 22.84 20.24
N TRP K 99 12.00 22.72 19.02
CA TRP K 99 12.71 23.80 18.36
C TRP K 99 11.76 24.53 17.42
N GLY K 100 11.74 25.86 17.52
CA GLY K 100 10.74 26.60 16.78
C GLY K 100 10.97 26.53 15.28
N TYR K 101 9.87 26.48 14.53
CA TYR K 101 9.89 26.57 13.07
C TYR K 101 10.51 27.88 12.57
N GLY K 102 11.45 27.76 11.62
CA GLY K 102 12.00 28.93 10.96
C GLY K 102 12.90 29.78 11.83
N SER K 103 12.34 30.36 12.90
CA SER K 103 13.12 31.26 13.73
C SER K 103 13.74 30.57 14.96
N GLY K 104 13.43 29.32 15.24
CA GLY K 104 14.20 28.68 16.27
C GLY K 104 13.81 29.05 17.69
N GLY K 105 14.71 28.76 18.62
CA GLY K 105 14.34 28.85 20.02
C GLY K 105 13.68 27.57 20.51
N PHE K 106 13.82 27.31 21.80
CA PHE K 106 13.11 26.19 22.45
C PHE K 106 11.70 26.67 22.75
N ASP K 107 10.76 26.42 21.84
CA ASP K 107 9.51 27.18 21.97
C ASP K 107 8.46 26.48 22.84
N TYR K 108 8.61 25.19 23.14
CA TYR K 108 7.75 24.52 24.10
C TYR K 108 8.58 23.57 24.94
N TRP K 109 8.22 23.47 26.19
CA TRP K 109 8.95 22.63 27.11
C TRP K 109 8.01 21.65 27.76
N GLY K 110 8.50 20.44 28.00
CA GLY K 110 7.82 19.51 28.86
C GLY K 110 8.02 19.92 30.29
N GLN K 111 7.42 19.14 31.21
CA GLN K 111 7.54 19.49 32.64
C GLN K 111 8.76 18.90 33.37
N GLY K 112 9.50 17.98 32.75
CA GLY K 112 10.76 17.35 33.21
C GLY K 112 10.60 16.03 33.95
N THR K 113 11.64 15.17 33.86
CA THR K 113 11.80 14.00 34.73
C THR K 113 13.12 14.13 35.45
N LEU K 114 13.13 13.73 36.71
CA LEU K 114 14.29 13.82 37.56
C LEU K 114 15.13 12.53 37.43
N VAL K 115 16.41 12.71 37.15
CA VAL K 115 17.38 11.62 37.13
C VAL K 115 18.33 11.87 38.31
N THR K 116 18.43 10.88 39.20
CA THR K 116 19.33 10.95 40.35
C THR K 116 20.36 9.84 40.20
N VAL K 117 21.63 10.21 40.16
CA VAL K 117 22.72 9.27 40.01
C VAL K 117 23.38 9.18 41.37
N SER K 118 23.22 8.04 42.03
CA SER K 118 23.68 7.89 43.39
C SER K 118 23.72 6.41 43.72
N SER K 119 24.57 6.04 44.67
CA SER K 119 24.64 4.66 45.14
C SER K 119 23.91 4.46 46.45
N ALA K 120 23.29 5.51 46.98
CA ALA K 120 22.47 5.40 48.18
C ALA K 120 21.19 4.64 47.86
N SER K 121 20.66 3.97 48.86
CA SER K 121 19.49 3.11 48.67
C SER K 121 18.21 3.91 48.88
N THR K 122 17.16 3.49 48.21
CA THR K 122 15.87 4.13 48.41
C THR K 122 15.34 3.86 49.81
N LYS K 123 14.83 4.91 50.46
CA LYS K 123 14.18 4.73 51.74
C LYS K 123 12.91 5.57 51.77
N GLY K 124 11.80 4.95 52.18
CA GLY K 124 10.55 5.65 52.31
C GLY K 124 10.45 6.43 53.61
N PRO K 125 9.61 7.46 53.61
CA PRO K 125 9.52 8.37 54.75
C PRO K 125 8.54 7.93 55.83
N SER K 126 8.67 8.56 56.99
CA SER K 126 7.66 8.54 58.04
C SER K 126 6.89 9.85 58.02
N VAL K 127 5.58 9.79 58.31
CA VAL K 127 4.68 10.94 58.17
C VAL K 127 4.07 11.27 59.52
N PHE K 128 4.60 12.30 60.18
CA PHE K 128 4.10 12.67 61.48
C PHE K 128 3.30 13.98 61.41
N PRO K 129 2.25 14.11 62.22
CA PRO K 129 1.41 15.31 62.18
C PRO K 129 2.01 16.49 62.93
N LEU K 130 1.73 17.68 62.40
CA LEU K 130 1.93 18.94 63.10
C LEU K 130 0.55 19.42 63.51
N ALA K 131 0.19 19.18 64.79
CA ALA K 131 -1.16 19.37 65.31
C ALA K 131 -1.34 20.81 65.77
N PRO K 132 -2.41 21.49 65.34
CA PRO K 132 -2.79 22.82 65.83
C PRO K 132 -2.65 22.99 67.34
N GLY K 140 -8.29 33.05 66.22
CA GLY K 140 -8.36 33.63 64.89
C GLY K 140 -8.26 32.62 63.76
N THR K 141 -7.04 32.31 63.33
CA THR K 141 -6.79 31.24 62.39
C THR K 141 -5.66 30.37 62.91
N ALA K 142 -5.74 29.07 62.63
CA ALA K 142 -4.79 28.11 63.13
C ALA K 142 -4.00 27.50 61.98
N ALA K 143 -2.85 26.96 62.33
CA ALA K 143 -1.97 26.33 61.35
C ALA K 143 -1.70 24.90 61.79
N LEU K 144 -1.72 23.99 60.81
CA LEU K 144 -1.43 22.58 61.03
C LEU K 144 -0.66 22.07 59.82
N GLY K 145 -0.05 20.91 59.98
CA GLY K 145 0.72 20.36 58.90
C GLY K 145 1.17 18.94 59.11
N CYS K 146 2.12 18.53 58.28
CA CYS K 146 2.61 17.16 58.23
C CYS K 146 4.12 17.15 58.09
N LEU K 147 4.79 16.34 58.88
CA LEU K 147 6.23 16.21 58.83
C LEU K 147 6.57 14.92 58.07
N VAL K 148 7.18 15.08 56.89
CA VAL K 148 7.60 13.96 56.05
C VAL K 148 9.09 13.82 56.24
N LYS K 149 9.51 12.88 57.09
CA LYS K 149 10.87 12.83 57.56
C LYS K 149 11.58 11.59 57.04
N ASP K 150 12.85 11.76 56.65
CA ASP K 150 13.78 10.68 56.38
C ASP K 150 13.40 9.82 55.18
N TYR K 151 13.53 10.38 53.98
CA TYR K 151 13.31 9.64 52.75
C TYR K 151 14.47 9.87 51.79
N PHE K 152 14.54 9.00 50.78
CA PHE K 152 15.52 9.11 49.71
C PHE K 152 15.07 8.27 48.54
N PRO K 153 15.18 8.74 47.30
CA PRO K 153 15.60 10.09 46.91
C PRO K 153 14.42 11.05 46.75
N GLU K 154 14.68 12.26 46.28
CA GLU K 154 13.61 13.11 45.81
C GLU K 154 12.94 12.45 44.59
N PRO K 155 11.66 12.74 44.33
CA PRO K 155 10.84 13.69 45.06
C PRO K 155 9.74 13.06 45.89
N VAL K 156 9.16 13.85 46.78
CA VAL K 156 7.95 13.47 47.49
C VAL K 156 6.91 14.50 47.12
N THR K 157 5.65 14.06 47.03
CA THR K 157 4.55 14.97 46.79
C THR K 157 3.57 14.92 47.95
N VAL K 158 3.00 16.07 48.28
CA VAL K 158 2.05 16.21 49.37
C VAL K 158 0.83 16.96 48.85
N SER K 159 -0.34 16.46 49.17
CA SER K 159 -1.59 17.15 48.93
C SER K 159 -2.36 17.18 50.24
N TRP K 160 -3.49 17.86 50.22
CA TRP K 160 -4.37 17.95 51.38
C TRP K 160 -5.79 17.60 50.95
N ASN K 161 -6.45 16.76 51.74
CA ASN K 161 -7.83 16.32 51.47
C ASN K 161 -8.00 15.89 50.02
N SER K 162 -7.05 15.07 49.55
CA SER K 162 -7.05 14.50 48.21
C SER K 162 -7.11 15.58 47.13
N GLY K 163 -6.56 16.76 47.41
CA GLY K 163 -6.52 17.87 46.46
C GLY K 163 -7.60 18.91 46.64
N ALA K 164 -8.61 18.65 47.48
CA ALA K 164 -9.71 19.59 47.68
C ALA K 164 -9.33 20.79 48.51
N LEU K 165 -8.19 20.75 49.21
CA LEU K 165 -7.74 21.86 50.04
C LEU K 165 -6.42 22.36 49.47
N THR K 166 -6.43 23.53 48.83
CA THR K 166 -5.26 24.11 48.19
C THR K 166 -4.90 25.49 48.70
N SER K 167 -5.89 26.28 49.12
CA SER K 167 -5.63 27.64 49.56
C SER K 167 -4.97 27.63 50.93
N GLY K 168 -3.89 28.39 51.08
CA GLY K 168 -3.19 28.44 52.34
C GLY K 168 -2.18 27.36 52.57
N VAL K 169 -1.84 26.58 51.55
CA VAL K 169 -0.92 25.46 51.69
C VAL K 169 0.50 25.90 51.33
N HIS K 170 1.46 25.60 52.20
CA HIS K 170 2.88 25.78 51.90
C HIS K 170 3.58 24.44 52.10
N THR K 171 4.20 23.93 51.04
CA THR K 171 5.04 22.73 51.12
C THR K 171 6.49 23.14 50.91
N PHE K 172 7.28 23.03 51.96
CA PHE K 172 8.62 23.60 51.94
C PHE K 172 9.57 22.73 51.13
N PRO K 173 10.58 23.33 50.51
CA PRO K 173 11.60 22.55 49.81
C PRO K 173 12.32 21.62 50.79
N ALA K 174 12.67 20.44 50.29
CA ALA K 174 13.34 19.45 51.13
C ALA K 174 14.72 19.94 51.55
N VAL K 175 15.15 19.52 52.74
CA VAL K 175 16.50 19.78 53.24
C VAL K 175 17.21 18.44 53.32
N LEU K 176 18.50 18.45 53.02
CA LEU K 176 19.33 17.27 53.10
C LEU K 176 19.89 17.23 54.52
N GLN K 177 19.61 16.15 55.24
CA GLN K 177 20.08 16.02 56.60
C GLN K 177 21.49 15.42 56.62
N SER K 178 22.15 15.53 57.78
CA SER K 178 23.49 14.98 57.93
C SER K 178 23.55 13.50 57.58
N SER K 179 22.44 12.78 57.78
CA SER K 179 22.36 11.36 57.46
C SER K 179 22.32 11.09 55.98
N GLY K 180 22.20 12.11 55.13
CA GLY K 180 22.03 11.89 53.72
C GLY K 180 20.60 11.66 53.28
N LEU K 181 19.65 11.68 54.21
CA LEU K 181 18.23 11.54 53.93
C LEU K 181 17.58 12.92 53.95
N TYR K 182 16.50 13.03 53.18
CA TYR K 182 15.76 14.27 53.06
C TYR K 182 14.63 14.34 54.08
N SER K 183 14.18 15.56 54.34
CA SER K 183 13.04 15.76 55.20
C SER K 183 12.32 17.00 54.70
N LEU K 184 11.03 17.05 54.99
CA LEU K 184 10.18 18.06 54.40
C LEU K 184 8.96 18.20 55.28
N SER K 185 8.43 19.41 55.33
CA SER K 185 7.19 19.66 56.04
C SER K 185 6.19 20.33 55.11
N SER K 186 4.91 20.07 55.35
CA SER K 186 3.84 20.71 54.60
C SER K 186 2.84 21.27 55.62
N VAL K 187 2.48 22.55 55.47
CA VAL K 187 1.60 23.21 56.41
C VAL K 187 0.44 23.89 55.69
N VAL K 188 -0.63 24.16 56.45
CA VAL K 188 -1.77 24.88 55.94
C VAL K 188 -2.38 25.68 57.08
N THR K 189 -2.82 26.89 56.76
CA THR K 189 -3.54 27.76 57.70
C THR K 189 -5.01 27.76 57.34
N VAL K 190 -5.86 27.68 58.37
CA VAL K 190 -7.30 27.53 58.19
C VAL K 190 -8.02 28.32 59.27
N PRO K 191 -9.27 28.70 59.03
CA PRO K 191 -10.05 29.35 60.10
C PRO K 191 -10.17 28.43 61.31
N SER K 192 -9.93 28.98 62.49
CA SER K 192 -9.94 28.17 63.70
C SER K 192 -11.33 27.61 64.01
N SER K 193 -12.38 28.22 63.47
CA SER K 193 -13.71 27.62 63.56
C SER K 193 -13.78 26.31 62.78
N SER K 194 -12.99 26.17 61.71
CA SER K 194 -13.08 24.97 60.88
C SER K 194 -12.58 23.71 61.60
N LEU K 195 -11.81 23.86 62.69
CA LEU K 195 -11.20 22.71 63.34
C LEU K 195 -12.25 21.72 63.84
N GLY K 196 -13.42 22.23 64.24
CA GLY K 196 -14.47 21.37 64.74
C GLY K 196 -15.32 20.76 63.65
N THR K 197 -15.42 21.43 62.50
CA THR K 197 -16.31 21.00 61.43
C THR K 197 -15.59 20.30 60.28
N GLN K 198 -14.35 20.66 59.97
CA GLN K 198 -13.60 20.05 58.86
C GLN K 198 -12.54 19.06 59.34
N THR K 199 -12.36 17.99 58.56
CA THR K 199 -11.29 17.01 58.76
C THR K 199 -10.12 17.39 57.87
N TYR K 200 -8.92 17.37 58.43
CA TYR K 200 -7.73 17.71 57.65
C TYR K 200 -6.83 16.48 57.56
N ILE K 201 -6.63 16.00 56.34
CA ILE K 201 -5.83 14.82 56.04
C ILE K 201 -4.78 15.20 55.00
N CYS K 202 -3.52 14.89 55.27
CA CYS K 202 -2.48 15.09 54.27
C CYS K 202 -2.14 13.76 53.58
N ASN K 203 -2.00 13.82 52.26
CA ASN K 203 -1.73 12.65 51.43
C ASN K 203 -0.28 12.75 50.95
N VAL K 204 0.57 11.84 51.44
CA VAL K 204 1.99 11.81 51.09
C VAL K 204 2.25 10.65 50.14
N ASN K 205 2.99 10.92 49.07
CA ASN K 205 3.38 9.90 48.09
C ASN K 205 4.87 10.00 47.83
N HIS K 206 5.60 8.91 48.06
CA HIS K 206 7.03 8.81 47.69
C HIS K 206 7.15 7.62 46.74
N LYS K 207 6.88 7.88 45.46
CA LYS K 207 6.92 6.84 44.44
C LYS K 207 8.21 6.03 44.38
N PRO K 208 9.40 6.61 44.46
CA PRO K 208 10.62 5.79 44.35
C PRO K 208 10.70 4.65 45.34
N SER K 209 9.98 4.71 46.46
CA SER K 209 9.96 3.66 47.46
C SER K 209 8.60 3.01 47.61
N ASN K 210 7.65 3.35 46.75
CA ASN K 210 6.29 2.81 46.82
C ASN K 210 5.66 3.05 48.18
N THR K 211 5.77 4.28 48.67
CA THR K 211 5.17 4.63 49.96
C THR K 211 4.07 5.64 49.73
N LYS K 212 2.85 5.25 50.05
CA LYS K 212 1.71 6.16 50.13
C LYS K 212 1.24 6.20 51.57
N VAL K 213 1.04 7.42 52.09
CA VAL K 213 0.52 7.60 53.45
C VAL K 213 -0.56 8.67 53.42
N ASP K 214 -1.68 8.41 54.07
CA ASP K 214 -2.70 9.41 54.33
C ASP K 214 -2.73 9.61 55.82
N LYS K 215 -2.37 10.80 56.29
CA LYS K 215 -2.30 11.07 57.71
C LYS K 215 -3.31 12.14 58.03
N ARG K 216 -4.22 11.82 58.95
CA ARG K 216 -5.19 12.78 59.43
C ARG K 216 -4.57 13.62 60.55
N VAL K 217 -4.73 14.93 60.46
CA VAL K 217 -4.15 15.86 61.42
C VAL K 217 -5.30 16.54 62.15
N GLU K 218 -5.38 16.32 63.46
CA GLU K 218 -6.40 16.98 64.26
C GLU K 218 -5.86 17.21 65.66
N PRO K 219 -6.43 18.18 66.41
CA PRO K 219 -5.95 18.55 67.76
C PRO K 219 -5.86 17.37 68.71
N GLU L 1 34.33 27.88 21.43
CA GLU L 1 33.01 28.26 21.94
C GLU L 1 32.67 29.61 22.66
N ILE L 2 31.36 29.85 22.54
CA ILE L 2 30.70 31.09 22.93
C ILE L 2 30.14 30.95 24.33
N VAL L 3 30.53 31.88 25.19
CA VAL L 3 30.11 31.90 26.57
C VAL L 3 29.25 33.14 26.79
N LEU L 4 28.13 32.94 27.47
CA LEU L 4 27.22 34.01 27.83
C LEU L 4 27.34 34.27 29.32
N THR L 5 27.51 35.54 29.67
CA THR L 5 27.45 36.04 31.02
C THR L 5 26.25 36.98 31.14
N GLN L 6 25.73 37.13 32.35
CA GLN L 6 24.55 37.94 32.60
C GLN L 6 24.76 38.85 33.77
N SER L 7 24.32 40.09 33.64
CA SER L 7 24.38 41.07 34.71
C SER L 7 23.05 41.82 34.80
N PRO L 8 22.60 42.15 36.02
CA PRO L 8 23.25 41.77 37.27
C PRO L 8 22.95 40.32 37.63
N GLY L 9 23.63 39.78 38.64
CA GLY L 9 23.33 38.42 39.06
C GLY L 9 21.96 38.30 39.71
N THR L 10 21.62 39.26 40.55
CA THR L 10 20.31 39.29 41.18
C THR L 10 19.81 40.73 41.15
N LEU L 11 18.49 40.89 41.12
CA LEU L 11 17.89 42.20 40.90
C LEU L 11 16.59 42.30 41.69
N SER L 12 16.52 43.27 42.60
CA SER L 12 15.34 43.49 43.44
C SER L 12 14.69 44.83 43.11
N LEU L 13 13.43 44.78 42.69
CA LEU L 13 12.72 45.96 42.22
C LEU L 13 11.27 45.89 42.69
N SER L 14 10.68 47.10 42.86
CA SER L 14 9.29 47.21 43.25
C SER L 14 8.39 47.11 42.02
N PRO L 15 7.14 46.67 42.19
CA PRO L 15 6.22 46.62 41.05
C PRO L 15 6.09 48.00 40.42
N GLY L 16 5.93 48.00 39.11
CA GLY L 16 5.76 49.23 38.36
C GLY L 16 7.04 49.87 37.88
N GLU L 17 8.21 49.40 38.35
CA GLU L 17 9.50 49.89 37.89
C GLU L 17 9.95 49.11 36.64
N ARG L 18 11.07 49.53 36.05
CA ARG L 18 11.59 48.96 34.81
C ARG L 18 12.88 48.18 35.09
N ALA L 19 12.90 46.91 34.70
CA ALA L 19 14.08 46.06 34.87
C ALA L 19 14.86 46.00 33.57
N THR L 20 16.17 46.23 33.64
CA THR L 20 17.06 46.13 32.47
C THR L 20 18.10 45.06 32.76
N LEU L 21 18.02 43.95 32.04
CA LEU L 21 18.88 42.79 32.27
C LEU L 21 19.87 42.66 31.12
N SER L 22 21.15 42.45 31.42
CA SER L 22 22.18 42.42 30.39
C SER L 22 22.70 41.00 30.16
N CYS L 23 22.99 40.71 28.90
CA CYS L 23 23.57 39.46 28.47
C CYS L 23 24.75 39.79 27.58
N ARG L 24 25.90 39.17 27.84
CA ARG L 24 27.14 39.44 27.13
C ARG L 24 27.73 38.14 26.57
N ALA L 25 28.15 38.17 25.32
CA ALA L 25 28.66 37.00 24.64
C ALA L 25 30.18 37.08 24.55
N SER L 26 30.83 35.92 24.71
CA SER L 26 32.29 35.91 24.62
C SER L 26 32.75 36.30 23.22
N GLN L 27 31.89 36.18 22.21
CA GLN L 27 32.19 36.73 20.90
C GLN L 27 30.88 37.11 20.22
N SER L 28 30.99 37.82 19.09
CA SER L 28 29.82 38.37 18.42
C SER L 28 28.87 37.26 18.02
N VAL L 29 27.59 37.47 18.33
CA VAL L 29 26.52 36.54 17.97
C VAL L 29 25.49 37.30 17.15
N SER L 30 25.15 36.78 15.97
CA SER L 30 24.11 37.40 15.17
C SER L 30 22.80 37.46 15.93
N SER L 31 22.05 38.54 15.67
CA SER L 31 20.82 38.84 16.40
C SER L 31 19.74 37.77 16.22
N SER L 32 19.75 37.07 15.09
CA SER L 32 18.72 36.05 14.86
C SER L 32 18.80 34.90 15.86
N TYR L 33 19.98 34.67 16.46
CA TYR L 33 20.24 33.46 17.22
C TYR L 33 20.43 33.75 18.70
N LEU L 34 19.75 34.78 19.20
CA LEU L 34 19.78 35.16 20.60
C LEU L 34 18.35 35.14 21.09
N ALA L 35 18.10 34.39 22.17
CA ALA L 35 16.76 34.24 22.72
C ALA L 35 16.79 34.44 24.23
N TRP L 36 15.61 34.66 24.82
CA TRP L 36 15.49 34.87 26.25
C TRP L 36 14.41 33.95 26.82
N TYR L 37 14.62 33.47 28.04
CA TYR L 37 13.72 32.53 28.68
C TYR L 37 13.39 33.02 30.08
N GLN L 38 12.15 32.71 30.51
CA GLN L 38 11.69 33.00 31.86
C GLN L 38 11.37 31.67 32.53
N GLN L 39 11.83 31.49 33.76
CA GLN L 39 11.49 30.27 34.50
C GLN L 39 11.01 30.68 35.89
N LYS L 40 9.74 30.43 36.17
CA LYS L 40 9.15 30.64 37.48
C LYS L 40 9.39 29.42 38.36
N PRO L 41 9.38 29.59 39.69
CA PRO L 41 9.93 28.55 40.59
C PRO L 41 9.58 27.10 40.29
N GLY L 42 8.32 26.70 40.28
CA GLY L 42 8.09 25.27 40.14
C GLY L 42 7.89 24.74 38.73
N GLN L 43 8.32 25.50 37.73
CA GLN L 43 7.90 25.25 36.35
C GLN L 43 9.09 25.08 35.41
N ALA L 44 8.75 24.72 34.17
CA ALA L 44 9.68 24.68 33.07
C ALA L 44 9.91 26.09 32.53
N PRO L 45 11.06 26.36 31.93
CA PRO L 45 11.24 27.65 31.27
C PRO L 45 10.21 27.82 30.16
N ARG L 46 9.98 29.07 29.79
CA ARG L 46 9.20 29.34 28.59
C ARG L 46 9.91 30.38 27.74
N LEU L 47 9.74 30.25 26.43
CA LEU L 47 10.36 31.19 25.52
C LEU L 47 9.73 32.56 25.69
N LEU L 48 10.55 33.58 25.88
CA LEU L 48 10.08 34.96 26.00
C LEU L 48 10.36 35.76 24.75
N ILE L 49 11.60 35.74 24.29
CA ILE L 49 12.07 36.51 23.16
C ILE L 49 12.88 35.58 22.26
N TYR L 50 12.65 35.67 20.95
CA TYR L 50 13.52 35.06 19.97
C TYR L 50 14.06 36.15 19.04
N GLY L 51 15.13 35.83 18.32
CA GLY L 51 15.75 36.82 17.45
C GLY L 51 16.09 38.12 18.14
N ALA L 52 16.48 38.04 19.42
CA ALA L 52 16.94 39.20 20.18
C ALA L 52 15.84 40.21 20.48
N SER L 53 14.85 40.37 19.58
CA SER L 53 13.89 41.44 19.76
C SER L 53 12.45 41.08 19.45
N SER L 54 12.15 39.85 19.03
CA SER L 54 10.79 39.43 18.68
C SER L 54 10.14 38.75 19.87
N ARG L 55 8.90 39.13 20.18
CA ARG L 55 8.17 38.51 21.28
C ARG L 55 7.56 37.19 20.87
N ALA L 56 7.69 36.19 21.76
CA ALA L 56 7.10 34.89 21.52
C ALA L 56 5.61 34.92 21.80
N THR L 57 4.96 33.79 21.51
CA THR L 57 3.52 33.64 21.63
C THR L 57 3.03 33.90 23.05
N GLY L 58 2.02 34.76 23.18
CA GLY L 58 1.44 34.98 24.48
C GLY L 58 2.28 35.81 25.43
N ILE L 59 3.35 36.44 24.97
CA ILE L 59 4.22 37.22 25.83
C ILE L 59 3.75 38.67 25.81
N PRO L 60 3.39 39.25 26.94
CA PRO L 60 2.91 40.62 26.96
C PRO L 60 3.93 41.63 26.49
N ASP L 61 3.39 42.83 26.56
CA ASP L 61 3.85 43.97 25.86
C ASP L 61 5.07 44.59 26.56
N ARG L 62 5.13 44.42 27.88
CA ARG L 62 6.16 44.97 28.76
C ARG L 62 7.50 44.27 28.67
N PHE L 63 7.55 43.06 28.11
CA PHE L 63 8.80 42.37 27.84
C PHE L 63 9.29 42.78 26.47
N SER L 64 10.54 43.25 26.40
CA SER L 64 11.09 43.61 25.10
C SER L 64 12.59 43.33 25.10
N GLY L 65 13.14 43.09 23.92
CA GLY L 65 14.55 42.77 23.80
C GLY L 65 15.28 43.60 22.76
N SER L 66 16.58 43.77 23.00
CA SER L 66 17.42 44.53 22.08
C SER L 66 18.86 44.06 22.21
N GLY L 67 19.74 44.66 21.41
CA GLY L 67 21.15 44.38 21.45
C GLY L 67 21.64 43.80 20.13
N SER L 68 22.97 43.71 20.03
CA SER L 68 23.63 43.20 18.84
C SER L 68 25.07 42.88 19.20
N GLY L 69 25.69 42.03 18.39
CA GLY L 69 27.11 41.81 18.57
C GLY L 69 27.42 41.00 19.81
N THR L 70 27.88 41.70 20.87
CA THR L 70 28.26 41.05 22.10
C THR L 70 27.41 41.45 23.30
N ASP L 71 26.47 42.37 23.12
CA ASP L 71 25.68 42.91 24.23
C ASP L 71 24.20 42.89 23.85
N PHE L 72 23.40 42.21 24.66
CA PHE L 72 21.96 42.10 24.45
C PHE L 72 21.25 42.51 25.73
N THR L 73 20.01 42.92 25.58
CA THR L 73 19.29 43.48 26.72
C THR L 73 17.88 42.94 26.75
N LEU L 74 17.42 42.53 27.94
CA LEU L 74 16.01 42.29 28.22
C LEU L 74 15.51 43.40 29.12
N THR L 75 14.41 44.05 28.70
CA THR L 75 13.77 45.14 29.46
C THR L 75 12.38 44.66 29.86
N ILE L 76 12.08 44.73 31.15
CA ILE L 76 10.76 44.43 31.70
C ILE L 76 10.18 45.75 32.20
N SER L 77 9.35 46.37 31.38
CA SER L 77 8.66 47.59 31.77
C SER L 77 7.43 47.29 32.62
N ARG L 78 7.13 48.20 33.55
CA ARG L 78 5.98 48.05 34.46
C ARG L 78 5.99 46.67 35.12
N LEU L 79 7.05 46.43 35.90
CA LEU L 79 7.23 45.16 36.57
C LEU L 79 6.03 44.84 37.45
N GLU L 80 5.66 43.56 37.47
CA GLU L 80 4.56 42.98 38.21
C GLU L 80 5.02 41.81 39.10
N PRO L 81 4.22 41.39 40.08
CA PRO L 81 4.67 40.33 41.03
C PRO L 81 4.98 38.96 40.41
N GLU L 82 4.32 38.63 39.29
CA GLU L 82 4.47 37.39 38.52
C GLU L 82 5.90 37.25 38.02
N ASP L 83 6.48 38.36 37.59
CA ASP L 83 7.79 38.47 36.97
C ASP L 83 8.91 37.99 37.90
N PHE L 84 8.53 37.61 39.12
CA PHE L 84 9.49 36.91 39.95
C PHE L 84 9.88 35.65 39.20
N ALA L 85 11.14 35.54 38.82
CA ALA L 85 11.63 34.40 38.06
C ALA L 85 13.12 34.58 37.84
N VAL L 86 13.72 33.56 37.27
CA VAL L 86 15.07 33.64 36.76
C VAL L 86 14.98 33.83 35.26
N TYR L 87 15.79 34.72 34.71
CA TYR L 87 15.74 35.03 33.29
C TYR L 87 17.06 34.63 32.64
N TYR L 88 16.98 33.81 31.60
CA TYR L 88 18.14 33.27 30.91
C TYR L 88 18.23 33.84 29.50
N CYS L 89 19.43 34.30 29.12
CA CYS L 89 19.68 34.41 27.69
C CYS L 89 20.29 33.11 27.17
N GLN L 90 20.20 32.93 25.86
CA GLN L 90 20.56 31.70 25.17
C GLN L 90 20.97 32.05 23.75
N GLN L 91 22.06 31.46 23.28
CA GLN L 91 22.52 31.72 21.92
C GLN L 91 22.63 30.40 21.17
N TYR L 92 22.46 30.47 19.86
CA TYR L 92 22.81 29.34 19.01
C TYR L 92 23.51 29.81 17.74
N GLY L 93 24.32 30.87 17.86
CA GLY L 93 25.28 31.15 16.81
C GLY L 93 26.25 29.99 16.59
N SER L 94 26.66 29.34 17.68
CA SER L 94 27.58 28.21 17.63
C SER L 94 27.20 27.29 18.79
N SER L 95 26.76 26.06 18.49
CA SER L 95 26.19 25.15 19.48
C SER L 95 24.97 25.81 20.13
N PHE L 96 24.57 25.36 21.32
CA PHE L 96 23.50 26.01 22.07
C PHE L 96 24.01 26.24 23.47
N THR L 97 24.10 27.50 23.92
CA THR L 97 24.48 27.76 25.30
C THR L 97 23.58 28.81 25.93
N PHE L 98 23.47 28.71 27.25
CA PHE L 98 22.67 29.60 28.08
C PHE L 98 23.56 30.48 28.94
N GLY L 99 23.08 31.67 29.25
CA GLY L 99 23.69 32.45 30.29
C GLY L 99 23.32 31.83 31.61
N PRO L 100 23.99 32.29 32.67
CA PRO L 100 23.74 31.73 34.01
C PRO L 100 22.43 32.19 34.65
N GLY L 101 21.78 33.20 34.09
CA GLY L 101 20.50 33.59 34.64
C GLY L 101 20.60 34.78 35.58
N THR L 102 19.54 35.56 35.62
CA THR L 102 19.38 36.67 36.56
C THR L 102 18.09 36.43 37.34
N LYS L 103 18.16 36.45 38.68
CA LYS L 103 16.96 36.30 39.48
C LYS L 103 16.37 37.66 39.77
N VAL L 104 15.07 37.80 39.52
CA VAL L 104 14.36 39.05 39.71
C VAL L 104 13.38 38.85 40.85
N ASP L 105 13.60 39.56 41.96
CA ASP L 105 12.72 39.46 43.12
C ASP L 105 11.81 40.66 43.12
N ILE L 106 10.63 40.48 43.66
CA ILE L 106 9.70 41.58 43.76
C ILE L 106 9.86 42.22 45.14
N LYS L 107 10.08 43.54 45.16
CA LYS L 107 10.00 44.27 46.42
C LYS L 107 8.57 44.54 46.79
N ARG L 108 8.33 44.58 48.09
CA ARG L 108 6.99 44.74 48.62
C ARG L 108 7.01 45.41 49.99
N THR L 109 5.82 45.82 50.43
CA THR L 109 5.69 46.40 51.77
C THR L 109 6.11 45.40 52.84
N VAL L 110 6.80 45.90 53.87
CA VAL L 110 7.23 45.03 54.95
C VAL L 110 6.00 44.41 55.60
N ALA L 111 6.04 43.09 55.82
CA ALA L 111 4.93 42.37 56.43
C ALA L 111 5.46 41.43 57.50
N ALA L 112 4.84 41.45 58.67
CA ALA L 112 5.29 40.68 59.82
C ALA L 112 4.90 39.22 59.68
N PRO L 113 5.72 38.31 60.21
CA PRO L 113 5.38 36.88 60.15
C PRO L 113 4.36 36.51 61.21
N SER L 114 3.43 35.63 60.83
CA SER L 114 2.62 34.91 61.81
C SER L 114 3.39 33.67 62.23
N VAL L 115 3.59 33.52 63.54
CA VAL L 115 4.46 32.48 64.07
C VAL L 115 3.59 31.44 64.79
N PHE L 116 3.87 30.16 64.50
CA PHE L 116 3.25 29.01 65.16
C PHE L 116 4.35 28.02 65.52
N ILE L 117 4.15 27.28 66.61
CA ILE L 117 5.08 26.23 67.02
C ILE L 117 4.31 24.91 67.14
N PHE L 118 4.99 23.82 66.77
CA PHE L 118 4.43 22.48 66.75
C PHE L 118 5.32 21.57 67.58
N PRO L 119 4.78 20.89 68.59
CA PRO L 119 5.59 19.94 69.36
C PRO L 119 5.77 18.64 68.60
N PRO L 120 6.73 17.80 68.99
CA PRO L 120 6.83 16.49 68.35
C PRO L 120 5.58 15.65 68.62
N SER L 121 5.24 14.82 67.63
CA SER L 121 4.09 13.93 67.75
C SER L 121 4.38 12.79 68.73
N ASP L 122 3.32 12.20 69.26
CA ASP L 122 3.55 11.05 70.12
C ASP L 122 4.03 9.84 69.30
N GLU L 123 3.61 9.67 68.02
CA GLU L 123 4.32 8.63 67.25
C GLU L 123 5.80 8.67 67.26
N GLN L 124 6.25 9.83 66.84
CA GLN L 124 7.63 9.98 66.49
C GLN L 124 8.49 9.74 67.71
N LEU L 125 7.94 9.99 68.89
CA LEU L 125 8.68 9.79 70.12
C LEU L 125 9.10 8.32 70.26
N LYS L 126 8.26 7.38 69.80
CA LYS L 126 8.74 6.00 69.81
C LYS L 126 9.87 5.79 68.79
N SER L 127 9.98 6.64 67.79
CA SER L 127 11.08 6.42 66.86
C SER L 127 12.40 6.88 67.44
N GLY L 128 12.39 7.37 68.68
CA GLY L 128 13.61 7.72 69.39
C GLY L 128 14.12 9.10 69.09
N THR L 129 13.44 9.83 68.22
CA THR L 129 13.79 11.21 67.88
C THR L 129 12.54 12.08 68.04
N ALA L 130 12.74 13.35 68.34
CA ALA L 130 11.66 14.31 68.51
C ALA L 130 11.98 15.51 67.64
N SER L 131 11.02 15.95 66.84
CA SER L 131 11.23 17.09 65.95
C SER L 131 10.30 18.21 66.34
N VAL L 132 10.87 19.37 66.61
CA VAL L 132 10.13 20.59 66.92
C VAL L 132 10.27 21.54 65.73
N VAL L 133 9.15 22.03 65.22
CA VAL L 133 9.13 22.88 64.04
C VAL L 133 8.49 24.21 64.40
N CYS L 134 9.07 25.29 63.86
CA CYS L 134 8.51 26.63 64.00
C CYS L 134 8.18 27.13 62.60
N LEU L 135 6.97 27.63 62.44
CA LEU L 135 6.49 28.10 61.15
C LEU L 135 6.41 29.61 61.17
N LEU L 136 7.02 30.25 60.19
CA LEU L 136 6.93 31.69 59.98
C LEU L 136 6.15 31.91 58.69
N ASN L 137 4.90 32.31 58.81
CA ASN L 137 4.00 32.30 57.67
C ASN L 137 3.80 33.70 57.14
N ASN L 138 4.04 33.87 55.85
CA ASN L 138 3.71 35.06 55.09
C ASN L 138 4.39 36.30 55.66
N PHE L 139 5.69 36.45 55.39
CA PHE L 139 6.48 37.57 55.90
C PHE L 139 7.38 38.14 54.81
N TYR L 140 7.88 39.36 55.07
CA TYR L 140 8.85 40.05 54.22
C TYR L 140 9.56 41.11 55.05
N PRO L 141 10.87 41.32 54.86
CA PRO L 141 11.67 40.61 53.87
C PRO L 141 12.16 39.27 54.37
N ARG L 142 12.92 38.62 53.53
CA ARG L 142 13.33 37.28 53.85
C ARG L 142 14.26 37.16 55.10
N GLU L 143 14.93 38.25 55.52
CA GLU L 143 15.84 38.23 56.68
C GLU L 143 15.07 37.87 57.96
N ALA L 144 15.51 36.81 58.64
CA ALA L 144 14.89 36.39 59.89
C ALA L 144 15.89 35.56 60.64
N LYS L 145 15.87 35.69 61.96
CA LYS L 145 16.75 34.91 62.78
C LYS L 145 15.85 33.98 63.58
N VAL L 146 16.10 32.69 63.49
CA VAL L 146 15.35 31.71 64.26
C VAL L 146 16.39 30.91 65.04
N GLN L 147 16.22 30.87 66.36
CA GLN L 147 17.09 30.09 67.22
C GLN L 147 16.30 29.30 68.23
N TRP L 148 16.87 28.16 68.58
CA TRP L 148 16.30 27.25 69.54
C TRP L 148 17.07 27.29 70.86
N LYS L 149 16.34 27.33 71.96
CA LYS L 149 16.87 27.12 73.29
C LYS L 149 15.98 26.11 74.01
N VAL L 150 16.60 25.08 74.57
CA VAL L 150 15.92 24.12 75.44
C VAL L 150 16.51 24.24 76.84
N ASP L 151 15.64 24.48 77.82
CA ASP L 151 16.05 24.91 79.16
C ASP L 151 16.84 26.21 79.11
N ASN L 152 16.52 27.05 78.11
CA ASN L 152 17.14 28.36 77.90
C ASN L 152 18.65 28.29 77.67
N ALA L 153 19.12 27.15 77.19
CA ALA L 153 20.50 26.96 76.80
C ALA L 153 20.55 26.89 75.28
N LEU L 154 21.19 27.91 74.63
CA LEU L 154 21.42 27.81 73.19
C LEU L 154 21.91 26.47 72.69
N GLN L 155 21.23 26.05 71.63
CA GLN L 155 21.45 24.84 70.89
C GLN L 155 22.16 25.30 69.62
N SER L 156 23.13 24.55 69.18
CA SER L 156 23.91 24.95 68.02
C SER L 156 24.33 23.70 67.30
N GLY L 157 24.33 23.74 65.96
CA GLY L 157 24.74 22.59 65.19
C GLY L 157 23.70 21.51 65.04
N ASN L 158 22.46 21.74 65.48
CA ASN L 158 21.39 20.73 65.42
C ASN L 158 20.11 21.26 64.79
N SER L 159 20.16 22.36 64.04
CA SER L 159 18.96 22.95 63.46
C SER L 159 19.14 23.13 61.95
N GLN L 160 18.00 23.08 61.24
CA GLN L 160 17.96 23.21 59.79
C GLN L 160 16.79 24.09 59.38
N GLU L 161 17.02 24.93 58.39
CA GLU L 161 16.02 25.85 57.89
C GLU L 161 15.67 25.51 56.46
N SER L 162 14.43 25.83 56.08
CA SER L 162 13.94 25.67 54.71
C SER L 162 13.00 26.83 54.42
N VAL L 163 13.13 27.44 53.24
CA VAL L 163 12.40 28.66 52.94
C VAL L 163 11.66 28.49 51.63
N THR L 164 10.41 28.90 51.63
CA THR L 164 9.53 28.88 50.48
C THR L 164 9.99 29.90 49.44
N GLU L 165 9.64 29.65 48.19
CA GLU L 165 9.89 30.67 47.18
C GLU L 165 8.89 31.82 47.33
N GLN L 166 9.35 33.01 46.96
CA GLN L 166 8.52 34.20 47.06
C GLN L 166 7.20 33.97 46.31
N ASP L 167 6.08 34.15 47.02
CA ASP L 167 4.80 33.77 46.43
C ASP L 167 4.48 34.63 45.22
N SER L 168 3.86 34.00 44.22
CA SER L 168 3.61 34.66 42.94
C SER L 168 2.61 35.81 43.04
N LYS L 169 1.57 35.68 43.86
CA LYS L 169 0.58 36.77 43.94
C LYS L 169 1.01 37.87 44.90
N ASP L 170 1.34 37.52 46.15
CA ASP L 170 1.55 38.52 47.18
C ASP L 170 3.02 38.68 47.58
N SER L 171 3.94 38.05 46.85
CA SER L 171 5.39 38.24 47.01
C SER L 171 5.90 37.91 48.40
N THR L 172 5.22 37.07 49.17
CA THR L 172 5.70 36.76 50.51
C THR L 172 6.52 35.47 50.54
N TYR L 173 7.23 35.29 51.64
CA TYR L 173 7.99 34.08 51.95
C TYR L 173 7.32 33.32 53.08
N SER L 174 7.76 32.08 53.27
CA SER L 174 7.49 31.31 54.48
C SER L 174 8.75 30.50 54.83
N LEU L 175 8.91 30.22 56.12
CA LEU L 175 10.11 29.57 56.63
C LEU L 175 9.72 28.48 57.62
N SER L 176 10.55 27.46 57.69
CA SER L 176 10.45 26.45 58.73
C SER L 176 11.83 26.21 59.33
N SER L 177 11.90 26.07 60.65
CA SER L 177 13.10 25.64 61.35
C SER L 177 12.75 24.36 62.09
N THR L 178 13.58 23.33 61.91
CA THR L 178 13.31 22.01 62.48
C THR L 178 14.43 21.61 63.44
N LEU L 179 14.11 21.55 64.73
CA LEU L 179 15.06 21.15 65.78
C LEU L 179 14.93 19.66 66.05
N THR L 180 16.04 18.92 65.91
CA THR L 180 16.07 17.47 66.09
C THR L 180 17.10 17.02 67.13
N LEU L 181 16.64 16.28 68.16
CA LEU L 181 17.48 15.66 69.17
C LEU L 181 16.96 14.25 69.45
N SER L 182 17.62 13.56 70.38
CA SER L 182 17.20 12.24 70.84
C SER L 182 15.95 12.31 71.72
N LYS L 183 15.26 11.16 71.80
CA LYS L 183 14.10 11.08 72.68
C LYS L 183 14.47 11.53 74.08
N ALA L 184 15.66 11.11 74.57
CA ALA L 184 16.16 11.47 75.90
C ALA L 184 16.21 12.98 76.12
N ASP L 185 16.93 13.71 75.28
CA ASP L 185 17.02 15.14 75.57
C ASP L 185 15.65 15.83 75.52
N TYR L 186 14.69 15.31 74.76
CA TYR L 186 13.35 15.91 74.76
C TYR L 186 12.57 15.60 76.05
N GLU L 187 12.35 14.29 76.35
CA GLU L 187 12.45 13.60 77.67
C GLU L 187 12.99 14.43 78.83
N LYS L 188 14.23 14.93 78.75
CA LYS L 188 15.07 15.27 79.90
C LYS L 188 15.09 16.75 80.24
N HIS L 189 14.48 17.58 79.40
CA HIS L 189 14.28 19.00 79.61
C HIS L 189 12.81 19.26 79.31
N LYS L 190 12.32 20.44 79.64
CA LYS L 190 10.89 20.62 79.53
C LYS L 190 10.51 21.82 78.67
N VAL L 191 11.28 22.91 78.76
CA VAL L 191 10.91 24.17 78.12
C VAL L 191 11.54 24.25 76.72
N TYR L 192 10.70 24.53 75.73
CA TYR L 192 11.08 24.60 74.31
C TYR L 192 10.64 25.93 73.74
N ALA L 193 11.61 26.69 73.20
CA ALA L 193 11.38 28.08 72.83
C ALA L 193 11.67 28.33 71.35
N CYS L 194 10.75 29.04 70.68
CA CYS L 194 10.92 29.46 69.30
C CYS L 194 11.08 30.98 69.26
N GLU L 195 12.17 31.41 68.63
CA GLU L 195 12.94 32.61 68.92
C GLU L 195 13.09 33.40 67.63
N VAL L 196 12.22 34.40 67.39
CA VAL L 196 12.15 35.08 66.09
C VAL L 196 12.38 36.58 66.22
N THR L 197 13.26 37.12 65.36
CA THR L 197 13.47 38.56 65.17
C THR L 197 13.25 38.92 63.70
N HIS L 198 12.40 39.93 63.46
CA HIS L 198 12.10 40.36 62.10
C HIS L 198 11.80 41.86 62.09
N GLN L 199 12.00 42.48 60.91
CA GLN L 199 11.73 43.91 60.75
C GLN L 199 10.24 44.26 60.84
N GLY L 200 9.34 43.34 60.47
CA GLY L 200 7.92 43.67 60.50
C GLY L 200 7.26 43.64 61.86
N LEU L 201 7.99 43.25 62.90
CA LEU L 201 7.58 43.32 64.29
C LEU L 201 8.44 44.44 64.86
N SER L 202 7.87 45.52 65.42
CA SER L 202 8.90 46.45 65.95
C SER L 202 9.60 45.94 67.21
N SER L 203 9.35 44.70 67.65
CA SER L 203 10.02 44.05 68.76
C SER L 203 9.77 42.56 68.58
N PRO L 204 10.67 41.70 69.06
CA PRO L 204 10.56 40.26 68.78
C PRO L 204 9.31 39.58 69.33
N VAL L 205 8.82 38.59 68.57
CA VAL L 205 7.66 37.76 68.93
C VAL L 205 8.14 36.34 69.22
N THR L 206 7.76 35.80 70.38
CA THR L 206 8.10 34.43 70.77
C THR L 206 6.83 33.61 70.99
N LYS L 207 6.74 32.47 70.28
CA LYS L 207 5.77 31.41 70.55
C LYS L 207 6.53 30.16 71.01
N SER L 208 5.98 29.46 72.00
CA SER L 208 6.68 28.34 72.63
C SER L 208 5.67 27.45 73.33
N PHE L 209 6.14 26.29 73.81
CA PHE L 209 5.27 25.37 74.54
C PHE L 209 5.99 24.73 75.71
N ASN L 210 5.18 24.17 76.63
CA ASN L 210 5.63 23.35 77.75
C ASN L 210 5.29 21.88 77.48
N ARG L 211 6.25 21.00 77.74
CA ARG L 211 6.13 19.57 77.44
C ARG L 211 5.02 18.84 78.19
N GLY L 212 3.97 18.44 77.47
CA GLY L 212 2.81 17.82 78.08
C GLY L 212 1.57 18.67 77.91
N GLU L 213 0.67 18.57 78.89
CA GLU L 213 -0.63 19.25 78.86
C GLU L 213 -1.49 18.75 77.70
N THR M 3 26.74 10.14 -31.03
CA THR M 3 25.51 9.56 -30.48
C THR M 3 25.65 8.05 -30.21
N VAL M 4 25.27 7.64 -29.00
CA VAL M 4 25.23 6.23 -28.62
C VAL M 4 23.79 5.88 -28.22
N PRO M 5 23.19 4.85 -28.82
CA PRO M 5 21.79 4.51 -28.48
C PRO M 5 21.69 3.84 -27.12
N PRO M 6 20.68 4.18 -26.33
CA PRO M 6 20.57 3.61 -24.98
C PRO M 6 20.19 2.14 -24.99
N MET M 7 20.72 1.43 -23.99
CA MET M 7 20.24 0.10 -23.68
C MET M 7 19.07 0.22 -22.71
N VAL M 8 17.97 -0.47 -23.02
CA VAL M 8 16.75 -0.38 -22.24
C VAL M 8 16.49 -1.73 -21.60
N ASN M 9 16.23 -1.72 -20.29
CA ASN M 9 15.84 -2.93 -19.57
C ASN M 9 14.64 -2.57 -18.70
N VAL M 10 13.62 -3.41 -18.73
CA VAL M 10 12.44 -3.24 -17.92
C VAL M 10 12.42 -4.37 -16.90
N THR M 11 12.30 -4.03 -15.62
CA THR M 11 12.26 -5.03 -14.56
C THR M 11 11.00 -4.83 -13.73
N ARG M 12 10.55 -5.93 -13.13
CA ARG M 12 9.42 -5.98 -12.22
C ARG M 12 9.93 -6.25 -10.83
N SER M 13 9.41 -5.55 -9.83
CA SER M 13 9.87 -5.83 -8.49
C SER M 13 8.81 -5.46 -7.47
N GLU M 14 9.05 -5.87 -6.24
CA GLU M 14 8.31 -5.35 -5.10
C GLU M 14 6.81 -5.69 -5.23
N ALA M 15 6.53 -6.91 -5.67
CA ALA M 15 5.13 -7.33 -5.80
C ALA M 15 4.53 -7.40 -4.40
N SER M 16 3.33 -6.84 -4.27
CA SER M 16 2.76 -6.65 -2.94
C SER M 16 1.32 -6.18 -3.07
N GLU M 17 0.39 -6.76 -2.30
CA GLU M 17 -0.98 -6.25 -2.21
C GLU M 17 -1.65 -6.13 -3.58
N GLY M 18 -1.38 -7.08 -4.48
CA GLY M 18 -1.91 -7.04 -5.82
C GLY M 18 -1.18 -6.13 -6.78
N ASN M 19 -0.21 -5.34 -6.33
CA ASN M 19 0.51 -4.39 -7.16
C ASN M 19 1.96 -4.80 -7.41
N ILE M 20 2.56 -4.14 -8.39
CA ILE M 20 3.95 -4.41 -8.72
C ILE M 20 4.57 -3.13 -9.26
N THR M 21 5.90 -3.02 -9.09
CA THR M 21 6.64 -1.88 -9.59
C THR M 21 7.34 -2.27 -10.88
N VAL M 22 7.09 -1.50 -11.93
CA VAL M 22 7.80 -1.69 -13.18
C VAL M 22 8.73 -0.51 -13.34
N THR M 23 10.00 -0.81 -13.59
CA THR M 23 11.05 0.18 -13.74
C THR M 23 11.66 0.03 -15.12
N CYS M 24 11.79 1.14 -15.82
CA CYS M 24 12.40 1.16 -17.13
C CYS M 24 13.73 1.87 -17.00
N ARG M 25 14.81 1.18 -17.35
CA ARG M 25 16.16 1.70 -17.19
C ARG M 25 16.76 1.95 -18.56
N ALA M 26 17.24 3.16 -18.79
CA ALA M 26 18.02 3.50 -19.98
C ALA M 26 19.46 3.75 -19.56
N SER M 27 20.39 3.00 -20.16
CA SER M 27 21.78 3.04 -19.74
C SER M 27 22.73 3.16 -20.93
N SER M 28 23.87 3.83 -20.67
CA SER M 28 25.02 3.97 -21.58
C SER M 28 24.64 4.61 -22.91
N PHE M 29 24.13 5.84 -22.82
CA PHE M 29 23.74 6.60 -24.00
C PHE M 29 24.42 7.96 -24.00
N TYR M 30 24.47 8.58 -25.18
CA TYR M 30 25.06 9.89 -25.33
C TYR M 30 24.38 10.51 -26.53
N PRO M 31 23.99 11.79 -26.46
CA PRO M 31 24.22 12.68 -25.31
C PRO M 31 23.27 12.53 -24.10
N ARG M 32 23.37 13.53 -23.22
CA ARG M 32 22.70 13.53 -21.93
C ARG M 32 21.18 13.62 -22.09
N ASN M 33 20.73 14.23 -23.18
CA ASN M 33 19.33 14.57 -23.38
C ASN M 33 18.50 13.33 -23.73
N ILE M 34 17.45 13.07 -22.96
CA ILE M 34 16.60 11.91 -23.21
C ILE M 34 15.19 12.17 -22.63
N ILE M 35 14.18 11.63 -23.31
CA ILE M 35 12.80 11.58 -22.80
C ILE M 35 12.43 10.12 -22.55
N LEU M 36 11.94 9.83 -21.34
CA LEU M 36 11.62 8.47 -20.90
C LEU M 36 10.33 8.52 -20.10
N THR M 37 9.31 7.75 -20.50
CA THR M 37 8.03 7.81 -19.80
C THR M 37 7.25 6.50 -19.96
N TRP M 38 6.42 6.21 -18.96
CA TRP M 38 5.48 5.10 -19.08
C TRP M 38 4.21 5.54 -19.80
N ARG M 39 3.68 4.63 -20.61
CA ARG M 39 2.42 4.81 -21.33
C ARG M 39 1.42 3.75 -20.89
N GLN M 40 0.14 4.11 -20.90
CA GLN M 40 -0.94 3.20 -20.49
C GLN M 40 -1.91 3.13 -21.67
N ASP M 41 -2.01 1.95 -22.29
CA ASP M 41 -2.73 1.82 -23.55
C ASP M 41 -2.18 2.84 -24.55
N GLY M 42 -0.88 3.09 -24.49
CA GLY M 42 -0.25 4.04 -25.37
C GLY M 42 -0.37 5.50 -24.95
N VAL M 43 -1.07 5.81 -23.87
CA VAL M 43 -1.23 7.19 -23.44
C VAL M 43 -0.25 7.44 -22.30
N SER M 44 0.60 8.46 -22.46
CA SER M 44 1.61 8.77 -21.46
C SER M 44 0.93 9.03 -20.14
N LEU M 45 1.50 8.45 -19.07
CA LEU M 45 1.04 8.72 -17.73
C LEU M 45 1.44 10.14 -17.30
N SER M 46 0.71 10.67 -16.33
CA SER M 46 1.03 11.99 -15.81
C SER M 46 2.32 11.95 -14.98
N HIS M 47 2.77 13.13 -14.56
CA HIS M 47 4.00 13.19 -13.78
C HIS M 47 3.81 12.69 -12.37
N ASP M 48 2.65 12.92 -11.77
CA ASP M 48 2.46 12.56 -10.37
C ASP M 48 2.33 11.04 -10.14
N THR M 49 2.17 10.23 -11.20
CA THR M 49 2.05 8.79 -11.04
C THR M 49 3.34 8.04 -11.33
N GLN M 50 4.44 8.74 -11.62
CA GLN M 50 5.69 8.08 -11.97
C GLN M 50 6.81 8.58 -11.08
N GLN M 51 7.84 7.75 -10.94
CA GLN M 51 9.06 8.07 -10.23
C GLN M 51 10.22 8.15 -11.20
N TRP M 52 11.06 9.17 -11.06
CA TRP M 52 12.10 9.47 -12.03
C TRP M 52 13.47 9.47 -11.37
N GLY M 53 14.42 8.79 -11.99
CA GLY M 53 15.80 8.88 -11.57
C GLY M 53 16.53 10.04 -12.26
N ASP M 54 17.58 10.55 -11.60
CA ASP M 54 18.36 11.58 -12.25
C ASP M 54 19.10 11.00 -13.43
N VAL M 55 19.42 11.85 -14.40
CA VAL M 55 20.29 11.45 -15.49
C VAL M 55 21.72 11.57 -14.98
N LEU M 56 22.39 10.44 -14.77
CA LEU M 56 23.69 10.43 -14.13
C LEU M 56 24.77 9.97 -15.10
N PRO M 57 25.99 10.50 -14.97
CA PRO M 57 27.06 10.07 -15.88
C PRO M 57 27.42 8.62 -15.65
N ASP M 58 27.77 7.96 -16.76
CA ASP M 58 28.16 6.55 -16.72
C ASP M 58 29.54 6.38 -16.09
N GLY M 59 30.48 7.25 -16.45
CA GLY M 59 31.90 7.04 -16.21
C GLY M 59 32.66 6.51 -17.41
N ASN M 60 31.97 6.13 -18.48
CA ASN M 60 32.57 5.75 -19.74
C ASN M 60 32.28 6.77 -20.84
N GLY M 61 31.91 7.98 -20.46
CA GLY M 61 31.51 8.98 -21.42
C GLY M 61 30.05 8.94 -21.80
N THR M 62 29.23 8.15 -21.10
CA THR M 62 27.82 7.98 -21.39
C THR M 62 26.96 8.38 -20.19
N TYR M 63 25.66 8.16 -20.32
CA TYR M 63 24.68 8.49 -19.28
C TYR M 63 23.73 7.31 -19.05
N GLN M 64 22.99 7.39 -17.94
CA GLN M 64 21.97 6.42 -17.62
C GLN M 64 20.91 7.05 -16.74
N THR M 65 19.66 6.57 -16.85
CA THR M 65 18.55 7.04 -16.04
C THR M 65 17.47 5.95 -16.00
N TRP M 66 16.38 6.26 -15.29
CA TRP M 66 15.27 5.32 -15.13
C TRP M 66 14.00 6.09 -14.81
N VAL M 67 12.87 5.45 -15.12
CA VAL M 67 11.55 5.90 -14.69
C VAL M 67 10.76 4.65 -14.25
N ALA M 68 9.99 4.79 -13.19
CA ALA M 68 9.29 3.68 -12.57
C ALA M 68 7.83 4.05 -12.29
N THR M 69 6.98 3.02 -12.21
CA THR M 69 5.58 3.24 -11.90
C THR M 69 4.99 1.98 -11.28
N ARG M 70 3.93 2.18 -10.51
CA ARG M 70 3.29 1.12 -9.72
C ARG M 70 1.98 0.76 -10.37
N ILE M 71 1.84 -0.52 -10.80
CA ILE M 71 0.68 -0.97 -11.55
C ILE M 71 0.07 -2.18 -10.86
N CYS M 72 -1.18 -2.47 -11.23
CA CYS M 72 -1.88 -3.66 -10.71
C CYS M 72 -1.46 -4.91 -11.48
N ARG M 73 -1.06 -5.96 -10.77
CA ARG M 73 -0.62 -7.19 -11.44
C ARG M 73 -1.77 -7.77 -12.26
N GLY M 74 -1.47 -8.15 -13.48
CA GLY M 74 -2.50 -8.54 -14.41
C GLY M 74 -2.64 -7.55 -15.55
N GLU M 75 -2.23 -6.29 -15.35
CA GLU M 75 -2.36 -5.28 -16.40
C GLU M 75 -1.04 -4.98 -17.07
N GLU M 76 -0.02 -5.81 -16.83
CA GLU M 76 1.30 -5.53 -17.38
C GLU M 76 1.26 -5.18 -18.86
N GLN M 77 0.46 -5.93 -19.64
CA GLN M 77 0.42 -5.74 -21.10
C GLN M 77 -0.06 -4.34 -21.49
N ARG M 78 -0.77 -3.64 -20.61
CA ARG M 78 -1.26 -2.31 -20.92
C ARG M 78 -0.20 -1.23 -20.74
N PHE M 79 0.96 -1.55 -20.17
CA PHE M 79 1.98 -0.55 -19.84
C PHE M 79 3.25 -0.77 -20.66
N THR M 80 3.75 0.31 -21.25
CA THR M 80 4.97 0.24 -22.06
C THR M 80 5.84 1.46 -21.74
N CYS M 81 7.14 1.27 -21.90
CA CYS M 81 8.08 2.35 -21.66
C CYS M 81 8.39 3.04 -22.97
N TYR M 82 8.21 4.36 -23.01
CA TYR M 82 8.39 5.11 -24.24
C TYR M 82 9.69 5.87 -24.13
N MET M 83 10.51 5.81 -25.17
CA MET M 83 11.85 6.35 -25.08
C MET M 83 12.14 7.16 -26.34
N GLU M 84 12.55 8.41 -26.16
CA GLU M 84 12.96 9.28 -27.26
C GLU M 84 14.39 9.74 -27.04
N HIS M 85 15.26 9.48 -28.02
CA HIS M 85 16.66 9.85 -27.92
C HIS M 85 17.18 10.30 -29.27
N SER M 86 17.55 11.58 -29.34
CA SER M 86 18.14 12.23 -30.52
C SER M 86 17.47 11.78 -31.81
N GLY M 87 16.17 12.07 -31.89
CA GLY M 87 15.40 11.86 -33.09
C GLY M 87 14.78 10.49 -33.22
N ASN M 88 15.37 9.48 -32.58
CA ASN M 88 14.81 8.14 -32.61
C ASN M 88 13.99 7.87 -31.35
N HIS M 89 12.98 7.02 -31.50
CA HIS M 89 12.08 6.70 -30.40
C HIS M 89 11.85 5.20 -30.38
N SER M 90 11.44 4.69 -29.22
CA SER M 90 11.13 3.27 -29.11
C SER M 90 10.20 3.03 -27.93
N THR M 91 9.57 1.87 -27.94
CA THR M 91 8.70 1.45 -26.84
C THR M 91 9.08 0.03 -26.46
N HIS M 92 9.14 -0.24 -25.14
CA HIS M 92 9.48 -1.56 -24.62
C HIS M 92 8.41 -2.05 -23.67
N PRO M 93 8.05 -3.33 -23.76
CA PRO M 93 7.00 -3.88 -22.90
C PRO M 93 7.54 -4.30 -21.54
N VAL M 94 6.60 -4.58 -20.65
CA VAL M 94 6.89 -5.20 -19.36
C VAL M 94 7.15 -6.68 -19.58
N PRO M 95 8.21 -7.24 -19.02
CA PRO M 95 8.52 -8.65 -19.29
C PRO M 95 7.47 -9.60 -18.74
N SER M 96 7.30 -10.71 -19.48
CA SER M 96 6.37 -11.84 -19.27
C SER M 96 5.16 -11.64 -20.16
N GLU N 1 -24.58 -4.20 -28.24
CA GLU N 1 -23.55 -4.78 -27.41
C GLU N 1 -22.59 -3.69 -26.82
N VAL N 2 -21.44 -3.24 -27.34
CA VAL N 2 -20.88 -2.06 -26.67
C VAL N 2 -21.78 -0.88 -27.00
N GLN N 3 -22.27 -0.20 -25.97
CA GLN N 3 -23.12 0.96 -26.17
C GLN N 3 -22.70 2.12 -25.27
N LEU N 4 -22.69 3.33 -25.83
CA LEU N 4 -22.45 4.56 -25.09
C LEU N 4 -23.56 5.54 -25.43
N VAL N 5 -24.21 6.11 -24.43
CA VAL N 5 -25.37 6.97 -24.64
C VAL N 5 -25.19 8.26 -23.85
N GLU N 6 -24.98 9.37 -24.56
CA GLU N 6 -24.82 10.68 -23.95
C GLU N 6 -26.16 11.35 -23.66
N SER N 7 -26.13 12.24 -22.66
CA SER N 7 -27.15 13.20 -22.27
C SER N 7 -26.47 14.15 -21.29
N GLY N 8 -26.97 15.38 -21.15
CA GLY N 8 -28.02 15.97 -21.91
C GLY N 8 -27.50 17.36 -22.18
N GLY N 9 -27.15 17.58 -23.44
CA GLY N 9 -26.87 18.91 -23.89
C GLY N 9 -28.20 19.62 -24.04
N GLY N 10 -28.11 20.84 -24.54
CA GLY N 10 -29.28 21.68 -24.71
C GLY N 10 -28.82 23.10 -24.97
N LEU N 11 -29.78 24.02 -24.89
CA LEU N 11 -29.46 25.43 -25.08
C LEU N 11 -29.05 26.00 -23.74
N VAL N 12 -27.90 26.67 -23.69
CA VAL N 12 -27.41 27.29 -22.46
C VAL N 12 -26.81 28.65 -22.82
N GLN N 13 -26.95 29.64 -21.86
CA GLN N 13 -26.48 31.00 -22.08
C GLN N 13 -24.96 31.08 -21.96
N PRO N 14 -24.31 31.96 -22.71
CA PRO N 14 -22.87 32.15 -22.54
C PRO N 14 -22.52 32.53 -21.10
N GLY N 15 -21.40 31.99 -20.62
CA GLY N 15 -21.03 32.10 -19.23
C GLY N 15 -21.76 31.16 -18.31
N GLY N 16 -22.77 30.44 -18.80
CA GLY N 16 -23.47 29.47 -17.99
C GLY N 16 -22.70 28.15 -17.91
N SER N 17 -23.35 27.19 -17.28
CA SER N 17 -22.70 25.92 -17.02
C SER N 17 -23.70 24.79 -17.28
N LEU N 18 -23.15 23.61 -17.56
CA LEU N 18 -23.92 22.46 -18.01
C LEU N 18 -23.14 21.19 -17.71
N ARG N 19 -23.87 20.11 -17.40
CA ARG N 19 -23.23 18.84 -17.07
C ARG N 19 -23.67 17.74 -18.04
N LEU N 20 -22.72 17.22 -18.83
CA LEU N 20 -23.01 16.09 -19.71
C LEU N 20 -22.73 14.78 -19.00
N SER N 21 -23.52 13.76 -19.30
CA SER N 21 -23.25 12.43 -18.77
C SER N 21 -23.34 11.40 -19.90
N CYS N 22 -22.68 10.26 -19.68
CA CYS N 22 -22.60 9.20 -20.68
C CYS N 22 -22.81 7.87 -19.99
N ALA N 23 -23.79 7.11 -20.44
CA ALA N 23 -24.13 5.82 -19.85
C ALA N 23 -23.52 4.70 -20.70
N ALA N 24 -22.70 3.85 -20.09
CA ALA N 24 -22.05 2.75 -20.80
C ALA N 24 -22.76 1.43 -20.50
N SER N 25 -22.75 0.56 -21.50
CA SER N 25 -23.26 -0.79 -21.32
C SER N 25 -22.56 -1.74 -22.29
N GLY N 26 -22.65 -3.03 -21.98
CA GLY N 26 -22.10 -4.08 -22.84
C GLY N 26 -20.63 -4.41 -22.62
N PHE N 27 -20.02 -3.87 -21.56
CA PHE N 27 -18.64 -4.13 -21.25
C PHE N 27 -18.38 -3.68 -19.82
N THR N 28 -17.27 -4.15 -19.25
CA THR N 28 -16.89 -3.74 -17.90
C THR N 28 -16.30 -2.33 -17.99
N PHE N 29 -17.11 -1.35 -17.60
CA PHE N 29 -16.76 0.06 -17.74
C PHE N 29 -15.47 0.42 -16.99
N SER N 30 -15.30 -0.11 -15.77
CA SER N 30 -14.16 0.22 -14.91
C SER N 30 -12.82 -0.22 -15.49
N THR N 31 -12.87 -0.84 -16.67
CA THR N 31 -11.75 -1.44 -17.34
C THR N 31 -11.27 -0.66 -18.57
N TYR N 32 -11.93 0.44 -18.93
CA TYR N 32 -11.57 1.20 -20.12
C TYR N 32 -11.39 2.68 -19.80
N SER N 33 -10.32 3.26 -20.36
CA SER N 33 -10.20 4.70 -20.35
C SER N 33 -11.24 5.31 -21.29
N MET N 34 -11.60 6.57 -21.02
CA MET N 34 -12.74 7.23 -21.65
C MET N 34 -12.38 8.66 -22.05
N ASN N 35 -13.11 9.19 -23.03
CA ASN N 35 -12.85 10.51 -23.56
C ASN N 35 -14.14 11.22 -23.88
N TRP N 36 -14.05 12.56 -23.95
CA TRP N 36 -15.03 13.43 -24.60
C TRP N 36 -14.37 14.01 -25.84
N VAL N 37 -15.08 13.96 -26.96
CA VAL N 37 -14.63 14.51 -28.23
C VAL N 37 -15.79 15.31 -28.78
N ARG N 38 -15.51 16.50 -29.34
CA ARG N 38 -16.62 17.34 -29.80
C ARG N 38 -16.45 17.77 -31.24
N GLN N 39 -17.57 18.13 -31.84
CA GLN N 39 -17.60 18.53 -33.26
C GLN N 39 -18.50 19.77 -33.38
N ALA N 40 -17.89 20.92 -33.64
CA ALA N 40 -18.68 22.13 -33.87
C ALA N 40 -19.47 21.99 -35.19
N PRO N 41 -20.62 22.68 -35.31
CA PRO N 41 -21.44 22.54 -36.55
C PRO N 41 -20.64 22.79 -37.82
N GLY N 42 -20.59 21.78 -38.69
CA GLY N 42 -19.86 21.87 -39.94
C GLY N 42 -18.36 21.80 -39.84
N LYS N 43 -17.80 21.47 -38.68
CA LYS N 43 -16.36 21.44 -38.50
C LYS N 43 -15.88 20.01 -38.25
N GLY N 44 -14.58 19.87 -38.00
CA GLY N 44 -13.96 18.59 -37.76
C GLY N 44 -14.06 18.14 -36.32
N LEU N 45 -13.30 17.09 -36.01
CA LEU N 45 -13.28 16.53 -34.66
C LEU N 45 -12.24 17.23 -33.81
N GLU N 46 -12.60 17.51 -32.55
CA GLU N 46 -11.67 18.10 -31.60
C GLU N 46 -11.74 17.30 -30.31
N TRP N 47 -10.61 16.72 -29.92
CA TRP N 47 -10.54 16.01 -28.65
C TRP N 47 -10.59 17.00 -27.48
N VAL N 48 -11.33 16.61 -26.45
CA VAL N 48 -11.65 17.50 -25.33
C VAL N 48 -10.94 17.06 -24.04
N SER N 49 -11.15 15.81 -23.63
CA SER N 49 -10.73 15.35 -22.31
C SER N 49 -10.59 13.82 -22.32
N TYR N 50 -9.68 13.34 -21.48
CA TYR N 50 -9.34 11.94 -21.31
C TYR N 50 -9.27 11.65 -19.82
N ILE N 51 -9.80 10.50 -19.41
CA ILE N 51 -9.72 10.06 -18.02
C ILE N 51 -9.46 8.57 -18.00
N SER N 52 -8.43 8.14 -17.27
CA SER N 52 -8.07 6.71 -17.27
C SER N 52 -9.09 5.89 -16.48
N TYR N 53 -9.03 4.56 -16.62
CA TYR N 53 -10.14 3.76 -16.08
C TYR N 53 -10.24 3.83 -14.57
N ARG N 54 -9.15 4.16 -13.87
CA ARG N 54 -9.22 4.44 -12.43
C ARG N 54 -8.89 5.90 -12.11
N SER N 55 -8.99 6.79 -13.10
CA SER N 55 -8.93 8.25 -12.86
C SER N 55 -7.57 8.75 -12.41
N ARG N 56 -6.51 7.96 -12.54
CA ARG N 56 -5.24 8.48 -12.07
C ARG N 56 -4.65 9.48 -13.05
N THR N 57 -4.94 9.32 -14.34
CA THR N 57 -4.47 10.21 -15.39
C THR N 57 -5.66 10.90 -16.05
N ILE N 58 -5.63 12.22 -16.07
CA ILE N 58 -6.70 13.06 -16.61
C ILE N 58 -6.02 14.12 -17.48
N TYR N 59 -6.55 14.36 -18.70
CA TYR N 59 -6.01 15.37 -19.62
C TYR N 59 -7.14 16.22 -20.21
N TYR N 60 -6.79 17.47 -20.53
CA TYR N 60 -7.69 18.45 -21.13
C TYR N 60 -7.02 19.17 -22.30
N ALA N 61 -7.83 19.51 -23.29
CA ALA N 61 -7.37 20.41 -24.34
C ALA N 61 -7.15 21.81 -23.79
N ASP N 62 -6.18 22.51 -24.36
CA ASP N 62 -5.91 23.88 -23.94
C ASP N 62 -7.16 24.75 -23.99
N SER N 63 -8.04 24.50 -24.96
CA SER N 63 -9.21 25.35 -25.10
C SER N 63 -10.22 25.18 -23.96
N VAL N 64 -10.11 24.14 -23.13
CA VAL N 64 -11.11 23.95 -22.10
C VAL N 64 -10.51 23.79 -20.70
N LYS N 65 -9.18 23.70 -20.60
CA LYS N 65 -8.59 23.56 -19.27
C LYS N 65 -8.98 24.72 -18.37
N GLY N 66 -9.37 24.38 -17.14
CA GLY N 66 -9.85 25.33 -16.16
C GLY N 66 -11.35 25.50 -16.12
N ARG N 67 -12.05 25.21 -17.21
CA ARG N 67 -13.48 25.44 -17.25
C ARG N 67 -14.31 24.17 -17.25
N PHE N 68 -13.76 23.08 -17.79
CA PHE N 68 -14.43 21.78 -17.89
C PHE N 68 -13.77 20.80 -16.92
N THR N 69 -14.58 19.90 -16.34
CA THR N 69 -14.04 18.84 -15.49
C THR N 69 -14.57 17.48 -15.91
N ILE N 70 -13.68 16.57 -16.21
CA ILE N 70 -14.07 15.20 -16.52
C ILE N 70 -14.03 14.38 -15.25
N SER N 71 -14.96 13.45 -15.13
CA SER N 71 -15.02 12.55 -13.98
C SER N 71 -15.77 11.29 -14.39
N ARG N 72 -15.69 10.25 -13.56
CA ARG N 72 -16.39 9.02 -13.85
C ARG N 72 -16.81 8.34 -12.55
N ASP N 73 -17.90 7.56 -12.61
CA ASP N 73 -18.34 6.74 -11.48
C ASP N 73 -18.40 5.30 -11.98
N ASN N 74 -17.35 4.52 -11.72
CA ASN N 74 -17.25 3.19 -12.30
C ASN N 74 -18.40 2.29 -11.81
N ALA N 75 -18.87 2.46 -10.58
CA ALA N 75 -19.98 1.64 -10.11
C ALA N 75 -21.30 1.98 -10.79
N ARG N 76 -21.41 3.13 -11.46
CA ARG N 76 -22.66 3.51 -12.11
C ARG N 76 -22.53 3.59 -13.63
N ASN N 77 -21.47 3.01 -14.18
CA ASN N 77 -21.30 2.93 -15.63
C ASN N 77 -21.49 4.29 -16.29
N SER N 78 -20.96 5.34 -15.67
CA SER N 78 -21.22 6.71 -16.12
C SER N 78 -19.94 7.50 -16.28
N LEU N 79 -19.87 8.29 -17.36
CA LEU N 79 -18.84 9.29 -17.57
C LEU N 79 -19.51 10.65 -17.55
N TYR N 80 -18.87 11.64 -16.91
CA TYR N 80 -19.47 12.96 -16.79
C TYR N 80 -18.53 14.03 -17.33
N LEU N 81 -19.11 15.12 -17.83
CA LEU N 81 -18.36 16.32 -18.18
C LEU N 81 -19.11 17.50 -17.60
N GLN N 82 -18.52 18.17 -16.61
CA GLN N 82 -19.06 19.40 -16.06
C GLN N 82 -18.46 20.56 -16.83
N MET N 83 -19.31 21.38 -17.44
CA MET N 83 -18.90 22.49 -18.29
C MET N 83 -19.30 23.80 -17.64
N ASN N 84 -18.34 24.68 -17.38
CA ASN N 84 -18.64 25.99 -16.83
C ASN N 84 -18.07 27.09 -17.72
N SER N 85 -18.56 28.32 -17.51
CA SER N 85 -18.10 29.49 -18.25
C SER N 85 -18.17 29.27 -19.75
N LEU N 86 -19.31 28.73 -20.18
CA LEU N 86 -19.50 28.32 -21.56
C LEU N 86 -19.48 29.52 -22.51
N ARG N 87 -18.87 29.30 -23.67
CA ARG N 87 -18.74 30.27 -24.73
C ARG N 87 -19.45 29.77 -25.98
N ASP N 88 -19.64 30.69 -26.94
CA ASP N 88 -20.30 30.35 -28.19
C ASP N 88 -19.55 29.26 -28.94
N GLU N 89 -18.22 29.37 -29.01
CA GLU N 89 -17.36 28.42 -29.68
C GLU N 89 -17.32 27.05 -29.00
N ASP N 90 -18.04 26.89 -27.90
CA ASP N 90 -18.21 25.58 -27.30
C ASP N 90 -19.42 24.85 -27.88
N THR N 91 -20.21 25.53 -28.72
CA THR N 91 -21.34 24.90 -29.39
C THR N 91 -20.82 23.77 -30.27
N ALA N 92 -21.30 22.56 -30.00
CA ALA N 92 -20.81 21.37 -30.69
C ALA N 92 -21.68 20.19 -30.27
N VAL N 93 -21.61 19.13 -31.07
CA VAL N 93 -22.08 17.82 -30.64
C VAL N 93 -20.95 17.23 -29.81
N TYR N 94 -21.27 16.72 -28.62
CA TYR N 94 -20.27 16.17 -27.72
C TYR N 94 -20.38 14.64 -27.72
N TYR N 95 -19.28 13.99 -28.14
CA TYR N 95 -19.21 12.54 -28.27
C TYR N 95 -18.51 11.91 -27.06
N CYS N 96 -19.11 10.84 -26.55
CA CYS N 96 -18.50 9.92 -25.61
C CYS N 96 -17.67 8.89 -26.40
N ALA N 97 -16.41 8.71 -26.04
CA ALA N 97 -15.55 7.83 -26.81
C ALA N 97 -14.66 7.01 -25.89
N ARG N 98 -14.69 5.69 -26.09
CA ARG N 98 -13.93 4.74 -25.31
C ARG N 98 -12.51 4.61 -25.85
N TRP N 99 -11.55 4.41 -24.96
CA TRP N 99 -10.15 4.27 -25.36
C TRP N 99 -9.78 2.78 -25.42
N GLY N 100 -9.14 2.38 -26.52
CA GLY N 100 -8.93 0.97 -26.75
C GLY N 100 -7.92 0.35 -25.80
N TYR N 101 -8.22 -0.88 -25.39
CA TYR N 101 -7.32 -1.67 -24.56
C TYR N 101 -6.00 -1.90 -25.28
N GLY N 102 -4.90 -1.68 -24.55
CA GLY N 102 -3.57 -1.96 -25.06
C GLY N 102 -3.11 -1.05 -26.17
N SER N 103 -3.74 -1.11 -27.33
CA SER N 103 -3.22 -0.37 -28.47
C SER N 103 -3.89 0.99 -28.69
N GLY N 104 -4.85 1.39 -27.84
CA GLY N 104 -5.37 2.76 -27.91
C GLY N 104 -6.35 2.99 -29.04
N GLY N 105 -6.59 4.26 -29.34
CA GLY N 105 -7.60 4.67 -30.31
C GLY N 105 -8.97 4.86 -29.68
N PHE N 106 -9.78 5.73 -30.30
CA PHE N 106 -11.16 5.92 -29.84
C PHE N 106 -11.97 4.79 -30.46
N ASP N 107 -12.09 3.68 -29.74
CA ASP N 107 -12.56 2.49 -30.43
C ASP N 107 -14.08 2.32 -30.42
N TYR N 108 -14.83 3.01 -29.55
CA TYR N 108 -16.30 3.07 -29.69
C TYR N 108 -16.80 4.46 -29.34
N TRP N 109 -17.82 4.92 -30.06
CA TRP N 109 -18.35 6.27 -29.86
C TRP N 109 -19.84 6.22 -29.60
N GLY N 110 -20.33 7.14 -28.80
CA GLY N 110 -21.76 7.33 -28.67
C GLY N 110 -22.32 8.09 -29.85
N GLN N 111 -23.63 8.33 -29.81
CA GLN N 111 -24.24 9.09 -30.90
C GLN N 111 -24.10 10.59 -30.71
N GLY N 112 -23.75 11.05 -29.52
CA GLY N 112 -23.52 12.47 -29.26
C GLY N 112 -24.76 13.18 -28.74
N THR N 113 -24.52 14.27 -27.98
CA THR N 113 -25.54 15.24 -27.60
C THR N 113 -25.06 16.62 -28.01
N LEU N 114 -26.00 17.41 -28.50
CA LEU N 114 -25.70 18.74 -29.01
C LEU N 114 -25.79 19.73 -27.87
N VAL N 115 -24.75 20.54 -27.72
CA VAL N 115 -24.72 21.65 -26.78
C VAL N 115 -24.69 22.94 -27.62
N THR N 116 -25.69 23.81 -27.40
CA THR N 116 -25.81 25.09 -28.11
C THR N 116 -25.63 26.23 -27.10
N VAL N 117 -24.63 27.06 -27.32
CA VAL N 117 -24.35 28.21 -26.46
C VAL N 117 -24.70 29.49 -27.23
N SER N 118 -25.71 30.21 -26.77
CA SER N 118 -26.11 31.43 -27.46
C SER N 118 -26.96 32.28 -26.53
N SER N 119 -26.85 33.60 -26.68
CA SER N 119 -27.69 34.49 -25.88
C SER N 119 -28.88 35.01 -26.67
N ALA N 120 -29.50 34.21 -27.52
CA ALA N 120 -30.60 34.69 -28.34
C ALA N 120 -31.93 34.15 -27.84
N SER N 121 -32.97 34.92 -28.09
CA SER N 121 -34.30 34.58 -27.61
C SER N 121 -35.02 33.77 -28.68
N THR N 122 -36.00 32.99 -28.25
CA THR N 122 -36.81 32.23 -29.20
C THR N 122 -37.55 33.18 -30.14
N LYS N 123 -37.35 33.01 -31.44
CA LYS N 123 -37.97 33.83 -32.48
C LYS N 123 -38.44 32.96 -33.64
N GLY N 124 -39.67 33.17 -34.07
CA GLY N 124 -40.16 32.54 -35.26
C GLY N 124 -39.69 33.34 -36.47
N PRO N 125 -39.63 32.70 -37.63
CA PRO N 125 -39.02 33.34 -38.79
C PRO N 125 -39.97 34.26 -39.54
N SER N 126 -39.35 35.11 -40.35
CA SER N 126 -40.04 35.86 -41.40
C SER N 126 -39.83 35.14 -42.72
N VAL N 127 -40.86 35.15 -43.57
CA VAL N 127 -40.86 34.38 -44.81
C VAL N 127 -41.05 35.34 -45.97
N PHE N 128 -40.03 35.49 -46.78
CA PHE N 128 -40.08 36.35 -47.93
C PHE N 128 -40.03 35.52 -49.21
N PRO N 129 -40.73 35.97 -50.25
CA PRO N 129 -40.73 35.21 -51.50
C PRO N 129 -39.44 35.43 -52.27
N LEU N 130 -38.97 34.39 -52.91
CA LEU N 130 -37.94 34.51 -53.93
C LEU N 130 -38.69 34.39 -55.24
N ALA N 131 -38.99 35.56 -55.87
CA ALA N 131 -39.92 35.59 -57.00
C ALA N 131 -39.21 35.31 -58.32
N PRO N 132 -39.69 34.32 -59.09
CA PRO N 132 -39.18 34.10 -60.46
C PRO N 132 -39.17 35.34 -61.33
N SER N 133 -38.31 35.36 -62.35
CA SER N 133 -38.22 36.49 -63.26
C SER N 133 -38.51 36.03 -64.69
N SER N 134 -38.47 37.01 -65.60
CA SER N 134 -38.75 36.79 -67.02
C SER N 134 -37.83 35.75 -67.66
N THR N 141 -37.71 26.87 -68.22
CA THR N 141 -37.91 26.56 -66.80
C THR N 141 -37.46 27.71 -65.86
N ALA N 142 -38.25 27.96 -64.83
CA ALA N 142 -38.03 29.05 -63.89
C ALA N 142 -37.83 28.52 -62.48
N ALA N 143 -37.20 29.33 -61.63
CA ALA N 143 -36.92 28.98 -60.24
C ALA N 143 -37.56 30.00 -59.31
N LEU N 144 -38.14 29.50 -58.22
CA LEU N 144 -38.73 30.36 -57.20
C LEU N 144 -38.48 29.73 -55.84
N GLY N 145 -38.70 30.50 -54.78
CA GLY N 145 -38.44 29.91 -53.49
C GLY N 145 -38.89 30.78 -52.34
N CYS N 146 -38.41 30.41 -51.15
CA CYS N 146 -38.80 31.05 -49.90
C CYS N 146 -37.57 31.30 -49.06
N LEU N 147 -37.47 32.53 -48.53
CA LEU N 147 -36.38 32.94 -47.65
C LEU N 147 -36.92 32.92 -46.22
N VAL N 148 -36.41 31.99 -45.42
CA VAL N 148 -36.82 31.79 -44.04
C VAL N 148 -35.77 32.47 -43.16
N LYS N 149 -36.04 33.69 -42.75
CA LYS N 149 -35.01 34.55 -42.20
C LYS N 149 -35.25 34.85 -40.73
N ASP N 150 -34.16 34.87 -39.97
CA ASP N 150 -34.11 35.40 -38.61
C ASP N 150 -34.96 34.60 -37.63
N TYR N 151 -34.59 33.36 -37.38
CA TYR N 151 -35.28 32.56 -36.38
C TYR N 151 -34.26 31.96 -35.42
N PHE N 152 -34.78 31.48 -34.29
CA PHE N 152 -33.98 30.82 -33.26
C PHE N 152 -34.91 30.10 -32.30
N PRO N 153 -34.57 28.89 -31.86
CA PRO N 153 -33.40 28.16 -32.36
C PRO N 153 -33.76 27.31 -33.55
N GLU N 154 -32.81 26.49 -34.01
CA GLU N 154 -33.15 25.45 -34.96
C GLU N 154 -34.11 24.46 -34.29
N PRO N 155 -34.91 23.73 -35.07
CA PRO N 155 -34.98 23.71 -36.53
C PRO N 155 -36.23 24.32 -37.10
N VAL N 156 -36.23 24.55 -38.41
CA VAL N 156 -37.42 24.94 -39.16
C VAL N 156 -37.66 23.89 -40.24
N THR N 157 -38.93 23.64 -40.56
CA THR N 157 -39.28 22.75 -41.66
C THR N 157 -40.08 23.50 -42.71
N VAL N 158 -39.81 23.18 -43.98
CA VAL N 158 -40.48 23.80 -45.10
C VAL N 158 -40.97 22.71 -46.06
N SER N 159 -42.22 22.83 -46.50
CA SER N 159 -42.79 22.00 -47.53
C SER N 159 -43.42 22.90 -48.57
N TRP N 160 -43.89 22.30 -49.67
CA TRP N 160 -44.53 23.08 -50.73
C TRP N 160 -45.89 22.50 -51.04
N ASN N 161 -46.90 23.37 -51.07
CA ASN N 161 -48.29 22.98 -51.29
C ASN N 161 -48.66 21.79 -50.38
N SER N 162 -48.34 21.94 -49.10
CA SER N 162 -48.69 20.97 -48.06
C SER N 162 -48.17 19.58 -48.38
N GLY N 163 -47.05 19.50 -49.08
CA GLY N 163 -46.45 18.24 -49.48
C GLY N 163 -46.73 17.82 -50.90
N ALA N 164 -47.59 18.54 -51.61
CA ALA N 164 -47.94 18.12 -52.97
C ALA N 164 -46.85 18.37 -53.99
N LEU N 165 -45.87 19.23 -53.67
CA LEU N 165 -44.77 19.55 -54.59
C LEU N 165 -43.46 19.19 -53.89
N THR N 166 -42.79 18.15 -54.38
CA THR N 166 -41.57 17.68 -53.73
C THR N 166 -40.35 17.55 -54.64
N SER N 167 -40.57 17.17 -55.90
CA SER N 167 -39.45 16.93 -56.82
C SER N 167 -38.86 18.26 -57.29
N GLY N 168 -37.54 18.35 -57.28
CA GLY N 168 -36.89 19.59 -57.70
C GLY N 168 -36.79 20.62 -56.60
N VAL N 169 -37.10 20.26 -55.37
CA VAL N 169 -37.09 21.15 -54.23
C VAL N 169 -35.75 21.01 -53.54
N HIS N 170 -35.10 22.15 -53.27
CA HIS N 170 -33.88 22.18 -52.47
C HIS N 170 -34.11 23.09 -51.28
N THR N 171 -33.98 22.53 -50.09
CA THR N 171 -34.05 23.30 -48.85
C THR N 171 -32.65 23.24 -48.25
N PHE N 172 -31.99 24.41 -48.19
CA PHE N 172 -30.58 24.49 -47.86
C PHE N 172 -30.38 24.36 -46.34
N PRO N 173 -29.22 23.85 -45.91
CA PRO N 173 -28.91 23.84 -44.48
C PRO N 173 -28.89 25.26 -43.93
N ALA N 174 -29.38 25.40 -42.70
CA ALA N 174 -29.46 26.71 -42.08
C ALA N 174 -28.06 27.29 -41.88
N VAL N 175 -27.96 28.62 -41.97
CA VAL N 175 -26.74 29.34 -41.69
C VAL N 175 -26.96 30.21 -40.46
N LEU N 176 -25.94 30.31 -39.61
CA LEU N 176 -25.98 31.16 -38.43
C LEU N 176 -25.45 32.54 -38.80
N GLN N 177 -26.28 33.57 -38.61
CA GLN N 177 -25.92 34.94 -38.92
C GLN N 177 -25.20 35.59 -37.75
N SER N 178 -24.53 36.72 -38.04
CA SER N 178 -23.81 37.47 -37.01
C SER N 178 -24.72 37.88 -35.85
N SER N 179 -26.00 38.10 -36.11
CA SER N 179 -26.96 38.47 -35.07
C SER N 179 -27.28 37.32 -34.13
N GLY N 180 -26.79 36.11 -34.40
CA GLY N 180 -27.14 34.92 -33.64
C GLY N 180 -28.43 34.26 -34.07
N LEU N 181 -29.10 34.79 -35.09
CA LEU N 181 -30.32 34.20 -35.63
C LEU N 181 -30.02 33.35 -36.86
N TYR N 182 -30.86 32.35 -37.08
CA TYR N 182 -30.67 31.45 -38.19
C TYR N 182 -31.39 31.94 -39.43
N SER N 183 -30.89 31.53 -40.59
CA SER N 183 -31.56 31.87 -41.84
C SER N 183 -31.39 30.74 -42.83
N LEU N 184 -32.32 30.65 -43.76
CA LEU N 184 -32.40 29.50 -44.63
C LEU N 184 -33.25 29.86 -45.84
N SER N 185 -32.92 29.25 -46.98
CA SER N 185 -33.76 29.40 -48.17
C SER N 185 -34.18 28.03 -48.69
N SER N 186 -35.37 27.99 -49.27
CA SER N 186 -35.88 26.78 -49.90
C SER N 186 -36.34 27.16 -51.29
N VAL N 187 -35.85 26.44 -52.30
CA VAL N 187 -36.11 26.78 -53.69
C VAL N 187 -36.69 25.57 -54.41
N VAL N 188 -37.33 25.84 -55.53
CA VAL N 188 -37.89 24.78 -56.37
C VAL N 188 -37.81 25.24 -57.82
N THR N 189 -37.49 24.31 -58.71
CA THR N 189 -37.47 24.56 -60.14
C THR N 189 -38.80 24.12 -60.71
N VAL N 190 -39.36 24.94 -61.59
CA VAL N 190 -40.75 24.71 -62.00
C VAL N 190 -40.90 25.04 -63.47
N PRO N 191 -41.88 24.43 -64.14
CA PRO N 191 -42.16 24.78 -65.54
C PRO N 191 -42.54 26.24 -65.65
N SER N 192 -41.90 26.93 -66.58
CA SER N 192 -42.18 28.34 -66.76
C SER N 192 -43.60 28.60 -67.24
N SER N 193 -44.28 27.59 -67.82
CA SER N 193 -45.68 27.72 -68.23
C SER N 193 -46.66 27.74 -67.06
N SER N 194 -46.37 27.00 -65.98
CA SER N 194 -47.27 26.85 -64.83
C SER N 194 -47.41 28.14 -64.05
N LEU N 195 -46.51 29.08 -64.32
CA LEU N 195 -46.31 30.33 -63.56
C LEU N 195 -47.56 31.19 -63.46
N GLY N 196 -48.39 31.23 -64.50
CA GLY N 196 -49.62 32.00 -64.51
C GLY N 196 -50.85 31.27 -64.00
N THR N 197 -50.86 29.95 -64.13
CA THR N 197 -52.00 29.10 -63.79
C THR N 197 -51.86 28.38 -62.45
N GLN N 198 -50.64 28.01 -62.06
CA GLN N 198 -50.39 27.21 -60.87
C GLN N 198 -50.02 28.10 -59.68
N THR N 199 -50.52 27.75 -58.51
CA THR N 199 -50.20 28.45 -57.27
C THR N 199 -49.15 27.66 -56.49
N TYR N 200 -48.11 28.37 -56.03
CA TYR N 200 -47.00 27.79 -55.29
C TYR N 200 -46.97 28.39 -53.89
N ILE N 201 -47.10 27.52 -52.89
CA ILE N 201 -47.15 27.90 -51.47
C ILE N 201 -46.06 27.16 -50.74
N CYS N 202 -45.22 27.89 -50.01
CA CYS N 202 -44.27 27.24 -49.11
C CYS N 202 -44.83 27.29 -47.69
N ASN N 203 -44.73 26.17 -46.99
CA ASN N 203 -45.28 26.03 -45.64
C ASN N 203 -44.10 26.00 -44.66
N VAL N 204 -43.99 27.03 -43.85
CA VAL N 204 -42.93 27.15 -42.87
C VAL N 204 -43.51 26.87 -41.49
N ASN N 205 -42.86 25.98 -40.76
CA ASN N 205 -43.30 25.59 -39.43
C ASN N 205 -42.08 25.73 -38.52
N HIS N 206 -42.21 26.54 -37.47
CA HIS N 206 -41.19 26.73 -36.44
C HIS N 206 -41.75 26.33 -35.09
N LYS N 207 -41.61 25.04 -34.77
CA LYS N 207 -42.08 24.39 -33.56
C LYS N 207 -41.69 25.16 -32.29
N PRO N 208 -40.42 25.54 -32.09
CA PRO N 208 -40.05 26.23 -30.84
C PRO N 208 -40.80 27.51 -30.55
N SER N 209 -41.37 28.16 -31.56
CA SER N 209 -42.15 29.36 -31.33
C SER N 209 -43.61 29.17 -31.70
N ASN N 210 -44.01 27.96 -32.06
CA ASN N 210 -45.37 27.66 -32.47
C ASN N 210 -45.79 28.61 -33.59
N THR N 211 -44.97 28.64 -34.64
CA THR N 211 -45.22 29.47 -35.81
C THR N 211 -45.44 28.59 -37.02
N LYS N 212 -46.64 28.68 -37.59
CA LYS N 212 -46.94 28.13 -38.90
C LYS N 212 -47.14 29.30 -39.85
N VAL N 213 -46.46 29.29 -40.99
CA VAL N 213 -46.65 30.35 -41.99
C VAL N 213 -46.77 29.69 -43.36
N ASP N 214 -47.78 30.11 -44.11
CA ASP N 214 -47.95 29.73 -45.51
C ASP N 214 -47.76 30.95 -46.38
N LYS N 215 -46.76 30.90 -47.27
CA LYS N 215 -46.40 32.04 -48.09
C LYS N 215 -46.60 31.72 -49.57
N ARG N 216 -47.41 32.53 -50.26
CA ARG N 216 -47.60 32.40 -51.69
C ARG N 216 -46.47 33.09 -52.45
N VAL N 217 -45.87 32.37 -53.39
CA VAL N 217 -44.77 32.88 -54.20
C VAL N 217 -45.26 32.96 -55.64
N GLU N 218 -45.32 34.17 -56.18
CA GLU N 218 -45.78 34.36 -57.55
C GLU N 218 -44.99 35.51 -58.18
N PRO N 219 -44.93 35.54 -59.52
CA PRO N 219 -44.23 36.66 -60.19
C PRO N 219 -44.83 37.99 -59.78
N LYS N 220 -43.99 38.91 -59.33
CA LYS N 220 -44.49 40.22 -58.95
C LYS N 220 -44.72 41.08 -60.19
N SER N 221 -45.36 42.23 -59.97
CA SER N 221 -45.79 43.10 -61.06
C SER N 221 -44.70 44.08 -61.51
N GLU O 1 2.29 21.20 -29.28
CA GLU O 1 1.55 20.87 -30.51
C GLU O 1 2.19 19.86 -31.46
N ILE O 2 1.50 18.77 -31.71
CA ILE O 2 1.62 18.10 -33.00
C ILE O 2 0.39 18.49 -33.83
N VAL O 3 0.61 18.94 -35.06
CA VAL O 3 -0.47 19.34 -35.95
C VAL O 3 -0.53 18.35 -37.11
N LEU O 4 -1.73 17.91 -37.45
CA LEU O 4 -1.92 17.00 -38.58
C LEU O 4 -2.62 17.70 -39.75
N THR O 5 -2.06 17.57 -40.94
CA THR O 5 -2.70 18.05 -42.16
C THR O 5 -3.07 16.87 -43.05
N GLN O 6 -4.11 17.07 -43.86
CA GLN O 6 -4.62 16.02 -44.73
C GLN O 6 -4.77 16.56 -46.14
N SER O 7 -4.34 15.77 -47.12
CA SER O 7 -4.44 16.10 -48.53
C SER O 7 -4.95 14.90 -49.32
N PRO O 8 -5.80 15.12 -50.32
CA PRO O 8 -6.41 16.42 -50.66
C PRO O 8 -7.61 16.73 -49.73
N GLY O 9 -8.15 17.95 -49.84
CA GLY O 9 -9.33 18.27 -49.05
C GLY O 9 -10.54 17.46 -49.48
N THR O 10 -10.66 17.22 -50.78
CA THR O 10 -11.73 16.43 -51.35
C THR O 10 -11.13 15.51 -52.40
N LEU O 11 -11.82 14.39 -52.62
CA LEU O 11 -11.34 13.32 -53.48
C LEU O 11 -12.58 12.79 -54.18
N SER O 12 -12.59 12.82 -55.51
CA SER O 12 -13.74 12.41 -56.30
C SER O 12 -13.45 11.10 -57.01
N LEU O 13 -14.25 10.08 -56.71
CA LEU O 13 -14.01 8.76 -57.25
C LEU O 13 -15.34 8.06 -57.44
N SER O 14 -15.39 7.18 -58.43
CA SER O 14 -16.52 6.30 -58.68
C SER O 14 -16.34 5.00 -57.90
N PRO O 15 -17.43 4.27 -57.63
CA PRO O 15 -17.26 3.00 -56.92
C PRO O 15 -16.29 2.10 -57.66
N GLY O 16 -15.53 1.32 -56.92
CA GLY O 16 -14.60 0.39 -57.52
C GLY O 16 -13.22 0.95 -57.78
N GLU O 17 -13.00 2.25 -57.61
CA GLU O 17 -11.68 2.83 -57.78
C GLU O 17 -10.86 2.70 -56.49
N ARG O 18 -9.61 3.16 -56.56
CA ARG O 18 -8.67 3.09 -55.45
C ARG O 18 -8.51 4.49 -54.87
N ALA O 19 -8.80 4.62 -53.57
CA ALA O 19 -8.70 5.89 -52.87
C ALA O 19 -7.43 5.90 -52.04
N THR O 20 -6.65 6.96 -52.19
CA THR O 20 -5.42 7.13 -51.42
C THR O 20 -5.48 8.44 -50.65
N LEU O 21 -5.55 8.35 -49.33
CA LEU O 21 -5.68 9.49 -48.43
C LEU O 21 -4.37 9.72 -47.71
N SER O 22 -3.96 10.97 -47.61
CA SER O 22 -2.69 11.35 -47.03
C SER O 22 -2.89 12.12 -45.73
N CYS O 23 -1.96 11.91 -44.79
CA CYS O 23 -1.94 12.57 -43.49
C CYS O 23 -0.50 12.97 -43.17
N ARG O 24 -0.27 14.19 -42.68
CA ARG O 24 1.12 14.53 -42.47
C ARG O 24 1.27 15.13 -41.07
N ALA O 25 2.31 14.71 -40.33
CA ALA O 25 2.50 15.18 -38.95
C ALA O 25 3.59 16.25 -38.91
N SER O 26 3.37 17.30 -38.13
CA SER O 26 4.33 18.39 -38.05
C SER O 26 5.65 17.96 -37.41
N GLN O 27 5.64 16.85 -36.68
CA GLN O 27 6.87 16.21 -36.23
C GLN O 27 6.60 14.71 -36.14
N SER O 28 7.68 13.94 -36.02
CA SER O 28 7.56 12.49 -36.12
C SER O 28 6.63 11.95 -35.04
N VAL O 29 5.73 11.07 -35.45
CA VAL O 29 4.84 10.35 -34.55
C VAL O 29 5.13 8.87 -34.75
N SER O 30 5.42 8.17 -33.66
CA SER O 30 5.62 6.73 -33.75
C SER O 30 4.38 6.09 -34.33
N SER O 31 4.60 5.02 -35.10
CA SER O 31 3.51 4.36 -35.81
C SER O 31 2.43 3.83 -34.86
N SER O 32 2.79 3.48 -33.63
CA SER O 32 1.82 2.96 -32.69
C SER O 32 0.73 3.97 -32.36
N TYR O 33 0.99 5.27 -32.53
CA TYR O 33 0.07 6.27 -32.02
C TYR O 33 -0.63 7.03 -33.14
N LEU O 34 -0.86 6.38 -34.27
CA LEU O 34 -1.53 7.00 -35.40
C LEU O 34 -2.77 6.18 -35.75
N ALA O 35 -3.94 6.84 -35.79
CA ALA O 35 -5.21 6.17 -36.04
C ALA O 35 -5.97 6.87 -37.16
N TRP O 36 -6.94 6.16 -37.74
CA TRP O 36 -7.78 6.69 -38.80
C TRP O 36 -9.23 6.46 -38.46
N TYR O 37 -10.07 7.44 -38.78
CA TYR O 37 -11.49 7.37 -38.46
C TYR O 37 -12.32 7.74 -39.69
N GLN O 38 -13.51 7.15 -39.78
CA GLN O 38 -14.47 7.42 -40.84
C GLN O 38 -15.76 7.97 -40.24
N GLN O 39 -16.31 9.01 -40.85
CA GLN O 39 -17.58 9.56 -40.39
C GLN O 39 -18.51 9.76 -41.58
N LYS O 40 -19.63 9.04 -41.58
CA LYS O 40 -20.68 9.24 -42.57
C LYS O 40 -21.56 10.41 -42.14
N PRO O 41 -22.33 11.04 -43.08
CA PRO O 41 -22.89 12.38 -42.78
C PRO O 41 -23.53 12.52 -41.40
N GLY O 42 -24.60 11.78 -41.12
CA GLY O 42 -25.32 12.01 -39.89
C GLY O 42 -24.89 11.15 -38.70
N GLN O 43 -23.69 10.58 -38.74
CA GLN O 43 -23.35 9.52 -37.80
C GLN O 43 -22.13 9.87 -36.97
N ALA O 44 -21.88 9.04 -35.96
CA ALA O 44 -20.71 9.22 -35.12
C ALA O 44 -19.45 8.76 -35.86
N PRO O 45 -18.29 9.31 -35.54
CA PRO O 45 -17.05 8.80 -36.13
C PRO O 45 -16.91 7.32 -35.80
N ARG O 46 -16.14 6.57 -36.59
CA ARG O 46 -15.81 5.25 -36.06
C ARG O 46 -14.39 4.86 -36.42
N LEU O 47 -13.80 4.04 -35.55
CA LEU O 47 -12.43 3.64 -35.75
C LEU O 47 -12.27 2.72 -36.95
N LEU O 48 -11.29 3.05 -37.78
CA LEU O 48 -10.89 2.27 -38.94
C LEU O 48 -9.55 1.58 -38.74
N ILE O 49 -8.53 2.35 -38.38
CA ILE O 49 -7.15 1.91 -38.29
C ILE O 49 -6.60 2.36 -36.96
N TYR O 50 -5.88 1.48 -36.29
CA TYR O 50 -5.06 1.85 -35.16
C TYR O 50 -3.64 1.38 -35.44
N GLY O 51 -2.68 1.92 -34.70
CA GLY O 51 -1.30 1.57 -34.93
C GLY O 51 -0.85 1.72 -36.37
N ALA O 52 -1.38 2.72 -37.06
CA ALA O 52 -1.01 3.10 -38.42
C ALA O 52 -1.42 2.06 -39.46
N SER O 53 -1.40 0.75 -39.11
CA SER O 53 -1.63 -0.26 -40.12
C SER O 53 -2.55 -1.40 -39.73
N SER O 54 -3.05 -1.46 -38.50
CA SER O 54 -3.94 -2.55 -38.09
C SER O 54 -5.39 -2.14 -38.27
N ARG O 55 -6.17 -3.03 -38.86
CA ARG O 55 -7.59 -2.79 -39.05
C ARG O 55 -8.31 -2.99 -37.73
N ALA O 56 -9.28 -2.14 -37.46
CA ALA O 56 -10.07 -2.32 -36.25
C ALA O 56 -11.07 -3.45 -36.46
N THR O 57 -11.71 -3.86 -35.35
CA THR O 57 -12.65 -4.97 -35.39
C THR O 57 -13.83 -4.63 -36.28
N GLY O 58 -14.17 -5.56 -37.17
CA GLY O 58 -15.28 -5.41 -38.09
C GLY O 58 -14.99 -4.51 -39.26
N ILE O 59 -13.76 -4.06 -39.43
CA ILE O 59 -13.42 -3.12 -40.49
C ILE O 59 -13.13 -3.95 -41.75
N PRO O 60 -13.87 -3.75 -42.82
CA PRO O 60 -13.60 -4.56 -44.00
C PRO O 60 -12.22 -4.35 -44.56
N ASP O 61 -12.03 -5.24 -45.49
CA ASP O 61 -10.78 -5.87 -45.76
C ASP O 61 -9.95 -5.12 -46.81
N ARG O 62 -10.60 -4.24 -47.60
CA ARG O 62 -10.05 -3.27 -48.56
C ARG O 62 -9.44 -2.04 -47.92
N PHE O 63 -9.70 -1.81 -46.64
CA PHE O 63 -9.09 -0.73 -45.88
C PHE O 63 -7.71 -1.16 -45.39
N SER O 64 -6.70 -0.33 -45.66
CA SER O 64 -5.34 -0.59 -45.20
C SER O 64 -4.66 0.74 -44.91
N GLY O 65 -3.70 0.70 -44.00
CA GLY O 65 -2.94 1.89 -43.65
C GLY O 65 -1.46 1.60 -43.61
N SER O 66 -0.66 2.64 -43.84
CA SER O 66 0.79 2.49 -43.81
C SER O 66 1.42 3.82 -43.43
N GLY O 67 2.74 3.80 -43.28
CA GLY O 67 3.51 5.00 -43.03
C GLY O 67 4.23 4.95 -41.70
N SER O 68 5.11 5.95 -41.52
CA SER O 68 5.90 6.10 -40.31
C SER O 68 6.48 7.50 -40.29
N GLY O 69 6.83 7.97 -39.10
CA GLY O 69 7.47 9.26 -38.98
C GLY O 69 6.49 10.41 -39.14
N THR O 70 6.49 11.07 -40.31
CA THR O 70 5.61 12.20 -40.55
C THR O 70 4.61 11.97 -41.66
N ASP O 71 4.64 10.82 -42.33
CA ASP O 71 3.81 10.57 -43.51
C ASP O 71 3.07 9.26 -43.33
N PHE O 72 1.75 9.34 -43.36
CA PHE O 72 0.90 8.17 -43.21
C PHE O 72 -0.13 8.20 -44.32
N THR O 73 -0.63 7.01 -44.67
CA THR O 73 -1.51 6.83 -45.82
C THR O 73 -2.66 5.90 -45.44
N LEU O 74 -3.88 6.27 -45.81
CA LEU O 74 -5.03 5.39 -45.75
C LEU O 74 -5.41 5.02 -47.18
N THR O 75 -5.52 3.71 -47.46
CA THR O 75 -5.84 3.23 -48.80
C THR O 75 -7.13 2.41 -48.82
N ILE O 76 -8.06 2.79 -49.68
CA ILE O 76 -9.26 2.03 -49.93
C ILE O 76 -9.21 1.54 -51.38
N SER O 77 -8.81 0.29 -51.60
CA SER O 77 -9.03 -0.35 -52.90
C SER O 77 -10.48 -0.88 -52.96
N ARG O 78 -11.05 -1.01 -54.18
CA ARG O 78 -12.48 -1.39 -54.38
C ARG O 78 -13.39 -0.49 -53.54
N LEU O 79 -13.44 0.79 -53.90
CA LEU O 79 -14.35 1.69 -53.23
C LEU O 79 -15.76 1.13 -53.32
N GLU O 80 -16.52 1.25 -52.25
CA GLU O 80 -17.88 0.78 -52.16
C GLU O 80 -18.79 1.96 -51.94
N PRO O 81 -20.09 1.81 -52.16
CA PRO O 81 -20.98 2.96 -52.00
C PRO O 81 -21.01 3.50 -50.57
N GLU O 82 -20.89 2.61 -49.57
CA GLU O 82 -20.86 3.03 -48.18
C GLU O 82 -19.57 3.74 -47.79
N ASP O 83 -18.53 3.72 -48.63
CA ASP O 83 -17.28 4.36 -48.29
C ASP O 83 -17.23 5.86 -48.60
N PHE O 84 -18.23 6.41 -49.29
CA PHE O 84 -18.30 7.86 -49.46
C PHE O 84 -18.59 8.53 -48.12
N ALA O 85 -17.62 9.31 -47.65
CA ALA O 85 -17.62 9.79 -46.28
C ALA O 85 -16.39 10.66 -46.05
N VAL O 86 -16.22 11.22 -44.85
CA VAL O 86 -15.03 11.97 -44.47
C VAL O 86 -14.09 11.10 -43.64
N TYR O 87 -12.79 11.21 -43.90
CA TYR O 87 -11.79 10.41 -43.21
C TYR O 87 -10.80 11.30 -42.45
N TYR O 88 -10.65 11.00 -41.16
CA TYR O 88 -9.77 11.76 -40.26
C TYR O 88 -8.63 10.88 -39.79
N CYS O 89 -7.42 11.41 -39.83
CA CYS O 89 -6.31 10.82 -39.08
C CYS O 89 -6.19 11.50 -37.72
N GLN O 90 -5.47 10.84 -36.82
CA GLN O 90 -5.42 11.25 -35.42
C GLN O 90 -4.11 10.72 -34.84
N GLN O 91 -3.48 11.52 -33.99
CA GLN O 91 -2.24 11.09 -33.36
C GLN O 91 -2.38 11.16 -31.85
N TYR O 92 -1.67 10.27 -31.17
CA TYR O 92 -1.52 10.41 -29.73
C TYR O 92 -0.09 10.14 -29.32
N GLY O 93 0.87 10.52 -30.16
CA GLY O 93 2.25 10.61 -29.70
C GLY O 93 2.39 11.61 -28.57
N SER O 94 1.69 12.73 -28.68
CA SER O 94 1.72 13.80 -27.69
C SER O 94 0.36 14.47 -27.70
N SER O 95 -0.34 14.41 -26.57
CA SER O 95 -1.74 14.85 -26.51
C SER O 95 -2.60 14.08 -27.52
N PHE O 96 -3.78 14.60 -27.88
CA PHE O 96 -4.62 13.98 -28.90
C PHE O 96 -5.02 15.05 -29.90
N THR O 97 -4.62 14.89 -31.16
CA THR O 97 -5.04 15.82 -32.20
C THR O 97 -5.51 15.07 -33.44
N PHE O 98 -6.40 15.72 -34.18
CA PHE O 98 -6.98 15.21 -35.41
C PHE O 98 -6.48 16.01 -36.62
N GLY O 99 -6.45 15.36 -37.78
CA GLY O 99 -6.28 16.05 -39.03
C GLY O 99 -7.56 16.78 -39.37
N PRO O 100 -7.55 17.62 -40.40
CA PRO O 100 -8.77 18.38 -40.74
C PRO O 100 -9.84 17.54 -41.42
N GLY O 101 -9.50 16.37 -41.93
CA GLY O 101 -10.45 15.48 -42.56
C GLY O 101 -10.42 15.62 -44.08
N THR O 102 -10.65 14.50 -44.76
CA THR O 102 -10.70 14.43 -46.22
C THR O 102 -12.04 13.83 -46.63
N LYS O 103 -12.76 14.54 -47.49
CA LYS O 103 -14.04 14.07 -47.99
C LYS O 103 -13.87 13.28 -49.28
N VAL O 104 -14.55 12.15 -49.39
CA VAL O 104 -14.55 11.35 -50.61
C VAL O 104 -15.98 11.41 -51.16
N ASP O 105 -16.17 12.09 -52.28
CA ASP O 105 -17.49 12.25 -52.87
C ASP O 105 -17.59 11.43 -54.16
N ILE O 106 -18.82 11.26 -54.63
CA ILE O 106 -19.10 10.45 -55.81
C ILE O 106 -18.73 11.20 -57.07
N LYS O 107 -17.89 10.57 -57.90
CA LYS O 107 -17.53 11.14 -59.20
C LYS O 107 -18.65 10.92 -60.21
N ARG O 108 -18.84 11.92 -61.07
CA ARG O 108 -19.85 11.94 -62.12
C ARG O 108 -19.33 12.89 -63.19
N THR O 109 -19.97 12.86 -64.35
CA THR O 109 -19.56 13.77 -65.42
C THR O 109 -19.77 15.22 -64.97
N VAL O 110 -18.88 16.11 -65.43
CA VAL O 110 -19.02 17.51 -65.04
C VAL O 110 -20.34 18.08 -65.57
N ALA O 111 -21.06 18.79 -64.69
CA ALA O 111 -22.36 19.37 -65.00
C ALA O 111 -22.41 20.81 -64.50
N ALA O 112 -22.81 21.71 -65.38
CA ALA O 112 -22.82 23.14 -65.11
C ALA O 112 -24.00 23.55 -64.24
N PRO O 113 -23.82 24.58 -63.41
CA PRO O 113 -24.94 25.10 -62.61
C PRO O 113 -25.88 25.94 -63.45
N SER O 114 -27.18 25.85 -63.15
CA SER O 114 -28.13 26.86 -63.60
C SER O 114 -28.16 27.94 -62.53
N VAL O 115 -27.92 29.18 -62.93
CA VAL O 115 -27.76 30.29 -62.02
C VAL O 115 -28.99 31.17 -62.11
N PHE O 116 -29.53 31.54 -60.95
CA PHE O 116 -30.65 32.47 -60.84
C PHE O 116 -30.33 33.48 -59.76
N ILE O 117 -30.82 34.71 -59.94
CA ILE O 117 -30.69 35.77 -58.97
C ILE O 117 -32.09 36.23 -58.58
N PHE O 118 -32.27 36.53 -57.30
CA PHE O 118 -33.56 36.96 -56.75
C PHE O 118 -33.34 38.25 -55.99
N PRO O 119 -34.05 39.33 -56.34
CA PRO O 119 -33.93 40.56 -55.57
C PRO O 119 -34.68 40.45 -54.25
N PRO O 120 -34.42 41.35 -53.30
CA PRO O 120 -35.23 41.37 -52.08
C PRO O 120 -36.67 41.72 -52.40
N SER O 121 -37.58 41.12 -51.63
CA SER O 121 -39.02 41.38 -51.73
C SER O 121 -39.40 42.72 -51.15
N ASP O 122 -40.61 43.14 -51.50
CA ASP O 122 -41.12 44.34 -50.86
C ASP O 122 -41.51 44.14 -49.37
N GLU O 123 -41.95 42.97 -48.83
CA GLU O 123 -42.00 43.07 -47.35
C GLU O 123 -40.62 43.32 -46.76
N GLN O 124 -39.61 42.60 -47.22
CA GLN O 124 -38.40 42.66 -46.42
C GLN O 124 -37.89 44.09 -46.31
N LEU O 125 -38.07 44.87 -47.37
CA LEU O 125 -37.65 46.27 -47.37
C LEU O 125 -38.39 47.09 -46.31
N LYS O 126 -39.63 46.71 -45.98
CA LYS O 126 -40.32 47.45 -44.92
C LYS O 126 -39.64 47.28 -43.57
N SER O 127 -38.87 46.20 -43.40
CA SER O 127 -38.18 45.90 -42.15
C SER O 127 -36.76 46.48 -42.06
N GLY O 128 -36.27 47.21 -43.06
CA GLY O 128 -34.96 47.83 -42.92
C GLY O 128 -33.77 46.96 -43.30
N THR O 129 -34.00 45.74 -43.80
CA THR O 129 -32.94 44.88 -44.30
C THR O 129 -33.26 44.41 -45.70
N ALA O 130 -32.20 44.11 -46.47
CA ALA O 130 -32.32 43.66 -47.86
C ALA O 130 -31.47 42.42 -48.06
N SER O 131 -32.05 41.36 -48.61
CA SER O 131 -31.36 40.11 -48.88
C SER O 131 -31.40 39.84 -50.39
N VAL O 132 -30.24 39.70 -51.01
CA VAL O 132 -30.14 39.34 -52.43
C VAL O 132 -29.61 37.93 -52.50
N VAL O 133 -30.31 37.06 -53.22
CA VAL O 133 -30.00 35.63 -53.21
C VAL O 133 -29.57 35.17 -54.60
N CYS O 134 -28.52 34.37 -54.63
CA CYS O 134 -28.03 33.76 -55.86
C CYS O 134 -28.07 32.24 -55.72
N LEU O 135 -28.69 31.57 -56.69
CA LEU O 135 -28.87 30.13 -56.66
C LEU O 135 -28.04 29.49 -57.76
N LEU O 136 -27.26 28.46 -57.38
CA LEU O 136 -26.51 27.60 -58.30
C LEU O 136 -27.11 26.19 -58.24
N ASN O 137 -27.79 25.76 -59.30
CA ASN O 137 -28.62 24.56 -59.25
C ASN O 137 -27.98 23.36 -59.96
N ASN O 138 -27.83 22.25 -59.23
CA ASN O 138 -27.48 20.93 -59.76
C ASN O 138 -26.20 20.95 -60.59
N PHE O 139 -25.06 21.05 -59.91
CA PHE O 139 -23.78 21.14 -60.57
C PHE O 139 -22.79 20.16 -59.97
N TYR O 140 -21.74 19.85 -60.74
CA TYR O 140 -20.68 18.97 -60.31
C TYR O 140 -19.46 19.29 -61.17
N PRO O 141 -18.25 19.35 -60.59
CA PRO O 141 -17.92 19.14 -59.18
C PRO O 141 -18.26 20.32 -58.25
N ARG O 142 -17.91 20.16 -56.97
CA ARG O 142 -18.33 21.08 -55.92
C ARG O 142 -17.68 22.46 -56.06
N GLU O 143 -16.51 22.54 -56.69
CA GLU O 143 -15.81 23.82 -56.78
C GLU O 143 -16.64 24.81 -57.58
N ALA O 144 -16.95 25.95 -56.96
CA ALA O 144 -17.67 27.01 -57.64
C ALA O 144 -17.29 28.32 -56.98
N LYS O 145 -17.09 29.34 -57.79
CA LYS O 145 -16.73 30.65 -57.28
C LYS O 145 -17.92 31.56 -57.52
N VAL O 146 -18.42 32.17 -56.45
CA VAL O 146 -19.55 33.08 -56.52
C VAL O 146 -19.07 34.44 -56.04
N GLN O 147 -19.28 35.46 -56.86
CA GLN O 147 -18.81 36.79 -56.57
C GLN O 147 -19.96 37.75 -56.78
N TRP O 148 -20.13 38.65 -55.83
CA TRP O 148 -21.16 39.67 -55.86
C TRP O 148 -20.55 41.00 -56.30
N LYS O 149 -21.28 41.72 -57.15
CA LYS O 149 -20.94 43.08 -57.51
C LYS O 149 -22.18 43.95 -57.34
N VAL O 150 -22.01 45.09 -56.66
CA VAL O 150 -23.02 46.11 -56.55
C VAL O 150 -22.50 47.37 -57.22
N ASP O 151 -23.20 47.82 -58.27
CA ASP O 151 -22.70 48.89 -59.13
C ASP O 151 -21.32 48.56 -59.68
N ASN O 152 -21.12 47.28 -60.02
CA ASN O 152 -19.88 46.72 -60.53
C ASN O 152 -18.73 46.78 -59.53
N ALA O 153 -19.04 46.87 -58.25
CA ALA O 153 -18.03 46.89 -57.19
C ALA O 153 -18.01 45.53 -56.50
N LEU O 154 -16.89 44.82 -56.63
CA LEU O 154 -16.78 43.51 -56.02
C LEU O 154 -16.99 43.65 -54.52
N GLN O 155 -17.76 42.73 -53.95
CA GLN O 155 -18.20 42.78 -52.58
C GLN O 155 -17.38 41.83 -51.72
N SER O 156 -17.28 42.14 -50.44
CA SER O 156 -16.55 41.29 -49.52
C SER O 156 -17.18 41.38 -48.13
N GLY O 157 -17.23 40.25 -47.45
CA GLY O 157 -17.64 40.21 -46.08
C GLY O 157 -19.12 40.31 -45.81
N ASN O 158 -19.96 40.35 -46.85
CA ASN O 158 -21.40 40.53 -46.67
C ASN O 158 -22.21 39.45 -47.39
N SER O 159 -21.61 38.31 -47.72
CA SER O 159 -22.34 37.22 -48.32
C SER O 159 -22.05 35.94 -47.55
N GLN O 160 -22.99 35.01 -47.61
CA GLN O 160 -22.85 33.73 -46.94
C GLN O 160 -23.35 32.63 -47.86
N GLU O 161 -22.63 31.52 -47.87
CA GLU O 161 -22.91 30.44 -48.80
C GLU O 161 -23.45 29.23 -48.04
N SER O 162 -24.28 28.46 -48.72
CA SER O 162 -24.84 27.24 -48.18
C SER O 162 -24.97 26.22 -49.32
N VAL O 163 -24.63 24.97 -49.02
CA VAL O 163 -24.55 23.92 -50.04
C VAL O 163 -25.34 22.70 -49.57
N THR O 164 -26.11 22.12 -50.49
CA THR O 164 -26.79 20.86 -50.20
C THR O 164 -25.76 19.75 -50.12
N GLU O 165 -26.17 18.64 -49.49
CA GLU O 165 -25.36 17.45 -49.63
C GLU O 165 -25.51 16.89 -51.05
N GLN O 166 -24.50 16.16 -51.49
CA GLN O 166 -24.51 15.56 -52.81
C GLN O 166 -25.78 14.73 -53.04
N ASP O 167 -26.52 15.05 -54.10
CA ASP O 167 -27.84 14.49 -54.31
C ASP O 167 -27.79 12.99 -54.56
N SER O 168 -28.76 12.27 -53.99
CA SER O 168 -28.78 10.81 -54.12
C SER O 168 -29.04 10.37 -55.56
N LYS O 169 -29.80 11.15 -56.34
CA LYS O 169 -30.13 10.75 -57.71
C LYS O 169 -28.96 10.96 -58.66
N ASP O 170 -28.55 12.22 -58.80
CA ASP O 170 -27.62 12.61 -59.85
C ASP O 170 -26.28 13.06 -59.32
N SER O 171 -26.03 12.91 -58.01
CA SER O 171 -24.72 13.24 -57.44
C SER O 171 -24.35 14.70 -57.67
N THR O 172 -25.35 15.58 -57.84
CA THR O 172 -25.06 16.98 -58.01
C THR O 172 -25.15 17.72 -56.67
N TYR O 173 -24.58 18.90 -56.65
CA TYR O 173 -24.70 19.81 -55.53
C TYR O 173 -25.61 20.95 -55.94
N SER O 174 -26.13 21.65 -54.94
CA SER O 174 -26.77 22.95 -55.18
C SER O 174 -26.34 23.90 -54.07
N LEU O 175 -26.19 25.16 -54.45
CA LEU O 175 -25.61 26.15 -53.55
C LEU O 175 -26.36 27.45 -53.67
N SER O 176 -26.42 28.18 -52.56
CA SER O 176 -27.00 29.50 -52.51
C SER O 176 -25.99 30.45 -51.87
N SER O 177 -25.91 31.66 -52.40
CA SER O 177 -25.15 32.74 -51.80
C SER O 177 -26.14 33.84 -51.46
N THR O 178 -26.08 34.35 -50.24
CA THR O 178 -27.03 35.36 -49.80
C THR O 178 -26.28 36.63 -49.44
N LEU O 179 -26.53 37.67 -50.22
CA LEU O 179 -25.95 38.99 -49.98
C LEU O 179 -26.89 39.77 -49.09
N THR O 180 -26.35 40.28 -47.98
CA THR O 180 -27.12 41.03 -47.00
C THR O 180 -26.66 42.47 -46.99
N LEU O 181 -27.61 43.39 -47.15
CA LEU O 181 -27.32 44.81 -47.11
C LEU O 181 -28.41 45.49 -46.31
N SER O 182 -28.08 46.69 -45.81
CA SER O 182 -29.08 47.56 -45.20
C SER O 182 -29.96 48.16 -46.29
N LYS O 183 -31.21 48.47 -45.94
CA LYS O 183 -32.12 49.08 -46.90
C LYS O 183 -31.56 50.40 -47.45
N ALA O 184 -30.88 51.18 -46.62
CA ALA O 184 -30.22 52.39 -47.09
C ALA O 184 -29.23 52.08 -48.20
N ASP O 185 -28.25 51.22 -47.91
CA ASP O 185 -27.23 50.90 -48.92
C ASP O 185 -27.83 50.25 -50.15
N TYR O 186 -28.90 49.47 -49.99
CA TYR O 186 -29.54 48.83 -51.14
C TYR O 186 -30.20 49.86 -52.06
N GLU O 187 -30.90 50.84 -51.51
CA GLU O 187 -31.65 51.76 -52.38
C GLU O 187 -30.79 52.88 -52.91
N LYS O 188 -29.50 52.80 -52.63
CA LYS O 188 -28.53 53.78 -53.03
C LYS O 188 -27.65 53.32 -54.20
N HIS O 189 -27.86 52.11 -54.69
CA HIS O 189 -27.16 51.55 -55.85
C HIS O 189 -28.18 50.93 -56.80
N LYS O 190 -27.72 50.58 -58.00
CA LYS O 190 -28.67 50.20 -59.03
C LYS O 190 -28.50 48.78 -59.56
N VAL O 191 -27.31 48.36 -59.97
CA VAL O 191 -27.14 47.07 -60.61
C VAL O 191 -26.57 46.07 -59.62
N TYR O 192 -27.22 44.92 -59.52
CA TYR O 192 -26.84 43.86 -58.60
C TYR O 192 -26.56 42.61 -59.39
N ALA O 193 -25.33 42.11 -59.34
CA ALA O 193 -24.87 41.03 -60.19
C ALA O 193 -24.30 39.88 -59.36
N CYS O 194 -24.63 38.66 -59.78
CA CYS O 194 -24.08 37.43 -59.22
C CYS O 194 -23.24 36.76 -60.31
N GLU O 195 -21.96 36.51 -60.03
CA GLU O 195 -21.04 35.97 -61.03
C GLU O 195 -20.52 34.61 -60.59
N VAL O 196 -20.65 33.62 -61.47
CA VAL O 196 -20.33 32.24 -61.17
C VAL O 196 -19.24 31.78 -62.13
N THR O 197 -18.20 31.14 -61.61
CA THR O 197 -17.21 30.46 -62.43
C THR O 197 -17.22 29.00 -62.01
N HIS O 198 -17.33 28.10 -62.97
CA HIS O 198 -17.39 26.67 -62.70
C HIS O 198 -16.77 25.93 -63.88
N GLN O 199 -16.30 24.72 -63.60
CA GLN O 199 -15.63 23.93 -64.63
C GLN O 199 -16.53 23.64 -65.82
N GLY O 200 -17.84 23.54 -65.59
CA GLY O 200 -18.82 23.30 -66.63
C GLY O 200 -19.28 24.50 -67.42
N LEU O 201 -18.80 25.70 -67.09
CA LEU O 201 -19.17 26.90 -67.84
C LEU O 201 -17.98 27.30 -68.71
N SER O 202 -18.22 27.39 -70.02
CA SER O 202 -17.17 27.74 -70.95
C SER O 202 -16.57 29.11 -70.63
N SER O 203 -17.34 29.98 -69.98
CA SER O 203 -16.94 31.29 -69.52
C SER O 203 -17.86 31.66 -68.38
N PRO O 204 -17.44 32.55 -67.48
CA PRO O 204 -18.24 32.80 -66.29
C PRO O 204 -19.62 33.35 -66.62
N VAL O 205 -20.60 32.98 -65.78
CA VAL O 205 -21.99 33.37 -65.97
C VAL O 205 -22.35 34.45 -64.97
N THR O 206 -22.95 35.53 -65.46
CA THR O 206 -23.39 36.65 -64.65
C THR O 206 -24.90 36.78 -64.77
N LYS O 207 -25.60 36.72 -63.65
CA LYS O 207 -27.01 37.04 -63.59
C LYS O 207 -27.21 38.30 -62.75
N SER O 208 -28.10 39.19 -63.23
CA SER O 208 -28.22 40.51 -62.63
C SER O 208 -29.61 41.07 -62.83
N PHE O 209 -29.90 42.12 -62.06
CA PHE O 209 -31.13 42.89 -62.17
C PHE O 209 -30.81 44.33 -61.79
N ASN O 210 -31.68 45.24 -62.18
CA ASN O 210 -31.63 46.62 -61.75
C ASN O 210 -32.75 46.86 -60.75
N ARG O 211 -32.45 47.55 -59.66
CA ARG O 211 -33.46 47.81 -58.64
C ARG O 211 -34.60 48.65 -59.23
N GLY O 212 -35.73 47.99 -59.55
CA GLY O 212 -36.87 48.65 -60.17
C GLY O 212 -37.15 48.24 -61.60
N GLU O 213 -37.15 46.93 -61.89
CA GLU O 213 -37.34 46.44 -63.26
C GLU O 213 -37.73 44.96 -63.23
N THR P 3 -34.92 2.54 24.84
CA THR P 3 -33.67 3.00 24.24
C THR P 3 -32.46 2.57 25.06
N VAL P 4 -31.49 1.94 24.41
CA VAL P 4 -30.23 1.55 25.05
C VAL P 4 -29.09 2.18 24.28
N PRO P 5 -28.17 2.89 24.96
CA PRO P 5 -27.04 3.54 24.28
C PRO P 5 -25.97 2.54 23.89
N PRO P 6 -25.31 2.73 22.74
CA PRO P 6 -24.30 1.76 22.31
C PRO P 6 -23.02 1.84 23.14
N MET P 7 -22.37 0.68 23.28
CA MET P 7 -21.00 0.63 23.76
C MET P 7 -20.09 0.80 22.56
N VAL P 8 -19.12 1.69 22.68
CA VAL P 8 -18.23 2.06 21.57
C VAL P 8 -16.82 1.59 21.90
N ASN P 9 -16.18 0.90 20.94
CA ASN P 9 -14.81 0.43 21.08
C ASN P 9 -14.04 0.81 19.82
N VAL P 10 -12.86 1.41 20.00
CA VAL P 10 -12.01 1.81 18.89
C VAL P 10 -10.72 1.01 18.98
N THR P 11 -10.37 0.33 17.90
CA THR P 11 -9.18 -0.50 17.83
C THR P 11 -8.31 -0.11 16.64
N ARG P 12 -7.00 -0.36 16.79
CA ARG P 12 -5.98 -0.17 15.74
C ARG P 12 -5.62 -1.54 15.21
N SER P 13 -5.45 -1.66 13.89
CA SER P 13 -5.02 -2.95 13.37
C SER P 13 -4.30 -2.77 12.05
N GLU P 14 -3.63 -3.83 11.61
CA GLU P 14 -3.09 -3.94 10.26
C GLU P 14 -2.06 -2.86 9.94
N ALA P 15 -1.22 -2.52 10.88
CA ALA P 15 -0.22 -1.50 10.60
C ALA P 15 0.82 -2.03 9.61
N SER P 16 1.13 -1.24 8.57
CA SER P 16 2.09 -1.62 7.54
C SER P 16 2.31 -0.41 6.64
N GLU P 17 3.54 -0.21 6.19
CA GLU P 17 3.91 0.87 5.24
C GLU P 17 3.60 2.24 5.83
N GLY P 18 3.80 2.40 7.12
CA GLY P 18 3.50 3.64 7.78
C GLY P 18 2.04 3.92 8.05
N ASN P 19 1.13 3.04 7.62
CA ASN P 19 -0.30 3.26 7.75
C ASN P 19 -0.91 2.31 8.76
N ILE P 20 -2.11 2.64 9.22
CA ILE P 20 -2.81 1.82 10.19
C ILE P 20 -4.32 1.94 9.96
N THR P 21 -5.05 0.88 10.31
CA THR P 21 -6.50 0.86 10.16
C THR P 21 -7.10 1.11 11.54
N VAL P 22 -7.97 2.13 11.66
CA VAL P 22 -8.69 2.39 12.90
C VAL P 22 -10.15 2.06 12.67
N THR P 23 -10.70 1.24 13.56
CA THR P 23 -12.05 0.71 13.44
C THR P 23 -12.85 1.17 14.64
N CYS P 24 -14.04 1.66 14.39
CA CYS P 24 -14.94 2.12 15.44
C CYS P 24 -16.14 1.20 15.46
N ARG P 25 -16.35 0.51 16.58
CA ARG P 25 -17.42 -0.46 16.71
C ARG P 25 -18.46 0.09 17.68
N ALA P 26 -19.70 0.16 17.23
CA ALA P 26 -20.84 0.49 18.08
C ALA P 26 -21.65 -0.79 18.26
N SER P 27 -21.84 -1.22 19.51
CA SER P 27 -22.49 -2.50 19.79
C SER P 27 -23.60 -2.35 20.84
N SER P 28 -24.59 -3.24 20.72
CA SER P 28 -25.66 -3.43 21.72
C SER P 28 -26.49 -2.16 21.92
N PHE P 29 -27.04 -1.65 20.82
CA PHE P 29 -27.87 -0.44 20.89
C PHE P 29 -29.22 -0.69 20.22
N TYR P 30 -30.19 0.17 20.56
CA TYR P 30 -31.56 0.13 20.05
C TYR P 30 -32.14 1.54 20.15
N PRO P 31 -32.83 2.04 19.11
CA PRO P 31 -33.15 1.31 17.88
C PRO P 31 -32.00 1.19 16.89
N ARG P 32 -32.36 0.79 15.68
CA ARG P 32 -31.39 0.56 14.61
C ARG P 32 -30.73 1.85 14.17
N ASN P 33 -31.41 2.97 14.34
CA ASN P 33 -31.01 4.13 13.58
C ASN P 33 -29.76 4.71 14.23
N ILE P 34 -28.67 4.86 13.48
CA ILE P 34 -27.44 5.35 14.10
C ILE P 34 -26.61 6.11 13.08
N ILE P 35 -25.92 7.15 13.55
CA ILE P 35 -24.90 7.84 12.78
C ILE P 35 -23.56 7.56 13.43
N LEU P 36 -22.61 7.08 12.61
CA LEU P 36 -21.27 6.71 13.08
C LEU P 36 -20.28 7.11 11.99
N THR P 37 -19.33 7.99 12.29
CA THR P 37 -18.38 8.41 11.26
C THR P 37 -17.06 8.87 11.87
N TRP P 38 -15.98 8.73 11.10
CA TRP P 38 -14.70 9.29 11.48
C TRP P 38 -14.59 10.77 11.16
N ARG P 39 -13.93 11.51 12.06
CA ARG P 39 -13.64 12.92 11.89
C ARG P 39 -12.13 13.16 11.91
N GLN P 40 -11.70 14.18 11.15
CA GLN P 40 -10.29 14.53 11.01
C GLN P 40 -10.13 16.01 11.37
N ASP P 41 -9.42 16.28 12.47
CA ASP P 41 -9.41 17.63 13.04
C ASP P 41 -10.85 18.12 13.26
N GLY P 42 -11.73 17.19 13.61
CA GLY P 42 -13.10 17.55 13.86
C GLY P 42 -14.00 17.68 12.65
N VAL P 43 -13.48 17.51 11.42
CA VAL P 43 -14.30 17.59 10.20
C VAL P 43 -14.56 16.17 9.72
N SER P 44 -15.83 15.82 9.51
CA SER P 44 -16.19 14.48 9.05
C SER P 44 -15.49 14.14 7.75
N LEU P 45 -14.99 12.92 7.67
CA LEU P 45 -14.41 12.40 6.44
C LEU P 45 -15.51 12.13 5.41
N SER P 46 -15.11 12.12 4.13
CA SER P 46 -16.06 11.80 3.07
C SER P 46 -16.43 10.32 3.10
N HIS P 47 -17.37 9.95 2.24
CA HIS P 47 -17.82 8.57 2.24
C HIS P 47 -16.78 7.63 1.66
N ASP P 48 -16.12 8.05 0.58
CA ASP P 48 -15.24 7.18 -0.17
C ASP P 48 -13.93 6.86 0.57
N THR P 49 -13.63 7.53 1.68
CA THR P 49 -12.41 7.26 2.43
C THR P 49 -12.66 6.37 3.63
N GLN P 50 -13.90 5.91 3.82
CA GLN P 50 -14.27 5.06 4.94
C GLN P 50 -14.97 3.81 4.44
N GLN P 51 -14.90 2.77 5.24
CA GLN P 51 -15.58 1.52 4.99
C GLN P 51 -16.62 1.34 6.08
N TRP P 52 -17.80 0.89 5.67
CA TRP P 52 -18.96 0.86 6.54
C TRP P 52 -19.43 -0.57 6.74
N GLY P 53 -19.59 -0.95 7.99
CA GLY P 53 -20.23 -2.21 8.29
C GLY P 53 -21.74 -2.03 8.34
N ASP P 54 -22.45 -3.11 8.02
CA ASP P 54 -23.90 -3.06 8.06
C ASP P 54 -24.37 -3.04 9.51
N VAL P 55 -25.57 -2.49 9.70
CA VAL P 55 -26.22 -2.50 11.01
C VAL P 55 -26.88 -3.87 11.16
N LEU P 56 -26.32 -4.71 12.03
CA LEU P 56 -26.73 -6.11 12.16
C LEU P 56 -27.32 -6.37 13.53
N PRO P 57 -28.29 -7.29 13.61
CA PRO P 57 -28.89 -7.61 14.91
C PRO P 57 -27.93 -8.32 15.85
N ASP P 58 -28.10 -8.03 17.14
CA ASP P 58 -27.27 -8.66 18.17
C ASP P 58 -27.63 -10.12 18.37
N GLY P 59 -28.94 -10.43 18.43
CA GLY P 59 -29.44 -11.66 19.00
C GLY P 59 -29.94 -11.52 20.42
N ASN P 60 -29.71 -10.37 21.05
CA ASN P 60 -30.28 -10.02 22.35
C ASN P 60 -31.30 -8.90 22.23
N GLY P 61 -31.81 -8.67 21.02
CA GLY P 61 -32.75 -7.59 20.77
C GLY P 61 -32.11 -6.26 20.44
N THR P 62 -30.80 -6.20 20.27
CA THR P 62 -30.07 -4.97 20.02
C THR P 62 -29.32 -5.08 18.68
N TYR P 63 -28.55 -4.04 18.37
CA TYR P 63 -27.85 -3.97 17.08
C TYR P 63 -26.39 -3.62 17.29
N GLN P 64 -25.62 -3.77 16.20
CA GLN P 64 -24.21 -3.41 16.19
C GLN P 64 -23.81 -3.01 14.78
N THR P 65 -22.80 -2.14 14.68
CA THR P 65 -22.27 -1.72 13.38
C THR P 65 -20.83 -1.25 13.59
N TRP P 66 -20.20 -0.81 12.50
CA TRP P 66 -18.83 -0.30 12.60
C TRP P 66 -18.52 0.58 11.41
N VAL P 67 -17.54 1.45 11.60
CA VAL P 67 -16.94 2.22 10.51
C VAL P 67 -15.43 2.24 10.70
N ALA P 68 -14.70 2.15 9.59
CA ALA P 68 -13.26 2.02 9.62
C ALA P 68 -12.63 2.99 8.62
N THR P 69 -11.38 3.35 8.86
CA THR P 69 -10.65 4.18 7.92
C THR P 69 -9.15 3.92 8.08
N ARG P 70 -8.40 4.22 7.03
CA ARG P 70 -6.97 3.95 6.98
C ARG P 70 -6.21 5.27 7.07
N ILE P 71 -5.35 5.41 8.08
CA ILE P 71 -4.67 6.66 8.37
C ILE P 71 -3.17 6.41 8.43
N CYS P 72 -2.43 7.52 8.42
CA CYS P 72 -0.98 7.50 8.52
C CYS P 72 -0.58 7.37 9.99
N ARG P 73 0.29 6.41 10.29
CA ARG P 73 0.73 6.20 11.67
C ARG P 73 1.46 7.43 12.17
N GLY P 74 1.02 7.95 13.32
CA GLY P 74 1.49 9.20 13.85
C GLY P 74 0.43 10.28 13.90
N GLU P 75 -0.63 10.18 13.08
CA GLU P 75 -1.69 11.17 13.08
C GLU P 75 -2.91 10.71 13.87
N GLU P 76 -2.79 9.63 14.65
CA GLU P 76 -3.94 9.08 15.38
C GLU P 76 -4.70 10.14 16.17
N GLN P 77 -3.99 11.03 16.85
CA GLN P 77 -4.66 12.02 17.68
C GLN P 77 -5.58 12.95 16.86
N ARG P 78 -5.34 13.05 15.55
CA ARG P 78 -6.14 13.90 14.68
C ARG P 78 -7.46 13.25 14.27
N PHE P 79 -7.64 11.97 14.57
CA PHE P 79 -8.81 11.21 14.12
C PHE P 79 -9.64 10.80 15.32
N THR P 80 -10.96 11.01 15.24
CA THR P 80 -11.90 10.62 16.30
C THR P 80 -13.13 9.97 15.65
N CYS P 81 -13.78 9.09 16.41
CA CYS P 81 -15.02 8.45 15.99
C CYS P 81 -16.22 9.22 16.56
N TYR P 82 -17.11 9.68 15.68
CA TYR P 82 -18.25 10.52 16.06
C TYR P 82 -19.54 9.71 15.93
N MET P 83 -20.39 9.81 16.94
CA MET P 83 -21.58 8.98 16.99
C MET P 83 -22.82 9.78 17.42
N GLU P 84 -23.92 9.60 16.71
CA GLU P 84 -25.23 10.14 17.06
C GLU P 84 -26.26 9.01 17.16
N HIS P 85 -26.92 8.91 18.32
CA HIS P 85 -27.93 7.87 18.56
C HIS P 85 -29.06 8.45 19.40
N SER P 86 -30.26 8.53 18.80
CA SER P 86 -31.50 9.03 19.43
C SER P 86 -31.22 10.20 20.37
N GLY P 87 -30.67 11.26 19.79
CA GLY P 87 -30.50 12.56 20.42
C GLY P 87 -29.21 12.77 21.16
N ASN P 88 -28.59 11.71 21.69
CA ASN P 88 -27.32 11.89 22.39
C ASN P 88 -26.16 11.60 21.45
N HIS P 89 -25.05 12.29 21.67
CA HIS P 89 -23.87 12.14 20.82
C HIS P 89 -22.62 12.04 21.68
N SER P 90 -21.58 11.44 21.09
CA SER P 90 -20.31 11.27 21.77
C SER P 90 -19.17 11.17 20.76
N THR P 91 -17.95 11.38 21.27
CA THR P 91 -16.75 11.30 20.48
C THR P 91 -15.72 10.43 21.19
N HIS P 92 -15.06 9.54 20.44
CA HIS P 92 -14.10 8.63 21.02
C HIS P 92 -12.76 8.72 20.28
N PRO P 93 -11.66 8.72 21.02
CA PRO P 93 -10.33 8.78 20.41
C PRO P 93 -9.80 7.42 19.99
N VAL P 94 -8.73 7.48 19.20
CA VAL P 94 -7.89 6.31 18.94
C VAL P 94 -7.05 6.04 20.18
N PRO P 95 -6.98 4.80 20.67
CA PRO P 95 -6.35 4.56 21.98
C PRO P 95 -4.90 5.00 22.10
N SER P 96 -4.08 4.90 21.05
CA SER P 96 -2.64 5.23 21.15
C SER P 96 -1.88 4.28 22.09
N GLU Q 1 6.08 34.05 11.78
CA GLU Q 1 4.89 33.32 11.69
C GLU Q 1 4.15 33.01 10.41
N VAL Q 2 2.96 32.41 10.59
CA VAL Q 2 2.04 32.17 9.47
C VAL Q 2 1.55 33.47 8.87
N GLN Q 3 1.69 33.56 7.57
CA GLN Q 3 0.88 34.50 6.83
C GLN Q 3 0.19 33.63 5.80
N LEU Q 4 -1.00 34.03 5.36
CA LEU Q 4 -1.67 33.54 4.16
C LEU Q 4 -1.83 34.81 3.35
N VAL Q 5 -1.41 34.76 2.09
CA VAL Q 5 -1.35 35.95 1.24
C VAL Q 5 -2.11 35.61 -0.03
N GLU Q 6 -3.32 36.15 -0.16
CA GLU Q 6 -4.15 35.89 -1.34
C GLU Q 6 -3.74 36.80 -2.47
N SER Q 7 -3.79 36.27 -3.68
CA SER Q 7 -3.64 37.04 -4.90
C SER Q 7 -3.99 36.13 -6.07
N GLY Q 8 -5.01 36.46 -6.83
CA GLY Q 8 -5.59 37.77 -6.76
C GLY Q 8 -6.85 37.88 -7.56
N GLY Q 9 -7.83 38.43 -6.87
CA GLY Q 9 -9.10 38.80 -7.43
C GLY Q 9 -8.95 40.02 -8.31
N GLY Q 10 -10.09 40.59 -8.65
CA GLY Q 10 -10.09 41.68 -9.58
C GLY Q 10 -11.49 41.87 -10.13
N LEU Q 11 -11.54 42.62 -11.23
CA LEU Q 11 -12.77 42.93 -11.94
C LEU Q 11 -13.07 41.81 -12.92
N VAL Q 12 -14.30 41.31 -12.91
CA VAL Q 12 -14.58 40.25 -13.87
C VAL Q 12 -16.08 40.26 -14.16
N GLN Q 13 -16.46 40.20 -15.46
CA GLN Q 13 -17.88 40.14 -15.87
C GLN Q 13 -18.57 38.80 -15.70
N PRO Q 14 -19.88 38.83 -15.37
CA PRO Q 14 -20.60 37.61 -15.02
C PRO Q 14 -20.48 36.52 -16.06
N GLY Q 15 -20.46 35.28 -15.57
CA GLY Q 15 -20.18 34.14 -16.40
C GLY Q 15 -18.71 33.95 -16.66
N GLY Q 16 -17.86 34.89 -16.27
CA GLY Q 16 -16.43 34.71 -16.45
C GLY Q 16 -15.82 33.82 -15.39
N SER Q 17 -14.50 33.69 -15.48
CA SER Q 17 -13.75 32.80 -14.61
C SER Q 17 -12.49 33.51 -14.13
N LEU Q 18 -12.03 33.09 -12.95
CA LEU Q 18 -10.88 33.70 -12.28
C LEU Q 18 -10.32 32.69 -11.29
N ARG Q 19 -8.99 32.68 -11.16
CA ARG Q 19 -8.32 31.71 -10.30
C ARG Q 19 -7.65 32.41 -9.12
N LEU Q 20 -8.15 32.17 -7.91
CA LEU Q 20 -7.58 32.74 -6.71
C LEU Q 20 -6.47 31.84 -6.21
N SER Q 21 -5.43 32.47 -5.69
CA SER Q 21 -4.28 31.76 -5.17
C SER Q 21 -3.97 32.28 -3.76
N CYS Q 22 -3.34 31.43 -2.95
CA CYS Q 22 -3.01 31.76 -1.57
C CYS Q 22 -1.65 31.19 -1.23
N ALA Q 23 -0.73 32.04 -0.78
CA ALA Q 23 0.63 31.65 -0.43
C ALA Q 23 0.80 31.52 1.08
N ALA Q 24 1.26 30.36 1.54
CA ALA Q 24 1.46 30.09 2.95
C ALA Q 24 2.95 30.18 3.28
N SER Q 25 3.24 30.61 4.50
CA SER Q 25 4.61 30.61 5.02
C SER Q 25 4.53 30.60 6.54
N GLY Q 26 5.64 30.21 7.18
CA GLY Q 26 5.70 30.19 8.63
C GLY Q 26 5.19 28.92 9.29
N PHE Q 27 4.88 27.88 8.52
CA PHE Q 27 4.42 26.60 9.03
C PHE Q 27 4.53 25.58 7.90
N THR Q 28 4.42 24.32 8.27
CA THR Q 28 4.43 23.21 7.31
C THR Q 28 3.06 23.11 6.66
N PHE Q 29 2.96 23.63 5.44
CA PHE Q 29 1.67 23.74 4.75
C PHE Q 29 1.00 22.39 4.57
N SER Q 30 1.77 21.37 4.21
CA SER Q 30 1.24 20.05 3.91
C SER Q 30 0.60 19.35 5.10
N THR Q 31 0.59 20.03 6.23
CA THR Q 31 0.15 19.48 7.50
C THR Q 31 -1.21 20.04 7.96
N TYR Q 32 -1.76 21.01 7.24
CA TYR Q 32 -2.99 21.65 7.67
C TYR Q 32 -4.04 21.60 6.58
N SER Q 33 -5.25 21.25 6.99
CA SER Q 33 -6.40 21.46 6.13
C SER Q 33 -6.63 22.97 5.96
N MET Q 34 -7.24 23.34 4.84
CA MET Q 34 -7.27 24.73 4.36
C MET Q 34 -8.69 25.04 3.87
N ASN Q 35 -9.03 26.33 3.85
CA ASN Q 35 -10.38 26.75 3.49
C ASN Q 35 -10.39 28.04 2.69
N TRP Q 36 -11.50 28.26 1.99
CA TRP Q 36 -11.84 29.58 1.48
C TRP Q 36 -13.08 30.07 2.21
N VAL Q 37 -13.02 31.30 2.70
CA VAL Q 37 -14.18 31.92 3.31
C VAL Q 37 -14.31 33.32 2.71
N ARG Q 38 -15.54 33.72 2.41
CA ARG Q 38 -15.76 34.98 1.73
C ARG Q 38 -16.72 35.89 2.49
N GLN Q 39 -16.61 37.17 2.19
CA GLN Q 39 -17.43 38.18 2.85
C GLN Q 39 -17.89 39.19 1.80
N ALA Q 40 -19.18 39.17 1.50
CA ALA Q 40 -19.76 40.18 0.62
C ALA Q 40 -19.82 41.53 1.34
N PRO Q 41 -19.73 42.65 0.58
CA PRO Q 41 -19.75 43.97 1.21
C PRO Q 41 -20.90 44.15 2.20
N GLY Q 42 -20.57 44.46 3.45
CA GLY Q 42 -21.53 44.73 4.50
C GLY Q 42 -22.27 43.55 5.05
N LYS Q 43 -21.92 42.34 4.65
CA LYS Q 43 -22.60 41.16 5.14
C LYS Q 43 -21.62 40.34 6.00
N GLY Q 44 -22.08 39.16 6.43
CA GLY Q 44 -21.30 38.30 7.29
C GLY Q 44 -20.35 37.39 6.52
N LEU Q 45 -19.79 36.45 7.26
CA LEU Q 45 -18.84 35.51 6.71
C LEU Q 45 -19.58 34.32 6.11
N GLU Q 46 -19.11 33.87 4.94
CA GLU Q 46 -19.67 32.70 4.28
C GLU Q 46 -18.56 31.72 3.95
N TRP Q 47 -18.62 30.53 4.56
CA TRP Q 47 -17.65 29.49 4.19
C TRP Q 47 -17.97 28.99 2.79
N VAL Q 48 -16.92 28.80 2.00
CA VAL Q 48 -17.02 28.47 0.59
C VAL Q 48 -16.57 27.04 0.31
N SER Q 49 -15.38 26.66 0.79
CA SER Q 49 -14.79 25.38 0.40
C SER Q 49 -13.75 24.92 1.42
N TYR Q 50 -13.58 23.59 1.53
CA TYR Q 50 -12.64 22.96 2.45
C TYR Q 50 -11.84 21.87 1.76
N ILE Q 51 -10.54 21.82 2.04
CA ILE Q 51 -9.70 20.76 1.50
C ILE Q 51 -8.72 20.27 2.57
N SER Q 52 -8.71 18.96 2.79
CA SER Q 52 -7.85 18.36 3.82
C SER Q 52 -6.40 18.44 3.40
N TYR Q 53 -5.49 18.23 4.36
CA TYR Q 53 -4.09 18.53 4.08
C TYR Q 53 -3.50 17.65 2.98
N ARG Q 54 -4.07 16.49 2.72
CA ARG Q 54 -3.61 15.73 1.58
C ARG Q 54 -4.70 15.54 0.52
N SER Q 55 -5.69 16.42 0.50
CA SER Q 55 -6.67 16.52 -0.59
C SER Q 55 -7.61 15.33 -0.68
N ARG Q 56 -7.66 14.50 0.35
CA ARG Q 56 -8.55 13.33 0.34
C ARG Q 56 -9.99 13.69 0.64
N THR Q 57 -10.23 14.74 1.45
CA THR Q 57 -11.57 15.18 1.82
C THR Q 57 -11.78 16.61 1.34
N ILE Q 58 -12.79 16.82 0.49
CA ILE Q 58 -13.07 18.11 -0.13
C ILE Q 58 -14.56 18.35 -0.01
N TYR Q 59 -14.94 19.57 0.38
CA TYR Q 59 -16.34 19.98 0.55
C TYR Q 59 -16.57 21.35 -0.06
N TYR Q 60 -17.79 21.58 -0.56
CA TYR Q 60 -18.16 22.88 -1.10
C TYR Q 60 -19.48 23.29 -0.52
N ALA Q 61 -19.61 24.60 -0.25
CA ALA Q 61 -20.91 25.14 0.09
C ALA Q 61 -21.85 24.95 -1.09
N ASP Q 62 -23.13 24.70 -0.77
CA ASP Q 62 -24.15 24.47 -1.80
C ASP Q 62 -24.23 25.59 -2.83
N SER Q 63 -24.01 26.82 -2.41
CA SER Q 63 -24.10 27.95 -3.34
C SER Q 63 -22.96 27.99 -4.35
N VAL Q 64 -21.96 27.12 -4.23
CA VAL Q 64 -20.79 27.22 -5.09
C VAL Q 64 -20.49 25.88 -5.78
N LYS Q 65 -21.16 24.83 -5.34
CA LYS Q 65 -20.92 23.48 -5.84
C LYS Q 65 -21.11 23.40 -7.36
N GLY Q 66 -20.16 22.75 -8.04
CA GLY Q 66 -20.21 22.62 -9.48
C GLY Q 66 -19.56 23.75 -10.25
N ARG Q 67 -19.38 24.92 -9.64
CA ARG Q 67 -18.81 26.04 -10.37
C ARG Q 67 -17.39 26.39 -9.93
N PHE Q 68 -17.03 26.13 -8.67
CA PHE Q 68 -15.70 26.42 -8.13
C PHE Q 68 -14.94 25.11 -7.86
N THR Q 69 -13.61 25.15 -7.99
CA THR Q 69 -12.76 24.01 -7.66
C THR Q 69 -11.59 24.39 -6.76
N ILE Q 70 -11.56 23.79 -5.57
CA ILE Q 70 -10.46 23.98 -4.64
C ILE Q 70 -9.41 22.91 -4.93
N SER Q 71 -8.15 23.28 -4.81
CA SER Q 71 -7.02 22.36 -4.98
C SER Q 71 -5.84 22.97 -4.23
N ARG Q 72 -4.80 22.17 -4.04
CA ARG Q 72 -3.62 22.64 -3.33
C ARG Q 72 -2.38 22.01 -3.94
N ASP Q 73 -1.26 22.72 -3.85
CA ASP Q 73 0.02 22.17 -4.27
C ASP Q 73 0.91 22.28 -3.04
N ASN Q 74 1.02 21.17 -2.30
CA ASN Q 74 1.70 21.21 -1.01
C ASN Q 74 3.17 21.57 -1.14
N ALA Q 75 3.82 21.14 -2.21
CA ALA Q 75 5.23 21.46 -2.44
C ALA Q 75 5.49 22.94 -2.76
N ARG Q 76 4.46 23.71 -3.07
CA ARG Q 76 4.62 25.14 -3.35
C ARG Q 76 3.83 26.01 -2.39
N ASN Q 77 3.41 25.44 -1.26
CA ASN Q 77 2.79 26.23 -0.20
C ASN Q 77 1.65 27.07 -0.77
N SER Q 78 0.83 26.46 -1.64
CA SER Q 78 -0.17 27.19 -2.39
C SER Q 78 -1.54 26.56 -2.25
N LEU Q 79 -2.54 27.41 -2.06
CA LEU Q 79 -3.94 27.05 -2.07
C LEU Q 79 -4.59 27.76 -3.26
N TYR Q 80 -5.51 27.07 -3.94
CA TYR Q 80 -6.15 27.61 -5.14
C TYR Q 80 -7.66 27.54 -5.02
N LEU Q 81 -8.31 28.50 -5.68
CA LEU Q 81 -9.75 28.46 -5.92
C LEU Q 81 -9.94 28.80 -7.39
N GLN Q 82 -10.42 27.84 -8.15
CA GLN Q 82 -10.79 28.07 -9.54
C GLN Q 82 -12.25 28.48 -9.53
N MET Q 83 -12.53 29.66 -10.06
CA MET Q 83 -13.86 30.22 -9.97
C MET Q 83 -14.37 30.27 -11.39
N ASN Q 84 -15.50 29.63 -11.65
CA ASN Q 84 -16.10 29.60 -12.97
C ASN Q 84 -17.52 30.11 -12.89
N SER Q 85 -18.05 30.55 -14.03
CA SER Q 85 -19.46 30.93 -14.20
C SER Q 85 -19.93 31.89 -13.11
N LEU Q 86 -19.13 32.92 -12.86
CA LEU Q 86 -19.38 33.82 -11.74
C LEU Q 86 -20.72 34.56 -11.90
N ARG Q 87 -21.42 34.73 -10.78
CA ARG Q 87 -22.71 35.38 -10.64
C ARG Q 87 -22.57 36.66 -9.83
N ASP Q 88 -23.64 37.46 -9.79
CA ASP Q 88 -23.56 38.75 -9.09
C ASP Q 88 -23.24 38.58 -7.61
N GLU Q 89 -23.97 37.69 -6.92
CA GLU Q 89 -23.78 37.42 -5.50
C GLU Q 89 -22.45 36.75 -5.14
N ASP Q 90 -21.56 36.46 -6.09
CA ASP Q 90 -20.25 35.97 -5.72
C ASP Q 90 -19.26 37.10 -5.44
N THR Q 91 -19.66 38.34 -5.68
CA THR Q 91 -18.81 39.50 -5.35
C THR Q 91 -18.55 39.50 -3.85
N ALA Q 92 -17.27 39.46 -3.49
CA ALA Q 92 -16.89 39.32 -2.08
C ALA Q 92 -15.38 39.50 -1.96
N VAL Q 93 -14.94 39.72 -0.72
CA VAL Q 93 -13.55 39.54 -0.34
C VAL Q 93 -13.36 38.06 0.01
N TYR Q 94 -12.37 37.42 -0.61
CA TYR Q 94 -12.17 36.00 -0.44
C TYR Q 94 -10.98 35.79 0.50
N TYR Q 95 -11.24 35.16 1.64
CA TYR Q 95 -10.24 34.95 2.68
C TYR Q 95 -9.66 33.53 2.59
N CYS Q 96 -8.34 33.44 2.66
CA CYS Q 96 -7.62 32.18 2.86
C CYS Q 96 -7.58 31.87 4.36
N ALA Q 97 -8.03 30.67 4.75
CA ALA Q 97 -8.10 30.38 6.19
C ALA Q 97 -7.71 28.94 6.53
N ARG Q 98 -6.75 28.80 7.46
CA ARG Q 98 -6.22 27.52 7.89
C ARG Q 98 -7.14 26.85 8.90
N TRP Q 99 -7.18 25.52 8.87
CA TRP Q 99 -7.98 24.72 9.79
C TRP Q 99 -7.12 24.19 10.95
N GLY Q 100 -7.64 24.31 12.16
CA GLY Q 100 -6.85 23.99 13.35
C GLY Q 100 -6.53 22.50 13.49
N TYR Q 101 -5.30 22.23 13.95
CA TYR Q 101 -4.84 20.87 14.24
C TYR Q 101 -5.68 20.25 15.35
N GLY Q 102 -6.15 19.03 15.13
CA GLY Q 102 -6.83 18.32 16.20
C GLY Q 102 -8.19 18.87 16.58
N SER Q 103 -8.23 20.11 17.05
CA SER Q 103 -9.45 20.74 17.57
C SER Q 103 -10.20 21.61 16.55
N GLY Q 104 -9.68 21.83 15.35
CA GLY Q 104 -10.44 22.53 14.33
C GLY Q 104 -10.51 24.04 14.54
N GLY Q 105 -11.44 24.65 13.81
CA GLY Q 105 -11.60 26.11 13.79
C GLY Q 105 -10.72 26.75 12.73
N PHE Q 106 -11.14 27.93 12.26
CA PHE Q 106 -10.32 28.69 11.31
C PHE Q 106 -9.28 29.50 12.11
N ASP Q 107 -8.08 28.92 12.30
CA ASP Q 107 -7.20 29.52 13.28
C ASP Q 107 -6.25 30.59 12.71
N TYR Q 108 -6.10 30.72 11.39
CA TYR Q 108 -5.44 31.90 10.79
C TYR Q 108 -6.08 32.27 9.46
N TRP Q 109 -6.15 33.58 9.16
CA TRP Q 109 -6.75 34.15 7.95
C TRP Q 109 -5.76 35.11 7.26
N GLY Q 110 -5.80 35.25 5.93
CA GLY Q 110 -5.09 36.35 5.25
C GLY Q 110 -5.84 37.70 5.26
N GLN Q 111 -5.18 38.72 4.62
CA GLN Q 111 -5.85 39.64 3.69
C GLN Q 111 -7.39 39.54 3.73
N GLY Q 112 -7.89 38.70 2.83
CA GLY Q 112 -8.91 38.61 1.78
C GLY Q 112 -8.34 39.21 0.50
N THR Q 113 -8.75 38.67 -0.63
CA THR Q 113 -8.48 39.34 -1.89
C THR Q 113 -9.84 39.66 -2.48
N LEU Q 114 -9.91 40.82 -3.15
CA LEU Q 114 -11.16 41.40 -3.63
C LEU Q 114 -11.53 40.89 -5.03
N VAL Q 115 -12.73 40.30 -5.12
CA VAL Q 115 -13.31 39.81 -6.36
C VAL Q 115 -14.62 40.55 -6.61
N THR Q 116 -14.71 41.25 -7.76
CA THR Q 116 -15.91 42.02 -8.15
C THR Q 116 -16.45 41.55 -9.51
N VAL Q 117 -17.72 41.11 -9.52
CA VAL Q 117 -18.42 40.66 -10.73
C VAL Q 117 -19.60 41.58 -11.03
N SER Q 118 -19.46 42.44 -12.04
CA SER Q 118 -20.53 43.33 -12.49
C SER Q 118 -20.06 43.97 -13.78
N SER Q 119 -21.01 44.55 -14.55
CA SER Q 119 -20.67 45.16 -15.83
C SER Q 119 -20.43 46.67 -15.73
N ALA Q 120 -19.26 47.08 -16.23
CA ALA Q 120 -18.83 48.48 -16.37
C ALA Q 120 -17.41 48.59 -16.91
N SER Q 121 -17.18 49.60 -17.74
CA SER Q 121 -15.91 49.90 -18.38
C SER Q 121 -15.15 50.89 -17.50
N THR Q 122 -13.85 51.05 -17.77
CA THR Q 122 -13.12 52.09 -17.07
C THR Q 122 -13.71 53.45 -17.42
N LYS Q 123 -14.19 54.17 -16.40
CA LYS Q 123 -14.76 55.50 -16.58
C LYS Q 123 -14.40 56.38 -15.39
N GLY Q 124 -13.95 57.60 -15.68
CA GLY Q 124 -13.63 58.57 -14.67
C GLY Q 124 -14.86 59.30 -14.16
N PRO Q 125 -14.79 59.85 -12.96
CA PRO Q 125 -15.97 60.47 -12.34
C PRO Q 125 -16.17 61.92 -12.79
N SER Q 126 -17.40 62.38 -12.58
CA SER Q 126 -17.72 63.81 -12.64
C SER Q 126 -17.85 64.34 -11.22
N VAL Q 127 -17.38 65.57 -11.02
CA VAL Q 127 -17.32 66.19 -9.69
C VAL Q 127 -18.22 67.41 -9.74
N PHE Q 128 -19.32 67.36 -9.01
CA PHE Q 128 -20.21 68.49 -8.99
C PHE Q 128 -20.17 69.14 -7.61
N PRO Q 129 -20.29 70.47 -7.53
CA PRO Q 129 -20.17 71.13 -6.23
C PRO Q 129 -21.43 70.95 -5.43
N LEU Q 130 -21.26 70.77 -4.12
CA LEU Q 130 -22.34 70.87 -3.17
C LEU Q 130 -22.11 72.23 -2.51
N ALA Q 131 -22.80 73.20 -2.99
CA ALA Q 131 -22.41 74.54 -2.57
C ALA Q 131 -23.05 74.87 -1.24
N PRO Q 132 -22.26 75.27 -0.23
CA PRO Q 132 -22.82 75.80 1.03
C PRO Q 132 -23.94 76.80 0.78
N SER Q 133 -24.82 76.97 1.76
CA SER Q 133 -26.00 77.82 1.61
C SER Q 133 -25.97 78.96 2.62
N SER Q 134 -26.14 80.18 2.13
CA SER Q 134 -26.21 81.35 3.00
C SER Q 134 -27.67 81.70 3.29
N GLY Q 139 -26.50 76.20 11.88
CA GLY Q 139 -26.49 77.35 12.76
C GLY Q 139 -25.10 77.82 13.13
N GLY Q 140 -24.65 78.93 12.51
CA GLY Q 140 -23.29 79.38 12.72
C GLY Q 140 -22.25 78.58 11.96
N THR Q 141 -22.54 77.31 11.71
CA THR Q 141 -21.72 76.44 10.88
C THR Q 141 -22.44 76.13 9.57
N ALA Q 142 -21.66 76.07 8.49
CA ALA Q 142 -22.15 75.77 7.16
C ALA Q 142 -21.47 74.49 6.67
N ALA Q 143 -22.10 73.81 5.72
CA ALA Q 143 -21.53 72.59 5.20
C ALA Q 143 -21.40 72.68 3.69
N LEU Q 144 -20.30 72.18 3.16
CA LEU Q 144 -20.09 72.11 1.72
C LEU Q 144 -19.37 70.82 1.38
N GLY Q 145 -19.39 70.45 0.11
CA GLY Q 145 -18.72 69.23 -0.29
C GLY Q 145 -18.67 69.03 -1.79
N CYS Q 146 -18.34 67.79 -2.17
CA CYS Q 146 -18.15 67.38 -3.56
C CYS Q 146 -18.81 66.02 -3.77
N LEU Q 147 -19.57 65.89 -4.86
CA LEU Q 147 -20.22 64.65 -5.24
C LEU Q 147 -19.42 64.02 -6.38
N VAL Q 148 -18.80 62.87 -6.12
CA VAL Q 148 -18.01 62.16 -7.12
C VAL Q 148 -18.90 61.06 -7.71
N LYS Q 149 -19.50 61.35 -8.86
CA LYS Q 149 -20.58 60.56 -9.42
C LYS Q 149 -20.13 59.88 -10.70
N ASP Q 150 -20.57 58.64 -10.88
CA ASP Q 150 -20.40 57.87 -12.12
C ASP Q 150 -18.94 57.57 -12.41
N TYR Q 151 -18.29 56.77 -11.56
CA TYR Q 151 -16.91 56.36 -11.80
C TYR Q 151 -16.81 54.85 -11.67
N PHE Q 152 -15.73 54.30 -12.21
CA PHE Q 152 -15.52 52.86 -12.13
C PHE Q 152 -14.08 52.50 -12.49
N PRO Q 153 -13.45 51.58 -11.76
CA PRO Q 153 -13.88 50.94 -10.50
C PRO Q 153 -13.40 51.70 -9.27
N GLU Q 154 -13.58 51.09 -8.09
CA GLU Q 154 -12.93 51.59 -6.90
C GLU Q 154 -11.41 51.53 -7.07
N PRO Q 155 -10.65 52.39 -6.38
CA PRO Q 155 -11.16 53.39 -5.42
C PRO Q 155 -10.98 54.80 -5.95
N VAL Q 156 -11.63 55.74 -5.29
CA VAL Q 156 -11.41 57.17 -5.50
C VAL Q 156 -10.92 57.72 -4.16
N THR Q 157 -9.98 58.66 -4.20
CA THR Q 157 -9.52 59.33 -2.99
C THR Q 157 -9.79 60.82 -3.13
N VAL Q 158 -10.27 61.42 -2.04
CA VAL Q 158 -10.58 62.85 -1.99
C VAL Q 158 -9.98 63.43 -0.73
N SER Q 159 -9.29 64.54 -0.85
CA SER Q 159 -8.85 65.34 0.27
C SER Q 159 -9.34 66.76 0.02
N TRP Q 160 -9.11 67.66 0.98
CA TRP Q 160 -9.58 69.04 0.88
C TRP Q 160 -8.43 70.01 1.04
N ASN Q 161 -8.37 71.00 0.16
CA ASN Q 161 -7.26 71.96 0.14
C ASN Q 161 -5.92 71.24 0.15
N SER Q 162 -5.81 70.23 -0.73
CA SER Q 162 -4.59 69.45 -0.93
C SER Q 162 -4.05 68.82 0.36
N GLY Q 163 -4.94 68.52 1.32
CA GLY Q 163 -4.55 67.90 2.57
C GLY Q 163 -4.43 68.82 3.76
N ALA Q 164 -4.53 70.15 3.57
CA ALA Q 164 -4.39 71.06 4.71
C ALA Q 164 -5.61 71.13 5.61
N LEU Q 165 -6.79 70.70 5.14
CA LEU Q 165 -8.04 70.78 5.87
C LEU Q 165 -8.61 69.39 6.12
N THR Q 166 -8.58 68.87 7.36
CA THR Q 166 -9.22 67.55 7.53
C THR Q 166 -10.29 67.63 8.58
N SER Q 167 -10.15 68.59 9.51
CA SER Q 167 -11.08 68.68 10.62
C SER Q 167 -12.40 69.18 10.08
N GLY Q 168 -13.45 68.44 10.40
CA GLY Q 168 -14.77 68.70 9.86
C GLY Q 168 -15.00 68.04 8.51
N VAL Q 169 -14.08 67.18 8.05
CA VAL Q 169 -14.20 66.52 6.75
C VAL Q 169 -14.83 65.15 6.95
N HIS Q 170 -15.88 64.87 6.19
CA HIS Q 170 -16.52 63.56 6.14
C HIS Q 170 -16.54 63.08 4.71
N THR Q 171 -15.86 61.96 4.45
CA THR Q 171 -15.81 61.31 3.15
C THR Q 171 -16.57 60.00 3.26
N PHE Q 172 -17.71 59.90 2.55
CA PHE Q 172 -18.63 58.80 2.76
C PHE Q 172 -18.21 57.50 2.04
N PRO Q 173 -18.60 56.34 2.56
CA PRO Q 173 -18.39 55.09 1.82
C PRO Q 173 -19.13 55.09 0.48
N ALA Q 174 -18.46 54.55 -0.53
CA ALA Q 174 -19.03 54.56 -1.89
C ALA Q 174 -20.29 53.71 -1.96
N VAL Q 175 -21.23 54.15 -2.83
CA VAL Q 175 -22.45 53.40 -3.11
C VAL Q 175 -22.46 53.00 -4.58
N LEU Q 176 -22.95 51.78 -4.85
CA LEU Q 176 -23.09 51.23 -6.21
C LEU Q 176 -24.48 51.51 -6.77
N GLN Q 177 -24.53 52.15 -7.95
CA GLN Q 177 -25.81 52.46 -8.59
C GLN Q 177 -26.29 51.31 -9.46
N SER Q 178 -27.58 51.38 -9.82
CA SER Q 178 -28.20 50.39 -10.71
C SER Q 178 -27.50 50.30 -12.06
N SER Q 179 -26.89 51.40 -12.52
CA SER Q 179 -26.15 51.40 -13.78
C SER Q 179 -24.83 50.65 -13.68
N GLY Q 180 -24.41 50.25 -12.48
CA GLY Q 180 -23.12 49.66 -12.27
C GLY Q 180 -21.99 50.64 -12.00
N LEU Q 181 -22.28 51.95 -11.95
CA LEU Q 181 -21.26 52.94 -11.66
C LEU Q 181 -21.33 53.37 -10.18
N TYR Q 182 -20.17 53.74 -9.64
CA TYR Q 182 -20.04 54.09 -8.23
C TYR Q 182 -20.23 55.59 -8.01
N SER Q 183 -20.64 55.94 -6.79
CA SER Q 183 -20.76 57.33 -6.40
C SER Q 183 -20.45 57.45 -4.90
N LEU Q 184 -20.03 58.65 -4.52
CA LEU Q 184 -19.50 58.96 -3.20
C LEU Q 184 -19.60 60.47 -3.03
N SER Q 185 -19.77 60.92 -1.79
CA SER Q 185 -19.72 62.35 -1.50
C SER Q 185 -18.70 62.62 -0.40
N SER Q 186 -18.09 63.79 -0.47
CA SER Q 186 -17.14 64.26 0.53
C SER Q 186 -17.58 65.66 0.93
N VAL Q 187 -17.81 65.87 2.23
CA VAL Q 187 -18.34 67.14 2.74
C VAL Q 187 -17.48 67.65 3.89
N VAL Q 188 -17.62 68.94 4.17
CA VAL Q 188 -16.93 69.60 5.29
C VAL Q 188 -17.83 70.71 5.82
N THR Q 189 -17.83 70.89 7.15
CA THR Q 189 -18.57 71.96 7.82
C THR Q 189 -17.62 73.11 8.14
N VAL Q 190 -18.08 74.34 7.89
CA VAL Q 190 -17.23 75.51 7.99
C VAL Q 190 -18.04 76.67 8.57
N PRO Q 191 -17.35 77.62 9.21
CA PRO Q 191 -18.01 78.86 9.63
C PRO Q 191 -18.45 79.72 8.45
N SER Q 192 -19.66 80.30 8.56
CA SER Q 192 -20.14 81.20 7.52
C SER Q 192 -19.28 82.44 7.38
N SER Q 193 -18.44 82.76 8.38
CA SER Q 193 -17.55 83.92 8.26
C SER Q 193 -16.54 83.74 7.13
N SER Q 194 -16.05 82.51 6.96
CA SER Q 194 -15.04 82.16 5.96
C SER Q 194 -15.60 82.07 4.55
N LEU Q 195 -16.91 81.91 4.37
CA LEU Q 195 -17.48 81.47 3.08
C LEU Q 195 -17.26 82.39 1.89
N GLY Q 196 -17.20 83.70 2.08
CA GLY Q 196 -16.99 84.53 0.92
C GLY Q 196 -15.53 84.67 0.54
N THR Q 197 -14.64 84.51 1.51
CA THR Q 197 -13.21 84.76 1.37
C THR Q 197 -12.34 83.51 1.28
N GLN Q 198 -12.70 82.43 1.97
CA GLN Q 198 -11.81 81.29 2.10
C GLN Q 198 -12.11 80.31 0.97
N THR Q 199 -11.06 79.74 0.40
CA THR Q 199 -11.20 78.81 -0.71
C THR Q 199 -11.15 77.37 -0.24
N TYR Q 200 -12.14 76.61 -0.67
CA TYR Q 200 -12.23 75.19 -0.37
C TYR Q 200 -12.18 74.47 -1.70
N ILE Q 201 -11.15 73.65 -1.89
CA ILE Q 201 -10.93 72.88 -3.10
C ILE Q 201 -10.88 71.43 -2.68
N CYS Q 202 -11.70 70.61 -3.33
CA CYS Q 202 -11.62 69.17 -3.12
C CYS Q 202 -10.81 68.55 -4.24
N ASN Q 203 -9.89 67.66 -3.87
CA ASN Q 203 -9.01 67.02 -4.84
C ASN Q 203 -9.53 65.60 -5.02
N VAL Q 204 -10.08 65.32 -6.20
CA VAL Q 204 -10.64 64.02 -6.52
C VAL Q 204 -9.63 63.29 -7.40
N ASN Q 205 -9.33 62.05 -7.04
CA ASN Q 205 -8.38 61.24 -7.81
C ASN Q 205 -9.02 59.90 -8.10
N HIS Q 206 -9.13 59.56 -9.39
CA HIS Q 206 -9.61 58.26 -9.84
C HIS Q 206 -8.49 57.63 -10.65
N LYS Q 207 -7.56 57.00 -9.94
CA LYS Q 207 -6.41 56.39 -10.58
C LYS Q 207 -6.75 55.33 -11.64
N PRO Q 208 -7.72 54.41 -11.45
CA PRO Q 208 -7.96 53.40 -12.51
C PRO Q 208 -8.23 54.00 -13.87
N SER Q 209 -8.69 55.25 -13.95
CA SER Q 209 -8.93 55.93 -15.21
C SER Q 209 -7.99 57.11 -15.43
N ASN Q 210 -7.01 57.28 -14.54
CA ASN Q 210 -6.01 58.36 -14.66
C ASN Q 210 -6.68 59.73 -14.78
N THR Q 211 -7.58 60.03 -13.84
CA THR Q 211 -8.26 61.32 -13.79
C THR Q 211 -7.90 62.05 -12.49
N LYS Q 212 -7.28 63.21 -12.64
CA LYS Q 212 -7.06 64.16 -11.56
C LYS Q 212 -7.99 65.33 -11.77
N VAL Q 213 -8.81 65.64 -10.77
CA VAL Q 213 -9.70 66.79 -10.82
C VAL Q 213 -9.64 67.51 -9.48
N ASP Q 214 -9.41 68.82 -9.53
CA ASP Q 214 -9.55 69.70 -8.38
C ASP Q 214 -10.67 70.68 -8.71
N LYS Q 215 -11.72 70.71 -7.89
CA LYS Q 215 -12.90 71.51 -8.22
C LYS Q 215 -13.18 72.63 -7.23
N ARG Q 216 -13.56 73.75 -7.82
CA ARG Q 216 -13.94 75.00 -7.19
C ARG Q 216 -15.36 74.88 -6.60
N VAL Q 217 -15.45 75.03 -5.27
CA VAL Q 217 -16.70 74.94 -4.51
C VAL Q 217 -16.92 76.31 -3.87
N GLU Q 218 -17.97 76.98 -4.30
CA GLU Q 218 -18.28 78.33 -3.85
C GLU Q 218 -19.79 78.52 -3.81
N PRO Q 219 -20.27 79.46 -3.00
CA PRO Q 219 -21.72 79.72 -2.94
C PRO Q 219 -22.29 80.02 -4.33
N LYS Q 220 -23.40 79.38 -4.67
CA LYS Q 220 -24.09 79.69 -5.91
C LYS Q 220 -24.67 81.10 -5.87
N SER Q 221 -24.83 81.68 -7.06
CA SER Q 221 -25.30 83.06 -7.19
C SER Q 221 -26.79 83.18 -6.88
N GLU R 1 -29.46 20.92 7.68
CA GLU R 1 -28.59 22.07 7.89
C GLU R 1 -28.82 22.70 9.25
N ILE R 2 -27.73 23.13 9.87
CA ILE R 2 -27.79 23.82 11.16
C ILE R 2 -27.66 25.32 10.93
N VAL R 3 -28.57 26.08 11.52
CA VAL R 3 -28.54 27.54 11.45
C VAL R 3 -28.23 28.07 12.84
N LEU R 4 -27.33 29.05 12.90
CA LEU R 4 -26.94 29.72 14.13
C LEU R 4 -27.57 31.11 14.16
N THR R 5 -28.22 31.44 15.27
CA THR R 5 -28.69 32.81 15.47
C THR R 5 -28.00 33.44 16.67
N GLN R 6 -27.84 34.76 16.60
CA GLN R 6 -27.24 35.55 17.67
C GLN R 6 -28.14 36.76 17.92
N SER R 7 -28.50 36.98 19.18
CA SER R 7 -29.27 38.15 19.54
C SER R 7 -28.68 38.70 20.83
N PRO R 8 -28.55 40.03 20.94
CA PRO R 8 -28.87 40.96 19.85
C PRO R 8 -27.85 41.10 18.72
N GLY R 9 -28.31 41.73 17.64
CA GLY R 9 -27.45 42.06 16.54
C GLY R 9 -26.45 43.15 16.88
N THR R 10 -26.84 44.05 17.80
CA THR R 10 -25.98 45.13 18.24
C THR R 10 -26.03 45.19 19.75
N LEU R 11 -24.92 45.66 20.33
CA LEU R 11 -24.76 45.81 21.77
C LEU R 11 -23.91 47.07 21.90
N SER R 12 -24.47 48.13 22.45
CA SER R 12 -23.77 49.41 22.50
C SER R 12 -23.41 49.66 23.95
N LEU R 13 -22.10 49.67 24.23
CA LEU R 13 -21.61 49.64 25.61
C LEU R 13 -20.34 50.49 25.70
N SER R 14 -20.07 51.02 26.92
CA SER R 14 -18.93 51.84 27.30
C SER R 14 -17.72 51.00 27.74
N PRO R 15 -16.51 51.58 27.70
CA PRO R 15 -15.33 50.84 28.18
C PRO R 15 -15.46 50.42 29.64
N GLY R 16 -14.89 49.25 29.95
CA GLY R 16 -14.79 48.74 31.29
C GLY R 16 -15.94 47.86 31.79
N GLU R 17 -17.07 47.83 31.10
CA GLU R 17 -18.15 46.95 31.51
C GLU R 17 -18.05 45.57 30.86
N ARG R 18 -18.97 44.69 31.25
CA ARG R 18 -18.95 43.29 30.85
C ARG R 18 -19.98 43.06 29.74
N ALA R 19 -19.53 42.54 28.60
CA ALA R 19 -20.40 42.22 27.49
C ALA R 19 -20.64 40.72 27.46
N THR R 20 -21.89 40.31 27.38
CA THR R 20 -22.24 38.90 27.27
C THR R 20 -23.00 38.71 25.96
N LEU R 21 -22.41 37.94 25.04
CA LEU R 21 -22.94 37.72 23.71
C LEU R 21 -23.47 36.30 23.61
N SER R 22 -24.62 36.15 22.94
CA SER R 22 -25.28 34.85 22.87
C SER R 22 -25.23 34.28 21.47
N CYS R 23 -25.05 32.95 21.42
CA CYS R 23 -25.11 32.17 20.19
C CYS R 23 -25.91 30.91 20.47
N ARG R 24 -26.85 30.68 19.58
CA ARG R 24 -27.88 29.68 19.72
C ARG R 24 -28.16 28.89 18.45
N ALA R 25 -28.21 27.57 18.61
CA ALA R 25 -28.22 26.62 17.48
C ALA R 25 -29.59 26.01 17.27
N SER R 26 -30.00 25.92 15.99
CA SER R 26 -31.29 25.34 15.60
C SER R 26 -31.42 23.85 15.92
N GLN R 27 -30.31 23.14 16.10
CA GLN R 27 -30.34 21.77 16.58
C GLN R 27 -29.05 21.52 17.33
N SER R 28 -29.01 20.39 18.04
CA SER R 28 -27.92 20.13 18.95
C SER R 28 -26.58 20.11 18.21
N VAL R 29 -25.62 20.88 18.73
CA VAL R 29 -24.26 20.91 18.23
C VAL R 29 -23.33 20.56 19.37
N SER R 30 -22.49 19.54 19.16
CA SER R 30 -21.55 19.13 20.19
C SER R 30 -20.59 20.25 20.57
N SER R 31 -20.19 20.25 21.84
CA SER R 31 -19.36 21.33 22.37
C SER R 31 -18.03 21.41 21.63
N SER R 32 -17.49 20.29 21.15
CA SER R 32 -16.20 20.30 20.46
C SER R 32 -16.25 21.12 19.17
N TYR R 33 -17.41 21.30 18.56
CA TYR R 33 -17.49 21.85 17.21
C TYR R 33 -18.13 23.23 17.17
N LEU R 34 -17.98 24.04 18.22
CA LEU R 34 -18.51 25.40 18.25
C LEU R 34 -17.36 26.37 18.50
N ALA R 35 -17.18 27.33 17.59
CA ALA R 35 -16.09 28.30 17.69
C ALA R 35 -16.62 29.71 17.57
N TRP R 36 -15.80 30.67 18.03
CA TRP R 36 -16.13 32.10 18.09
C TRP R 36 -15.03 32.92 17.44
N TYR R 37 -15.41 33.97 16.71
CA TYR R 37 -14.47 34.83 15.98
C TYR R 37 -14.73 36.31 16.29
N GLN R 38 -13.67 37.09 16.22
CA GLN R 38 -13.70 38.54 16.34
C GLN R 38 -13.24 39.16 15.03
N GLN R 39 -13.94 40.19 14.58
CA GLN R 39 -13.52 40.92 13.39
C GLN R 39 -13.63 42.43 13.63
N LYS R 40 -12.48 43.11 13.60
CA LYS R 40 -12.36 44.56 13.68
C LYS R 40 -12.59 45.15 12.28
N PRO R 41 -12.97 46.46 12.18
CA PRO R 41 -13.60 46.96 10.94
C PRO R 41 -12.95 46.56 9.62
N GLY R 42 -11.74 47.03 9.36
CA GLY R 42 -11.16 46.78 8.05
C GLY R 42 -10.28 45.54 7.94
N GLN R 43 -10.41 44.61 8.89
CA GLN R 43 -9.43 43.54 8.99
C GLN R 43 -10.10 42.16 8.91
N ALA R 44 -9.26 41.16 8.79
CA ALA R 44 -9.81 39.81 8.73
C ALA R 44 -10.19 39.31 10.11
N PRO R 45 -11.16 38.41 10.18
CA PRO R 45 -11.49 37.79 11.47
C PRO R 45 -10.28 37.08 12.06
N ARG R 46 -10.33 36.89 13.38
CA ARG R 46 -9.39 36.03 14.07
C ARG R 46 -10.18 35.15 15.03
N LEU R 47 -9.68 33.93 15.18
CA LEU R 47 -10.29 32.95 16.06
C LEU R 47 -10.12 33.37 17.52
N LEU R 48 -11.20 33.30 18.29
CA LEU R 48 -11.19 33.59 19.72
C LEU R 48 -11.30 32.34 20.58
N ILE R 49 -12.33 31.53 20.36
CA ILE R 49 -12.62 30.36 21.18
C ILE R 49 -12.86 29.17 20.24
N TYR R 50 -12.32 28.01 20.60
CA TYR R 50 -12.68 26.77 19.93
C TYR R 50 -13.19 25.79 20.99
N GLY R 51 -13.90 24.76 20.53
CA GLY R 51 -14.48 23.80 21.46
C GLY R 51 -15.33 24.43 22.54
N ALA R 52 -16.02 25.51 22.21
CA ALA R 52 -16.98 26.19 23.09
C ALA R 52 -16.33 26.93 24.25
N SER R 53 -15.21 26.43 24.79
CA SER R 53 -14.66 27.03 26.01
C SER R 53 -13.16 27.21 26.05
N SER R 54 -12.41 26.81 25.02
CA SER R 54 -10.97 26.92 25.02
C SER R 54 -10.52 28.23 24.37
N ARG R 55 -9.59 28.90 25.02
CA ARG R 55 -9.04 30.15 24.51
C ARG R 55 -8.06 29.87 23.38
N ALA R 56 -8.13 30.67 22.32
CA ALA R 56 -7.18 30.51 21.23
C ALA R 56 -5.85 31.21 21.54
N THR R 57 -4.87 30.95 20.69
CA THR R 57 -3.51 31.44 20.88
C THR R 57 -3.48 32.98 20.90
N GLY R 58 -2.85 33.54 21.93
CA GLY R 58 -2.72 34.97 22.00
C GLY R 58 -3.98 35.71 22.38
N ILE R 59 -5.00 34.99 22.83
CA ILE R 59 -6.29 35.61 23.18
C ILE R 59 -6.26 35.95 24.65
N PRO R 60 -6.45 37.21 25.04
CA PRO R 60 -6.39 37.59 26.45
C PRO R 60 -7.40 36.82 27.28
N ASP R 61 -7.25 36.92 28.61
CA ASP R 61 -7.99 36.06 29.53
C ASP R 61 -9.42 36.52 29.78
N ARG R 62 -9.74 37.77 29.47
CA ARG R 62 -11.10 38.26 29.70
C ARG R 62 -12.12 37.65 28.73
N PHE R 63 -11.68 37.04 27.63
CA PHE R 63 -12.60 36.34 26.74
C PHE R 63 -12.78 34.92 27.23
N SER R 64 -14.03 34.51 27.42
CA SER R 64 -14.31 33.13 27.80
C SER R 64 -15.62 32.74 27.16
N GLY R 65 -15.78 31.44 26.92
CA GLY R 65 -16.99 30.93 26.29
C GLY R 65 -17.51 29.73 27.03
N SER R 66 -18.82 29.52 26.90
CA SER R 66 -19.44 28.37 27.54
C SER R 66 -20.69 27.99 26.76
N GLY R 67 -21.30 26.90 27.19
CA GLY R 67 -22.55 26.41 26.63
C GLY R 67 -22.39 25.02 26.03
N SER R 68 -23.54 24.41 25.77
CA SER R 68 -23.61 23.07 25.22
C SER R 68 -25.02 22.84 24.72
N GLY R 69 -25.17 21.88 23.82
CA GLY R 69 -26.47 21.56 23.27
C GLY R 69 -26.88 22.56 22.20
N THR R 70 -27.80 23.49 22.50
CA THR R 70 -28.25 24.44 21.49
C THR R 70 -27.99 25.91 21.83
N ASP R 71 -27.41 26.23 22.99
CA ASP R 71 -27.22 27.61 23.43
C ASP R 71 -25.80 27.82 23.94
N PHE R 72 -25.10 28.81 23.37
CA PHE R 72 -23.73 29.13 23.74
C PHE R 72 -23.57 30.62 24.01
N THR R 73 -22.56 30.96 24.83
CA THR R 73 -22.35 32.35 25.24
C THR R 73 -20.88 32.71 25.17
N LEU R 74 -20.60 33.89 24.63
CA LEU R 74 -19.29 34.51 24.68
C LEU R 74 -19.38 35.67 25.65
N THR R 75 -18.54 35.64 26.69
CA THR R 75 -18.56 36.68 27.72
C THR R 75 -17.23 37.44 27.69
N ILE R 76 -17.32 38.74 27.49
CA ILE R 76 -16.15 39.61 27.61
C ILE R 76 -16.38 40.46 28.85
N SER R 77 -15.88 40.01 30.00
CA SER R 77 -15.96 40.85 31.18
C SER R 77 -14.79 41.81 31.15
N ARG R 78 -15.04 43.03 31.61
CA ARG R 78 -14.07 44.14 31.51
C ARG R 78 -13.70 44.43 30.05
N LEU R 79 -14.67 44.97 29.33
CA LEU R 79 -14.44 45.40 27.95
C LEU R 79 -13.31 46.42 27.90
N GLU R 80 -12.51 46.36 26.84
CA GLU R 80 -11.37 47.22 26.57
C GLU R 80 -11.66 48.05 25.32
N PRO R 81 -10.82 49.07 25.01
CA PRO R 81 -11.15 49.94 23.85
C PRO R 81 -11.26 49.14 22.57
N GLU R 82 -10.14 48.97 21.89
CA GLU R 82 -9.78 47.77 21.13
C GLU R 82 -10.77 46.58 21.13
N ASP R 83 -11.89 46.63 21.88
CA ASP R 83 -12.89 45.54 21.94
C ASP R 83 -14.20 45.75 21.16
N PHE R 84 -14.50 46.94 20.64
CA PHE R 84 -15.47 46.92 19.55
C PHE R 84 -15.03 46.11 18.39
N ALA R 85 -16.00 45.32 17.98
CA ALA R 85 -15.83 44.40 16.88
C ALA R 85 -17.19 43.81 16.59
N VAL R 86 -17.22 43.08 15.51
CA VAL R 86 -18.28 42.18 15.17
C VAL R 86 -17.79 40.82 15.64
N TYR R 87 -18.67 40.08 16.31
CA TYR R 87 -18.35 38.77 16.83
C TYR R 87 -19.29 37.78 16.18
N TYR R 88 -18.71 36.75 15.53
CA TYR R 88 -19.48 35.72 14.85
C TYR R 88 -19.22 34.41 15.56
N CYS R 89 -20.29 33.66 15.83
CA CYS R 89 -20.11 32.26 16.20
C CYS R 89 -20.16 31.38 14.95
N GLN R 90 -19.67 30.16 15.10
CA GLN R 90 -19.48 29.26 13.97
C GLN R 90 -19.61 27.82 14.44
N GLN R 91 -20.24 26.99 13.63
CA GLN R 91 -20.39 25.59 13.99
C GLN R 91 -19.77 24.71 12.90
N TYR R 92 -19.27 23.55 13.32
CA TYR R 92 -18.91 22.51 12.36
C TYR R 92 -19.34 21.14 12.85
N GLY R 93 -20.44 21.09 13.61
CA GLY R 93 -21.14 19.82 13.80
C GLY R 93 -21.63 19.24 12.49
N SER R 94 -22.08 20.11 11.58
CA SER R 94 -22.53 19.64 10.27
C SER R 94 -22.22 20.73 9.26
N SER R 95 -21.34 20.45 8.29
CA SER R 95 -20.83 21.45 7.37
C SER R 95 -20.17 22.60 8.15
N PHE R 96 -20.02 23.77 7.52
CA PHE R 96 -19.49 24.95 8.19
C PHE R 96 -20.42 26.13 7.92
N THR R 97 -21.05 26.66 8.97
CA THR R 97 -21.89 27.84 8.86
C THR R 97 -21.56 28.79 10.01
N PHE R 98 -21.78 30.08 9.74
CA PHE R 98 -21.57 31.14 10.70
C PHE R 98 -22.91 31.69 11.18
N GLY R 99 -22.93 32.23 12.40
CA GLY R 99 -24.02 33.02 12.88
C GLY R 99 -24.08 34.39 12.22
N PRO R 100 -25.16 35.15 12.48
CA PRO R 100 -25.32 36.44 11.79
C PRO R 100 -24.38 37.53 12.28
N GLY R 101 -23.84 37.41 13.47
CA GLY R 101 -22.87 38.38 13.96
C GLY R 101 -23.48 39.42 14.90
N THR R 102 -22.66 39.88 15.84
CA THR R 102 -23.02 40.94 16.78
C THR R 102 -21.95 42.02 16.75
N LYS R 103 -22.37 43.27 16.57
CA LYS R 103 -21.49 44.42 16.68
C LYS R 103 -21.53 44.97 18.10
N VAL R 104 -20.36 45.32 18.64
CA VAL R 104 -20.21 45.89 19.97
C VAL R 104 -19.74 47.32 19.77
N ASP R 105 -20.54 48.32 20.18
CA ASP R 105 -20.40 49.78 19.99
C ASP R 105 -19.73 50.52 21.10
N ILE R 106 -19.44 51.79 20.75
CA ILE R 106 -19.06 52.81 21.74
C ILE R 106 -20.34 53.41 22.28
N LYS R 107 -20.50 53.41 23.60
CA LYS R 107 -21.63 54.13 24.17
C LYS R 107 -21.33 55.63 24.28
N ARG R 108 -22.32 56.44 23.93
CA ARG R 108 -22.25 57.89 24.07
C ARG R 108 -23.60 58.59 24.16
N THR R 109 -23.56 59.69 24.93
CA THR R 109 -24.64 60.60 25.30
C THR R 109 -25.22 61.23 24.05
N VAL R 110 -26.24 60.57 23.52
CA VAL R 110 -27.06 60.92 22.36
C VAL R 110 -27.00 62.39 21.95
N ALA R 111 -26.85 62.63 20.64
CA ALA R 111 -26.73 63.95 20.04
C ALA R 111 -27.59 64.04 18.78
N ALA R 112 -28.29 65.17 18.63
CA ALA R 112 -29.16 65.37 17.49
C ALA R 112 -28.34 65.72 16.24
N PRO R 113 -28.81 65.31 15.05
CA PRO R 113 -28.08 65.64 13.82
C PRO R 113 -28.35 67.05 13.31
N SER R 114 -27.30 67.68 12.78
CA SER R 114 -27.43 68.89 11.97
C SER R 114 -27.69 68.46 10.53
N VAL R 115 -28.78 68.94 9.94
CA VAL R 115 -29.25 68.47 8.64
C VAL R 115 -29.07 69.58 7.61
N PHE R 116 -28.52 69.22 6.45
CA PHE R 116 -28.35 70.11 5.31
C PHE R 116 -28.82 69.38 4.05
N ILE R 117 -29.37 70.13 3.11
CA ILE R 117 -29.78 69.62 1.82
C ILE R 117 -29.05 70.41 0.74
N PHE R 118 -28.72 69.72 -0.36
CA PHE R 118 -27.99 70.34 -1.46
C PHE R 118 -28.79 70.12 -2.74
N PRO R 119 -29.16 71.15 -3.48
CA PRO R 119 -29.85 70.95 -4.77
C PRO R 119 -28.89 70.47 -5.83
N PRO R 120 -29.38 69.92 -6.94
CA PRO R 120 -28.47 69.57 -8.04
C PRO R 120 -27.82 70.80 -8.64
N SER R 121 -26.54 70.68 -8.99
CA SER R 121 -25.83 71.79 -9.61
C SER R 121 -26.28 71.98 -11.05
N ASP R 122 -26.16 73.23 -11.54
CA ASP R 122 -26.47 73.54 -12.94
C ASP R 122 -25.46 72.87 -13.85
N GLU R 123 -24.25 72.73 -13.31
CA GLU R 123 -23.12 72.03 -13.93
C GLU R 123 -23.51 70.58 -14.23
N GLN R 124 -24.06 69.89 -13.23
CA GLN R 124 -24.55 68.52 -13.38
C GLN R 124 -25.82 68.44 -14.18
N LEU R 125 -26.67 69.48 -14.07
CA LEU R 125 -28.00 69.36 -14.63
C LEU R 125 -27.94 69.00 -16.09
N LYS R 126 -26.98 69.56 -16.82
CA LYS R 126 -27.52 69.68 -18.13
C LYS R 126 -27.25 68.42 -18.98
N SER R 127 -26.66 67.41 -18.33
CA SER R 127 -26.35 66.05 -18.74
C SER R 127 -27.55 65.12 -18.58
N GLY R 128 -28.70 65.65 -18.17
CA GLY R 128 -29.96 64.93 -18.09
C GLY R 128 -30.29 64.24 -16.79
N THR R 129 -29.41 64.27 -15.80
CA THR R 129 -29.72 63.77 -14.46
C THR R 129 -29.35 64.79 -13.39
N ALA R 130 -30.11 64.76 -12.29
CA ALA R 130 -29.98 65.69 -11.19
C ALA R 130 -29.89 64.92 -9.87
N SER R 131 -28.93 65.29 -9.03
CA SER R 131 -28.72 64.65 -7.73
C SER R 131 -28.98 65.66 -6.62
N VAL R 132 -29.87 65.31 -5.70
CA VAL R 132 -30.13 66.11 -4.50
C VAL R 132 -29.51 65.37 -3.33
N VAL R 133 -28.71 66.07 -2.51
CA VAL R 133 -27.93 65.44 -1.47
C VAL R 133 -28.40 65.92 -0.11
N CYS R 134 -28.51 64.97 0.82
CA CYS R 134 -28.85 65.26 2.21
C CYS R 134 -27.71 64.80 3.10
N LEU R 135 -27.26 65.69 3.97
CA LEU R 135 -26.18 65.42 4.89
C LEU R 135 -26.75 65.39 6.30
N LEU R 136 -26.51 64.31 7.02
CA LEU R 136 -26.86 64.19 8.43
C LEU R 136 -25.52 64.17 9.15
N ASN R 137 -25.21 65.26 9.84
CA ASN R 137 -23.85 65.49 10.33
C ASN R 137 -23.75 65.24 11.82
N ASN R 138 -22.81 64.37 12.20
CA ASN R 138 -22.38 64.19 13.59
C ASN R 138 -23.52 63.90 14.56
N PHE R 139 -24.00 62.65 14.58
CA PHE R 139 -25.14 62.26 15.42
C PHE R 139 -24.88 60.92 16.09
N TYR R 140 -25.73 60.61 17.09
CA TYR R 140 -25.73 59.34 17.82
C TYR R 140 -27.11 59.08 18.42
N PRO R 141 -27.62 57.84 18.38
CA PRO R 141 -27.00 56.64 17.82
C PRO R 141 -27.12 56.55 16.29
N ARG R 142 -26.63 55.45 15.71
CA ARG R 142 -26.56 55.37 14.24
C ARG R 142 -27.94 55.27 13.60
N GLU R 143 -28.93 54.78 14.33
CA GLU R 143 -30.27 54.61 13.77
C GLU R 143 -30.86 55.96 13.40
N ALA R 144 -31.21 56.12 12.12
CA ALA R 144 -31.78 57.35 11.61
C ALA R 144 -32.58 57.03 10.35
N LYS R 145 -33.69 57.74 10.17
CA LYS R 145 -34.58 57.55 9.04
C LYS R 145 -34.56 58.81 8.16
N VAL R 146 -34.29 58.61 6.88
CA VAL R 146 -34.27 59.72 5.91
C VAL R 146 -35.31 59.45 4.84
N GLN R 147 -36.17 60.44 4.59
CA GLN R 147 -37.25 60.35 3.62
C GLN R 147 -37.25 61.59 2.75
N TRP R 148 -37.44 61.39 1.44
CA TRP R 148 -37.44 62.49 0.48
C TRP R 148 -38.86 62.90 0.16
N LYS R 149 -39.10 64.22 0.11
CA LYS R 149 -40.37 64.75 -0.35
C LYS R 149 -40.09 65.77 -1.43
N VAL R 150 -40.68 65.51 -2.58
CA VAL R 150 -40.83 66.40 -3.73
C VAL R 150 -42.30 66.57 -4.04
N ASP R 151 -42.79 67.82 -3.84
CA ASP R 151 -44.20 68.25 -3.79
C ASP R 151 -45.03 67.45 -2.77
N ASN R 152 -44.38 67.01 -1.69
CA ASN R 152 -45.00 66.19 -0.63
C ASN R 152 -45.54 64.86 -1.14
N ALA R 153 -45.00 64.37 -2.25
CA ALA R 153 -45.37 63.05 -2.76
C ALA R 153 -44.18 62.22 -2.34
N LEU R 154 -44.39 61.34 -1.40
CA LEU R 154 -43.22 60.93 -0.65
C LEU R 154 -42.59 59.75 -1.38
N GLN R 155 -41.28 59.79 -1.56
CA GLN R 155 -40.72 58.88 -2.54
C GLN R 155 -40.12 57.63 -1.93
N SER R 156 -40.06 56.60 -2.78
CA SER R 156 -39.51 55.30 -2.44
C SER R 156 -38.83 54.68 -3.65
N GLY R 157 -37.70 54.01 -3.40
CA GLY R 157 -36.95 53.25 -4.38
C GLY R 157 -36.01 54.04 -5.27
N ASN R 158 -35.83 55.35 -5.03
CA ASN R 158 -35.01 56.21 -5.88
C ASN R 158 -33.97 56.99 -5.08
N SER R 159 -33.63 56.53 -3.87
CA SER R 159 -32.63 57.18 -3.04
C SER R 159 -31.59 56.17 -2.59
N GLN R 160 -30.40 56.68 -2.26
CA GLN R 160 -29.28 55.86 -1.82
C GLN R 160 -28.65 56.49 -0.59
N GLU R 161 -28.32 55.65 0.40
CA GLU R 161 -27.79 56.10 1.68
C GLU R 161 -26.35 55.63 1.90
N SER R 162 -25.61 56.43 2.67
CA SER R 162 -24.23 56.15 3.10
C SER R 162 -24.02 56.72 4.49
N VAL R 163 -23.32 55.96 5.34
CA VAL R 163 -23.08 56.34 6.73
C VAL R 163 -21.60 56.21 7.04
N THR R 164 -21.07 57.19 7.76
CA THR R 164 -19.67 57.15 8.16
C THR R 164 -19.46 56.07 9.24
N GLU R 165 -18.20 55.65 9.36
CA GLU R 165 -17.74 54.82 10.44
C GLU R 165 -17.75 55.60 11.76
N GLN R 166 -17.82 54.88 12.87
CA GLN R 166 -17.78 55.54 14.16
C GLN R 166 -16.53 56.43 14.27
N ASP R 167 -16.74 57.74 14.42
CA ASP R 167 -15.65 58.71 14.37
C ASP R 167 -14.74 58.58 15.59
N SER R 168 -13.43 58.70 15.35
CA SER R 168 -12.45 58.53 16.43
C SER R 168 -12.47 59.66 17.44
N LYS R 169 -12.72 60.90 17.01
CA LYS R 169 -12.72 61.98 17.99
C LYS R 169 -14.00 62.03 18.78
N ASP R 170 -15.15 62.16 18.14
CA ASP R 170 -16.36 62.33 18.92
C ASP R 170 -17.29 61.12 18.88
N SER R 171 -16.86 59.99 18.33
CA SER R 171 -17.66 58.75 18.28
C SER R 171 -18.97 58.90 17.51
N THR R 172 -19.06 59.88 16.61
CA THR R 172 -20.29 60.17 15.88
C THR R 172 -20.39 59.40 14.57
N TYR R 173 -21.61 59.38 14.06
CA TYR R 173 -21.88 58.95 12.70
C TYR R 173 -22.31 60.17 11.90
N SER R 174 -22.23 60.04 10.58
CA SER R 174 -22.80 61.00 9.66
C SER R 174 -23.42 60.22 8.50
N LEU R 175 -24.41 60.82 7.84
CA LEU R 175 -25.13 60.09 6.81
C LEU R 175 -25.35 60.99 5.61
N SER R 176 -25.40 60.35 4.43
CA SER R 176 -25.75 61.01 3.18
C SER R 176 -26.86 60.22 2.51
N SER R 177 -27.88 60.93 2.03
CA SER R 177 -28.92 60.36 1.21
C SER R 177 -28.90 61.07 -0.14
N THR R 178 -28.89 60.29 -1.22
CA THR R 178 -28.79 60.83 -2.57
C THR R 178 -30.05 60.48 -3.32
N LEU R 179 -30.85 61.51 -3.63
CA LEU R 179 -32.08 61.34 -4.38
C LEU R 179 -31.77 61.50 -5.86
N THR R 180 -32.14 60.50 -6.66
CA THR R 180 -31.86 60.51 -8.08
C THR R 180 -33.16 60.59 -8.87
N LEU R 181 -33.25 61.60 -9.73
CA LEU R 181 -34.39 61.79 -10.63
C LEU R 181 -33.83 62.17 -11.99
N SER R 182 -34.63 61.98 -13.02
CA SER R 182 -34.23 62.53 -14.30
C SER R 182 -34.45 64.03 -14.24
N LYS R 183 -33.65 64.77 -14.99
CA LYS R 183 -33.85 66.20 -15.01
C LYS R 183 -35.23 66.58 -15.51
N ALA R 184 -35.79 65.79 -16.44
CA ALA R 184 -37.19 65.97 -16.82
C ALA R 184 -38.07 65.98 -15.57
N ASP R 185 -38.03 64.89 -14.79
CA ASP R 185 -38.79 64.80 -13.55
C ASP R 185 -38.34 65.84 -12.52
N TYR R 186 -37.07 66.26 -12.55
CA TYR R 186 -36.60 67.26 -11.58
C TYR R 186 -37.25 68.61 -11.79
N GLU R 187 -37.30 69.07 -13.03
CA GLU R 187 -37.88 70.38 -13.30
C GLU R 187 -39.37 70.28 -13.47
N LYS R 188 -39.92 69.14 -13.12
CA LYS R 188 -41.33 69.02 -13.37
C LYS R 188 -42.13 69.24 -12.08
N HIS R 189 -41.42 69.39 -10.96
CA HIS R 189 -41.84 69.67 -9.59
C HIS R 189 -41.08 70.89 -9.03
N LYS R 190 -41.47 71.36 -7.83
CA LYS R 190 -40.93 72.62 -7.30
C LYS R 190 -40.23 72.47 -5.96
N VAL R 191 -40.87 71.91 -4.94
CA VAL R 191 -40.31 71.89 -3.59
C VAL R 191 -39.70 70.52 -3.31
N TYR R 192 -38.47 70.52 -2.79
CA TYR R 192 -37.73 69.31 -2.46
C TYR R 192 -37.33 69.37 -1.00
N ALA R 193 -37.78 68.39 -0.21
CA ALA R 193 -37.58 68.40 1.22
C ALA R 193 -36.90 67.09 1.64
N CYS R 194 -35.92 67.22 2.53
CA CYS R 194 -35.27 66.06 3.12
C CYS R 194 -35.68 66.02 4.58
N GLU R 195 -36.21 64.87 4.99
CA GLU R 195 -36.84 64.72 6.29
C GLU R 195 -36.16 63.65 7.13
N VAL R 196 -35.78 64.04 8.36
CA VAL R 196 -34.93 63.25 9.24
C VAL R 196 -35.70 62.94 10.51
N THR R 197 -35.71 61.67 10.92
CA THR R 197 -36.21 61.25 12.22
C THR R 197 -35.08 60.59 13.01
N HIS R 198 -34.81 61.12 14.20
CA HIS R 198 -33.74 60.62 15.05
C HIS R 198 -34.13 60.78 16.51
N GLN R 199 -33.51 59.96 17.37
CA GLN R 199 -33.81 59.97 18.81
C GLN R 199 -33.45 61.30 19.46
N GLY R 200 -32.47 62.03 18.93
CA GLY R 200 -32.10 63.31 19.50
C GLY R 200 -32.96 64.50 19.11
N LEU R 201 -33.95 64.29 18.25
CA LEU R 201 -34.87 65.34 17.84
C LEU R 201 -36.23 65.10 18.49
N SER R 202 -36.72 66.11 19.23
CA SER R 202 -38.05 66.00 19.83
C SER R 202 -39.14 65.85 18.78
N SER R 203 -38.88 66.33 17.56
CA SER R 203 -39.81 66.25 16.45
C SER R 203 -39.01 66.19 15.16
N PRO R 204 -39.55 65.57 14.10
CA PRO R 204 -38.77 65.42 12.86
C PRO R 204 -38.39 66.78 12.26
N VAL R 205 -37.21 66.80 11.64
CA VAL R 205 -36.63 68.00 11.04
C VAL R 205 -36.71 67.92 9.52
N THR R 206 -37.22 68.98 8.89
CA THR R 206 -37.28 69.09 7.44
C THR R 206 -36.39 70.25 7.02
N LYS R 207 -35.42 69.97 6.15
CA LYS R 207 -34.61 70.99 5.48
C LYS R 207 -35.03 71.02 4.02
N SER R 208 -35.08 72.22 3.44
CA SER R 208 -35.83 72.36 2.19
C SER R 208 -35.26 73.44 1.29
N PHE R 209 -35.67 73.37 0.03
CA PHE R 209 -35.40 74.39 -0.96
C PHE R 209 -36.50 74.38 -2.02
N ASN R 210 -36.56 75.46 -2.78
CA ASN R 210 -37.38 75.58 -3.98
C ASN R 210 -36.47 75.55 -5.20
N ARG R 211 -36.90 74.84 -6.25
CA ARG R 211 -36.09 74.74 -7.47
C ARG R 211 -35.87 76.13 -8.07
N GLY R 212 -34.68 76.68 -7.84
CA GLY R 212 -34.31 78.04 -8.15
C GLY R 212 -34.09 78.75 -6.82
N GLU R 213 -32.86 79.21 -6.59
CA GLU R 213 -32.49 79.76 -5.28
C GLU R 213 -31.83 81.12 -5.43
#